data_8DGE
#
_entry.id   8DGE
#
_cell.length_a   100.387
_cell.length_b   148.443
_cell.length_c   112.770
_cell.angle_alpha   90.000
_cell.angle_beta   91.000
_cell.angle_gamma   90.000
#
_symmetry.space_group_name_H-M   'P 1 21 1'
#
loop_
_entity.id
_entity.type
_entity.pdbx_description
1 polymer 'Alpha amylase, catalytic domain protein'
2 non-polymer 'CALCIUM ION'
3 non-polymer 'MANGANESE (II) ION'
4 non-polymer 1,2-ETHANEDIOL
5 non-polymer DI(HYDROXYETHYL)ETHER
6 non-polymer 'TRIETHYLENE GLYCOL'
7 non-polymer (4S)-2-METHYL-2,4-PENTANEDIOL
8 non-polymer IMIDAZOLE
9 water water
#
_entity_poly.entity_id   1
_entity_poly.type   'polypeptide(L)'
_entity_poly.pdbx_seq_one_letter_code
;GSDDDPLMPGERPSSGTDPAPEEQVLHDGFNFDPAIPKADEPLTITFKAPEGSNFYGYADDLYLHSGTGANWTGAPTWGD
NQNKYRLKKTKDNVWSITLSSSIRHFYSVAPSTPLQTINLIVRDAEGSQQTYDYATLVEDSQNGFIWEEPQKAPLPISGE
EKEGIHIHSATSIMLVLYDKDSQGGHKDCVFVTGNFNNWKLDSRYMMKYDETNHCWWITLEELTAGETQFQYFVYSASDG
GTYLCDPYCEQALEKGVDTNFPTGAQAPYVSVVSTNPQPYQWSAGEFEMKNKENPVIYELLLRDFTSSGNLAGAMEKLPY
LKELGIDAIELMPVQEFAGNDSWGYNTGLYFALDASYGTQNEYKAFIDACHQNGIAVIFDVVYNHTNNDNPFARMYWDTF
NNRPSTKNPWLNAVTPHQKYVFSPDDFNHTSEQTKAFVKRNLKYLLDTYHIDGFRFDFTKGFTQKQTTGDDDLAATDPAR
VSVLKEYYEAVKAVKEDAMVTMEHFCANEETTLATEGIHFWRNMNHSYCQSAMGWKDNSDFSGLYDTTRPNQFVGYMESH
DEERCAYKQIEYGNGALKTNLSERLKQLSSNAAFFFTVPGPKMLWQFGEMGYDISIDENGRTGKKPVLWEYQTERKSLVD
IYTKLITLRTTHSDLFNASSQFTWKVSYNDWDNGRTLTLKAVNGKQLHVYANFTNASIDYTIPEGTWYLYLENGNPVEGE
KKISVPAHEFRLYTNFAE
;
_entity_poly.pdbx_strand_id   A,B,C,D
#
# COMPACT_ATOMS: atom_id res chain seq x y z
N LEU A 26 48.31 38.97 25.10
CA LEU A 26 48.80 38.84 23.69
C LEU A 26 50.02 39.73 23.48
N HIS A 27 51.21 39.28 23.95
CA HIS A 27 52.53 39.88 23.64
C HIS A 27 53.07 39.23 22.36
N ASP A 28 52.89 37.91 22.19
CA ASP A 28 53.21 37.19 20.93
C ASP A 28 52.35 37.77 19.81
N GLY A 29 52.96 38.01 18.64
CA GLY A 29 52.31 38.67 17.50
C GLY A 29 52.26 40.18 17.68
N PHE A 30 51.16 40.81 17.24
CA PHE A 30 51.07 42.29 17.13
C PHE A 30 50.69 42.90 18.48
N ASN A 31 51.39 43.99 18.82
CA ASN A 31 51.13 44.87 19.99
C ASN A 31 50.90 46.29 19.47
N PHE A 32 49.96 47.02 20.08
CA PHE A 32 49.49 48.35 19.62
C PHE A 32 49.64 49.37 20.76
N ASP A 33 50.22 50.53 20.44
CA ASP A 33 50.32 51.72 21.32
C ASP A 33 49.95 52.94 20.48
N PRO A 34 48.78 53.59 20.68
CA PRO A 34 47.84 53.25 21.75
C PRO A 34 47.21 51.86 21.63
N ALA A 35 46.84 51.25 22.77
CA ALA A 35 46.28 49.88 22.89
C ALA A 35 44.95 49.83 22.13
N ILE A 36 44.22 50.95 22.11
CA ILE A 36 43.09 51.23 21.19
C ILE A 36 43.61 52.14 20.08
N PRO A 37 43.92 51.59 18.88
CA PRO A 37 44.37 52.40 17.75
C PRO A 37 43.32 53.46 17.39
N LYS A 38 43.78 54.70 17.14
CA LYS A 38 42.90 55.85 16.78
C LYS A 38 43.22 56.27 15.34
N ALA A 39 42.19 56.40 14.50
CA ALA A 39 42.32 56.71 13.05
C ALA A 39 43.17 57.98 12.85
N ASP A 40 42.99 59.00 13.69
CA ASP A 40 43.62 60.33 13.45
C ASP A 40 44.77 60.58 14.45
N GLU A 41 45.41 59.50 14.93
CA GLU A 41 46.63 59.60 15.78
C GLU A 41 47.72 58.68 15.21
N PRO A 42 49.00 58.91 15.58
CA PRO A 42 50.05 57.94 15.31
C PRO A 42 49.77 56.58 15.98
N LEU A 43 50.26 55.52 15.37
CA LEU A 43 50.23 54.15 15.93
C LEU A 43 51.63 53.54 15.78
N THR A 44 52.20 53.06 16.89
CA THR A 44 53.41 52.21 16.93
C THR A 44 52.93 50.76 16.99
N ILE A 45 53.43 49.94 16.06
CA ILE A 45 53.10 48.49 15.95
C ILE A 45 54.35 47.70 16.35
N THR A 46 54.22 46.81 17.33
CA THR A 46 55.32 45.96 17.82
C THR A 46 54.99 44.51 17.49
N PHE A 47 55.87 43.86 16.71
CA PHE A 47 55.76 42.43 16.36
C PHE A 47 56.77 41.64 17.20
N LYS A 48 56.26 40.66 17.95
CA LYS A 48 57.05 39.67 18.73
C LYS A 48 56.87 38.31 18.07
N ALA A 49 57.97 37.71 17.60
CA ALA A 49 57.98 36.38 16.95
C ALA A 49 57.93 35.30 18.02
N PRO A 50 56.89 34.43 18.06
CA PRO A 50 56.83 33.35 19.04
C PRO A 50 57.91 32.30 18.73
N GLU A 51 58.21 31.42 19.68
CA GLU A 51 59.18 30.31 19.47
C GLU A 51 58.60 29.32 18.46
N GLY A 52 59.46 28.83 17.55
CA GLY A 52 59.09 27.89 16.47
C GLY A 52 58.20 28.54 15.43
N SER A 53 58.40 29.84 15.14
CA SER A 53 57.76 30.57 14.01
C SER A 53 58.81 31.01 12.99
N ASN A 54 58.36 31.48 11.82
CA ASN A 54 59.22 31.86 10.67
C ASN A 54 60.37 32.77 11.10
N PHE A 55 60.10 33.78 11.93
CA PHE A 55 61.02 34.92 12.19
C PHE A 55 61.69 34.80 13.56
N TYR A 56 61.45 33.73 14.31
CA TYR A 56 62.11 33.48 15.62
C TYR A 56 63.63 33.42 15.39
N GLY A 57 64.39 34.28 16.09
CA GLY A 57 65.86 34.40 15.94
C GLY A 57 66.27 34.98 14.60
N TYR A 58 65.36 35.60 13.85
CA TYR A 58 65.66 36.29 12.57
C TYR A 58 66.49 37.56 12.88
N ALA A 59 67.61 37.73 12.18
CA ALA A 59 68.68 38.69 12.52
C ALA A 59 68.41 40.08 11.95
N ASP A 60 67.71 40.17 10.81
CA ASP A 60 67.56 41.43 10.03
C ASP A 60 66.20 42.07 10.35
N ASP A 61 65.98 43.29 9.83
CA ASP A 61 64.71 44.04 10.00
C ASP A 61 63.64 43.38 9.11
N LEU A 62 62.36 43.64 9.41
CA LEU A 62 61.21 43.11 8.64
C LEU A 62 60.46 44.29 8.02
N TYR A 63 59.42 44.02 7.22
CA TYR A 63 58.68 45.05 6.45
C TYR A 63 57.18 44.83 6.60
N LEU A 64 56.42 45.93 6.60
CA LEU A 64 54.95 45.92 6.80
C LEU A 64 54.27 45.98 5.43
N HIS A 65 53.45 44.96 5.12
CA HIS A 65 52.43 44.98 4.04
C HIS A 65 51.07 45.19 4.68
N SER A 66 50.46 46.36 4.50
CA SER A 66 49.26 46.78 5.28
C SER A 66 48.34 47.64 4.44
N GLY A 67 47.07 47.70 4.86
CA GLY A 67 46.02 48.55 4.29
C GLY A 67 44.79 48.50 5.17
N THR A 68 43.84 49.41 4.95
CA THR A 68 42.68 49.61 5.86
C THR A 68 41.43 48.97 5.23
N GLY A 69 40.47 48.58 6.06
CA GLY A 69 39.17 48.05 5.63
C GLY A 69 39.29 46.71 4.92
N ALA A 70 38.16 46.18 4.47
CA ALA A 70 38.00 44.84 3.86
C ALA A 70 38.94 44.67 2.66
N ASN A 71 39.21 45.73 1.89
CA ASN A 71 39.91 45.59 0.60
C ASN A 71 41.31 46.24 0.66
N TRP A 72 41.91 46.34 1.86
CA TRP A 72 43.33 46.72 2.07
C TRP A 72 43.66 48.05 1.36
N THR A 73 42.86 49.09 1.60
CA THR A 73 43.06 50.45 1.02
C THR A 73 44.44 50.98 1.41
N GLY A 74 45.20 51.48 0.43
CA GLY A 74 46.52 52.09 0.63
C GLY A 74 47.62 51.05 0.77
N ALA A 75 47.32 49.78 0.48
CA ALA A 75 48.34 48.69 0.44
C ALA A 75 49.40 49.08 -0.59
N PRO A 76 50.69 48.79 -0.34
CA PRO A 76 51.73 48.98 -1.34
C PRO A 76 51.73 47.84 -2.36
N THR A 77 52.55 47.96 -3.41
CA THR A 77 53.00 46.81 -4.25
C THR A 77 53.78 45.85 -3.35
N TRP A 78 53.50 44.56 -3.44
CA TRP A 78 54.17 43.52 -2.61
C TRP A 78 55.69 43.66 -2.74
N GLY A 79 56.39 43.93 -1.63
CA GLY A 79 57.86 44.01 -1.57
C GLY A 79 58.41 45.43 -1.49
N ASP A 80 57.57 46.47 -1.57
CA ASP A 80 58.00 47.90 -1.49
C ASP A 80 58.73 48.12 -0.15
N ASN A 81 60.06 48.31 -0.22
CA ASN A 81 60.97 48.36 0.96
C ASN A 81 61.33 49.82 1.32
N GLN A 82 60.44 50.77 1.02
CA GLN A 82 60.55 52.16 1.55
C GLN A 82 60.74 52.10 3.08
N ASN A 83 61.59 52.99 3.61
CA ASN A 83 61.89 53.09 5.06
C ASN A 83 60.57 53.14 5.84
N LYS A 84 59.58 53.86 5.28
CA LYS A 84 58.16 53.98 5.74
C LYS A 84 57.58 52.63 6.16
N TYR A 85 57.97 51.54 5.48
CA TYR A 85 57.41 50.17 5.70
C TYR A 85 58.33 49.32 6.58
N ARG A 86 59.47 49.85 7.04
CA ARG A 86 60.50 49.06 7.76
C ARG A 86 60.11 48.92 9.24
N LEU A 87 60.00 47.68 9.72
CA LEU A 87 59.94 47.35 11.17
C LEU A 87 61.36 47.13 11.69
N LYS A 88 61.84 48.08 12.51
CA LYS A 88 63.18 48.04 13.15
C LYS A 88 63.16 46.94 14.22
N LYS A 89 64.15 46.03 14.18
CA LYS A 89 64.47 45.06 15.27
C LYS A 89 64.99 45.87 16.46
N THR A 90 64.26 45.88 17.58
CA THR A 90 64.52 46.70 18.80
C THR A 90 65.05 45.81 19.94
N LYS A 91 64.55 44.58 20.03
CA LYS A 91 65.05 43.51 20.95
C LYS A 91 65.16 42.20 20.17
N ASP A 92 65.68 41.15 20.79
CA ASP A 92 65.67 39.77 20.24
C ASP A 92 64.19 39.40 19.97
N ASN A 93 63.87 39.02 18.74
CA ASN A 93 62.54 38.56 18.27
C ASN A 93 61.48 39.67 18.40
N VAL A 94 61.89 40.94 18.37
CA VAL A 94 60.96 42.10 18.54
C VAL A 94 61.30 43.19 17.51
N TRP A 95 60.28 43.61 16.75
CA TRP A 95 60.37 44.66 15.71
C TRP A 95 59.26 45.68 15.94
N SER A 96 59.53 46.97 15.67
CA SER A 96 58.54 48.06 15.84
C SER A 96 58.56 48.99 14.61
N ILE A 97 57.38 49.49 14.24
CA ILE A 97 57.18 50.55 13.20
C ILE A 97 56.18 51.55 13.78
N THR A 98 56.36 52.84 13.49
CA THR A 98 55.41 53.92 13.83
C THR A 98 54.81 54.45 12.53
N LEU A 99 53.48 54.41 12.41
CA LEU A 99 52.70 55.10 11.35
C LEU A 99 52.55 56.56 11.78
N SER A 100 53.49 57.41 11.33
CA SER A 100 53.65 58.81 11.79
C SER A 100 52.56 59.69 11.16
N SER A 101 52.41 60.92 11.67
CA SER A 101 51.25 61.80 11.46
C SER A 101 50.03 61.09 12.08
N SER A 102 49.36 60.22 11.33
CA SER A 102 48.21 59.43 11.83
C SER A 102 48.07 58.16 11.00
N ILE A 103 47.29 57.20 11.48
CA ILE A 103 47.07 55.95 10.70
C ILE A 103 46.31 56.34 9.42
N ARG A 104 45.40 57.33 9.48
CA ARG A 104 44.69 57.85 8.28
C ARG A 104 45.70 58.47 7.29
N HIS A 105 46.60 59.35 7.75
CA HIS A 105 47.58 60.01 6.86
C HIS A 105 48.49 58.95 6.22
N PHE A 106 48.84 57.89 6.96
CA PHE A 106 49.78 56.82 6.52
C PHE A 106 49.22 56.08 5.31
N TYR A 107 47.91 55.83 5.32
CA TYR A 107 47.18 55.03 4.29
C TYR A 107 46.54 55.97 3.26
N SER A 108 46.73 57.28 3.41
CA SER A 108 46.19 58.35 2.51
C SER A 108 44.68 58.16 2.33
N VAL A 109 43.95 57.90 3.42
CA VAL A 109 42.48 57.67 3.44
C VAL A 109 41.78 59.01 3.70
N ALA A 110 40.64 59.25 3.05
CA ALA A 110 39.88 60.52 3.12
C ALA A 110 39.35 60.72 4.55
N PRO A 111 39.44 61.95 5.11
CA PRO A 111 39.00 62.23 6.49
C PRO A 111 37.58 61.77 6.85
N SER A 112 36.65 61.78 5.89
CA SER A 112 35.21 61.45 6.09
C SER A 112 34.97 59.95 5.87
N THR A 113 35.97 59.21 5.36
CA THR A 113 35.92 57.75 5.14
C THR A 113 36.21 57.04 6.45
N PRO A 114 35.25 56.30 7.05
CA PRO A 114 35.52 55.56 8.28
C PRO A 114 36.77 54.68 8.11
N LEU A 115 37.73 54.84 9.02
CA LEU A 115 38.93 53.97 9.13
C LEU A 115 38.71 53.06 10.34
N GLN A 116 38.34 51.80 10.10
CA GLN A 116 37.73 50.91 11.13
C GLN A 116 38.59 49.67 11.38
N THR A 117 39.29 49.18 10.36
CA THR A 117 40.27 48.07 10.49
C THR A 117 41.57 48.42 9.76
N ILE A 118 42.69 47.94 10.30
CA ILE A 118 44.00 47.82 9.57
C ILE A 118 44.25 46.33 9.36
N ASN A 119 44.61 45.93 8.14
CA ASN A 119 45.11 44.56 7.83
C ASN A 119 46.64 44.61 7.82
N LEU A 120 47.29 43.66 8.48
CA LEU A 120 48.76 43.65 8.75
C LEU A 120 49.37 42.31 8.34
N ILE A 121 50.39 42.35 7.47
CA ILE A 121 51.32 41.23 7.19
C ILE A 121 52.75 41.74 7.40
N VAL A 122 53.56 40.96 8.12
CA VAL A 122 55.02 41.17 8.27
C VAL A 122 55.73 40.20 7.32
N ARG A 123 56.78 40.67 6.65
CA ARG A 123 57.53 39.90 5.61
C ARG A 123 59.01 40.28 5.68
N ASP A 124 59.88 39.38 5.18
CA ASP A 124 61.32 39.70 4.98
C ASP A 124 61.42 40.68 3.79
N ALA A 125 62.60 41.26 3.58
CA ALA A 125 62.87 42.25 2.51
C ALA A 125 62.58 41.64 1.13
N GLU A 126 62.77 40.33 0.95
CA GLU A 126 62.60 39.66 -0.37
C GLU A 126 61.12 39.35 -0.61
N GLY A 127 60.26 39.49 0.41
CA GLY A 127 58.82 39.18 0.30
C GLY A 127 58.61 37.69 0.04
N SER A 128 59.47 36.86 0.61
CA SER A 128 59.35 35.39 0.56
C SER A 128 58.67 34.92 1.85
N GLN A 129 59.38 34.97 2.97
CA GLN A 129 58.84 34.59 4.31
C GLN A 129 57.85 35.68 4.75
N GLN A 130 56.70 35.29 5.28
CA GLN A 130 55.66 36.26 5.72
C GLN A 130 54.78 35.63 6.80
N THR A 131 54.07 36.48 7.55
CA THR A 131 52.84 36.13 8.31
C THR A 131 51.65 36.27 7.34
N TYR A 132 50.45 35.82 7.75
CA TYR A 132 49.26 35.77 6.86
C TYR A 132 48.16 36.68 7.43
N ASP A 133 47.08 36.81 6.65
CA ASP A 133 46.01 37.83 6.80
C ASP A 133 45.67 37.98 8.30
N TYR A 134 45.98 39.16 8.86
CA TYR A 134 45.60 39.60 10.22
C TYR A 134 45.06 41.02 10.14
N ALA A 135 44.02 41.35 10.92
CA ALA A 135 43.47 42.72 11.02
C ALA A 135 43.19 43.08 12.48
N THR A 136 43.32 44.36 12.82
CA THR A 136 42.94 44.88 14.14
C THR A 136 41.83 45.92 13.94
N LEU A 137 41.09 46.21 15.01
CA LEU A 137 40.05 47.27 15.03
C LEU A 137 40.74 48.62 15.21
N VAL A 138 40.13 49.66 14.62
CA VAL A 138 40.54 51.08 14.75
C VAL A 138 39.31 51.86 15.20
N GLU A 139 39.47 52.65 16.28
CA GLU A 139 38.46 53.62 16.71
C GLU A 139 38.62 54.89 15.88
N ASP A 140 37.52 55.33 15.28
CA ASP A 140 37.47 56.54 14.41
C ASP A 140 36.35 57.44 14.95
N SER A 141 36.66 58.25 15.96
CA SER A 141 35.71 59.17 16.64
C SER A 141 35.30 60.29 15.68
N GLN A 142 36.25 60.77 14.87
CA GLN A 142 36.02 61.79 13.80
C GLN A 142 34.76 61.41 13.01
N ASN A 143 34.58 60.12 12.69
CA ASN A 143 33.49 59.63 11.80
C ASN A 143 32.41 58.87 12.60
N GLY A 144 32.41 58.99 13.93
CA GLY A 144 31.30 58.52 14.79
C GLY A 144 31.36 57.04 15.08
N PHE A 145 32.46 56.36 14.78
CA PHE A 145 32.68 54.94 15.15
C PHE A 145 33.51 54.91 16.44
N ILE A 146 32.83 55.05 17.58
CA ILE A 146 33.44 54.87 18.93
C ILE A 146 33.01 53.50 19.46
N TRP A 147 33.94 52.76 20.06
CA TRP A 147 33.74 51.35 20.49
C TRP A 147 32.79 51.30 21.69
N GLU A 148 31.85 50.36 21.67
CA GLU A 148 30.89 50.08 22.77
C GLU A 148 31.14 48.65 23.28
N GLU A 149 31.03 48.47 24.61
CA GLU A 149 31.11 47.15 25.29
C GLU A 149 30.12 46.18 24.64
N PRO A 150 30.57 44.99 24.19
CA PRO A 150 29.66 43.89 23.86
C PRO A 150 28.64 43.60 24.97
N GLN A 151 27.41 43.26 24.59
CA GLN A 151 26.29 43.07 25.54
C GLN A 151 25.95 41.59 25.65
N LYS A 152 25.71 41.12 26.88
CA LYS A 152 25.25 39.74 27.17
C LYS A 152 23.73 39.73 27.11
N ALA A 153 23.15 38.81 26.34
CA ALA A 153 21.70 38.59 26.23
C ALA A 153 21.45 37.10 25.95
N PRO A 154 20.44 36.47 26.59
CA PRO A 154 20.11 35.07 26.29
C PRO A 154 19.44 34.98 24.91
N LEU A 155 19.67 33.87 24.19
CA LEU A 155 18.98 33.60 22.90
C LEU A 155 17.48 33.69 23.11
N PRO A 156 16.73 34.40 22.23
CA PRO A 156 15.28 34.43 22.33
C PRO A 156 14.60 33.20 21.71
N ILE A 157 15.37 32.14 21.42
CA ILE A 157 14.86 30.87 20.84
C ILE A 157 15.48 29.67 21.58
N SER A 158 14.79 28.53 21.55
CA SER A 158 15.29 27.19 22.00
C SER A 158 14.96 26.13 20.95
N GLY A 159 15.53 24.93 21.10
CA GLY A 159 15.34 23.77 20.22
C GLY A 159 16.62 23.42 19.49
N GLU A 160 16.57 22.44 18.59
CA GLU A 160 17.71 22.07 17.70
C GLU A 160 17.88 23.19 16.65
N GLU A 161 19.06 23.24 16.03
CA GLU A 161 19.37 24.12 14.87
C GLU A 161 19.17 25.58 15.26
N LYS A 162 19.61 25.97 16.47
CA LYS A 162 19.65 27.37 16.97
C LYS A 162 20.52 28.21 16.04
N GLU A 163 21.68 27.69 15.64
CA GLU A 163 22.70 28.41 14.85
C GLU A 163 22.19 28.63 13.43
N GLY A 164 22.57 29.77 12.83
CA GLY A 164 22.35 30.08 11.41
C GLY A 164 21.34 31.21 11.23
N ILE A 165 20.58 31.14 10.14
CA ILE A 165 19.74 32.26 9.63
C ILE A 165 18.26 31.91 9.86
N HIS A 166 17.51 32.80 10.51
CA HIS A 166 16.06 32.63 10.80
C HIS A 166 15.29 33.84 10.25
N ILE A 167 14.50 33.65 9.20
CA ILE A 167 13.62 34.71 8.65
C ILE A 167 12.40 34.82 9.58
N HIS A 168 12.22 35.97 10.23
CA HIS A 168 11.00 36.31 11.02
C HIS A 168 9.93 36.85 10.06
N SER A 169 10.32 37.77 9.19
CA SER A 169 9.43 38.51 8.24
C SER A 169 10.21 38.90 6.99
N ALA A 170 9.54 39.56 6.04
CA ALA A 170 10.10 40.08 4.77
C ALA A 170 11.14 41.17 5.05
N THR A 171 11.12 41.78 6.24
CA THR A 171 12.00 42.93 6.60
C THR A 171 12.87 42.60 7.82
N SER A 172 12.87 41.35 8.29
CA SER A 172 13.50 40.98 9.58
C SER A 172 14.11 39.57 9.53
N ILE A 173 15.38 39.45 9.94
CA ILE A 173 16.15 38.18 10.06
C ILE A 173 16.85 38.14 11.43
N MET A 174 16.84 36.97 12.09
CA MET A 174 17.70 36.68 13.28
C MET A 174 18.90 35.85 12.82
N LEU A 175 20.11 36.30 13.16
CA LEU A 175 21.39 35.57 12.91
C LEU A 175 21.93 35.06 14.25
N VAL A 176 22.36 33.79 14.27
CA VAL A 176 22.89 33.09 15.47
C VAL A 176 24.20 32.40 15.07
N LEU A 177 25.34 32.93 15.54
CA LEU A 177 26.70 32.44 15.23
C LEU A 177 27.32 31.79 16.48
N TYR A 178 27.56 30.48 16.41
CA TYR A 178 28.21 29.69 17.48
C TYR A 178 29.67 30.15 17.63
N ASP A 179 30.11 30.31 18.87
CA ASP A 179 31.50 30.76 19.21
C ASP A 179 31.90 30.15 20.55
N LYS A 180 32.61 29.02 20.50
CA LYS A 180 33.39 28.48 21.64
C LYS A 180 34.53 27.62 21.10
N ASP A 181 35.78 28.00 21.37
CA ASP A 181 36.97 27.24 20.92
C ASP A 181 37.12 26.00 21.81
N SER A 182 38.00 25.07 21.43
CA SER A 182 38.19 23.78 22.13
C SER A 182 38.67 23.99 23.58
N GLN A 183 39.25 25.16 23.90
CA GLN A 183 39.72 25.51 25.28
C GLN A 183 38.56 26.08 26.12
N GLY A 184 37.46 26.49 25.49
CA GLY A 184 36.26 27.02 26.16
C GLY A 184 36.19 28.54 26.11
N GLY A 185 37.09 29.17 25.36
CA GLY A 185 37.14 30.64 25.15
C GLY A 185 36.24 31.05 24.01
N HIS A 186 36.10 32.36 23.81
CA HIS A 186 35.27 32.96 22.73
C HIS A 186 35.82 34.34 22.34
N LYS A 187 35.25 34.95 21.30
CA LYS A 187 35.67 36.25 20.75
C LYS A 187 35.20 37.38 21.67
N ASP A 188 35.76 38.58 21.49
CA ASP A 188 35.43 39.77 22.34
C ASP A 188 34.21 40.48 21.75
N CYS A 189 34.05 40.49 20.43
CA CYS A 189 32.85 41.10 19.78
C CYS A 189 32.68 40.57 18.36
N VAL A 190 31.45 40.67 17.85
CA VAL A 190 31.07 40.34 16.46
C VAL A 190 30.18 41.46 15.91
N PHE A 191 30.55 42.01 14.75
CA PHE A 191 29.69 42.91 13.94
C PHE A 191 29.09 42.11 12.80
N VAL A 192 27.92 42.55 12.31
CA VAL A 192 27.34 42.08 11.02
C VAL A 192 27.39 43.29 10.06
N THR A 193 28.12 43.15 8.97
CA THR A 193 28.22 44.13 7.84
C THR A 193 27.38 43.59 6.68
N GLY A 194 26.84 44.47 5.85
CA GLY A 194 25.97 44.08 4.74
C GLY A 194 25.51 45.26 3.90
N ASN A 195 24.59 45.01 2.97
CA ASN A 195 24.06 46.04 2.02
C ASN A 195 23.10 46.97 2.77
N PHE A 196 22.62 46.55 3.94
CA PHE A 196 21.75 47.37 4.84
C PHE A 196 22.57 48.47 5.52
N ASN A 197 23.90 48.35 5.63
CA ASN A 197 24.75 49.35 6.35
C ASN A 197 26.02 49.69 5.54
N ASN A 198 25.97 49.53 4.21
CA ASN A 198 27.06 49.81 3.24
C ASN A 198 28.39 49.21 3.75
N TRP A 199 28.34 48.02 4.36
CA TRP A 199 29.53 47.19 4.74
C TRP A 199 30.46 47.92 5.72
N LYS A 200 29.90 48.77 6.59
CA LYS A 200 30.66 49.45 7.67
C LYS A 200 30.49 48.66 8.96
N LEU A 201 31.46 48.76 9.88
CA LEU A 201 31.31 48.30 11.29
C LEU A 201 30.49 49.37 12.01
N ASP A 202 29.43 48.99 12.70
CA ASP A 202 28.42 49.93 13.29
C ASP A 202 27.93 49.34 14.62
N SER A 203 27.97 50.14 15.68
CA SER A 203 27.63 49.73 17.08
C SER A 203 26.22 49.12 17.12
N ARG A 204 25.28 49.73 16.39
CA ARG A 204 23.87 49.25 16.26
C ARG A 204 23.85 47.82 15.69
N TYR A 205 24.92 47.38 15.03
CA TYR A 205 25.00 46.06 14.35
C TYR A 205 25.97 45.13 15.09
N MET A 206 26.25 45.42 16.37
CA MET A 206 27.03 44.51 17.27
C MET A 206 26.11 43.40 17.76
N MET A 207 26.54 42.14 17.61
CA MET A 207 25.78 40.96 18.08
C MET A 207 25.95 40.85 19.61
N LYS A 208 24.94 40.28 20.27
CA LYS A 208 24.94 40.02 21.73
C LYS A 208 25.39 38.57 21.96
N TYR A 209 26.10 38.31 23.05
CA TYR A 209 26.66 36.97 23.36
C TYR A 209 25.84 36.30 24.46
N ASP A 210 25.38 35.08 24.15
CA ASP A 210 24.72 34.12 25.08
C ASP A 210 25.77 33.12 25.53
N GLU A 211 26.34 33.31 26.73
CA GLU A 211 27.41 32.45 27.30
C GLU A 211 26.90 31.02 27.46
N THR A 212 25.63 30.84 27.83
CA THR A 212 25.03 29.50 28.11
C THR A 212 24.95 28.67 26.82
N ASN A 213 24.50 29.28 25.71
CA ASN A 213 24.38 28.61 24.39
C ASN A 213 25.66 28.76 23.58
N HIS A 214 26.59 29.61 24.04
CA HIS A 214 27.87 29.92 23.35
C HIS A 214 27.56 30.43 21.94
N CYS A 215 26.60 31.35 21.83
CA CYS A 215 26.14 31.92 20.55
C CYS A 215 26.11 33.45 20.61
N TRP A 216 26.67 34.10 19.59
CA TRP A 216 26.35 35.49 19.19
C TRP A 216 25.00 35.48 18.48
N TRP A 217 24.16 36.49 18.74
CA TRP A 217 22.88 36.68 18.00
C TRP A 217 22.53 38.16 17.88
N ILE A 218 21.74 38.47 16.85
CA ILE A 218 21.13 39.81 16.61
C ILE A 218 19.88 39.59 15.75
N THR A 219 18.86 40.43 15.88
CA THR A 219 17.71 40.46 14.95
C THR A 219 17.79 41.72 14.10
N LEU A 220 18.11 41.56 12.82
CA LEU A 220 18.09 42.64 11.81
C LEU A 220 16.63 42.97 11.48
N GLU A 221 16.28 44.26 11.48
CA GLU A 221 14.91 44.75 11.15
C GLU A 221 15.05 45.88 10.13
N GLU A 222 13.93 46.24 9.47
CA GLU A 222 13.84 47.37 8.50
C GLU A 222 14.68 47.04 7.27
N LEU A 223 14.83 45.75 6.94
CA LEU A 223 15.43 45.30 5.66
C LEU A 223 14.41 45.59 4.56
N THR A 224 14.88 45.97 3.36
CA THR A 224 14.06 46.52 2.26
C THR A 224 14.48 45.89 0.93
N GLY A 226 13.36 39.92 -1.65
CA GLY A 226 14.35 41.00 -1.43
C GLY A 226 15.67 40.45 -0.93
N GLU A 227 16.79 40.85 -1.54
CA GLU A 227 18.11 40.16 -1.42
C GLU A 227 18.98 40.85 -0.35
N THR A 228 19.05 40.29 0.86
CA THR A 228 19.94 40.73 1.97
C THR A 228 21.31 40.06 1.80
N GLN A 229 22.37 40.86 1.69
CA GLN A 229 23.77 40.40 1.63
C GLN A 229 24.48 40.77 2.93
N PHE A 230 25.29 39.87 3.48
CA PHE A 230 25.99 40.10 4.77
C PHE A 230 27.20 39.17 4.91
N GLN A 231 28.13 39.61 5.75
CA GLN A 231 29.15 38.74 6.40
C GLN A 231 29.30 39.23 7.83
N TYR A 232 30.08 38.50 8.62
CA TYR A 232 30.44 38.84 10.02
C TYR A 232 31.88 39.35 10.06
N PHE A 233 32.16 40.30 10.94
CA PHE A 233 33.52 40.68 11.37
C PHE A 233 33.66 40.28 12.84
N VAL A 234 34.37 39.18 13.09
CA VAL A 234 34.62 38.62 14.45
C VAL A 234 35.99 39.15 14.91
N TYR A 235 36.13 39.45 16.20
CA TYR A 235 37.35 40.06 16.77
C TYR A 235 37.59 39.57 18.20
N SER A 236 38.85 39.26 18.52
CA SER A 236 39.39 39.17 19.90
C SER A 236 40.78 39.79 19.96
N ALA A 237 41.31 40.01 21.16
CA ALA A 237 42.65 40.60 21.39
C ALA A 237 43.72 39.61 20.91
N SER A 238 43.50 38.30 21.09
CA SER A 238 44.48 37.22 20.81
C SER A 238 44.47 36.83 19.32
N ASP A 239 43.34 37.01 18.63
CA ASP A 239 43.11 36.51 17.25
C ASP A 239 43.15 37.67 16.24
N GLY A 240 42.85 38.89 16.68
CA GLY A 240 42.56 40.02 15.79
C GLY A 240 41.20 39.83 15.12
N GLY A 241 40.98 40.50 14.00
CA GLY A 241 39.71 40.52 13.28
C GLY A 241 39.71 39.58 12.10
N THR A 242 38.55 39.04 11.74
CA THR A 242 38.33 38.14 10.57
C THR A 242 36.93 38.38 9.99
N TYR A 243 36.83 38.61 8.69
CA TYR A 243 35.55 38.63 7.92
C TYR A 243 35.20 37.18 7.57
N LEU A 244 33.96 36.79 7.78
CA LEU A 244 33.47 35.44 7.36
C LEU A 244 31.95 35.46 7.20
N CYS A 245 31.41 34.57 6.39
CA CYS A 245 29.96 34.49 6.11
C CYS A 245 29.32 33.51 7.09
N ASP A 246 28.01 33.29 6.95
CA ASP A 246 27.25 32.35 7.81
C ASP A 246 27.44 30.94 7.24
N PRO A 247 27.91 29.97 8.05
CA PRO A 247 28.11 28.61 7.58
C PRO A 247 26.79 27.89 7.21
N TYR A 248 25.64 28.42 7.62
CA TYR A 248 24.29 27.83 7.35
C TYR A 248 23.56 28.59 6.23
N CYS A 249 24.21 29.54 5.54
CA CYS A 249 23.58 30.27 4.40
C CYS A 249 23.25 29.28 3.28
N GLU A 250 22.15 29.53 2.59
CA GLU A 250 21.56 28.64 1.55
C GLU A 250 22.00 29.14 0.18
N GLN A 251 22.54 30.36 0.14
CA GLN A 251 23.04 31.03 -1.08
C GLN A 251 24.22 31.92 -0.69
N ALA A 252 25.21 32.02 -1.57
CA ALA A 252 26.47 32.76 -1.35
C ALA A 252 26.92 33.38 -2.67
N LEU A 253 27.52 34.56 -2.61
CA LEU A 253 28.33 35.09 -3.73
C LEU A 253 29.80 34.86 -3.37
N GLU A 254 30.59 34.43 -4.35
CA GLU A 254 32.03 34.14 -4.21
C GLU A 254 32.82 35.16 -5.02
N LYS A 255 33.80 35.83 -4.41
CA LYS A 255 34.65 36.81 -5.13
C LYS A 255 35.55 36.04 -6.10
N GLY A 256 35.66 36.53 -7.34
CA GLY A 256 36.42 35.89 -8.43
C GLY A 256 35.55 35.03 -9.32
N VAL A 257 34.28 34.77 -8.93
CA VAL A 257 33.27 34.01 -9.73
C VAL A 257 32.07 34.92 -10.02
N ASP A 258 31.36 35.37 -8.97
CA ASP A 258 30.14 36.21 -9.09
C ASP A 258 30.57 37.65 -9.40
N THR A 259 30.09 38.20 -10.52
CA THR A 259 30.40 39.56 -11.04
C THR A 259 29.78 40.61 -10.10
N ASN A 260 28.74 40.21 -9.37
CA ASN A 260 27.91 41.11 -8.53
C ASN A 260 28.34 41.01 -7.07
N PHE A 261 29.51 40.39 -6.80
CA PHE A 261 30.07 40.35 -5.42
C PHE A 261 30.28 41.78 -4.97
N PRO A 262 29.74 42.20 -3.80
CA PRO A 262 29.74 43.60 -3.41
C PRO A 262 31.17 44.12 -3.17
N THR A 263 31.48 45.32 -3.65
CA THR A 263 32.84 45.94 -3.60
C THR A 263 33.26 46.17 -2.14
N GLY A 264 32.31 46.40 -1.23
CA GLY A 264 32.56 46.69 0.20
C GLY A 264 32.79 45.44 1.04
N ALA A 265 32.50 44.25 0.51
CA ALA A 265 32.67 42.95 1.20
C ALA A 265 34.10 42.43 0.98
N GLN A 266 34.63 41.63 1.92
CA GLN A 266 35.92 40.90 1.75
C GLN A 266 35.65 39.50 1.17
N ALA A 267 36.52 39.06 0.26
CA ALA A 267 36.63 37.65 -0.20
C ALA A 267 36.73 36.75 1.03
N PRO A 268 36.42 35.45 0.93
CA PRO A 268 35.84 34.85 -0.28
C PRO A 268 34.32 34.97 -0.46
N TYR A 269 33.53 34.95 0.63
CA TYR A 269 32.05 34.71 0.62
C TYR A 269 31.26 35.83 1.31
N VAL A 270 30.14 36.22 0.69
CA VAL A 270 29.01 36.93 1.36
C VAL A 270 27.81 35.96 1.37
N SER A 271 27.01 35.99 2.45
CA SER A 271 25.77 35.19 2.60
C SER A 271 24.60 35.96 1.98
N VAL A 272 23.74 35.24 1.25
CA VAL A 272 22.54 35.80 0.57
C VAL A 272 21.29 35.16 1.18
N VAL A 273 20.38 36.00 1.67
CA VAL A 273 19.07 35.63 2.26
C VAL A 273 18.00 36.45 1.54
N SER A 274 17.08 35.78 0.83
CA SER A 274 15.88 36.40 0.22
C SER A 274 14.69 36.16 1.16
N THR A 275 14.21 37.24 1.77
CA THR A 275 13.15 37.24 2.81
C THR A 275 11.77 37.30 2.14
N PRO A 277 10.91 35.49 -1.34
CA PRO A 277 11.34 34.43 -2.26
C PRO A 277 10.16 33.67 -2.86
N GLN A 278 10.35 33.08 -4.04
CA GLN A 278 9.32 32.29 -4.77
C GLN A 278 9.61 30.80 -4.55
N PRO A 279 8.99 30.14 -3.55
CA PRO A 279 9.39 28.79 -3.15
C PRO A 279 8.97 27.75 -4.19
N TYR A 280 9.87 26.83 -4.55
CA TYR A 280 9.65 25.81 -5.61
C TYR A 280 8.46 24.92 -5.24
N GLN A 281 7.54 24.70 -6.18
CA GLN A 281 6.33 23.85 -6.03
C GLN A 281 6.63 22.45 -6.57
N TRP A 282 6.87 21.48 -5.69
CA TRP A 282 7.19 20.07 -6.03
C TRP A 282 5.95 19.42 -6.68
N SER A 283 6.14 18.66 -7.75
CA SER A 283 5.07 17.87 -8.43
C SER A 283 4.38 16.95 -7.43
N GLY A 285 3.16 13.64 -6.30
CA GLY A 285 3.09 12.23 -5.87
C GLY A 285 4.36 11.79 -5.17
N GLU A 286 4.26 10.79 -4.28
CA GLU A 286 5.39 10.25 -3.48
C GLU A 286 6.34 9.48 -4.41
N PHE A 287 7.65 9.61 -4.17
CA PHE A 287 8.70 8.94 -4.98
C PHE A 287 9.44 7.88 -4.14
N GLU A 288 9.73 6.75 -4.76
CA GLU A 288 10.51 5.64 -4.20
C GLU A 288 11.48 5.16 -5.29
N MET A 289 12.76 4.94 -4.96
CA MET A 289 13.77 4.45 -5.93
C MET A 289 13.37 3.04 -6.40
N LYS A 290 13.41 2.80 -7.71
CA LYS A 290 13.21 1.47 -8.35
C LYS A 290 14.39 0.57 -7.98
N ASN A 291 14.14 -0.73 -7.80
CA ASN A 291 15.19 -1.75 -7.52
C ASN A 291 16.05 -1.25 -6.36
N LYS A 292 15.37 -0.86 -5.28
CA LYS A 292 15.92 -0.15 -4.08
C LYS A 292 17.14 -0.90 -3.50
N GLU A 293 17.13 -2.24 -3.53
CA GLU A 293 18.14 -3.09 -2.84
C GLU A 293 19.35 -3.38 -3.73
N ASN A 294 19.28 -3.12 -5.04
CA ASN A 294 20.38 -3.46 -5.98
C ASN A 294 20.37 -2.50 -7.17
N PRO A 295 20.34 -1.17 -6.91
CA PRO A 295 20.20 -0.18 -7.97
C PRO A 295 21.42 -0.08 -8.90
N VAL A 296 21.15 0.26 -10.17
CA VAL A 296 22.16 0.68 -11.18
C VAL A 296 22.25 2.21 -11.09
N ILE A 297 23.42 2.71 -10.71
CA ILE A 297 23.70 4.13 -10.38
C ILE A 297 24.60 4.70 -11.47
N TYR A 298 24.17 5.82 -12.06
CA TYR A 298 24.90 6.58 -13.10
C TYR A 298 25.61 7.75 -12.42
N GLU A 299 26.93 7.66 -12.29
CA GLU A 299 27.77 8.73 -11.70
C GLU A 299 27.94 9.83 -12.75
N LEU A 300 27.71 11.08 -12.34
CA LEU A 300 27.51 12.23 -13.26
C LEU A 300 28.22 13.46 -12.67
N LEU A 301 29.13 14.06 -13.44
CA LEU A 301 29.75 15.39 -13.14
C LEU A 301 29.08 16.44 -14.01
N LEU A 302 28.33 17.36 -13.41
CA LEU A 302 27.48 18.34 -14.16
C LEU A 302 28.39 19.20 -15.05
N ARG A 303 29.61 19.49 -14.61
CA ARG A 303 30.58 20.33 -15.35
C ARG A 303 30.87 19.72 -16.74
N ASP A 304 31.00 18.40 -16.83
CA ASP A 304 31.48 17.70 -18.06
C ASP A 304 30.38 16.81 -18.67
N PHE A 305 29.17 16.79 -18.11
CA PHE A 305 28.07 15.91 -18.61
C PHE A 305 27.51 16.48 -19.91
N THR A 306 27.45 17.80 -20.03
CA THR A 306 26.93 18.53 -21.22
C THR A 306 27.81 19.76 -21.46
N SER A 307 27.72 20.35 -22.65
CA SER A 307 28.49 21.55 -23.07
C SER A 307 28.11 22.76 -22.21
N SER A 308 26.87 22.83 -21.74
CA SER A 308 26.36 23.88 -20.81
C SER A 308 27.00 23.70 -19.42
N GLY A 309 27.37 22.46 -19.06
CA GLY A 309 28.06 22.13 -17.80
C GLY A 309 27.22 22.51 -16.59
N ASN A 310 25.91 22.33 -16.65
CA ASN A 310 24.98 22.81 -15.58
C ASN A 310 23.74 21.91 -15.52
N LEU A 311 22.82 22.24 -14.60
CA LEU A 311 21.54 21.53 -14.40
C LEU A 311 20.68 21.65 -15.67
N ALA A 312 20.55 22.87 -16.22
CA ALA A 312 19.81 23.17 -17.47
C ALA A 312 20.26 22.22 -18.59
N GLY A 313 21.58 22.04 -18.76
CA GLY A 313 22.18 21.10 -19.73
C GLY A 313 21.78 19.67 -19.45
N ALA A 314 21.93 19.24 -18.18
CA ALA A 314 21.68 17.86 -17.70
C ALA A 314 20.21 17.48 -17.91
N MET A 315 19.29 18.41 -17.63
CA MET A 315 17.81 18.23 -17.73
C MET A 315 17.44 17.66 -19.10
N GLU A 316 18.05 18.18 -20.15
CA GLU A 316 17.77 17.84 -21.57
C GLU A 316 18.04 16.34 -21.80
N LYS A 317 18.91 15.72 -20.99
CA LYS A 317 19.39 14.33 -21.19
C LYS A 317 18.71 13.34 -20.24
N LEU A 318 17.66 13.73 -19.52
CA LEU A 318 16.98 12.80 -18.59
C LEU A 318 16.20 11.73 -19.37
N PRO A 319 15.55 12.05 -20.52
CA PRO A 319 14.94 11.01 -21.36
C PRO A 319 15.93 9.95 -21.86
N TYR A 320 17.17 10.35 -22.20
CA TYR A 320 18.29 9.43 -22.52
C TYR A 320 18.57 8.52 -21.33
N LEU A 321 18.75 9.10 -20.13
CA LEU A 321 19.13 8.33 -18.91
C LEU A 321 17.96 7.40 -18.51
N LYS A 322 16.71 7.86 -18.64
CA LYS A 322 15.51 7.02 -18.37
C LYS A 322 15.53 5.77 -19.25
N GLU A 323 15.72 5.93 -20.56
CA GLU A 323 15.71 4.82 -21.56
C GLU A 323 16.91 3.89 -21.33
N LEU A 324 18.06 4.43 -20.92
CA LEU A 324 19.25 3.62 -20.54
C LEU A 324 18.84 2.60 -19.46
N GLY A 325 17.85 2.95 -18.62
CA GLY A 325 17.20 2.04 -17.65
C GLY A 325 17.72 2.21 -16.23
N ILE A 326 18.47 3.27 -15.96
CA ILE A 326 19.14 3.51 -14.64
C ILE A 326 18.09 3.75 -13.55
N ASP A 327 18.47 3.47 -12.31
CA ASP A 327 17.62 3.62 -11.10
C ASP A 327 17.94 4.92 -10.38
N ALA A 328 19.20 5.36 -10.41
CA ALA A 328 19.64 6.58 -9.70
C ALA A 328 20.69 7.34 -10.51
N ILE A 329 20.74 8.65 -10.32
CA ILE A 329 21.89 9.54 -10.69
C ILE A 329 22.63 9.89 -9.40
N GLU A 330 23.96 9.70 -9.39
CA GLU A 330 24.85 10.14 -8.30
C GLU A 330 25.61 11.37 -8.80
N LEU A 331 25.28 12.55 -8.26
CA LEU A 331 25.91 13.85 -8.62
C LEU A 331 27.22 13.99 -7.85
N MET A 332 28.32 14.17 -8.57
CA MET A 332 29.61 14.57 -7.95
C MET A 332 29.38 15.91 -7.26
N PRO A 333 30.16 16.25 -6.22
CA PRO A 333 29.73 17.24 -5.21
C PRO A 333 29.17 18.55 -5.79
N VAL A 334 28.00 18.97 -5.30
CA VAL A 334 27.26 20.18 -5.77
C VAL A 334 27.23 21.26 -4.68
N GLN A 335 27.67 20.96 -3.46
CA GLN A 335 27.81 21.97 -2.37
C GLN A 335 28.91 22.96 -2.75
N GLU A 336 28.73 24.24 -2.38
CA GLU A 336 29.60 25.38 -2.76
C GLU A 336 31.07 24.95 -2.63
N PHE A 337 31.78 24.91 -3.75
CA PHE A 337 33.23 24.57 -3.81
C PHE A 337 34.00 25.79 -4.31
N ALA A 338 35.30 25.83 -4.01
CA ALA A 338 36.22 26.92 -4.42
C ALA A 338 36.15 27.08 -5.95
N GLY A 339 35.89 28.32 -6.39
CA GLY A 339 35.80 28.70 -7.81
C GLY A 339 34.59 28.08 -8.48
N ASN A 340 34.66 27.86 -9.79
CA ASN A 340 33.51 27.40 -10.61
C ASN A 340 33.95 26.37 -11.65
N ASP A 341 35.09 25.69 -11.45
CA ASP A 341 35.64 24.67 -12.39
C ASP A 341 36.37 23.61 -11.57
N SER A 342 35.64 22.56 -11.17
CA SER A 342 36.06 21.58 -10.13
C SER A 342 35.24 20.28 -10.27
N TRP A 343 35.86 19.15 -9.90
CA TRP A 343 35.13 17.91 -9.50
C TRP A 343 34.20 18.25 -8.33
N GLY A 344 34.66 19.16 -7.44
CA GLY A 344 33.88 19.68 -6.30
C GLY A 344 34.30 19.12 -4.96
N TYR A 345 35.43 18.39 -4.88
CA TYR A 345 35.94 17.80 -3.61
C TYR A 345 36.73 18.87 -2.86
N ASN A 346 36.12 20.04 -2.71
CA ASN A 346 36.80 21.24 -2.19
C ASN A 346 35.70 22.19 -1.72
N THR A 347 34.89 21.69 -0.79
CA THR A 347 33.67 22.36 -0.28
C THR A 347 34.06 23.51 0.65
N GLY A 348 33.52 24.70 0.42
CA GLY A 348 33.65 25.86 1.32
C GLY A 348 32.40 26.09 2.16
N LEU A 349 31.22 25.81 1.61
CA LEU A 349 29.92 25.93 2.30
C LEU A 349 29.08 24.66 2.05
N TYR A 350 28.45 24.13 3.09
CA TYR A 350 27.76 22.81 3.05
C TYR A 350 26.24 23.02 2.91
N PHE A 351 25.69 24.16 3.30
CA PHE A 351 24.23 24.42 3.25
C PHE A 351 23.86 25.22 1.98
N ALA A 352 24.88 25.72 1.26
CA ALA A 352 24.74 26.45 -0.03
C ALA A 352 25.28 25.58 -1.17
N LEU A 353 24.45 25.29 -2.18
CA LEU A 353 24.87 24.55 -3.39
C LEU A 353 25.50 25.53 -4.38
N ASP A 354 26.38 25.06 -5.25
CA ASP A 354 27.23 25.92 -6.12
C ASP A 354 26.38 26.50 -7.26
N ALA A 355 26.28 27.83 -7.30
CA ALA A 355 25.52 28.64 -8.28
C ALA A 355 26.03 28.45 -9.71
N SER A 356 27.23 27.88 -9.91
CA SER A 356 27.80 27.66 -11.28
C SER A 356 26.96 26.59 -12.02
N TYR A 357 26.27 25.69 -11.32
CA TYR A 357 25.39 24.64 -11.90
C TYR A 357 23.95 25.15 -12.01
N GLY A 358 23.52 26.07 -11.13
CA GLY A 358 22.18 26.69 -11.17
C GLY A 358 21.71 27.19 -9.81
N THR A 359 20.54 27.80 -9.78
CA THR A 359 19.93 28.40 -8.57
C THR A 359 19.44 27.26 -7.67
N GLN A 360 19.13 27.56 -6.41
CA GLN A 360 18.52 26.57 -5.48
C GLN A 360 17.31 25.91 -6.16
N ASN A 361 16.47 26.70 -6.85
CA ASN A 361 15.21 26.20 -7.48
C ASN A 361 15.51 25.38 -8.73
N GLU A 362 16.62 25.65 -9.44
CA GLU A 362 17.05 24.82 -10.59
C GLU A 362 17.46 23.44 -10.06
N TYR A 363 18.12 23.37 -8.90
CA TYR A 363 18.47 22.09 -8.23
C TYR A 363 17.19 21.32 -7.89
N LYS A 364 16.22 22.00 -7.27
CA LYS A 364 14.91 21.37 -6.90
C LYS A 364 14.21 20.90 -8.20
N ALA A 365 14.17 21.75 -9.22
CA ALA A 365 13.51 21.44 -10.52
C ALA A 365 14.17 20.21 -11.15
N PHE A 366 15.49 20.11 -11.08
CA PHE A 366 16.26 18.98 -11.69
C PHE A 366 15.92 17.66 -10.96
N ILE A 367 15.96 17.67 -9.62
CA ILE A 367 15.70 16.46 -8.79
C ILE A 367 14.27 15.99 -9.02
N ASP A 368 13.33 16.95 -9.14
CA ASP A 368 11.89 16.73 -9.35
C ASP A 368 11.66 16.10 -10.73
N ALA A 369 12.37 16.56 -11.76
CA ALA A 369 12.31 15.99 -13.14
C ALA A 369 12.90 14.57 -13.12
N CYS A 370 14.01 14.34 -12.42
CA CYS A 370 14.62 12.99 -12.24
C CYS A 370 13.51 12.05 -11.73
N HIS A 371 12.84 12.47 -10.65
CA HIS A 371 11.74 11.71 -9.99
C HIS A 371 10.61 11.44 -10.99
N GLN A 372 10.17 12.46 -11.73
CA GLN A 372 9.12 12.36 -12.79
C GLN A 372 9.54 11.28 -13.80
N ASN A 373 10.85 11.13 -14.04
CA ASN A 373 11.44 10.14 -14.98
C ASN A 373 11.72 8.81 -14.26
N GLY A 374 11.32 8.64 -13.00
CA GLY A 374 11.47 7.40 -12.22
C GLY A 374 12.89 7.17 -11.70
N ILE A 375 13.74 8.20 -11.72
CA ILE A 375 15.19 8.10 -11.37
C ILE A 375 15.39 8.80 -10.03
N ALA A 376 16.11 8.16 -9.10
CA ALA A 376 16.46 8.73 -7.78
C ALA A 376 17.71 9.63 -7.93
N VAL A 377 17.98 10.49 -6.95
CA VAL A 377 19.19 11.37 -6.94
C VAL A 377 19.97 11.12 -5.65
N ILE A 378 21.26 10.82 -5.79
CA ILE A 378 22.24 10.63 -4.68
C ILE A 378 23.25 11.77 -4.76
N PHE A 379 23.50 12.46 -3.64
CA PHE A 379 24.55 13.50 -3.50
C PHE A 379 25.84 12.87 -2.98
N ASP A 380 26.93 13.13 -3.71
CA ASP A 380 28.34 12.94 -3.30
C ASP A 380 28.67 14.03 -2.28
N VAL A 381 29.01 13.65 -1.04
CA VAL A 381 29.19 14.62 0.09
C VAL A 381 30.59 14.41 0.69
N VAL A 382 31.26 15.51 1.03
CA VAL A 382 32.72 15.56 1.28
C VAL A 382 32.97 16.11 2.69
N TYR A 383 32.99 15.25 3.70
CA TYR A 383 33.08 15.64 5.14
C TYR A 383 34.48 15.35 5.70
N ASN A 384 35.37 14.71 4.95
CA ASN A 384 36.78 14.56 5.39
C ASN A 384 37.38 15.94 5.65
N HIS A 385 37.24 16.87 4.70
CA HIS A 385 37.93 18.18 4.69
C HIS A 385 37.02 19.26 4.11
N THR A 386 37.30 20.51 4.42
CA THR A 386 36.68 21.72 3.83
C THR A 386 37.82 22.53 3.19
N ASN A 387 37.73 23.85 3.12
CA ASN A 387 38.85 24.69 2.63
C ASN A 387 38.94 25.97 3.46
N ASN A 388 39.90 26.83 3.13
CA ASN A 388 40.24 28.06 3.90
C ASN A 388 39.05 29.03 3.90
N ASP A 389 38.13 28.90 2.95
CA ASP A 389 36.97 29.81 2.76
C ASP A 389 35.89 29.54 3.79
N ASN A 390 35.87 28.33 4.38
CA ASN A 390 34.81 27.88 5.33
C ASN A 390 34.83 28.78 6.57
N PRO A 391 33.66 29.32 6.99
CA PRO A 391 33.55 30.05 8.25
C PRO A 391 34.16 29.32 9.45
N PHE A 392 34.00 27.99 9.53
CA PHE A 392 34.59 27.14 10.59
C PHE A 392 36.12 27.26 10.59
N ALA A 393 36.76 27.35 9.43
CA ALA A 393 38.23 27.57 9.28
C ALA A 393 38.57 29.01 9.72
N ARG A 394 37.87 29.98 9.14
CA ARG A 394 38.17 31.42 9.28
C ARG A 394 37.97 31.84 10.76
N MET A 395 37.06 31.18 11.49
CA MET A 395 36.64 31.56 12.86
C MET A 395 37.79 31.39 13.87
N TYR A 396 38.59 30.32 13.75
CA TYR A 396 39.76 30.07 14.64
C TYR A 396 40.94 29.66 13.75
N TRP A 397 41.75 30.65 13.41
CA TRP A 397 42.79 30.54 12.36
C TRP A 397 44.17 30.88 12.94
N ASP A 398 45.20 30.17 12.49
CA ASP A 398 46.64 30.40 12.81
C ASP A 398 47.23 31.31 11.73
N THR A 399 47.46 32.59 12.03
CA THR A 399 47.95 33.62 11.05
C THR A 399 49.46 33.46 10.84
N PHE A 400 50.13 32.61 11.64
CA PHE A 400 51.56 32.24 11.51
C PHE A 400 51.72 31.04 10.56
N ASN A 401 51.02 29.94 10.84
CA ASN A 401 51.18 28.68 10.07
C ASN A 401 50.16 28.61 8.92
N ASN A 402 49.21 29.54 8.85
CA ASN A 402 48.21 29.63 7.74
C ASN A 402 47.40 28.34 7.64
N ARG A 403 46.81 27.94 8.76
CA ARG A 403 45.99 26.71 8.92
C ARG A 403 45.09 26.92 10.12
N PRO A 404 44.16 26.00 10.43
CA PRO A 404 43.32 26.13 11.62
C PRO A 404 44.15 26.27 12.91
N SER A 405 43.64 27.09 13.83
CA SER A 405 44.19 27.24 15.21
C SER A 405 44.07 25.89 15.93
N THR A 406 45.00 25.60 16.85
CA THR A 406 44.96 24.42 17.75
C THR A 406 43.66 24.49 18.58
N LYS A 407 43.03 25.67 18.65
CA LYS A 407 41.81 25.92 19.46
C LYS A 407 40.55 25.80 18.58
N ASN A 408 40.70 25.47 17.30
CA ASN A 408 39.54 25.23 16.40
C ASN A 408 38.77 24.02 16.92
N PRO A 409 37.44 24.14 17.19
CA PRO A 409 36.63 23.04 17.69
C PRO A 409 36.04 22.06 16.65
N TRP A 410 36.17 22.36 15.36
CA TRP A 410 35.68 21.50 14.24
C TRP A 410 36.88 20.85 13.53
N LEU A 411 37.97 21.59 13.35
CA LEU A 411 39.10 21.25 12.44
C LEU A 411 40.38 20.99 13.24
N ASN A 412 41.19 20.06 12.76
CA ASN A 412 42.59 19.82 13.19
C ASN A 412 43.47 20.93 12.61
N ALA A 413 44.49 21.37 13.35
CA ALA A 413 45.53 22.31 12.85
C ALA A 413 46.37 21.61 11.79
N VAL A 414 46.68 20.32 12.02
CA VAL A 414 47.50 19.44 11.15
C VAL A 414 46.72 18.14 10.90
N THR A 415 46.65 17.71 9.64
CA THR A 415 45.99 16.45 9.22
C THR A 415 46.66 15.29 9.96
N PRO A 416 45.91 14.46 10.73
CA PRO A 416 46.47 13.28 11.37
C PRO A 416 46.91 12.20 10.37
N HIS A 417 46.17 12.02 9.26
CA HIS A 417 46.48 11.05 8.18
C HIS A 417 47.35 11.73 7.10
N GLN A 418 48.67 11.72 7.30
CA GLN A 418 49.62 12.58 6.54
C GLN A 418 49.83 12.06 5.11
N LYS A 419 49.34 10.85 4.79
CA LYS A 419 49.34 10.33 3.39
C LYS A 419 48.31 11.10 2.54
N TYR A 420 47.21 11.55 3.14
CA TYR A 420 46.07 12.16 2.39
C TYR A 420 45.69 13.52 3.00
N VAL A 421 46.26 14.57 2.42
CA VAL A 421 46.01 16.00 2.82
C VAL A 421 45.45 16.73 1.60
N PHE A 422 44.11 16.74 1.46
CA PHE A 422 43.41 17.28 0.27
C PHE A 422 43.23 18.80 0.42
N SER A 423 43.33 19.30 1.65
CA SER A 423 43.36 20.75 1.98
C SER A 423 44.05 20.95 3.32
N PRO A 424 44.29 22.21 3.76
CA PRO A 424 44.71 22.45 5.15
C PRO A 424 43.63 22.26 6.23
N ASP A 425 42.40 21.88 5.86
CA ASP A 425 41.20 21.98 6.75
C ASP A 425 40.55 20.59 6.92
N ASP A 426 41.24 19.71 7.65
CA ASP A 426 40.78 18.33 7.99
C ASP A 426 39.78 18.42 9.15
N PHE A 427 38.60 17.82 8.98
CA PHE A 427 37.54 17.74 10.03
C PHE A 427 37.96 16.75 11.12
N ASN A 428 37.85 17.18 12.38
CA ASN A 428 37.99 16.31 13.57
C ASN A 428 36.64 15.63 13.83
N HIS A 429 36.49 14.36 13.45
CA HIS A 429 35.20 13.61 13.54
C HIS A 429 34.98 12.99 14.93
N THR A 430 35.86 13.27 15.91
CA THR A 430 35.62 12.99 17.35
C THR A 430 35.06 14.24 18.03
N SER A 431 35.05 15.40 17.36
CA SER A 431 34.41 16.65 17.86
C SER A 431 32.88 16.53 17.86
N GLU A 432 32.23 16.81 19.00
CA GLU A 432 30.74 16.82 19.10
C GLU A 432 30.15 17.92 18.20
N GLN A 433 30.90 19.03 17.99
CA GLN A 433 30.49 20.14 17.09
C GLN A 433 30.51 19.67 15.64
N THR A 434 31.57 18.97 15.22
CA THR A 434 31.69 18.44 13.84
C THR A 434 30.58 17.41 13.59
N LYS A 435 30.37 16.48 14.52
CA LYS A 435 29.36 15.40 14.38
C LYS A 435 27.96 16.01 14.21
N ALA A 436 27.60 17.00 15.04
CA ALA A 436 26.28 17.66 15.03
C ALA A 436 26.09 18.40 13.70
N PHE A 437 27.14 19.07 13.22
CA PHE A 437 27.14 19.84 11.96
C PHE A 437 26.91 18.88 10.78
N VAL A 438 27.60 17.74 10.73
CA VAL A 438 27.45 16.75 9.64
C VAL A 438 25.99 16.26 9.60
N LYS A 439 25.46 15.81 10.74
CA LYS A 439 24.09 15.21 10.87
C LYS A 439 23.02 16.25 10.49
N ARG A 440 23.17 17.48 10.98
CA ARG A 440 22.28 18.62 10.59
C ARG A 440 22.34 18.81 9.08
N ASN A 441 23.54 18.82 8.49
CA ASN A 441 23.71 19.00 7.02
C ASN A 441 23.03 17.85 6.26
N LEU A 442 23.22 16.60 6.68
CA LEU A 442 22.59 15.43 6.01
C LEU A 442 21.07 15.58 6.04
N LYS A 443 20.52 15.94 7.21
CA LYS A 443 19.07 16.15 7.41
C LYS A 443 18.61 17.27 6.47
N TYR A 444 19.38 18.35 6.37
CA TYR A 444 19.05 19.55 5.55
C TYR A 444 18.92 19.16 4.08
N LEU A 445 19.88 18.39 3.54
CA LEU A 445 19.89 18.02 2.10
C LEU A 445 18.71 17.11 1.79
N LEU A 446 18.37 16.18 2.70
CA LEU A 446 17.19 15.29 2.58
C LEU A 446 15.88 16.11 2.58
N ASP A 447 15.74 17.06 3.51
CA ASP A 447 14.47 17.81 3.74
C ASP A 447 14.25 18.84 2.63
N THR A 448 15.32 19.53 2.21
CA THR A 448 15.25 20.68 1.26
C THR A 448 15.25 20.17 -0.19
N TYR A 449 16.11 19.22 -0.54
CA TYR A 449 16.36 18.85 -1.96
C TYR A 449 15.70 17.51 -2.30
N HIS A 450 15.04 16.86 -1.34
CA HIS A 450 14.21 15.65 -1.56
C HIS A 450 15.06 14.51 -2.18
N ILE A 451 16.35 14.45 -1.86
CA ILE A 451 17.29 13.44 -2.43
C ILE A 451 17.04 12.08 -1.77
N ASP A 452 17.54 11.02 -2.39
CA ASP A 452 17.18 9.61 -2.06
C ASP A 452 18.37 8.90 -1.42
N GLY A 453 19.53 9.56 -1.32
CA GLY A 453 20.72 8.92 -0.71
C GLY A 453 21.97 9.79 -0.78
N PHE A 454 23.05 9.27 -0.20
CA PHE A 454 24.37 9.93 -0.12
C PHE A 454 25.46 8.93 -0.51
N ARG A 455 26.50 9.44 -1.18
CA ARG A 455 27.82 8.77 -1.32
C ARG A 455 28.84 9.57 -0.50
N PHE A 456 29.29 9.02 0.63
CA PHE A 456 30.33 9.66 1.50
C PHE A 456 31.70 9.48 0.86
N ASP A 457 32.32 10.60 0.50
CA ASP A 457 33.70 10.69 -0.04
C ASP A 457 34.70 10.38 1.08
N PHE A 458 35.74 9.58 0.75
CA PHE A 458 36.96 9.33 1.56
C PHE A 458 36.62 9.16 3.06
N THR A 459 35.82 8.16 3.42
CA THR A 459 35.42 7.90 4.84
C THR A 459 36.61 7.31 5.59
N LYS A 460 37.61 6.79 4.88
CA LYS A 460 38.92 6.41 5.46
C LYS A 460 39.51 7.63 6.19
N GLY A 461 39.19 8.85 5.76
CA GLY A 461 39.69 10.10 6.34
C GLY A 461 39.08 10.46 7.68
N PHE A 462 38.01 9.77 8.10
CA PHE A 462 37.26 10.15 9.33
C PHE A 462 37.99 9.55 10.55
N THR A 463 39.22 10.00 10.81
CA THR A 463 40.14 9.39 11.82
C THR A 463 41.06 10.45 12.43
N GLN A 464 41.29 10.34 13.74
CA GLN A 464 42.19 11.24 14.51
C GLN A 464 43.55 10.56 14.68
N LYS A 465 43.68 9.28 14.33
CA LYS A 465 44.94 8.51 14.54
C LYS A 465 46.06 9.13 13.70
N GLN A 466 47.23 9.32 14.30
CA GLN A 466 48.44 9.82 13.61
C GLN A 466 49.00 8.69 12.73
N THR A 467 48.91 8.83 11.42
CA THR A 467 49.47 7.88 10.42
C THR A 467 50.27 8.67 9.38
N THR A 468 51.08 7.98 8.57
CA THR A 468 51.86 8.59 7.45
C THR A 468 51.80 7.73 6.18
N GLY A 469 51.16 6.56 6.21
CA GLY A 469 51.12 5.63 5.07
C GLY A 469 49.70 5.20 4.72
N ASP A 470 49.59 4.10 3.98
CA ASP A 470 48.31 3.45 3.60
C ASP A 470 47.96 2.37 4.64
N ASP A 471 48.96 1.66 5.17
CA ASP A 471 48.78 0.47 6.03
C ASP A 471 48.23 0.91 7.39
N ASP A 472 48.90 1.88 8.01
CA ASP A 472 48.56 2.40 9.36
C ASP A 472 47.19 3.10 9.29
N LEU A 473 46.92 3.81 8.20
CA LEU A 473 45.60 4.43 7.93
C LEU A 473 44.53 3.33 7.75
N ALA A 474 44.82 2.30 6.94
CA ALA A 474 43.86 1.24 6.56
C ALA A 474 43.52 0.36 7.77
N ALA A 475 44.41 0.31 8.76
CA ALA A 475 44.26 -0.51 9.98
C ALA A 475 43.03 -0.04 10.76
N THR A 476 42.28 -0.97 11.34
CA THR A 476 40.95 -0.72 11.97
C THR A 476 41.07 0.36 13.05
N ASP A 477 40.23 1.39 12.96
CA ASP A 477 40.06 2.47 13.98
C ASP A 477 38.64 2.38 14.54
N PRO A 478 38.43 1.89 15.78
CA PRO A 478 37.09 1.72 16.34
C PRO A 478 36.24 3.01 16.31
N ALA A 479 36.88 4.17 16.46
CA ALA A 479 36.23 5.50 16.50
C ALA A 479 35.76 5.89 15.10
N ARG A 480 36.48 5.50 14.04
CA ARG A 480 36.07 5.73 12.63
C ARG A 480 34.83 4.86 12.33
N VAL A 481 34.88 3.57 12.66
CA VAL A 481 33.73 2.63 12.50
C VAL A 481 32.52 3.23 13.24
N SER A 482 32.74 3.72 14.47
CA SER A 482 31.70 4.27 15.39
C SER A 482 31.01 5.51 14.80
N VAL A 483 31.78 6.48 14.31
CA VAL A 483 31.23 7.76 13.77
C VAL A 483 30.52 7.48 12.44
N LEU A 484 31.05 6.58 11.63
CA LEU A 484 30.43 6.22 10.31
C LEU A 484 29.07 5.58 10.59
N LYS A 485 28.95 4.76 11.64
CA LYS A 485 27.64 4.21 12.12
C LYS A 485 26.73 5.37 12.53
N GLU A 486 27.22 6.34 13.31
CA GLU A 486 26.42 7.50 13.78
C GLU A 486 25.82 8.23 12.56
N TYR A 487 26.64 8.55 11.55
CA TYR A 487 26.20 9.33 10.36
C TYR A 487 25.14 8.51 9.59
N TYR A 488 25.36 7.21 9.45
CA TYR A 488 24.42 6.26 8.81
C TYR A 488 23.08 6.31 9.55
N GLU A 489 23.09 6.06 10.86
CA GLU A 489 21.87 6.06 11.73
C GLU A 489 21.14 7.41 11.62
N ALA A 490 21.88 8.54 11.55
CA ALA A 490 21.31 9.90 11.42
C ALA A 490 20.49 10.02 10.12
N VAL A 491 21.01 9.50 8.99
CA VAL A 491 20.34 9.55 7.66
C VAL A 491 19.04 8.74 7.73
N LYS A 492 19.11 7.54 8.31
CA LYS A 492 17.98 6.57 8.41
C LYS A 492 16.89 7.12 9.34
N ALA A 493 17.25 7.96 10.32
CA ALA A 493 16.31 8.63 11.25
C ALA A 493 15.49 9.69 10.51
N VAL A 494 16.05 10.30 9.46
CA VAL A 494 15.39 11.33 8.62
C VAL A 494 14.57 10.63 7.52
N LYS A 495 15.15 9.64 6.86
CA LYS A 495 14.54 8.96 5.68
C LYS A 495 14.97 7.49 5.71
N GLU A 496 14.04 6.61 6.12
CA GLU A 496 14.29 5.19 6.45
C GLU A 496 14.82 4.43 5.22
N ASP A 497 14.39 4.82 4.02
CA ASP A 497 14.71 4.07 2.77
C ASP A 497 15.82 4.80 2.00
N ALA A 498 16.44 5.82 2.61
CA ALA A 498 17.59 6.55 2.03
C ALA A 498 18.74 5.57 1.84
N MET A 499 19.36 5.57 0.66
CA MET A 499 20.57 4.76 0.39
C MET A 499 21.80 5.51 0.92
N VAL A 500 22.61 4.84 1.74
CA VAL A 500 23.92 5.34 2.24
C VAL A 500 25.03 4.48 1.63
N THR A 501 25.91 5.11 0.87
CA THR A 501 27.12 4.51 0.27
C THR A 501 28.34 5.27 0.79
N MET A 502 29.41 4.54 1.10
CA MET A 502 30.71 5.14 1.52
C MET A 502 31.81 4.60 0.62
N GLU A 503 32.71 5.50 0.22
CA GLU A 503 34.00 5.19 -0.45
C GLU A 503 35.03 5.01 0.68
N HIS A 504 35.27 3.78 1.11
CA HIS A 504 35.99 3.49 2.39
C HIS A 504 37.34 2.82 2.12
N PHE A 505 37.33 1.59 1.59
CA PHE A 505 38.52 0.78 1.27
C PHE A 505 39.34 0.52 2.54
N CYS A 506 38.66 0.32 3.68
CA CYS A 506 39.22 -0.25 4.92
C CYS A 506 38.57 -1.63 5.09
N ALA A 507 39.21 -2.67 4.57
CA ALA A 507 38.63 -4.02 4.33
C ALA A 507 37.88 -4.53 5.57
N ASN A 508 38.56 -4.61 6.72
CA ASN A 508 38.00 -5.17 7.98
C ASN A 508 36.79 -4.33 8.44
N GLU A 509 36.88 -2.99 8.28
CA GLU A 509 35.81 -2.06 8.69
C GLU A 509 34.59 -2.26 7.79
N GLU A 510 34.78 -2.55 6.50
CA GLU A 510 33.66 -2.70 5.52
C GLU A 510 32.84 -3.95 5.86
N THR A 511 33.51 -5.02 6.30
CA THR A 511 32.84 -6.28 6.72
C THR A 511 31.92 -5.96 7.90
N THR A 512 32.43 -5.23 8.91
CA THR A 512 31.68 -4.80 10.13
C THR A 512 30.52 -3.89 9.73
N LEU A 513 30.78 -2.85 8.91
CA LEU A 513 29.79 -1.78 8.64
C LEU A 513 28.73 -2.24 7.62
N ALA A 514 29.09 -3.11 6.67
CA ALA A 514 28.14 -3.70 5.69
C ALA A 514 27.00 -4.43 6.42
N THR A 515 27.29 -5.01 7.60
CA THR A 515 26.31 -5.74 8.46
C THR A 515 25.25 -4.75 8.98
N GLU A 516 25.60 -3.48 9.16
CA GLU A 516 24.67 -2.43 9.65
C GLU A 516 23.72 -2.00 8.52
N GLY A 517 24.13 -2.21 7.26
CA GLY A 517 23.37 -1.83 6.07
C GLY A 517 24.01 -0.71 5.29
N ILE A 518 25.23 -0.29 5.65
CA ILE A 518 26.02 0.70 4.87
C ILE A 518 26.48 0.01 3.57
N HIS A 519 26.37 0.70 2.45
CA HIS A 519 26.86 0.23 1.12
C HIS A 519 28.28 0.74 0.89
N PHE A 520 29.14 -0.06 0.25
CA PHE A 520 30.55 0.30 -0.05
C PHE A 520 30.83 0.25 -1.55
N TRP A 521 31.65 1.21 -1.98
CA TRP A 521 32.30 1.20 -3.31
C TRP A 521 33.17 -0.07 -3.39
N ARG A 522 32.94 -0.89 -4.42
CA ARG A 522 33.70 -2.13 -4.69
C ARG A 522 34.40 -1.95 -6.03
N ASN A 523 35.71 -1.65 -6.00
CA ASN A 523 36.48 -1.12 -7.15
C ASN A 523 36.99 -2.28 -8.01
N MET A 524 36.37 -2.54 -9.15
CA MET A 524 36.76 -3.63 -10.08
C MET A 524 37.36 -3.03 -11.35
N ASN A 525 37.86 -1.79 -11.28
CA ASN A 525 38.40 -1.08 -12.47
C ASN A 525 39.62 -1.84 -13.02
N HIS A 526 40.51 -2.33 -12.16
CA HIS A 526 41.75 -3.00 -12.62
C HIS A 526 41.39 -4.26 -13.44
N SER A 527 40.52 -5.13 -12.90
CA SER A 527 40.11 -6.39 -13.56
C SER A 527 39.49 -6.11 -14.93
N TYR A 528 38.54 -5.18 -15.02
CA TYR A 528 37.75 -4.93 -16.26
C TYR A 528 38.56 -4.10 -17.26
N CYS A 529 39.58 -3.37 -16.79
CA CYS A 529 40.58 -2.73 -17.68
C CYS A 529 41.44 -3.82 -18.34
N GLN A 530 41.92 -4.78 -17.56
CA GLN A 530 42.75 -5.92 -18.07
C GLN A 530 41.95 -6.68 -19.12
N SER A 531 40.70 -7.05 -18.81
CA SER A 531 39.77 -7.78 -19.71
C SER A 531 39.48 -6.95 -20.97
N ALA A 532 39.15 -5.67 -20.82
CA ALA A 532 38.91 -4.74 -21.94
C ALA A 532 40.12 -4.75 -22.89
N MET A 533 41.33 -4.85 -22.35
CA MET A 533 42.60 -4.79 -23.13
C MET A 533 42.95 -6.15 -23.72
N GLY A 534 42.26 -7.22 -23.31
CA GLY A 534 42.52 -8.60 -23.75
C GLY A 534 43.69 -9.24 -23.02
N TRP A 535 43.98 -8.83 -21.77
CA TRP A 535 45.05 -9.44 -20.92
C TRP A 535 44.41 -10.29 -19.81
N LYS A 536 44.78 -11.56 -19.69
CA LYS A 536 44.17 -12.47 -18.67
C LYS A 536 44.77 -12.18 -17.28
N ASP A 537 45.99 -11.66 -17.21
CA ASP A 537 46.70 -11.32 -15.95
C ASP A 537 45.88 -10.27 -15.17
N ASN A 538 45.50 -10.58 -13.93
CA ASN A 538 44.78 -9.65 -13.02
C ASN A 538 43.46 -9.20 -13.66
N SER A 539 42.71 -10.14 -14.26
CA SER A 539 41.41 -9.87 -14.92
C SER A 539 40.27 -10.54 -14.15
N ASP A 540 40.54 -11.04 -12.95
CA ASP A 540 39.58 -11.87 -12.17
C ASP A 540 38.41 -10.96 -11.73
N PHE A 541 37.18 -11.28 -12.17
CA PHE A 541 35.96 -10.44 -11.95
C PHE A 541 35.35 -10.69 -10.56
N SER A 542 35.86 -11.66 -9.80
CA SER A 542 35.13 -12.30 -8.68
C SER A 542 34.82 -11.29 -7.56
N GLY A 543 35.68 -10.29 -7.35
CA GLY A 543 35.46 -9.21 -6.37
C GLY A 543 34.13 -8.49 -6.55
N LEU A 544 33.53 -8.54 -7.73
CA LEU A 544 32.27 -7.81 -8.03
C LEU A 544 31.14 -8.36 -7.15
N TYR A 545 31.20 -9.64 -6.81
CA TYR A 545 30.15 -10.39 -6.06
C TYR A 545 30.71 -10.83 -4.70
N ASP A 546 30.33 -10.11 -3.65
CA ASP A 546 30.60 -10.44 -2.23
C ASP A 546 29.64 -11.56 -1.82
N THR A 547 30.16 -12.74 -1.48
CA THR A 547 29.35 -13.97 -1.25
C THR A 547 28.47 -13.76 -0.01
N THR A 548 28.98 -13.07 1.03
CA THR A 548 28.29 -12.89 2.33
C THR A 548 27.12 -11.91 2.16
N ARG A 549 27.38 -10.71 1.62
CA ARG A 549 26.40 -9.59 1.52
C ARG A 549 26.52 -8.93 0.16
N PRO A 550 26.07 -9.62 -0.93
CA PRO A 550 26.22 -9.09 -2.29
C PRO A 550 25.57 -7.71 -2.50
N ASN A 551 24.44 -7.44 -1.84
CA ASN A 551 23.66 -6.19 -2.01
C ASN A 551 24.34 -4.99 -1.33
N GLN A 552 25.35 -5.21 -0.47
CA GLN A 552 26.02 -4.11 0.29
C GLN A 552 27.20 -3.53 -0.49
N PHE A 553 27.59 -4.11 -1.62
CA PHE A 553 28.79 -3.68 -2.38
C PHE A 553 28.39 -3.17 -3.77
N VAL A 554 28.62 -1.88 -3.98
CA VAL A 554 28.35 -1.17 -5.26
C VAL A 554 29.56 -1.40 -6.16
N GLY A 555 29.44 -2.37 -7.07
CA GLY A 555 30.52 -2.75 -7.99
C GLY A 555 30.60 -1.79 -9.17
N TYR A 556 31.81 -1.49 -9.63
CA TYR A 556 32.02 -0.63 -10.82
C TYR A 556 33.26 -1.08 -11.60
N MET A 557 33.14 -0.97 -12.92
CA MET A 557 34.27 -1.10 -13.89
C MET A 557 34.95 0.27 -14.01
N GLU A 558 34.19 1.36 -13.84
CA GLU A 558 34.68 2.76 -13.98
C GLU A 558 34.13 3.64 -12.84
N SER A 559 34.96 4.55 -12.35
CA SER A 559 34.54 5.72 -11.53
C SER A 559 35.30 6.95 -12.03
N HIS A 560 34.89 8.14 -11.61
CA HIS A 560 35.54 9.43 -11.94
C HIS A 560 37.02 9.36 -11.57
N ASP A 561 37.38 8.56 -10.56
CA ASP A 561 38.76 8.45 -10.01
C ASP A 561 39.63 7.53 -10.86
N GLU A 562 39.05 6.75 -11.79
CA GLU A 562 39.81 5.71 -12.52
C GLU A 562 39.99 6.09 -14.00
N GLU A 563 41.01 5.48 -14.63
CA GLU A 563 41.23 5.50 -16.09
C GLU A 563 40.09 4.73 -16.76
N ARG A 564 39.73 5.12 -17.98
CA ARG A 564 38.66 4.47 -18.78
C ARG A 564 39.19 3.15 -19.36
N CYS A 565 38.37 2.10 -19.27
CA CYS A 565 38.58 0.79 -19.93
C CYS A 565 38.85 0.99 -21.43
N ALA A 566 38.04 1.80 -22.11
CA ALA A 566 38.14 2.06 -23.55
C ALA A 566 39.43 2.85 -23.85
N TYR A 567 39.95 3.66 -22.91
CA TYR A 567 41.26 4.34 -23.12
C TYR A 567 42.40 3.33 -23.00
N LYS A 568 42.36 2.45 -21.99
CA LYS A 568 43.39 1.39 -21.79
C LYS A 568 43.57 0.58 -23.10
N GLN A 569 42.48 0.35 -23.84
CA GLN A 569 42.50 -0.41 -25.13
C GLN A 569 43.42 0.30 -26.13
N ILE A 570 43.22 1.60 -26.36
CA ILE A 570 44.02 2.42 -27.32
C ILE A 570 45.50 2.35 -26.93
N GLU A 571 45.79 2.43 -25.62
CA GLU A 571 47.14 2.65 -25.03
C GLU A 571 47.94 1.34 -24.99
N TYR A 572 47.30 0.23 -24.55
CA TYR A 572 48.00 -1.05 -24.27
C TYR A 572 47.16 -2.24 -24.73
N GLY A 573 46.27 -2.04 -25.71
CA GLY A 573 45.39 -3.10 -26.22
C GLY A 573 46.20 -4.28 -26.74
N ASN A 574 45.70 -5.49 -26.48
CA ASN A 574 46.21 -6.76 -27.07
C ASN A 574 45.73 -6.81 -28.53
N GLY A 575 46.66 -6.66 -29.48
CA GLY A 575 46.41 -6.84 -30.93
C GLY A 575 45.36 -5.88 -31.46
N ALA A 576 44.27 -6.41 -32.03
CA ALA A 576 43.18 -5.64 -32.68
C ALA A 576 42.50 -4.71 -31.68
N LEU A 577 42.54 -5.04 -30.39
CA LEU A 577 41.85 -4.25 -29.33
C LEU A 577 42.52 -2.89 -29.18
N LYS A 578 43.65 -2.65 -29.85
CA LYS A 578 44.35 -1.35 -29.86
C LYS A 578 43.68 -0.39 -30.85
N THR A 579 43.32 -0.86 -32.05
CA THR A 579 43.03 0.01 -33.22
C THR A 579 41.72 -0.38 -33.95
N ASN A 580 41.14 -1.53 -33.62
CA ASN A 580 39.88 -2.03 -34.22
C ASN A 580 38.71 -1.62 -33.32
N LEU A 581 37.96 -0.58 -33.70
CA LEU A 581 36.83 -0.03 -32.87
C LEU A 581 35.75 -1.11 -32.72
N SER A 582 35.42 -1.82 -33.81
CA SER A 582 34.43 -2.93 -33.82
C SER A 582 34.77 -3.96 -32.73
N GLU A 583 36.01 -4.46 -32.70
CA GLU A 583 36.46 -5.49 -31.73
C GLU A 583 36.49 -4.89 -30.32
N ARG A 584 36.92 -3.64 -30.17
CA ARG A 584 36.95 -2.93 -28.86
C ARG A 584 35.54 -2.93 -28.24
N LEU A 585 34.51 -2.60 -29.02
CA LEU A 585 33.12 -2.48 -28.50
C LEU A 585 32.56 -3.86 -28.17
N LYS A 586 32.90 -4.88 -28.97
CA LYS A 586 32.56 -6.30 -28.69
C LYS A 586 33.09 -6.67 -27.30
N GLN A 587 34.36 -6.35 -27.02
CA GLN A 587 35.04 -6.68 -25.75
C GLN A 587 34.41 -5.90 -24.58
N LEU A 588 34.12 -4.62 -24.77
CA LEU A 588 33.42 -3.81 -23.73
C LEU A 588 32.01 -4.35 -23.54
N SER A 589 31.36 -4.85 -24.60
CA SER A 589 30.02 -5.49 -24.56
C SER A 589 30.07 -6.72 -23.64
N SER A 590 31.10 -7.55 -23.78
CA SER A 590 31.31 -8.80 -23.01
C SER A 590 31.61 -8.48 -21.54
N ASN A 591 32.38 -7.42 -21.29
CA ASN A 591 32.61 -6.88 -19.92
C ASN A 591 31.25 -6.59 -19.29
N ALA A 592 30.40 -5.83 -20.00
CA ALA A 592 29.08 -5.36 -19.53
C ALA A 592 28.15 -6.57 -19.28
N ALA A 593 28.28 -7.65 -20.06
CA ALA A 593 27.51 -8.90 -19.88
C ALA A 593 28.01 -9.68 -18.64
N PHE A 594 29.17 -9.33 -18.08
CA PHE A 594 29.73 -9.94 -16.85
C PHE A 594 29.74 -8.93 -15.70
N PHE A 595 28.80 -7.98 -15.75
CA PHE A 595 28.71 -6.83 -14.81
C PHE A 595 27.24 -6.60 -14.42
N PHE A 596 26.40 -6.18 -15.37
CA PHE A 596 24.97 -5.85 -15.15
C PHE A 596 24.18 -7.12 -14.86
N THR A 597 24.73 -8.28 -15.23
CA THR A 597 24.12 -9.62 -15.05
C THR A 597 24.37 -10.13 -13.63
N VAL A 598 25.10 -9.38 -12.79
CA VAL A 598 25.58 -9.88 -11.47
C VAL A 598 24.71 -9.27 -10.37
N PRO A 599 24.29 -10.06 -9.35
CA PRO A 599 23.52 -9.52 -8.23
C PRO A 599 24.25 -8.39 -7.49
N GLY A 600 23.48 -7.55 -6.80
CA GLY A 600 23.97 -6.42 -5.99
C GLY A 600 23.98 -5.13 -6.79
N PRO A 601 24.06 -3.96 -6.13
CA PRO A 601 24.09 -2.68 -6.83
C PRO A 601 25.32 -2.57 -7.76
N LYS A 602 25.21 -1.76 -8.80
CA LYS A 602 26.30 -1.48 -9.78
C LYS A 602 26.35 0.02 -10.08
N MET A 603 27.53 0.53 -10.43
CA MET A 603 27.70 1.95 -10.81
C MET A 603 28.38 2.02 -12.18
N LEU A 604 27.91 2.91 -13.04
CA LEU A 604 28.65 3.31 -14.27
C LEU A 604 28.96 4.80 -14.20
N TRP A 605 30.13 5.16 -14.71
CA TRP A 605 30.66 6.55 -14.77
C TRP A 605 30.25 7.11 -16.13
N GLN A 606 29.72 8.34 -16.16
CA GLN A 606 29.10 8.94 -17.37
C GLN A 606 29.90 8.52 -18.61
N PHE A 607 29.20 8.01 -19.63
CA PHE A 607 29.68 7.82 -21.03
C PHE A 607 30.42 6.48 -21.18
N GLY A 608 30.55 5.69 -20.12
CA GLY A 608 31.07 4.31 -20.22
C GLY A 608 30.24 3.49 -21.19
N GLU A 609 28.93 3.76 -21.25
CA GLU A 609 27.93 3.05 -22.11
C GLU A 609 28.21 3.31 -23.60
N MET A 610 28.91 4.40 -23.96
CA MET A 610 29.30 4.70 -25.37
C MET A 610 30.82 4.64 -25.54
N GLY A 611 31.51 3.91 -24.67
CA GLY A 611 32.95 3.58 -24.79
C GLY A 611 33.85 4.81 -24.70
N TYR A 612 33.54 5.73 -23.79
CA TYR A 612 34.31 7.00 -23.62
C TYR A 612 35.79 6.65 -23.42
N ASP A 613 36.66 7.19 -24.29
CA ASP A 613 38.06 6.72 -24.44
C ASP A 613 39.02 7.90 -24.35
N ILE A 614 38.64 9.00 -23.70
CA ILE A 614 39.60 10.09 -23.37
C ILE A 614 40.25 9.68 -22.05
N SER A 615 41.59 9.68 -22.01
CA SER A 615 42.36 9.37 -20.78
C SER A 615 41.96 10.35 -19.68
N ILE A 616 41.82 9.86 -18.43
CA ILE A 616 41.54 10.71 -17.23
C ILE A 616 42.60 11.82 -17.16
N ASP A 617 43.83 11.53 -17.62
CA ASP A 617 44.99 12.46 -17.56
C ASP A 617 44.85 13.62 -18.55
N GLU A 618 44.03 13.50 -19.61
CA GLU A 618 43.92 14.53 -20.68
C GLU A 618 43.36 15.82 -20.07
N ASN A 619 44.10 16.92 -20.24
CA ASN A 619 43.82 18.26 -19.66
C ASN A 619 43.99 18.24 -18.13
N GLY A 620 44.81 17.32 -17.61
CA GLY A 620 45.00 17.10 -16.16
C GLY A 620 43.90 16.23 -15.59
N ARG A 621 44.21 15.48 -14.52
CA ARG A 621 43.30 14.44 -13.94
C ARG A 621 41.91 15.07 -13.75
N THR A 622 41.83 16.22 -13.08
CA THR A 622 40.53 16.86 -12.67
C THR A 622 40.12 17.95 -13.66
N GLY A 623 40.86 18.17 -14.75
CA GLY A 623 40.52 19.16 -15.78
C GLY A 623 39.29 18.79 -16.58
N LYS A 624 38.63 19.80 -17.15
CA LYS A 624 37.44 19.67 -18.03
C LYS A 624 37.73 18.69 -19.18
N LYS A 625 36.87 17.69 -19.34
CA LYS A 625 37.01 16.62 -20.37
C LYS A 625 36.15 16.93 -21.58
N PRO A 626 36.57 16.49 -22.79
CA PRO A 626 35.78 16.66 -24.00
C PRO A 626 34.37 16.07 -23.82
N VAL A 627 33.36 16.78 -24.33
CA VAL A 627 31.93 16.35 -24.34
C VAL A 627 31.66 15.72 -25.71
N LEU A 628 31.37 14.42 -25.75
CA LEU A 628 31.35 13.61 -26.99
C LEU A 628 30.03 12.82 -27.09
N TRP A 629 28.91 13.53 -27.18
CA TRP A 629 27.56 12.92 -27.34
C TRP A 629 27.42 12.28 -28.72
N GLU A 630 28.25 12.66 -29.71
CA GLU A 630 28.28 11.98 -31.04
C GLU A 630 28.63 10.49 -30.86
N TYR A 631 29.38 10.14 -29.81
CA TYR A 631 29.71 8.73 -29.46
C TYR A 631 28.43 7.89 -29.31
N GLN A 632 27.29 8.49 -28.98
CA GLN A 632 26.01 7.76 -28.78
C GLN A 632 25.55 7.17 -30.12
N THR A 633 25.99 7.74 -31.25
CA THR A 633 25.71 7.28 -32.63
C THR A 633 26.82 6.34 -33.10
N GLU A 634 28.07 6.83 -33.10
CA GLU A 634 29.27 6.06 -33.53
C GLU A 634 29.38 4.74 -32.74
N ARG A 635 29.02 4.74 -31.44
CA ARG A 635 29.11 3.54 -30.58
C ARG A 635 27.71 3.08 -30.16
N LYS A 636 26.72 3.24 -31.05
CA LYS A 636 25.30 2.90 -30.77
C LYS A 636 25.19 1.43 -30.32
N SER A 637 25.96 0.52 -30.94
CA SER A 637 25.95 -0.93 -30.63
C SER A 637 26.18 -1.17 -29.14
N LEU A 638 27.14 -0.47 -28.52
CA LEU A 638 27.47 -0.62 -27.07
C LEU A 638 26.36 -0.02 -26.19
N VAL A 639 25.85 1.16 -26.57
CA VAL A 639 24.75 1.86 -25.86
C VAL A 639 23.56 0.89 -25.77
N ASP A 640 23.27 0.19 -26.88
CA ASP A 640 22.13 -0.76 -27.00
C ASP A 640 22.36 -1.95 -26.07
N ILE A 641 23.60 -2.45 -25.95
CA ILE A 641 23.95 -3.60 -25.04
C ILE A 641 23.78 -3.14 -23.60
N TYR A 642 24.39 -2.01 -23.20
CA TYR A 642 24.19 -1.40 -21.86
C TYR A 642 22.69 -1.33 -21.57
N THR A 643 21.91 -0.75 -22.50
CA THR A 643 20.45 -0.46 -22.32
C THR A 643 19.69 -1.76 -22.01
N LYS A 644 19.89 -2.79 -22.82
CA LYS A 644 19.12 -4.07 -22.72
C LYS A 644 19.50 -4.76 -21.40
N LEU A 645 20.80 -4.74 -21.04
CA LEU A 645 21.31 -5.44 -19.84
C LEU A 645 20.77 -4.73 -18.59
N ILE A 646 20.86 -3.40 -18.53
CA ILE A 646 20.33 -2.60 -17.39
C ILE A 646 18.82 -2.81 -17.31
N THR A 647 18.09 -2.67 -18.42
CA THR A 647 16.61 -2.78 -18.51
C THR A 647 16.17 -4.17 -18.02
N LEU A 648 16.90 -5.23 -18.38
CA LEU A 648 16.63 -6.63 -17.96
C LEU A 648 16.49 -6.72 -16.42
N ARG A 649 17.24 -5.87 -15.69
CA ARG A 649 17.27 -5.84 -14.20
C ARG A 649 15.93 -5.32 -13.65
N THR A 650 15.17 -4.55 -14.45
CA THR A 650 13.81 -4.03 -14.12
C THR A 650 12.75 -5.01 -14.60
N THR A 651 12.79 -5.40 -15.88
CA THR A 651 11.78 -6.29 -16.52
C THR A 651 11.72 -7.61 -15.76
N HIS A 652 12.88 -8.21 -15.44
CA HIS A 652 13.01 -9.48 -14.68
C HIS A 652 13.84 -9.24 -13.42
N SER A 653 13.35 -8.35 -12.55
CA SER A 653 14.02 -7.96 -11.27
C SER A 653 14.10 -9.17 -10.33
N ASP A 654 13.15 -10.11 -10.43
CA ASP A 654 13.08 -11.32 -9.57
C ASP A 654 14.29 -12.24 -9.83
N LEU A 655 14.90 -12.20 -11.02
CA LEU A 655 16.18 -12.92 -11.30
C LEU A 655 17.27 -12.42 -10.35
N PHE A 656 17.34 -11.10 -10.15
CA PHE A 656 18.52 -10.39 -9.59
C PHE A 656 18.44 -10.29 -8.07
N ASN A 657 17.35 -10.78 -7.48
CA ASN A 657 17.21 -11.00 -6.02
C ASN A 657 18.48 -11.67 -5.49
N ALA A 658 18.99 -11.20 -4.35
CA ALA A 658 20.18 -11.73 -3.65
C ALA A 658 19.94 -13.18 -3.18
N SER A 659 18.67 -13.61 -3.08
CA SER A 659 18.26 -15.00 -2.76
C SER A 659 18.59 -15.95 -3.92
N SER A 660 18.63 -15.43 -5.16
CA SER A 660 18.93 -16.20 -6.38
C SER A 660 20.30 -16.88 -6.27
N GLN A 661 20.44 -18.05 -6.88
CA GLN A 661 21.72 -18.80 -6.97
C GLN A 661 22.61 -18.12 -8.01
N PHE A 662 23.82 -17.71 -7.59
CA PHE A 662 24.82 -17.08 -8.48
C PHE A 662 26.12 -17.87 -8.43
N THR A 663 26.57 -18.35 -9.60
CA THR A 663 27.87 -19.03 -9.79
C THR A 663 28.50 -18.49 -11.07
N TRP A 664 29.83 -18.34 -11.06
CA TRP A 664 30.56 -17.92 -12.28
C TRP A 664 32.01 -18.41 -12.21
N LYS A 665 32.62 -18.49 -13.40
CA LYS A 665 34.01 -18.92 -13.63
C LYS A 665 34.70 -17.75 -14.33
N VAL A 666 35.46 -16.96 -13.57
CA VAL A 666 35.97 -15.63 -14.01
C VAL A 666 37.39 -15.44 -13.47
N SER A 667 38.13 -16.54 -13.28
CA SER A 667 39.49 -16.54 -12.71
CA SER A 667 39.50 -16.50 -12.71
C SER A 667 40.53 -16.42 -13.83
N TYR A 668 41.78 -16.24 -13.45
CA TYR A 668 42.98 -16.36 -14.32
C TYR A 668 42.88 -17.65 -15.15
N ASN A 669 42.32 -18.70 -14.57
CA ASN A 669 42.22 -20.06 -15.19
C ASN A 669 40.97 -20.17 -16.08
N ASP A 670 40.12 -19.15 -16.10
CA ASP A 670 38.91 -19.06 -16.96
C ASP A 670 39.15 -18.01 -18.04
N TRP A 671 39.73 -18.43 -19.17
CA TRP A 671 40.13 -17.54 -20.28
C TRP A 671 40.08 -18.29 -21.61
N ASP A 672 40.97 -19.27 -21.79
CA ASP A 672 41.24 -19.94 -23.09
C ASP A 672 39.98 -20.67 -23.60
N ASN A 673 39.17 -21.21 -22.68
CA ASN A 673 37.88 -21.90 -22.98
C ASN A 673 36.70 -20.97 -22.66
N GLY A 674 36.97 -19.71 -22.29
CA GLY A 674 35.92 -18.70 -22.05
C GLY A 674 35.54 -18.60 -20.58
N ARG A 675 34.72 -17.60 -20.25
CA ARG A 675 34.15 -17.38 -18.90
C ARG A 675 32.65 -17.62 -18.98
N THR A 676 32.05 -18.05 -17.86
CA THR A 676 30.61 -18.38 -17.78
C THR A 676 29.99 -17.80 -16.51
N LEU A 677 28.70 -17.51 -16.59
CA LEU A 677 27.84 -16.93 -15.54
C LEU A 677 26.52 -17.70 -15.54
N THR A 678 26.05 -18.16 -14.39
CA THR A 678 24.69 -18.72 -14.22
C THR A 678 24.03 -18.04 -13.02
N LEU A 679 22.85 -17.46 -13.27
CA LEU A 679 21.94 -16.87 -12.24
C LEU A 679 20.64 -17.69 -12.26
N LYS A 680 20.21 -18.21 -11.11
CA LYS A 680 19.02 -19.09 -10.97
C LYS A 680 18.14 -18.57 -9.83
N ALA A 681 16.95 -18.05 -10.15
CA ALA A 681 15.97 -17.48 -9.21
C ALA A 681 15.22 -18.61 -8.49
N VAL A 682 14.45 -18.26 -7.46
CA VAL A 682 13.67 -19.22 -6.62
C VAL A 682 12.48 -19.74 -7.43
N ASN A 683 11.97 -18.95 -8.38
CA ASN A 683 10.75 -19.26 -9.18
C ASN A 683 11.14 -20.05 -10.43
N GLY A 684 12.44 -20.33 -10.64
CA GLY A 684 12.95 -21.24 -11.68
C GLY A 684 13.49 -20.52 -12.91
N LYS A 685 13.41 -19.19 -12.95
CA LYS A 685 14.02 -18.37 -14.03
C LYS A 685 15.54 -18.53 -13.98
N GLN A 686 16.17 -18.63 -15.15
CA GLN A 686 17.63 -18.79 -15.31
C GLN A 686 18.15 -17.81 -16.35
N LEU A 687 19.33 -17.24 -16.10
CA LEU A 687 20.17 -16.47 -17.06
C LEU A 687 21.52 -17.20 -17.15
N HIS A 688 22.02 -17.40 -18.36
CA HIS A 688 23.36 -17.97 -18.61
C HIS A 688 24.12 -17.07 -19.59
N VAL A 689 25.35 -16.69 -19.24
CA VAL A 689 26.22 -15.85 -20.10
C VAL A 689 27.52 -16.61 -20.34
N TYR A 690 27.99 -16.62 -21.59
CA TYR A 690 29.32 -17.13 -22.00
C TYR A 690 30.03 -15.97 -22.70
N ALA A 691 31.30 -15.72 -22.37
CA ALA A 691 32.13 -14.67 -23.01
C ALA A 691 33.47 -15.27 -23.44
N ASN A 692 33.86 -14.98 -24.68
CA ASN A 692 35.21 -15.22 -25.23
C ASN A 692 35.98 -13.88 -25.19
N PHE A 693 36.87 -13.72 -24.21
CA PHE A 693 37.72 -12.50 -24.07
C PHE A 693 39.03 -12.67 -24.86
N THR A 694 39.20 -13.78 -25.60
CA THR A 694 40.47 -14.11 -26.30
C THR A 694 40.43 -13.55 -27.73
N ASN A 695 41.55 -13.63 -28.45
CA ASN A 695 41.67 -13.00 -29.79
C ASN A 695 41.34 -14.04 -30.86
N ALA A 696 40.75 -15.20 -30.50
CA ALA A 696 40.37 -16.28 -31.44
C ALA A 696 39.00 -16.89 -31.05
N SER A 697 38.26 -17.41 -32.04
CA SER A 697 36.94 -18.06 -31.85
C SER A 697 37.10 -19.29 -30.96
N ILE A 698 36.17 -19.54 -30.06
CA ILE A 698 36.15 -20.74 -29.17
C ILE A 698 34.84 -21.49 -29.41
N ASP A 699 34.93 -22.82 -29.50
CA ASP A 699 33.76 -23.74 -29.55
C ASP A 699 33.19 -23.88 -28.14
N TYR A 700 31.88 -23.70 -28.00
CA TYR A 700 31.14 -23.82 -26.72
C TYR A 700 29.87 -24.62 -26.97
N THR A 701 29.58 -25.59 -26.09
CA THR A 701 28.30 -26.33 -26.06
C THR A 701 27.35 -25.63 -25.08
N ILE A 702 26.24 -25.08 -25.59
CA ILE A 702 25.13 -24.46 -24.79
C ILE A 702 24.64 -25.46 -23.76
N PRO A 703 24.44 -25.04 -22.47
CA PRO A 703 23.95 -25.93 -21.44
C PRO A 703 22.61 -26.57 -21.85
N GLU A 704 22.25 -27.68 -21.24
CA GLU A 704 21.05 -28.48 -21.61
C GLU A 704 19.81 -27.64 -21.29
N GLY A 705 18.80 -27.65 -22.18
CA GLY A 705 17.49 -27.01 -21.93
C GLY A 705 16.98 -26.22 -23.13
N THR A 706 15.87 -25.51 -22.94
CA THR A 706 15.26 -24.56 -23.91
C THR A 706 15.63 -23.13 -23.49
N TRP A 707 16.38 -22.42 -24.33
CA TRP A 707 16.91 -21.07 -24.05
C TRP A 707 16.40 -20.09 -25.10
N TYR A 708 16.61 -18.79 -24.84
CA TYR A 708 16.29 -17.66 -25.75
C TYR A 708 17.43 -16.63 -25.69
N LEU A 709 17.96 -16.25 -26.86
CA LEU A 709 18.90 -15.10 -27.00
C LEU A 709 18.13 -13.83 -26.68
N TYR A 710 18.05 -13.48 -25.39
CA TYR A 710 17.14 -12.45 -24.83
C TYR A 710 17.42 -11.08 -25.45
N LEU A 711 18.66 -10.81 -25.88
CA LEU A 711 19.07 -9.47 -26.38
C LEU A 711 18.73 -9.33 -27.87
N GLU A 712 18.49 -10.45 -28.57
CA GLU A 712 17.98 -10.47 -29.98
C GLU A 712 16.49 -10.84 -29.98
N PRO A 716 14.48 -18.17 -29.73
CA PRO A 716 14.46 -19.53 -29.15
C PRO A 716 15.68 -20.34 -29.63
N VAL A 717 16.43 -20.94 -28.70
CA VAL A 717 17.67 -21.70 -29.00
C VAL A 717 17.63 -23.04 -28.26
N GLU A 718 18.04 -24.10 -28.96
CA GLU A 718 18.12 -25.47 -28.41
C GLU A 718 19.44 -25.60 -27.64
N GLY A 719 19.38 -26.11 -26.41
CA GLY A 719 20.56 -26.41 -25.57
C GLY A 719 21.20 -27.72 -25.97
N GLU A 720 22.42 -27.96 -25.48
CA GLU A 720 23.25 -29.16 -25.83
C GLU A 720 23.67 -29.04 -27.31
N LYS A 721 23.84 -27.82 -27.80
CA LYS A 721 24.20 -27.52 -29.20
C LYS A 721 25.56 -26.81 -29.21
N LYS A 722 26.50 -27.29 -30.04
CA LYS A 722 27.86 -26.72 -30.15
C LYS A 722 27.78 -25.46 -31.02
N ILE A 723 28.31 -24.34 -30.52
CA ILE A 723 28.42 -23.07 -31.29
C ILE A 723 29.90 -22.66 -31.34
N SER A 724 30.25 -21.91 -32.38
CA SER A 724 31.53 -21.16 -32.50
C SER A 724 31.26 -19.72 -32.02
N VAL A 725 31.88 -19.30 -30.92
CA VAL A 725 31.75 -17.93 -30.33
C VAL A 725 32.96 -17.12 -30.78
N PRO A 726 32.80 -16.10 -31.66
CA PRO A 726 33.93 -15.33 -32.16
C PRO A 726 34.71 -14.59 -31.07
N ALA A 727 35.98 -14.27 -31.37
CA ALA A 727 36.86 -13.41 -30.55
C ALA A 727 36.05 -12.23 -29.99
N HIS A 728 36.14 -12.00 -28.68
CA HIS A 728 35.66 -10.78 -27.96
C HIS A 728 34.14 -10.75 -27.80
N GLU A 729 33.42 -11.80 -28.18
CA GLU A 729 31.94 -11.83 -28.18
C GLU A 729 31.38 -12.58 -26.97
N PHE A 730 30.13 -12.30 -26.62
CA PHE A 730 29.39 -13.02 -25.55
C PHE A 730 28.10 -13.60 -26.12
N ARG A 731 27.56 -14.57 -25.42
CA ARG A 731 26.21 -15.15 -25.68
C ARG A 731 25.45 -15.08 -24.36
N LEU A 732 24.25 -14.49 -24.37
CA LEU A 732 23.35 -14.38 -23.20
C LEU A 732 22.07 -15.17 -23.48
N TYR A 733 21.77 -16.15 -22.61
CA TYR A 733 20.62 -17.09 -22.73
C TYR A 733 19.73 -16.99 -21.48
N THR A 734 18.43 -16.86 -21.69
CA THR A 734 17.39 -16.94 -20.63
C THR A 734 16.52 -18.16 -20.91
N ASN A 735 15.97 -18.80 -19.86
CA ASN A 735 15.06 -19.98 -19.99
C ASN A 735 13.63 -19.48 -20.20
N PHE A 736 13.45 -18.18 -20.44
CA PHE A 736 12.14 -17.50 -20.62
C PHE A 736 12.24 -16.52 -21.79
N ALA A 737 11.14 -16.33 -22.52
CA ALA A 737 11.03 -15.49 -23.73
C ALA A 737 11.15 -14.01 -23.34
N GLU A 738 10.06 -13.23 -23.34
CA GLU A 738 10.08 -11.79 -22.96
C GLU A 738 9.62 -11.63 -21.51
N VAL B 25 -57.78 -22.28 2.78
CA VAL B 25 -56.98 -21.03 3.00
C VAL B 25 -56.43 -21.05 4.43
N LEU B 26 -57.29 -20.78 5.42
CA LEU B 26 -57.02 -20.75 6.89
C LEU B 26 -56.48 -19.36 7.29
N HIS B 27 -55.19 -19.05 7.05
CA HIS B 27 -54.56 -17.77 7.48
C HIS B 27 -53.99 -16.99 6.28
N ASP B 28 -53.60 -15.73 6.51
CA ASP B 28 -53.14 -14.77 5.48
C ASP B 28 -51.78 -15.21 4.93
N GLY B 29 -51.63 -15.16 3.60
CA GLY B 29 -50.38 -15.49 2.88
C GLY B 29 -50.30 -16.97 2.57
N PHE B 30 -49.10 -17.56 2.71
CA PHE B 30 -48.80 -18.94 2.25
C PHE B 30 -49.19 -19.97 3.31
N ASN B 31 -49.88 -21.01 2.87
CA ASN B 31 -50.27 -22.21 3.66
C ASN B 31 -49.82 -23.45 2.87
N PHE B 32 -49.23 -24.43 3.56
CA PHE B 32 -48.63 -25.64 2.95
C PHE B 32 -49.33 -26.89 3.49
N ASP B 33 -49.65 -27.81 2.57
CA ASP B 33 -50.09 -29.21 2.85
C ASP B 33 -49.13 -30.14 2.10
N PRO B 34 -48.25 -30.89 2.80
CA PRO B 34 -48.21 -30.96 4.26
C PRO B 34 -47.57 -29.74 4.95
N ALA B 35 -47.89 -29.54 6.24
CA ALA B 35 -47.55 -28.36 7.07
C ALA B 35 -46.03 -28.19 7.14
N ILE B 36 -45.31 -29.32 7.09
CA ILE B 36 -43.84 -29.40 6.95
C ILE B 36 -43.55 -29.89 5.53
N PRO B 37 -43.26 -28.99 4.57
CA PRO B 37 -42.96 -29.43 3.21
C PRO B 37 -41.84 -30.48 3.23
N LYS B 38 -41.97 -31.51 2.39
CA LYS B 38 -40.99 -32.64 2.28
C LYS B 38 -40.40 -32.60 0.86
N ALA B 39 -39.06 -32.47 0.77
CA ALA B 39 -38.27 -32.39 -0.47
C ALA B 39 -38.76 -33.41 -1.52
N ASP B 40 -39.06 -34.64 -1.12
CA ASP B 40 -39.38 -35.76 -2.06
C ASP B 40 -40.84 -36.18 -1.94
N GLU B 41 -41.72 -35.25 -1.56
CA GLU B 41 -43.20 -35.45 -1.60
C GLU B 41 -43.82 -34.27 -2.35
N PRO B 42 -45.05 -34.41 -2.89
CA PRO B 42 -45.77 -33.27 -3.44
C PRO B 42 -46.04 -32.22 -2.35
N LEU B 43 -46.39 -31.01 -2.77
CA LEU B 43 -46.72 -29.86 -1.91
C LEU B 43 -47.85 -29.06 -2.56
N THR B 44 -48.97 -28.89 -1.85
CA THR B 44 -50.01 -27.89 -2.23
C THR B 44 -49.70 -26.60 -1.45
N ILE B 45 -49.46 -25.51 -2.19
CA ILE B 45 -49.30 -24.13 -1.65
C ILE B 45 -50.63 -23.41 -1.86
N THR B 46 -51.21 -22.86 -0.79
CA THR B 46 -52.44 -22.03 -0.83
C THR B 46 -52.08 -20.61 -0.39
N PHE B 47 -52.34 -19.63 -1.25
CA PHE B 47 -52.15 -18.18 -0.99
C PHE B 47 -53.50 -17.55 -0.68
N LYS B 48 -53.63 -16.92 0.49
CA LYS B 48 -54.83 -16.15 0.91
C LYS B 48 -54.42 -14.68 0.99
N ALA B 49 -55.00 -13.83 0.14
CA ALA B 49 -54.73 -12.37 0.07
C ALA B 49 -55.42 -11.67 1.24
N PRO B 50 -54.67 -11.02 2.16
CA PRO B 50 -55.28 -10.24 3.24
C PRO B 50 -55.90 -8.92 2.79
N GLU B 51 -57.00 -8.52 3.46
CA GLU B 51 -57.60 -7.17 3.36
C GLU B 51 -56.46 -6.14 3.35
N GLY B 52 -56.43 -5.27 2.33
CA GLY B 52 -55.41 -4.22 2.15
C GLY B 52 -54.31 -4.62 1.18
N SER B 53 -54.19 -5.91 0.85
CA SER B 53 -53.09 -6.46 0.01
C SER B 53 -53.41 -6.29 -1.48
N ASN B 54 -52.36 -6.33 -2.31
CA ASN B 54 -52.40 -6.09 -3.78
C ASN B 54 -53.47 -6.95 -4.45
N PHE B 55 -53.58 -8.23 -4.08
CA PHE B 55 -54.47 -9.20 -4.78
C PHE B 55 -55.81 -9.36 -4.06
N TYR B 56 -56.04 -8.59 -2.98
CA TYR B 56 -57.35 -8.58 -2.29
C TYR B 56 -58.41 -8.13 -3.31
N GLY B 57 -59.37 -9.01 -3.61
CA GLY B 57 -60.48 -8.78 -4.56
C GLY B 57 -60.12 -9.14 -6.00
N TYR B 58 -58.88 -9.59 -6.25
CA TYR B 58 -58.38 -9.94 -7.60
C TYR B 58 -59.20 -11.11 -8.15
N ALA B 59 -59.61 -11.02 -9.42
CA ALA B 59 -60.69 -11.84 -10.03
C ALA B 59 -60.14 -13.02 -10.81
N ASP B 60 -58.89 -12.94 -11.30
CA ASP B 60 -58.30 -13.94 -12.22
C ASP B 60 -57.31 -14.83 -11.45
N ASP B 61 -56.81 -15.87 -12.12
CA ASP B 61 -55.77 -16.78 -11.55
C ASP B 61 -54.47 -16.01 -11.38
N LEU B 62 -53.59 -16.54 -10.54
CA LEU B 62 -52.24 -15.96 -10.28
C LEU B 62 -51.20 -16.98 -10.74
N TYR B 63 -49.92 -16.61 -10.66
CA TYR B 63 -48.78 -17.47 -11.09
C TYR B 63 -47.68 -17.42 -10.03
N LEU B 64 -46.94 -18.53 -9.95
CA LEU B 64 -45.83 -18.74 -8.97
C LEU B 64 -44.49 -18.52 -9.68
N HIS B 65 -43.72 -17.55 -9.17
CA HIS B 65 -42.27 -17.37 -9.44
C HIS B 65 -41.53 -17.93 -8.22
N SER B 66 -40.82 -19.05 -8.38
CA SER B 66 -40.26 -19.81 -7.23
C SER B 66 -38.98 -20.53 -7.61
N GLY B 67 -38.12 -20.72 -6.62
CA GLY B 67 -36.86 -21.48 -6.69
C GLY B 67 -36.47 -21.93 -5.30
N THR B 68 -35.48 -22.81 -5.21
CA THR B 68 -35.02 -23.44 -3.94
C THR B 68 -33.70 -22.79 -3.51
N GLY B 69 -33.39 -22.82 -2.21
CA GLY B 69 -32.09 -22.38 -1.68
C GLY B 69 -31.89 -20.88 -1.80
N ALA B 70 -30.70 -20.41 -1.44
CA ALA B 70 -30.32 -18.98 -1.29
C ALA B 70 -30.49 -18.20 -2.61
N ASN B 71 -30.22 -18.82 -3.76
CA ASN B 71 -30.23 -18.13 -5.07
C ASN B 71 -31.23 -18.78 -6.03
N TRP B 72 -32.41 -19.19 -5.55
CA TRP B 72 -33.62 -19.50 -6.36
C TRP B 72 -33.30 -20.49 -7.48
N THR B 73 -32.69 -21.64 -7.17
CA THR B 73 -32.46 -22.75 -8.12
C THR B 73 -33.80 -23.17 -8.75
N GLY B 74 -33.86 -23.27 -10.08
CA GLY B 74 -35.05 -23.74 -10.82
C GLY B 74 -36.06 -22.64 -11.11
N ALA B 75 -35.77 -21.39 -10.70
CA ALA B 75 -36.65 -20.23 -10.96
C ALA B 75 -36.85 -20.09 -12.48
N PRO B 76 -38.08 -19.79 -12.94
CA PRO B 76 -38.33 -19.61 -14.37
C PRO B 76 -37.93 -18.20 -14.80
N THR B 77 -37.98 -17.91 -16.12
CA THR B 77 -37.96 -16.51 -16.63
C THR B 77 -39.21 -15.82 -16.06
N TRP B 78 -39.05 -14.62 -15.49
CA TRP B 78 -40.16 -13.79 -14.95
C TRP B 78 -41.27 -13.70 -16.00
N GLY B 79 -42.48 -14.13 -15.62
CA GLY B 79 -43.68 -14.07 -16.47
C GLY B 79 -44.02 -15.40 -17.14
N ASP B 80 -43.25 -16.46 -16.89
CA ASP B 80 -43.50 -17.79 -17.54
C ASP B 80 -44.87 -18.29 -17.09
N ASN B 81 -45.85 -18.33 -18.01
CA ASN B 81 -47.27 -18.62 -17.68
C ASN B 81 -47.65 -20.05 -18.08
N GLN B 82 -46.68 -20.97 -18.17
CA GLN B 82 -46.94 -22.43 -18.31
C GLN B 82 -47.87 -22.89 -17.19
N ASN B 83 -48.79 -23.81 -17.50
CA ASN B 83 -49.82 -24.37 -16.59
C ASN B 83 -49.24 -24.72 -15.21
N LYS B 84 -48.01 -25.26 -15.17
CA LYS B 84 -47.37 -25.79 -13.94
C LYS B 84 -47.09 -24.68 -12.92
N TYR B 85 -47.19 -23.40 -13.30
CA TYR B 85 -46.93 -22.23 -12.40
C TYR B 85 -48.23 -21.52 -12.02
N ARG B 86 -49.37 -22.01 -12.52
CA ARG B 86 -50.71 -21.41 -12.33
C ARG B 86 -51.25 -21.73 -10.93
N LEU B 87 -51.52 -20.70 -10.12
CA LEU B 87 -52.33 -20.83 -8.89
C LEU B 87 -53.81 -20.61 -9.28
N LYS B 88 -54.59 -21.68 -9.29
CA LYS B 88 -56.03 -21.64 -9.68
C LYS B 88 -56.83 -21.08 -8.51
N LYS B 89 -57.59 -20.01 -8.75
CA LYS B 89 -58.48 -19.37 -7.74
C LYS B 89 -59.55 -20.38 -7.32
N THR B 90 -59.67 -20.64 -6.01
CA THR B 90 -60.58 -21.66 -5.41
C THR B 90 -61.77 -20.97 -4.71
N LYS B 91 -61.48 -19.97 -3.88
CA LYS B 91 -62.49 -19.22 -3.07
C LYS B 91 -62.17 -17.73 -3.16
N ASP B 92 -62.97 -16.90 -2.47
CA ASP B 92 -62.75 -15.44 -2.31
C ASP B 92 -61.33 -15.22 -1.75
N ASN B 93 -60.41 -14.72 -2.58
CA ASN B 93 -59.04 -14.29 -2.20
C ASN B 93 -58.17 -15.50 -1.84
N VAL B 94 -58.48 -16.69 -2.36
CA VAL B 94 -57.72 -17.95 -2.13
C VAL B 94 -57.32 -18.54 -3.49
N TRP B 95 -56.03 -18.74 -3.73
CA TRP B 95 -55.47 -19.45 -4.92
C TRP B 95 -54.65 -20.65 -4.44
N SER B 96 -54.64 -21.75 -5.20
CA SER B 96 -53.95 -23.01 -4.85
C SER B 96 -53.17 -23.56 -6.04
N ILE B 97 -51.99 -24.13 -5.76
CA ILE B 97 -51.12 -24.82 -6.75
C ILE B 97 -50.52 -26.05 -6.07
N THR B 98 -50.41 -27.18 -6.77
CA THR B 98 -49.69 -28.38 -6.27
C THR B 98 -48.42 -28.56 -7.11
N LEU B 99 -47.26 -28.65 -6.44
CA LEU B 99 -45.98 -29.05 -7.06
C LEU B 99 -46.00 -30.58 -7.19
N SER B 100 -46.40 -31.06 -8.36
CA SER B 100 -46.79 -32.47 -8.59
C SER B 100 -45.54 -33.34 -8.60
N SER B 101 -45.70 -34.62 -8.26
CA SER B 101 -44.61 -35.62 -8.09
C SER B 101 -43.87 -35.32 -6.78
N SER B 102 -43.06 -34.26 -6.75
CA SER B 102 -42.26 -33.87 -5.56
C SER B 102 -41.68 -32.47 -5.75
N ILE B 103 -41.46 -31.77 -4.63
CA ILE B 103 -40.78 -30.45 -4.64
C ILE B 103 -39.49 -30.61 -5.48
N ARG B 104 -38.68 -31.63 -5.16
CA ARG B 104 -37.37 -31.87 -5.84
C ARG B 104 -37.57 -32.01 -7.35
N HIS B 105 -38.54 -32.83 -7.79
CA HIS B 105 -38.81 -33.06 -9.23
CA HIS B 105 -38.81 -33.07 -9.23
C HIS B 105 -39.23 -31.74 -9.88
N PHE B 106 -40.14 -30.99 -9.25
CA PHE B 106 -40.72 -29.73 -9.78
C PHE B 106 -39.61 -28.73 -10.16
N TYR B 107 -38.54 -28.66 -9.35
CA TYR B 107 -37.41 -27.71 -9.51
C TYR B 107 -36.22 -28.38 -10.21
N SER B 108 -36.32 -29.70 -10.50
CA SER B 108 -35.31 -30.50 -11.24
C SER B 108 -34.00 -30.54 -10.46
N VAL B 109 -34.07 -30.59 -9.13
CA VAL B 109 -32.89 -30.58 -8.22
C VAL B 109 -32.38 -32.01 -8.07
N ALA B 110 -31.06 -32.21 -8.07
CA ALA B 110 -30.42 -33.54 -7.98
C ALA B 110 -30.81 -34.18 -6.66
N PRO B 111 -31.11 -35.51 -6.65
CA PRO B 111 -31.45 -36.24 -5.43
C PRO B 111 -30.56 -36.00 -4.20
N SER B 112 -29.25 -35.80 -4.40
CA SER B 112 -28.24 -35.70 -3.31
C SER B 112 -27.96 -34.23 -2.94
N THR B 113 -28.57 -33.27 -3.66
CA THR B 113 -28.52 -31.82 -3.34
C THR B 113 -29.54 -31.51 -2.23
N PRO B 114 -29.09 -31.10 -1.02
CA PRO B 114 -30.03 -30.66 0.01
C PRO B 114 -31.01 -29.62 -0.55
N LEU B 115 -32.31 -29.87 -0.34
CA LEU B 115 -33.44 -29.01 -0.76
C LEU B 115 -34.16 -28.59 0.53
N GLN B 116 -33.84 -27.39 1.01
CA GLN B 116 -34.05 -26.99 2.42
C GLN B 116 -34.97 -25.76 2.51
N THR B 117 -35.04 -24.94 1.46
CA THR B 117 -35.97 -23.78 1.37
C THR B 117 -36.64 -23.75 0.00
N ILE B 118 -37.80 -23.11 -0.07
CA ILE B 118 -38.42 -22.63 -1.34
C ILE B 118 -38.61 -21.11 -1.20
N ASN B 119 -38.22 -20.36 -2.24
CA ASN B 119 -38.53 -18.91 -2.33
C ASN B 119 -39.82 -18.79 -3.15
N LEU B 120 -40.78 -17.98 -2.69
CA LEU B 120 -42.14 -17.91 -3.29
C LEU B 120 -42.55 -16.47 -3.55
N ILE B 121 -42.85 -16.15 -4.82
CA ILE B 121 -43.51 -14.89 -5.23
C ILE B 121 -44.77 -15.25 -6.00
N VAL B 122 -45.86 -14.56 -5.69
CA VAL B 122 -47.17 -14.63 -6.41
C VAL B 122 -47.27 -13.38 -7.29
N ARG B 123 -47.68 -13.56 -8.55
CA ARG B 123 -47.81 -12.46 -9.54
C ARG B 123 -49.05 -12.66 -10.40
N ASP B 124 -49.50 -11.59 -11.06
CA ASP B 124 -50.52 -11.59 -12.13
C ASP B 124 -49.89 -12.15 -13.42
N ALA B 125 -50.71 -12.59 -14.37
CA ALA B 125 -50.29 -13.14 -15.68
C ALA B 125 -49.32 -12.18 -16.37
N GLU B 126 -49.56 -10.87 -16.26
CA GLU B 126 -48.77 -9.79 -16.92
C GLU B 126 -47.41 -9.60 -16.23
N GLY B 127 -47.27 -10.04 -14.97
CA GLY B 127 -46.07 -9.82 -14.13
C GLY B 127 -45.88 -8.36 -13.73
N SER B 128 -46.98 -7.61 -13.54
CA SER B 128 -46.93 -6.18 -13.14
CA SER B 128 -46.96 -6.17 -13.14
C SER B 128 -47.14 -6.03 -11.62
N GLN B 129 -48.02 -6.86 -11.05
CA GLN B 129 -48.34 -6.92 -9.59
C GLN B 129 -47.68 -8.17 -9.02
N GLN B 130 -47.14 -8.09 -7.79
CA GLN B 130 -46.45 -9.22 -7.12
C GLN B 130 -46.44 -9.05 -5.61
N THR B 131 -46.31 -10.15 -4.87
CA THR B 131 -45.73 -10.21 -3.50
C THR B 131 -44.21 -10.10 -3.63
N TYR B 132 -43.50 -9.99 -2.51
CA TYR B 132 -42.03 -9.80 -2.50
C TYR B 132 -41.39 -10.98 -1.78
N ASP B 133 -40.06 -11.06 -1.83
CA ASP B 133 -39.24 -12.23 -1.41
C ASP B 133 -39.82 -12.84 -0.13
N TYR B 134 -40.23 -14.12 -0.21
CA TYR B 134 -40.66 -14.95 0.93
C TYR B 134 -40.04 -16.36 0.77
N ALA B 135 -39.59 -16.96 1.87
CA ALA B 135 -39.00 -18.33 1.90
C ALA B 135 -39.64 -19.17 3.01
N THR B 136 -39.92 -20.44 2.70
CA THR B 136 -40.39 -21.46 3.66
C THR B 136 -39.28 -22.49 3.84
N LEU B 137 -39.30 -23.24 4.95
CA LEU B 137 -38.33 -24.32 5.19
C LEU B 137 -38.89 -25.60 4.56
N VAL B 138 -37.99 -26.48 4.12
CA VAL B 138 -38.33 -27.83 3.57
C VAL B 138 -37.48 -28.87 4.32
N GLU B 139 -38.12 -29.94 4.80
CA GLU B 139 -37.43 -31.13 5.33
C GLU B 139 -36.93 -31.96 4.14
N ASP B 140 -35.65 -32.34 4.17
CA ASP B 140 -35.01 -33.25 3.18
C ASP B 140 -34.37 -34.40 3.95
N SER B 141 -35.18 -35.34 4.44
CA SER B 141 -34.76 -36.50 5.26
C SER B 141 -33.84 -37.43 4.44
N GLN B 142 -33.93 -37.42 3.10
CA GLN B 142 -33.09 -38.22 2.17
C GLN B 142 -31.61 -37.78 2.30
N ASN B 143 -31.39 -36.48 2.48
CA ASN B 143 -30.02 -35.88 2.63
C ASN B 143 -29.76 -35.48 4.08
N GLY B 144 -30.55 -36.02 5.03
CA GLY B 144 -30.30 -35.90 6.48
C GLY B 144 -30.58 -34.52 7.05
N PHE B 145 -31.65 -33.85 6.61
CA PHE B 145 -32.09 -32.53 7.13
C PHE B 145 -33.50 -32.63 7.71
N ILE B 146 -33.60 -33.08 8.97
CA ILE B 146 -34.88 -33.32 9.70
C ILE B 146 -35.08 -32.17 10.70
N TRP B 147 -36.31 -31.64 10.79
CA TRP B 147 -36.65 -30.48 11.66
C TRP B 147 -36.42 -30.86 13.12
N GLU B 148 -35.96 -29.88 13.90
CA GLU B 148 -35.60 -30.07 15.32
C GLU B 148 -35.96 -28.77 16.04
N GLU B 149 -36.75 -28.86 17.11
CA GLU B 149 -37.05 -27.72 18.01
C GLU B 149 -35.71 -27.20 18.54
N PRO B 150 -35.44 -25.87 18.46
CA PRO B 150 -34.24 -25.30 19.06
C PRO B 150 -34.11 -25.59 20.56
N GLN B 151 -32.89 -25.69 21.05
CA GLN B 151 -32.61 -25.90 22.49
C GLN B 151 -32.69 -24.56 23.21
N LYS B 152 -33.32 -24.55 24.37
CA LYS B 152 -33.35 -23.35 25.24
C LYS B 152 -32.20 -23.49 26.24
N ALA B 153 -31.29 -22.52 26.27
CA ALA B 153 -30.10 -22.56 27.15
C ALA B 153 -29.68 -21.14 27.47
N PRO B 154 -29.13 -20.89 28.68
CA PRO B 154 -28.70 -19.55 29.07
C PRO B 154 -27.38 -19.13 28.38
N LEU B 155 -27.28 -17.84 28.03
CA LEU B 155 -26.05 -17.19 27.50
C LEU B 155 -24.92 -17.43 28.50
N PRO B 156 -23.73 -17.85 28.04
CA PRO B 156 -22.58 -18.03 28.94
C PRO B 156 -21.85 -16.71 29.30
N ILE B 157 -22.28 -15.56 28.74
CA ILE B 157 -21.66 -14.22 28.96
C ILE B 157 -22.76 -13.21 29.29
N SER B 158 -22.39 -11.99 29.70
CA SER B 158 -23.31 -10.88 30.09
C SER B 158 -22.67 -9.51 29.80
N GLY B 159 -23.50 -8.44 29.85
CA GLY B 159 -23.09 -7.04 29.66
C GLY B 159 -23.83 -6.40 28.51
N GLU B 161 -22.41 -5.35 25.85
CA GLU B 161 -21.95 -5.66 24.47
C GLU B 161 -22.01 -7.17 24.20
N LYS B 162 -22.98 -7.89 24.77
CA LYS B 162 -23.09 -9.36 24.61
C LYS B 162 -23.46 -9.69 23.15
N GLU B 163 -24.26 -8.84 22.50
CA GLU B 163 -24.71 -9.05 21.10
C GLU B 163 -23.51 -8.90 20.17
N GLY B 164 -23.38 -9.79 19.19
CA GLY B 164 -22.39 -9.72 18.11
C GLY B 164 -21.46 -10.91 18.09
N ILE B 165 -20.18 -10.65 17.81
CA ILE B 165 -19.14 -11.68 17.49
C ILE B 165 -18.05 -11.66 18.57
N HIS B 166 -17.78 -12.81 19.18
CA HIS B 166 -16.78 -12.98 20.27
C HIS B 166 -15.76 -14.05 19.85
N ILE B 167 -14.51 -13.65 19.65
CA ILE B 167 -13.40 -14.61 19.37
C ILE B 167 -13.17 -15.37 20.68
N HIS B 168 -13.38 -16.69 20.66
CA HIS B 168 -13.28 -17.58 21.85
C HIS B 168 -11.86 -18.18 21.89
N SER B 169 -11.30 -18.53 20.73
CA SER B 169 -9.91 -19.03 20.55
C SER B 169 -9.50 -18.85 19.08
N ALA B 170 -8.37 -19.45 18.67
CA ALA B 170 -7.88 -19.45 17.27
C ALA B 170 -8.86 -20.22 16.39
N THR B 171 -9.54 -21.22 16.95
CA THR B 171 -10.40 -22.18 16.19
C THR B 171 -11.90 -21.98 16.49
N SER B 172 -12.31 -20.98 17.28
CA SER B 172 -13.71 -20.87 17.75
C SER B 172 -14.20 -19.42 17.90
N ILE B 173 -15.46 -19.20 17.53
CA ILE B 173 -16.18 -17.89 17.59
C ILE B 173 -17.55 -18.13 18.24
N MET B 174 -17.92 -17.28 19.20
CA MET B 174 -19.28 -17.24 19.79
C MET B 174 -20.10 -16.16 19.10
N LEU B 175 -21.28 -16.53 18.60
CA LEU B 175 -22.25 -15.60 17.96
C LEU B 175 -23.45 -15.42 18.89
N VAL B 176 -23.93 -14.17 18.99
CA VAL B 176 -25.05 -13.74 19.87
C VAL B 176 -25.91 -12.77 19.05
N LEU B 177 -27.12 -13.20 18.72
CA LEU B 177 -28.11 -12.47 17.87
C LEU B 177 -29.35 -12.18 18.72
N TYR B 178 -29.64 -10.90 18.95
CA TYR B 178 -30.82 -10.45 19.72
C TYR B 178 -32.06 -10.72 18.89
N ASP B 179 -33.11 -11.25 19.52
CA ASP B 179 -34.40 -11.57 18.88
C ASP B 179 -35.50 -11.39 19.93
N LYS B 180 -36.11 -10.20 19.92
CA LYS B 180 -37.35 -9.88 20.66
C LYS B 180 -38.04 -8.77 19.87
N ASP B 181 -39.20 -9.06 19.28
CA ASP B 181 -39.96 -8.05 18.50
C ASP B 181 -40.67 -7.14 19.52
N SER B 182 -41.38 -6.12 19.04
CA SER B 182 -41.99 -5.06 19.89
C SER B 182 -43.21 -5.58 20.66
N GLN B 183 -43.70 -6.78 20.33
CA GLN B 183 -44.85 -7.47 20.99
C GLN B 183 -44.36 -8.55 21.96
N GLY B 184 -43.05 -8.76 22.07
CA GLY B 184 -42.44 -9.77 22.96
C GLY B 184 -42.20 -11.11 22.27
N GLY B 185 -42.44 -11.20 20.96
CA GLY B 185 -42.31 -12.45 20.18
C GLY B 185 -40.89 -12.67 19.68
N HIS B 186 -40.60 -13.87 19.20
CA HIS B 186 -39.27 -14.22 18.62
C HIS B 186 -39.46 -15.29 17.53
N LYS B 187 -38.36 -15.59 16.83
CA LYS B 187 -38.33 -16.53 15.68
C LYS B 187 -38.48 -17.96 16.19
N ASP B 188 -38.83 -18.88 15.29
CA ASP B 188 -38.98 -20.32 15.61
C ASP B 188 -37.58 -20.97 15.66
N CYS B 189 -36.64 -20.55 14.81
CA CYS B 189 -35.27 -21.12 14.76
C CYS B 189 -34.31 -20.24 13.98
N VAL B 190 -33.02 -20.35 14.29
CA VAL B 190 -31.93 -19.61 13.59
C VAL B 190 -30.79 -20.58 13.29
N PHE B 191 -30.32 -20.56 12.06
CA PHE B 191 -29.14 -21.31 11.59
C PHE B 191 -28.00 -20.33 11.32
N VAL B 192 -26.75 -20.75 11.57
CA VAL B 192 -25.55 -20.06 11.03
C VAL B 192 -25.06 -20.88 9.84
N THR B 193 -25.02 -20.26 8.64
CA THR B 193 -24.45 -20.83 7.40
C THR B 193 -23.16 -20.07 7.07
N GLY B 194 -22.18 -20.75 6.50
CA GLY B 194 -20.89 -20.11 6.19
C GLY B 194 -19.99 -21.00 5.37
N ASN B 195 -18.71 -20.60 5.27
CA ASN B 195 -17.65 -21.33 4.54
C ASN B 195 -17.19 -22.53 5.39
N PHE B 196 -17.71 -22.67 6.61
CA PHE B 196 -17.41 -23.81 7.52
C PHE B 196 -18.36 -24.98 7.24
N ASN B 197 -19.42 -24.78 6.44
CA ASN B 197 -20.40 -25.85 6.15
C ASN B 197 -21.04 -25.68 4.76
N ASN B 198 -20.31 -25.02 3.85
CA ASN B 198 -20.70 -24.79 2.43
C ASN B 198 -22.14 -24.28 2.38
N TRP B 199 -22.50 -23.34 3.27
CA TRP B 199 -23.70 -22.47 3.16
C TRP B 199 -24.99 -23.30 3.17
N LYS B 200 -25.00 -24.40 3.93
CA LYS B 200 -26.16 -25.32 4.08
C LYS B 200 -26.82 -25.04 5.43
N LEU B 201 -28.12 -25.32 5.55
CA LEU B 201 -28.82 -25.42 6.84
C LEU B 201 -28.48 -26.78 7.48
N ASP B 202 -28.01 -26.77 8.72
CA ASP B 202 -27.63 -28.01 9.45
C ASP B 202 -27.99 -27.85 10.93
N SER B 203 -28.57 -28.90 11.50
CA SER B 203 -28.99 -29.04 12.92
C SER B 203 -27.82 -28.66 13.83
N ARG B 204 -26.61 -29.01 13.41
CA ARG B 204 -25.33 -28.75 14.12
C ARG B 204 -25.11 -27.23 14.30
N TYR B 205 -25.63 -26.42 13.37
CA TYR B 205 -25.45 -24.94 13.38
C TYR B 205 -26.77 -24.23 13.74
N MET B 206 -27.71 -24.97 14.33
CA MET B 206 -28.95 -24.42 14.93
C MET B 206 -28.58 -23.74 16.24
N MET B 207 -28.87 -22.44 16.36
CA MET B 207 -28.49 -21.64 17.54
C MET B 207 -29.43 -21.99 18.70
N LYS B 208 -28.92 -21.84 19.93
CA LYS B 208 -29.67 -22.00 21.19
C LYS B 208 -30.33 -20.66 21.52
N TYR B 209 -31.50 -20.68 22.18
CA TYR B 209 -32.22 -19.43 22.55
C TYR B 209 -32.25 -19.28 24.08
N ASP B 210 -31.84 -18.09 24.53
CA ASP B 210 -31.95 -17.61 25.92
C ASP B 210 -33.15 -16.66 25.99
N GLU B 211 -34.25 -17.10 26.60
CA GLU B 211 -35.53 -16.34 26.67
C GLU B 211 -35.39 -15.17 27.65
N THR B 212 -34.46 -15.23 28.61
CA THR B 212 -34.26 -14.18 29.64
C THR B 212 -33.54 -12.98 29.00
N ASN B 213 -32.46 -13.22 28.25
CA ASN B 213 -31.70 -12.16 27.53
C ASN B 213 -32.27 -11.97 26.11
N HIS B 214 -33.23 -12.81 25.69
CA HIS B 214 -33.85 -12.81 24.34
C HIS B 214 -32.74 -12.82 23.27
N CYS B 215 -31.75 -13.70 23.40
CA CYS B 215 -30.63 -13.83 22.44
C CYS B 215 -30.50 -15.28 21.95
N TRP B 216 -30.31 -15.44 20.64
CA TRP B 216 -29.78 -16.68 20.03
C TRP B 216 -28.27 -16.68 20.27
N TRP B 217 -27.70 -17.83 20.61
CA TRP B 217 -26.22 -17.93 20.69
C TRP B 217 -25.74 -19.30 20.22
N ILE B 218 -24.47 -19.37 19.80
CA ILE B 218 -23.78 -20.62 19.40
C ILE B 218 -22.27 -20.38 19.48
N THR B 219 -21.50 -21.42 19.80
CA THR B 219 -20.02 -21.42 19.65
C THR B 219 -19.67 -22.22 18.39
N LEU B 220 -19.26 -21.54 17.33
CA LEU B 220 -18.69 -22.19 16.11
C LEU B 220 -17.33 -22.76 16.50
N GLU B 221 -17.10 -24.05 16.28
CA GLU B 221 -15.89 -24.79 16.73
C GLU B 221 -15.11 -25.31 15.52
N GLU B 222 -13.83 -25.66 15.73
CA GLU B 222 -12.95 -26.33 14.74
C GLU B 222 -12.92 -25.52 13.43
N LEU B 223 -12.94 -24.18 13.53
CA LEU B 223 -12.72 -23.28 12.37
C LEU B 223 -11.24 -23.37 11.97
N THR B 224 -10.97 -23.62 10.69
CA THR B 224 -9.60 -23.82 10.15
C THR B 224 -9.30 -22.71 9.13
N ALA B 225 -10.30 -22.32 8.34
CA ALA B 225 -10.26 -21.19 7.38
C ALA B 225 -9.64 -19.97 8.05
N GLY B 226 -8.60 -19.38 7.44
CA GLY B 226 -7.96 -18.13 7.90
C GLY B 226 -8.96 -17.01 8.08
N GLU B 227 -10.01 -16.99 7.26
CA GLU B 227 -11.17 -16.08 7.45
C GLU B 227 -12.44 -16.90 7.49
N THR B 228 -13.26 -16.70 8.53
CA THR B 228 -14.63 -17.26 8.64
C THR B 228 -15.61 -16.28 7.98
N GLN B 229 -16.42 -16.80 7.06
CA GLN B 229 -17.53 -16.07 6.39
C GLN B 229 -18.83 -16.71 6.83
N PHE B 230 -19.84 -15.91 7.23
CA PHE B 230 -21.14 -16.45 7.67
C PHE B 230 -22.28 -15.44 7.45
N GLN B 231 -23.48 -16.00 7.38
CA GLN B 231 -24.74 -15.22 7.56
C GLN B 231 -25.68 -16.08 8.40
N TYR B 232 -26.74 -15.46 8.91
CA TYR B 232 -27.84 -16.16 9.61
C TYR B 232 -28.95 -16.48 8.61
N PHE B 233 -29.63 -17.61 8.83
CA PHE B 233 -30.98 -17.89 8.30
C PHE B 233 -31.93 -17.89 9.49
N VAL B 234 -32.77 -16.87 9.59
CA VAL B 234 -33.79 -16.74 10.67
C VAL B 234 -35.14 -17.17 10.09
N TYR B 235 -35.96 -17.83 10.90
CA TYR B 235 -37.23 -18.44 10.43
C TYR B 235 -38.30 -18.40 11.51
N SER B 236 -39.52 -18.07 11.09
CA SER B 236 -40.77 -18.26 11.88
C SER B 236 -41.92 -18.63 10.94
N ALA B 237 -42.95 -19.29 11.46
CA ALA B 237 -44.13 -19.72 10.68
C ALA B 237 -44.89 -18.49 10.15
N SER B 238 -44.79 -17.34 10.81
CA SER B 238 -45.50 -16.09 10.42
C SER B 238 -44.66 -15.24 9.44
N ASP B 239 -43.33 -15.30 9.49
CA ASP B 239 -42.42 -14.39 8.74
C ASP B 239 -41.76 -15.13 7.57
N GLY B 240 -41.80 -16.46 7.56
CA GLY B 240 -40.95 -17.28 6.66
C GLY B 240 -39.49 -17.17 7.03
N GLY B 241 -38.60 -17.43 6.07
CA GLY B 241 -37.13 -17.44 6.27
C GLY B 241 -36.49 -16.18 5.73
N THR B 242 -35.43 -15.70 6.38
CA THR B 242 -34.66 -14.52 5.92
C THR B 242 -33.17 -14.75 6.17
N TYR B 243 -32.35 -14.44 5.17
CA TYR B 243 -30.87 -14.42 5.28
C TYR B 243 -30.45 -13.00 5.67
N LEU B 244 -29.61 -12.87 6.68
CA LEU B 244 -29.06 -11.56 7.14
C LEU B 244 -27.72 -11.82 7.83
N CYS B 245 -26.80 -10.85 7.79
CA CYS B 245 -25.46 -11.00 8.41
C CYS B 245 -25.54 -10.50 9.86
N ASP B 246 -24.43 -10.54 10.60
CA ASP B 246 -24.39 -9.99 11.98
C ASP B 246 -24.30 -8.48 11.89
N PRO B 247 -25.20 -7.74 12.56
CA PRO B 247 -25.16 -6.27 12.52
C PRO B 247 -23.94 -5.64 13.21
N TYR B 248 -23.19 -6.39 14.03
CA TYR B 248 -22.00 -5.89 14.79
C TYR B 248 -20.70 -6.36 14.13
N CYS B 249 -20.77 -6.96 12.94
CA CYS B 249 -19.56 -7.40 12.19
C CYS B 249 -18.74 -6.17 11.80
N GLU B 250 -17.42 -6.32 11.82
CA GLU B 250 -16.43 -5.24 11.57
C GLU B 250 -15.95 -5.29 10.12
N GLN B 251 -16.25 -6.40 9.42
CA GLN B 251 -15.92 -6.60 7.98
C GLN B 251 -17.01 -7.46 7.32
N ALA B 252 -17.34 -7.13 6.06
CA ALA B 252 -18.43 -7.74 5.29
C ALA B 252 -18.00 -7.89 3.82
N LEU B 253 -18.48 -8.91 3.12
CA LEU B 253 -18.48 -8.95 1.63
C LEU B 253 -19.88 -8.55 1.15
N GLU B 254 -19.96 -7.77 0.08
CA GLU B 254 -21.25 -7.29 -0.51
C GLU B 254 -21.38 -7.83 -1.93
N LYS B 255 -22.45 -8.58 -2.21
CA LYS B 255 -22.71 -9.16 -3.55
C LYS B 255 -22.98 -8.02 -4.53
N GLY B 256 -22.30 -8.01 -5.67
CA GLY B 256 -22.34 -6.92 -6.67
C GLY B 256 -21.12 -6.03 -6.56
N VAL B 257 -20.40 -6.10 -5.44
CA VAL B 257 -19.17 -5.29 -5.15
C VAL B 257 -17.95 -6.21 -5.09
N ASP B 258 -17.96 -7.18 -4.17
CA ASP B 258 -16.80 -8.07 -3.90
C ASP B 258 -16.83 -9.26 -4.88
N THR B 259 -15.72 -9.45 -5.61
CA THR B 259 -15.55 -10.54 -6.60
C THR B 259 -15.62 -11.90 -5.89
N ASN B 260 -15.15 -11.98 -4.64
CA ASN B 260 -15.04 -13.24 -3.86
C ASN B 260 -16.28 -13.44 -2.98
N PHE B 261 -17.42 -12.77 -3.27
CA PHE B 261 -18.70 -12.99 -2.55
C PHE B 261 -19.11 -14.45 -2.79
N PRO B 262 -19.33 -15.26 -1.73
CA PRO B 262 -19.50 -16.71 -1.91
C PRO B 262 -20.80 -17.00 -2.68
N THR B 263 -20.72 -17.92 -3.65
CA THR B 263 -21.85 -18.32 -4.55
C THR B 263 -23.00 -18.92 -3.73
N GLY B 264 -22.70 -19.63 -2.63
CA GLY B 264 -23.71 -20.29 -1.77
C GLY B 264 -24.44 -19.31 -0.86
N ALA B 265 -23.88 -18.13 -0.63
CA ALA B 265 -24.46 -17.07 0.23
C ALA B 265 -25.54 -16.30 -0.54
N GLN B 266 -26.51 -15.74 0.18
CA GLN B 266 -27.48 -14.77 -0.40
C GLN B 266 -26.97 -13.33 -0.24
N ALA B 267 -27.14 -12.53 -1.28
CA ALA B 267 -27.12 -11.05 -1.23
C ALA B 267 -27.92 -10.59 -0.02
N PRO B 268 -27.64 -9.40 0.55
CA PRO B 268 -26.50 -8.57 0.15
C PRO B 268 -25.13 -8.86 0.78
N TYR B 269 -25.11 -9.28 2.06
CA TYR B 269 -23.91 -9.28 2.95
C TYR B 269 -23.59 -10.66 3.54
N VAL B 270 -22.30 -10.98 3.62
CA VAL B 270 -21.75 -11.99 4.56
C VAL B 270 -20.79 -11.28 5.52
N SER B 271 -20.78 -11.69 6.78
CA SER B 271 -19.83 -11.21 7.82
C SER B 271 -18.52 -11.97 7.66
N VAL B 272 -17.40 -11.29 7.88
CA VAL B 272 -16.03 -11.88 7.82
C VAL B 272 -15.33 -11.62 9.15
N VAL B 273 -14.73 -12.67 9.73
CA VAL B 273 -14.04 -12.68 11.05
C VAL B 273 -12.71 -13.44 10.87
N SER B 274 -11.64 -12.96 11.50
CA SER B 274 -10.28 -13.54 11.42
C SER B 274 -10.08 -14.70 12.43
N THR B 275 -10.22 -14.39 13.72
CA THR B 275 -9.74 -15.14 14.93
C THR B 275 -8.28 -14.73 15.27
N ASN B 276 -7.50 -14.27 14.28
CA ASN B 276 -6.09 -13.82 14.46
C ASN B 276 -5.85 -12.54 13.67
N PRO B 277 -6.55 -11.43 13.98
CA PRO B 277 -6.33 -10.16 13.27
C PRO B 277 -4.98 -9.52 13.65
N GLN B 278 -4.31 -8.88 12.68
CA GLN B 278 -3.11 -8.04 12.92
C GLN B 278 -3.58 -6.70 13.49
N PRO B 279 -3.29 -6.38 14.78
CA PRO B 279 -3.74 -5.13 15.37
C PRO B 279 -2.77 -3.99 14.98
N TYR B 280 -3.31 -2.89 14.49
CA TYR B 280 -2.56 -1.69 14.06
C TYR B 280 -1.86 -1.07 15.28
N GLN B 281 -0.58 -0.71 15.13
CA GLN B 281 0.23 0.01 16.16
C GLN B 281 0.04 1.52 15.97
N TRP B 282 -0.70 2.18 16.86
CA TRP B 282 -1.10 3.61 16.75
C TRP B 282 0.14 4.53 16.82
N SER B 283 0.18 5.45 17.78
CA SER B 283 1.33 6.33 18.10
C SER B 283 1.07 7.00 19.45
N ALA B 284 2.12 7.55 20.09
CA ALA B 284 2.13 8.07 21.47
C ALA B 284 0.80 8.74 21.83
N GLY B 285 0.63 10.02 21.45
CA GLY B 285 -0.58 10.82 21.76
C GLY B 285 -0.23 12.26 22.07
N PHE B 287 -3.90 12.62 21.38
CA PHE B 287 -4.15 13.71 20.39
C PHE B 287 -5.34 14.56 20.83
N GLU B 288 -5.15 15.89 20.78
CA GLU B 288 -6.19 16.91 21.08
C GLU B 288 -6.32 17.79 19.83
N MET B 289 -7.55 18.02 19.35
CA MET B 289 -7.82 18.93 18.20
C MET B 289 -7.33 20.34 18.57
N LYS B 290 -6.63 21.01 17.66
CA LYS B 290 -6.17 22.42 17.85
C LYS B 290 -7.32 23.35 17.46
N ASN B 291 -7.40 24.52 18.11
CA ASN B 291 -8.50 25.51 17.90
C ASN B 291 -9.85 24.82 18.10
N LYS B 292 -10.01 24.06 19.18
CA LYS B 292 -11.14 23.10 19.37
C LYS B 292 -12.48 23.83 19.55
N GLU B 293 -12.46 25.10 19.97
CA GLU B 293 -13.68 25.89 20.27
C GLU B 293 -14.27 26.46 18.96
N ASN B 294 -13.42 26.69 17.95
CA ASN B 294 -13.80 27.42 16.71
C ASN B 294 -13.01 26.86 15.53
N PRO B 295 -13.04 25.52 15.31
CA PRO B 295 -12.17 24.91 14.29
C PRO B 295 -12.60 25.19 12.85
N VAL B 296 -11.63 25.16 11.92
CA VAL B 296 -11.85 25.13 10.45
C VAL B 296 -11.85 23.66 10.02
N ILE B 297 -12.98 23.21 9.48
CA ILE B 297 -13.29 21.79 9.16
C ILE B 297 -13.30 21.65 7.63
N TYR B 298 -12.56 20.68 7.11
CA TYR B 298 -12.46 20.39 5.66
C TYR B 298 -13.31 19.16 5.37
N GLU B 299 -14.43 19.36 4.67
CA GLU B 299 -15.36 18.27 4.27
C GLU B 299 -14.78 17.55 3.04
N LEU B 300 -14.70 16.22 3.12
CA LEU B 300 -13.92 15.37 2.20
C LEU B 300 -14.75 14.13 1.86
N LEU B 301 -15.01 13.90 0.58
CA LEU B 301 -15.55 12.63 0.05
C LEU B 301 -14.38 11.81 -0.52
N LEU B 302 -14.07 10.68 0.12
CA LEU B 302 -12.90 9.86 -0.25
C LEU B 302 -13.05 9.39 -1.70
N ARG B 303 -14.28 9.16 -2.18
CA ARG B 303 -14.58 8.73 -3.56
C ARG B 303 -14.01 9.72 -4.59
N ASP B 304 -14.11 11.03 -4.35
CA ASP B 304 -13.79 12.09 -5.36
C ASP B 304 -12.60 12.96 -4.95
N PHE B 305 -12.01 12.76 -3.77
CA PHE B 305 -10.90 13.61 -3.26
C PHE B 305 -9.63 13.40 -4.10
N THR B 306 -9.39 12.16 -4.52
CA THR B 306 -8.25 11.75 -5.37
C THR B 306 -8.73 10.76 -6.45
N SER B 307 -7.89 10.52 -7.45
CA SER B 307 -8.18 9.64 -8.61
C SER B 307 -8.30 8.17 -8.18
N SER B 308 -7.61 7.78 -7.10
CA SER B 308 -7.67 6.43 -6.48
C SER B 308 -9.00 6.23 -5.73
N GLY B 309 -9.62 7.32 -5.27
CA GLY B 309 -10.94 7.33 -4.62
C GLY B 309 -10.94 6.54 -3.33
N ASN B 310 -9.84 6.55 -2.59
CA ASN B 310 -9.68 5.70 -1.37
C ASN B 310 -8.79 6.41 -0.34
N LEU B 311 -8.50 5.70 0.76
CA LEU B 311 -7.64 6.15 1.88
C LEU B 311 -6.20 6.34 1.40
N ALA B 312 -5.68 5.39 0.61
CA ALA B 312 -4.30 5.40 0.06
C ALA B 312 -4.06 6.74 -0.65
N GLY B 313 -4.94 7.11 -1.58
CA GLY B 313 -4.88 8.40 -2.30
C GLY B 313 -4.90 9.57 -1.34
N ALA B 314 -5.88 9.63 -0.43
CA ALA B 314 -6.08 10.72 0.55
C ALA B 314 -4.81 10.94 1.40
N MET B 315 -4.15 9.84 1.81
CA MET B 315 -2.90 9.84 2.61
C MET B 315 -1.91 10.84 1.99
N GLU B 316 -1.76 10.77 0.67
CA GLU B 316 -0.76 11.53 -0.13
C GLU B 316 -1.04 13.04 -0.10
N LYS B 317 -2.24 13.47 0.29
CA LYS B 317 -2.65 14.90 0.26
C LYS B 317 -2.71 15.51 1.67
N LEU B 318 -2.28 14.79 2.71
CA LEU B 318 -2.32 15.30 4.10
C LEU B 318 -1.32 16.46 4.27
N PRO B 319 -0.09 16.41 3.72
CA PRO B 319 0.81 17.56 3.79
C PRO B 319 0.16 18.82 3.20
N TYR B 320 -0.58 18.66 2.10
CA TYR B 320 -1.31 19.76 1.45
C TYR B 320 -2.37 20.32 2.41
N LEU B 321 -3.12 19.46 3.08
CA LEU B 321 -4.18 19.89 4.03
C LEU B 321 -3.53 20.51 5.28
N LYS B 322 -2.42 19.96 5.78
CA LYS B 322 -1.69 20.53 6.95
C LYS B 322 -1.34 21.99 6.63
N GLU B 323 -0.71 22.20 5.47
CA GLU B 323 -0.18 23.52 4.99
C GLU B 323 -1.34 24.49 4.79
N LEU B 324 -2.49 24.01 4.32
CA LEU B 324 -3.73 24.81 4.14
C LEU B 324 -4.15 25.41 5.50
N GLY B 325 -3.90 24.70 6.61
CA GLY B 325 -4.02 25.21 7.99
C GLY B 325 -5.22 24.66 8.73
N ILE B 326 -5.89 23.64 8.18
CA ILE B 326 -7.16 23.09 8.73
C ILE B 326 -6.93 22.42 10.09
N ASP B 327 -7.97 22.44 10.94
CA ASP B 327 -7.97 21.84 12.29
C ASP B 327 -8.51 20.40 12.22
N ALA B 328 -9.37 20.10 11.25
CA ALA B 328 -10.10 18.82 11.21
C ALA B 328 -10.51 18.48 9.78
N ILE B 329 -10.56 17.18 9.50
CA ILE B 329 -11.20 16.59 8.29
C ILE B 329 -12.52 15.96 8.73
N GLU B 330 -13.61 16.32 8.06
CA GLU B 330 -14.92 15.62 8.14
C GLU B 330 -15.04 14.72 6.92
N LEU B 331 -14.89 13.41 7.12
CA LEU B 331 -15.10 12.37 6.10
C LEU B 331 -16.62 12.17 5.96
N MET B 332 -17.16 12.35 4.75
CA MET B 332 -18.54 11.90 4.42
C MET B 332 -18.64 10.39 4.67
N PRO B 333 -19.85 9.83 4.91
CA PRO B 333 -20.00 8.53 5.58
C PRO B 333 -19.14 7.38 5.04
N VAL B 334 -18.36 6.73 5.90
CA VAL B 334 -17.45 5.60 5.52
C VAL B 334 -17.96 4.27 6.07
N GLN B 335 -19.05 4.26 6.84
CA GLN B 335 -19.68 2.99 7.28
C GLN B 335 -20.28 2.27 6.07
N GLU B 336 -20.17 0.94 6.02
CA GLU B 336 -20.61 0.10 4.88
C GLU B 336 -21.89 0.70 4.27
N PHE B 337 -21.82 1.16 3.02
CA PHE B 337 -22.97 1.74 2.29
C PHE B 337 -23.23 0.88 1.05
N ALA B 338 -24.45 0.94 0.52
CA ALA B 338 -24.93 0.10 -0.60
C ALA B 338 -24.02 0.36 -1.81
N GLY B 339 -23.49 -0.70 -2.42
CA GLY B 339 -22.57 -0.61 -3.56
C GLY B 339 -21.23 -0.04 -3.14
N ASN B 340 -20.51 0.56 -4.09
CA ASN B 340 -19.12 1.05 -3.90
C ASN B 340 -18.90 2.36 -4.66
N ASP B 341 -19.98 3.10 -4.92
CA ASP B 341 -19.99 4.41 -5.64
C ASP B 341 -21.15 5.24 -5.07
N SER B 342 -20.89 5.98 -4.00
CA SER B 342 -21.91 6.72 -3.22
C SER B 342 -21.29 7.90 -2.49
N TRP B 343 -22.11 8.88 -2.15
CA TRP B 343 -21.85 9.86 -1.06
C TRP B 343 -21.73 9.11 0.27
N GLY B 344 -22.49 8.01 0.43
CA GLY B 344 -22.47 7.12 1.61
C GLY B 344 -23.66 7.32 2.53
N TYR B 345 -24.69 8.06 2.13
CA TYR B 345 -25.91 8.35 2.94
C TYR B 345 -26.97 7.27 2.70
N ASN B 346 -26.54 6.02 2.83
CA ASN B 346 -27.30 4.79 2.53
C ASN B 346 -26.54 3.64 3.23
N THR B 347 -26.50 3.69 4.56
CA THR B 347 -25.72 2.79 5.45
C THR B 347 -26.45 1.45 5.64
N GLY B 348 -25.79 0.34 5.29
CA GLY B 348 -26.31 -1.02 5.49
C GLY B 348 -25.81 -1.60 6.80
N LEU B 349 -24.58 -1.24 7.19
CA LEU B 349 -23.88 -1.79 8.38
C LEU B 349 -23.12 -0.67 9.08
N TYR B 350 -23.18 -0.63 10.40
CA TYR B 350 -22.75 0.51 11.24
C TYR B 350 -21.44 0.19 11.98
N PHE B 351 -21.08 -1.10 12.10
CA PHE B 351 -19.84 -1.54 12.80
C PHE B 351 -18.75 -1.93 11.79
N ALA B 352 -19.09 -2.01 10.50
CA ALA B 352 -18.18 -2.37 9.40
C ALA B 352 -18.01 -1.16 8.48
N LEU B 353 -16.79 -0.64 8.33
CA LEU B 353 -16.52 0.50 7.42
C LEU B 353 -16.40 -0.03 6.00
N ASP B 354 -16.74 0.79 5.01
CA ASP B 354 -16.84 0.36 3.59
C ASP B 354 -15.42 0.07 3.08
N ALA B 355 -15.22 -1.14 2.58
CA ALA B 355 -13.89 -1.68 2.19
C ALA B 355 -13.44 -1.08 0.85
N SER B 356 -14.33 -0.44 0.10
CA SER B 356 -14.00 0.22 -1.21
C SER B 356 -13.00 1.38 -0.96
N TYR B 357 -13.00 1.96 0.24
CA TYR B 357 -12.05 3.01 0.68
C TYR B 357 -10.79 2.40 1.31
N GLY B 358 -10.92 1.25 1.99
CA GLY B 358 -9.76 0.53 2.53
C GLY B 358 -10.13 -0.49 3.58
N THR B 359 -9.14 -1.27 4.02
CA THR B 359 -9.24 -2.25 5.13
C THR B 359 -9.39 -1.45 6.43
N GLN B 360 -9.80 -2.12 7.52
CA GLN B 360 -9.93 -1.52 8.88
C GLN B 360 -8.61 -0.84 9.26
N ASN B 361 -7.47 -1.50 9.01
CA ASN B 361 -6.13 -1.00 9.43
C ASN B 361 -5.73 0.20 8.56
N GLU B 362 -6.25 0.30 7.33
CA GLU B 362 -6.02 1.50 6.46
C GLU B 362 -6.76 2.72 7.02
N TYR B 363 -8.00 2.54 7.52
CA TYR B 363 -8.79 3.59 8.20
C TYR B 363 -8.00 4.07 9.43
N LYS B 364 -7.49 3.14 10.23
CA LYS B 364 -6.70 3.43 11.46
C LYS B 364 -5.43 4.19 11.05
N ALA B 365 -4.72 3.69 10.03
CA ALA B 365 -3.46 4.28 9.52
C ALA B 365 -3.71 5.73 9.11
N PHE B 366 -4.84 6.01 8.46
CA PHE B 366 -5.14 7.34 7.87
C PHE B 366 -5.45 8.35 8.99
N ILE B 367 -6.27 7.95 9.97
CA ILE B 367 -6.63 8.78 11.16
C ILE B 367 -5.36 9.06 11.97
N ASP B 368 -4.52 8.04 12.16
CA ASP B 368 -3.22 8.18 12.87
C ASP B 368 -2.35 9.20 12.12
N ALA B 369 -2.32 9.13 10.79
CA ALA B 369 -1.50 10.01 9.92
C ALA B 369 -2.03 11.45 10.04
N CYS B 370 -3.36 11.61 9.97
CA CYS B 370 -4.07 12.89 10.26
C CYS B 370 -3.56 13.46 11.58
N HIS B 371 -3.64 12.67 12.66
CA HIS B 371 -3.21 13.05 14.03
C HIS B 371 -1.72 13.45 14.05
N GLN B 372 -0.87 12.71 13.32
CA GLN B 372 0.59 12.98 13.22
C GLN B 372 0.82 14.32 12.50
N ASN B 373 -0.13 14.75 11.67
CA ASN B 373 -0.12 16.03 10.92
C ASN B 373 -0.85 17.15 11.68
N GLY B 374 -1.27 16.90 12.93
CA GLY B 374 -1.98 17.87 13.79
C GLY B 374 -3.43 18.10 13.36
N ILE B 375 -4.02 17.16 12.62
CA ILE B 375 -5.39 17.29 12.05
C ILE B 375 -6.32 16.24 12.70
N ALA B 376 -7.47 16.69 13.20
CA ALA B 376 -8.50 15.83 13.84
C ALA B 376 -9.35 15.18 12.74
N VAL B 377 -10.04 14.09 13.08
CA VAL B 377 -10.94 13.38 12.13
C VAL B 377 -12.34 13.33 12.73
N ILE B 378 -13.34 13.79 11.95
CA ILE B 378 -14.79 13.75 12.27
C ILE B 378 -15.42 12.74 11.31
N PHE B 379 -16.26 11.82 11.82
CA PHE B 379 -17.09 10.90 11.00
C PHE B 379 -18.50 11.47 10.81
N ASP B 380 -18.94 11.59 9.55
CA ASP B 380 -20.36 11.82 9.16
C ASP B 380 -21.13 10.52 9.40
N VAL B 381 -22.13 10.54 10.27
CA VAL B 381 -22.86 9.32 10.71
C VAL B 381 -24.35 9.52 10.44
N VAL B 382 -25.02 8.49 9.91
CA VAL B 382 -26.40 8.58 9.34
C VAL B 382 -27.30 7.62 10.13
N TYR B 383 -28.02 8.13 11.13
CA TYR B 383 -28.85 7.32 12.03
C TYR B 383 -30.34 7.62 11.79
N ASN B 384 -30.70 8.51 10.87
CA ASN B 384 -32.13 8.76 10.58
C ASN B 384 -32.74 7.49 10.01
N HIS B 385 -32.04 6.86 9.09
CA HIS B 385 -32.52 5.72 8.27
C HIS B 385 -31.35 4.80 7.95
N THR B 386 -31.64 3.54 7.67
CA THR B 386 -30.68 2.53 7.15
C THR B 386 -31.25 2.09 5.79
N ASN B 387 -31.06 0.83 5.40
CA ASN B 387 -31.56 0.34 4.09
C ASN B 387 -31.97 -1.14 4.24
N ASN B 388 -32.48 -1.72 3.15
CA ASN B 388 -33.09 -3.07 3.15
C ASN B 388 -32.02 -4.14 3.45
N ASP B 389 -30.74 -3.79 3.37
CA ASP B 389 -29.59 -4.72 3.59
C ASP B 389 -29.29 -4.88 5.10
N ASN B 390 -29.77 -3.95 5.92
CA ASN B 390 -29.46 -3.96 7.37
C ASN B 390 -30.11 -5.17 8.03
N PRO B 391 -29.35 -5.96 8.84
CA PRO B 391 -29.92 -7.04 9.63
C PRO B 391 -31.15 -6.66 10.47
N PHE B 392 -31.17 -5.43 11.02
CA PHE B 392 -32.31 -4.92 11.83
C PHE B 392 -33.57 -4.85 10.97
N ALA B 393 -33.46 -4.48 9.70
CA ALA B 393 -34.59 -4.37 8.75
C ALA B 393 -35.08 -5.77 8.41
N ARG B 394 -34.16 -6.63 7.97
CA ARG B 394 -34.45 -7.98 7.42
C ARG B 394 -34.97 -8.90 8.55
N MET B 395 -34.60 -8.62 9.81
CA MET B 395 -34.95 -9.46 10.99
C MET B 395 -36.46 -9.48 11.22
N TYR B 396 -37.15 -8.34 11.10
CA TYR B 396 -38.64 -8.24 11.20
C TYR B 396 -39.15 -7.44 9.99
N TRP B 397 -39.37 -8.16 8.90
CA TRP B 397 -39.68 -7.62 7.55
C TRP B 397 -41.11 -8.01 7.17
N ASP B 398 -41.87 -7.04 6.67
CA ASP B 398 -43.25 -7.20 6.17
C ASP B 398 -43.19 -7.45 4.66
N THR B 399 -43.44 -8.69 4.23
CA THR B 399 -43.20 -9.22 2.86
C THR B 399 -44.35 -8.92 1.89
N PHE B 400 -45.50 -8.43 2.39
CA PHE B 400 -46.61 -7.93 1.54
C PHE B 400 -46.34 -6.49 1.09
N ASN B 401 -45.97 -5.63 2.06
CA ASN B 401 -45.78 -4.17 1.89
C ASN B 401 -44.31 -3.82 1.59
N ASN B 402 -43.39 -4.80 1.68
CA ASN B 402 -41.93 -4.67 1.37
C ASN B 402 -41.32 -3.51 2.18
N ARG B 403 -41.57 -3.52 3.48
CA ARG B 403 -41.06 -2.51 4.45
C ARG B 403 -40.85 -3.24 5.77
N PRO B 404 -40.26 -2.57 6.79
CA PRO B 404 -40.17 -3.18 8.12
C PRO B 404 -41.56 -3.56 8.66
N SER B 405 -41.62 -4.65 9.42
CA SER B 405 -42.82 -5.12 10.14
C SER B 405 -43.23 -4.06 11.17
N THR B 406 -44.51 -3.98 11.49
CA THR B 406 -45.07 -3.19 12.62
C THR B 406 -44.47 -3.68 13.95
N LYS B 407 -43.89 -4.89 13.94
CA LYS B 407 -43.33 -5.59 15.13
CA LYS B 407 -43.32 -5.59 15.13
C LYS B 407 -41.82 -5.27 15.27
N ASN B 408 -41.24 -4.59 14.28
CA ASN B 408 -39.78 -4.28 14.27
C ASN B 408 -39.45 -3.36 15.45
N PRO B 409 -38.54 -3.76 16.37
CA PRO B 409 -38.27 -2.97 17.57
C PRO B 409 -37.33 -1.77 17.38
N TRP B 410 -36.65 -1.68 16.22
CA TRP B 410 -35.70 -0.59 15.87
C TRP B 410 -36.32 0.41 14.88
N LEU B 411 -37.03 -0.11 13.88
CA LEU B 411 -37.49 0.64 12.69
C LEU B 411 -39.00 0.78 12.69
N ASN B 412 -39.49 1.89 12.13
CA ASN B 412 -40.92 2.16 11.81
C ASN B 412 -41.26 1.40 10.53
N ALA B 413 -42.52 0.95 10.42
CA ALA B 413 -43.06 0.29 9.20
C ALA B 413 -43.18 1.34 8.10
N VAL B 414 -43.80 2.47 8.45
CA VAL B 414 -43.96 3.67 7.57
C VAL B 414 -43.22 4.85 8.22
N THR B 415 -42.50 5.63 7.42
CA THR B 415 -41.77 6.86 7.87
C THR B 415 -42.78 7.86 8.44
N PRO B 416 -42.65 8.25 9.72
CA PRO B 416 -43.52 9.25 10.32
C PRO B 416 -43.43 10.61 9.63
N HIS B 417 -42.23 11.05 9.25
CA HIS B 417 -41.98 12.38 8.61
C HIS B 417 -42.09 12.23 7.08
N GLN B 418 -43.31 12.36 6.54
CA GLN B 418 -43.67 11.90 5.18
C GLN B 418 -43.06 12.79 4.09
N LYS B 419 -42.60 14.00 4.43
CA LYS B 419 -41.91 14.89 3.46
C LYS B 419 -40.52 14.36 3.12
N TYR B 420 -39.86 13.63 4.05
CA TYR B 420 -38.48 13.12 3.85
C TYR B 420 -38.42 11.62 4.12
N VAL B 421 -38.53 10.84 3.05
CA VAL B 421 -38.46 9.35 3.07
C VAL B 421 -37.23 8.95 2.23
N PHE B 422 -36.08 8.80 2.89
CA PHE B 422 -34.76 8.56 2.24
C PHE B 422 -34.58 7.06 1.95
N SER B 423 -35.25 6.21 2.73
CA SER B 423 -35.30 4.74 2.50
C SER B 423 -36.63 4.20 3.01
N PRO B 424 -36.94 2.92 2.78
CA PRO B 424 -38.05 2.28 3.48
C PRO B 424 -37.79 2.05 4.98
N ASP B 425 -36.60 2.41 5.49
CA ASP B 425 -36.07 1.90 6.78
C ASP B 425 -35.68 3.07 7.70
N ASP B 426 -36.70 3.72 8.29
CA ASP B 426 -36.59 4.91 9.18
C ASP B 426 -36.48 4.42 10.62
N PHE B 427 -35.39 4.76 11.31
CA PHE B 427 -35.11 4.40 12.72
C PHE B 427 -36.13 5.10 13.63
N ASN B 428 -36.62 4.38 14.64
CA ASN B 428 -37.50 4.87 15.72
C ASN B 428 -36.63 5.26 16.92
N HIS B 429 -36.30 6.54 17.07
CA HIS B 429 -35.40 7.06 18.12
C HIS B 429 -36.11 7.17 19.48
N THR B 430 -37.33 6.63 19.64
CA THR B 430 -37.98 6.44 20.98
C THR B 430 -37.85 4.97 21.44
N SER B 431 -37.31 4.08 20.61
CA SER B 431 -37.03 2.67 20.96
C SER B 431 -35.80 2.60 21.87
N GLU B 432 -35.90 1.85 22.97
CA GLU B 432 -34.74 1.61 23.88
C GLU B 432 -33.67 0.82 23.12
N GLN B 433 -34.07 -0.06 22.19
CA GLN B 433 -33.15 -0.92 21.40
C GLN B 433 -32.40 -0.03 20.38
N THR B 434 -33.09 0.92 19.75
CA THR B 434 -32.47 1.90 18.81
C THR B 434 -31.46 2.76 19.56
N LYS B 435 -31.86 3.35 20.69
CA LYS B 435 -31.02 4.27 21.51
C LYS B 435 -29.78 3.54 22.03
N ALA B 436 -29.92 2.27 22.45
CA ALA B 436 -28.80 1.45 22.96
C ALA B 436 -27.81 1.18 21.82
N PHE B 437 -28.31 0.88 20.63
CA PHE B 437 -27.49 0.58 19.42
C PHE B 437 -26.73 1.82 18.96
N VAL B 438 -27.35 3.00 18.96
CA VAL B 438 -26.68 4.26 18.51
C VAL B 438 -25.55 4.58 19.50
N LYS B 439 -25.83 4.50 20.81
CA LYS B 439 -24.82 4.75 21.87
C LYS B 439 -23.65 3.76 21.74
N ARG B 440 -23.93 2.47 21.51
CA ARG B 440 -22.86 1.44 21.35
C ARG B 440 -22.01 1.76 20.12
N ASN B 441 -22.65 2.17 19.02
CA ASN B 441 -21.97 2.45 17.73
C ASN B 441 -21.08 3.69 17.88
N LEU B 442 -21.56 4.73 18.54
CA LEU B 442 -20.76 5.97 18.78
C LEU B 442 -19.52 5.61 19.60
N LYS B 443 -19.69 4.87 20.71
CA LYS B 443 -18.58 4.42 21.58
C LYS B 443 -17.62 3.55 20.75
N TYR B 444 -18.13 2.66 19.90
CA TYR B 444 -17.32 1.77 19.04
C TYR B 444 -16.38 2.61 18.15
N LEU B 445 -16.91 3.63 17.47
CA LEU B 445 -16.15 4.41 16.46
C LEU B 445 -15.08 5.25 17.15
N LEU B 446 -15.40 5.79 18.33
CA LEU B 446 -14.43 6.54 19.16
C LEU B 446 -13.31 5.60 19.61
N ASP B 447 -13.66 4.42 20.13
CA ASP B 447 -12.69 3.47 20.77
C ASP B 447 -11.78 2.83 19.71
N THR B 448 -12.36 2.40 18.59
CA THR B 448 -11.66 1.58 17.56
C THR B 448 -10.87 2.48 16.60
N TYR B 449 -11.44 3.62 16.21
CA TYR B 449 -10.90 4.46 15.12
C TYR B 449 -10.28 5.74 15.67
N HIS B 450 -10.38 5.99 16.98
CA HIS B 450 -9.65 7.08 17.68
C HIS B 450 -10.01 8.44 17.06
N ILE B 451 -11.27 8.61 16.65
CA ILE B 451 -11.76 9.81 15.92
C ILE B 451 -12.04 10.91 16.96
N ASP B 452 -12.32 12.13 16.50
CA ASP B 452 -12.29 13.34 17.35
C ASP B 452 -13.68 13.95 17.49
N GLY B 453 -14.68 13.34 16.86
CA GLY B 453 -16.03 13.92 16.81
C GLY B 453 -16.88 13.33 15.72
N PHE B 454 -18.15 13.71 15.73
CA PHE B 454 -19.24 13.22 14.85
C PHE B 454 -19.94 14.41 14.21
N ARG B 455 -20.36 14.24 12.96
CA ARG B 455 -21.38 15.09 12.29
C ARG B 455 -22.62 14.23 12.07
N PHE B 456 -23.70 14.48 12.82
CA PHE B 456 -24.96 13.71 12.70
C PHE B 456 -25.78 14.24 11.53
N ASP B 457 -25.99 13.38 10.52
CA ASP B 457 -26.82 13.64 9.32
C ASP B 457 -28.30 13.71 9.72
N PHE B 458 -29.04 14.67 9.17
CA PHE B 458 -30.53 14.78 9.21
C PHE B 458 -31.07 14.42 10.60
N THR B 459 -30.63 15.16 11.64
CA THR B 459 -31.14 14.98 13.03
C THR B 459 -32.59 15.46 13.11
N LYS B 460 -33.06 16.23 12.13
CA LYS B 460 -34.49 16.62 12.00
C LYS B 460 -35.36 15.34 11.93
N GLY B 461 -34.85 14.25 11.35
CA GLY B 461 -35.58 12.98 11.16
C GLY B 461 -35.69 12.13 12.43
N PHE B 462 -35.07 12.52 13.54
CA PHE B 462 -35.07 11.71 14.79
C PHE B 462 -36.40 11.97 15.55
N THR B 463 -37.54 11.71 14.90
CA THR B 463 -38.90 12.04 15.41
C THR B 463 -39.92 10.98 15.01
N GLN B 464 -40.84 10.69 15.92
CA GLN B 464 -41.97 9.72 15.75
C GLN B 464 -43.25 10.46 15.34
N LYS B 465 -43.28 11.79 15.40
CA LYS B 465 -44.48 12.62 15.10
C LYS B 465 -44.87 12.43 13.62
N GLN B 466 -46.17 12.25 13.35
CA GLN B 466 -46.71 12.15 11.97
C GLN B 466 -46.74 13.56 11.36
N THR B 467 -45.97 13.80 10.30
CA THR B 467 -45.89 15.09 9.56
C THR B 467 -45.89 14.82 8.05
N THR B 468 -46.29 15.83 7.25
CA THR B 468 -46.32 15.79 5.76
C THR B 468 -45.53 16.95 5.13
N GLY B 469 -45.17 17.98 5.90
CA GLY B 469 -44.56 19.22 5.39
C GLY B 469 -43.22 19.53 6.04
N ASP B 470 -42.67 20.71 5.76
CA ASP B 470 -41.44 21.25 6.39
C ASP B 470 -41.77 21.91 7.73
N ASP B 471 -42.93 22.57 7.82
CA ASP B 471 -43.30 23.43 8.97
C ASP B 471 -43.62 22.55 10.19
N ASP B 472 -44.42 21.49 10.01
CA ASP B 472 -44.86 20.62 11.11
C ASP B 472 -43.67 19.80 11.64
N LEU B 473 -42.75 19.44 10.74
CA LEU B 473 -41.53 18.65 11.03
C LEU B 473 -40.55 19.51 11.84
N ALA B 474 -40.34 20.76 11.42
CA ALA B 474 -39.36 21.70 12.03
C ALA B 474 -39.88 22.19 13.38
N ALA B 475 -41.21 22.18 13.59
CA ALA B 475 -41.87 22.57 14.86
C ALA B 475 -41.27 21.71 15.98
N THR B 476 -41.10 22.29 17.17
CA THR B 476 -40.33 21.64 18.26
C THR B 476 -41.00 20.31 18.60
N ASP B 477 -40.17 19.29 18.84
CA ASP B 477 -40.56 17.95 19.35
C ASP B 477 -39.69 17.66 20.57
N PRO B 478 -40.23 17.75 21.82
CA PRO B 478 -39.44 17.55 23.03
C PRO B 478 -38.69 16.20 23.09
N ALA B 479 -39.24 15.15 22.48
CA ALA B 479 -38.62 13.80 22.38
C ALA B 479 -37.42 13.83 21.44
N ARG B 480 -37.48 14.61 20.35
CA ARG B 480 -36.33 14.78 19.41
C ARG B 480 -35.22 15.52 20.16
N VAL B 481 -35.58 16.61 20.85
CA VAL B 481 -34.65 17.45 21.65
C VAL B 481 -33.96 16.56 22.69
N SER B 482 -34.72 15.73 23.39
CA SER B 482 -34.26 14.85 24.49
C SER B 482 -33.27 13.80 23.99
N VAL B 483 -33.57 13.12 22.87
CA VAL B 483 -32.73 12.00 22.35
C VAL B 483 -31.43 12.58 21.76
N LEU B 484 -31.48 13.76 21.15
CA LEU B 484 -30.28 14.46 20.62
C LEU B 484 -29.33 14.86 21.76
N LYS B 485 -29.83 15.43 22.87
CA LYS B 485 -29.00 15.74 24.06
C LYS B 485 -28.40 14.43 24.59
N GLU B 486 -29.16 13.34 24.52
CA GLU B 486 -28.77 12.01 25.04
C GLU B 486 -27.60 11.44 24.21
N TYR B 487 -27.68 11.46 22.89
CA TYR B 487 -26.57 11.01 22.02
C TYR B 487 -25.36 11.90 22.25
N TYR B 488 -25.58 13.20 22.48
CA TYR B 488 -24.49 14.17 22.73
C TYR B 488 -23.75 13.75 24.01
N GLU B 489 -24.51 13.50 25.08
CA GLU B 489 -23.94 13.14 26.40
C GLU B 489 -23.24 11.77 26.30
N ALA B 490 -23.74 10.85 25.47
CA ALA B 490 -23.14 9.50 25.29
C ALA B 490 -21.74 9.64 24.67
N VAL B 491 -21.59 10.53 23.68
CA VAL B 491 -20.28 10.84 23.03
C VAL B 491 -19.34 11.40 24.11
N LYS B 492 -19.81 12.39 24.87
CA LYS B 492 -19.03 13.12 25.90
C LYS B 492 -18.56 12.17 27.02
N ALA B 493 -19.39 11.20 27.41
CA ALA B 493 -19.07 10.20 28.46
C ALA B 493 -17.91 9.29 28.02
N VAL B 494 -17.70 9.14 26.71
CA VAL B 494 -16.57 8.33 26.14
C VAL B 494 -15.36 9.22 25.91
N LYS B 495 -15.53 10.37 25.24
CA LYS B 495 -14.44 11.33 24.94
C LYS B 495 -14.93 12.76 25.23
N GLU B 496 -14.54 13.31 26.37
CA GLU B 496 -15.02 14.61 26.90
C GLU B 496 -14.84 15.73 25.86
N ASP B 497 -13.80 15.68 25.03
CA ASP B 497 -13.45 16.79 24.11
C ASP B 497 -13.79 16.43 22.66
N ALA B 498 -14.58 15.37 22.44
CA ALA B 498 -15.09 14.99 21.10
C ALA B 498 -16.02 16.11 20.62
N MET B 499 -15.86 16.55 19.36
CA MET B 499 -16.77 17.56 18.80
C MET B 499 -18.04 16.87 18.28
N VAL B 500 -19.21 17.34 18.73
CA VAL B 500 -20.54 16.83 18.28
C VAL B 500 -21.22 17.94 17.48
N THR B 501 -21.37 17.72 16.17
CA THR B 501 -22.08 18.62 15.23
C THR B 501 -23.31 17.89 14.71
N MET B 502 -24.39 18.63 14.45
CA MET B 502 -25.66 18.07 13.92
C MET B 502 -26.14 18.95 12.77
N GLU B 503 -26.53 18.32 11.67
CA GLU B 503 -27.27 18.95 10.56
C GLU B 503 -28.75 18.89 10.90
N HIS B 504 -29.27 19.93 11.56
CA HIS B 504 -30.61 19.91 12.21
C HIS B 504 -31.61 20.79 11.45
N PHE B 505 -31.41 22.11 11.48
CA PHE B 505 -32.30 23.12 10.85
C PHE B 505 -33.71 23.07 11.46
N CYS B 506 -33.80 22.84 12.77
CA CYS B 506 -35.01 23.11 13.60
C CYS B 506 -34.66 24.27 14.55
N ALA B 507 -34.98 25.51 14.14
CA ALA B 507 -34.41 26.76 14.70
C ALA B 507 -34.58 26.77 16.23
N ASN B 508 -35.78 26.56 16.76
CA ASN B 508 -36.06 26.67 18.22
C ASN B 508 -35.27 25.59 18.97
N GLU B 509 -35.13 24.38 18.41
CA GLU B 509 -34.39 23.26 19.04
C GLU B 509 -32.89 23.54 19.04
N GLU B 510 -32.37 24.19 17.98
CA GLU B 510 -30.95 24.59 17.86
C GLU B 510 -30.60 25.59 18.99
N THR B 511 -31.48 26.55 19.27
CA THR B 511 -31.23 27.55 20.36
C THR B 511 -31.05 26.80 21.69
N THR B 512 -31.95 25.85 21.98
CA THR B 512 -32.01 25.08 23.25
C THR B 512 -30.79 24.15 23.33
N LEU B 513 -30.51 23.41 22.26
CA LEU B 513 -29.48 22.34 22.24
C LEU B 513 -28.09 22.96 22.18
N ALA B 514 -27.91 24.09 21.49
CA ALA B 514 -26.63 24.82 21.39
C ALA B 514 -26.12 25.15 22.80
N THR B 515 -27.03 25.42 23.74
CA THR B 515 -26.72 25.78 25.16
C THR B 515 -26.08 24.60 25.89
N GLU B 516 -26.37 23.36 25.47
CA GLU B 516 -25.77 22.12 26.07
C GLU B 516 -24.35 21.91 25.53
N GLY B 517 -24.01 22.54 24.40
CA GLY B 517 -22.68 22.47 23.75
C GLY B 517 -22.69 21.69 22.45
N ILE B 518 -23.87 21.33 21.93
CA ILE B 518 -24.04 20.74 20.57
C ILE B 518 -23.76 21.84 19.53
N HIS B 519 -22.98 21.52 18.49
CA HIS B 519 -22.72 22.39 17.31
C HIS B 519 -23.71 22.06 16.19
N PHE B 520 -24.07 23.07 15.39
CA PHE B 520 -25.12 22.97 14.34
C PHE B 520 -24.58 23.54 13.02
N TRP B 521 -25.01 22.93 11.93
CA TRP B 521 -24.75 23.42 10.56
C TRP B 521 -25.48 24.74 10.36
N ARG B 522 -24.75 25.76 9.86
CA ARG B 522 -25.29 27.10 9.55
C ARG B 522 -25.04 27.33 8.06
N ASN B 523 -26.08 27.14 7.24
CA ASN B 523 -25.99 27.05 5.75
C ASN B 523 -26.00 28.48 5.17
N MET B 524 -24.83 29.01 4.82
CA MET B 524 -24.72 30.35 4.19
C MET B 524 -24.39 30.19 2.71
N ASN B 525 -24.76 29.05 2.10
CA ASN B 525 -24.39 28.75 0.68
C ASN B 525 -25.10 29.71 -0.26
N HIS B 526 -26.41 29.95 -0.08
CA HIS B 526 -27.16 30.88 -0.96
C HIS B 526 -26.51 32.27 -0.92
N SER B 527 -26.24 32.83 0.26
CA SER B 527 -25.75 34.24 0.39
C SER B 527 -24.39 34.39 -0.32
N TYR B 528 -23.45 33.46 -0.10
CA TYR B 528 -22.06 33.52 -0.63
C TYR B 528 -22.06 33.10 -2.11
N CYS B 529 -23.03 32.31 -2.56
CA CYS B 529 -23.25 32.06 -4.00
C CYS B 529 -23.62 33.39 -4.68
N GLN B 530 -24.57 34.14 -4.11
CA GLN B 530 -25.08 35.42 -4.68
C GLN B 530 -23.92 36.42 -4.75
N SER B 531 -23.17 36.56 -3.66
CA SER B 531 -22.00 37.48 -3.56
C SER B 531 -20.89 37.02 -4.51
N ALA B 532 -20.64 35.71 -4.63
CA ALA B 532 -19.62 35.18 -5.57
C ALA B 532 -19.98 35.65 -6.99
N MET B 533 -21.28 35.71 -7.30
CA MET B 533 -21.82 36.06 -8.64
C MET B 533 -21.91 37.59 -8.83
N GLY B 534 -21.79 38.35 -7.75
CA GLY B 534 -21.91 39.82 -7.77
C GLY B 534 -23.36 40.25 -7.89
N TRP B 535 -24.29 39.48 -7.30
CA TRP B 535 -25.73 39.82 -7.18
C TRP B 535 -26.08 40.13 -5.72
N LYS B 536 -26.57 41.34 -5.44
CA LYS B 536 -26.86 41.78 -4.05
C LYS B 536 -28.12 41.09 -3.49
N ASP B 537 -29.07 40.66 -4.32
CA ASP B 537 -30.31 39.98 -3.84
C ASP B 537 -29.93 38.72 -3.06
N ASN B 538 -30.47 38.57 -1.83
CA ASN B 538 -30.27 37.39 -0.94
C ASN B 538 -28.77 37.08 -0.77
N SER B 539 -27.95 38.11 -0.56
CA SER B 539 -26.48 38.04 -0.36
C SER B 539 -26.09 38.34 1.09
N ASP B 540 -27.05 38.44 1.99
CA ASP B 540 -26.85 38.82 3.42
C ASP B 540 -26.03 37.73 4.13
N PHE B 541 -24.85 38.07 4.65
CA PHE B 541 -23.90 37.12 5.31
C PHE B 541 -24.24 36.91 6.79
N SER B 542 -25.16 37.70 7.36
CA SER B 542 -25.29 37.89 8.83
C SER B 542 -25.53 36.56 9.57
N GLY B 543 -26.22 35.60 8.95
CA GLY B 543 -26.48 34.26 9.52
C GLY B 543 -25.23 33.51 9.91
N LEU B 544 -24.06 33.88 9.37
CA LEU B 544 -22.77 33.19 9.64
C LEU B 544 -22.41 33.33 11.13
N TYR B 545 -22.74 34.48 11.74
CA TYR B 545 -22.36 34.83 13.12
C TYR B 545 -23.61 34.82 14.02
N ASP B 546 -23.73 33.82 14.91
CA ASP B 546 -24.82 33.75 15.93
C ASP B 546 -24.43 34.64 17.12
N THR B 547 -25.22 35.69 17.40
CA THR B 547 -24.90 36.73 18.42
C THR B 547 -24.98 36.13 19.83
N THR B 548 -25.77 35.07 20.06
CA THR B 548 -25.93 34.43 21.39
C THR B 548 -24.75 33.49 21.65
N ARG B 549 -24.53 32.51 20.78
CA ARG B 549 -23.48 31.47 20.94
C ARG B 549 -22.71 31.29 19.64
N PRO B 550 -21.77 32.20 19.28
CA PRO B 550 -21.05 32.11 18.01
C PRO B 550 -20.30 30.80 17.76
N ASN B 551 -19.72 30.17 18.79
CA ASN B 551 -18.87 28.96 18.65
C ASN B 551 -19.72 27.70 18.43
N GLN B 552 -21.04 27.76 18.58
CA GLN B 552 -21.92 26.56 18.46
C GLN B 552 -22.48 26.41 17.04
N PHE B 553 -22.11 27.27 16.08
CA PHE B 553 -22.65 27.22 14.71
C PHE B 553 -21.51 27.15 13.69
N VAL B 554 -21.44 26.01 12.99
CA VAL B 554 -20.43 25.73 11.93
C VAL B 554 -20.93 26.37 10.63
N GLY B 555 -20.40 27.54 10.30
CA GLY B 555 -20.75 28.27 9.08
C GLY B 555 -20.03 27.69 7.87
N TYR B 556 -20.69 27.68 6.72
CA TYR B 556 -20.10 27.26 5.43
C TYR B 556 -20.76 28.04 4.28
N MET B 557 -19.92 28.39 3.31
CA MET B 557 -20.31 28.95 1.99
C MET B 557 -20.66 27.78 1.06
N GLU B 558 -20.08 26.59 1.31
CA GLU B 558 -20.25 25.39 0.46
C GLU B 558 -20.35 24.12 1.33
N SER B 559 -21.17 23.18 0.90
CA SER B 559 -21.16 21.77 1.39
C SER B 559 -21.40 20.81 0.22
N HIS B 560 -21.16 19.53 0.45
CA HIS B 560 -21.42 18.44 -0.52
C HIS B 560 -22.86 18.52 -1.04
N ASP B 561 -23.79 19.12 -0.26
CA ASP B 561 -25.24 19.18 -0.58
C ASP B 561 -25.60 20.39 -1.46
N GLU B 562 -24.67 21.33 -1.70
CA GLU B 562 -25.00 22.60 -2.41
C GLU B 562 -24.21 22.74 -3.73
N GLU B 563 -24.70 23.64 -4.59
CA GLU B 563 -24.01 24.06 -5.83
C GLU B 563 -22.76 24.84 -5.44
N ARG B 564 -21.76 24.86 -6.33
CA ARG B 564 -20.46 25.54 -6.08
C ARG B 564 -20.61 27.03 -6.37
N CYS B 565 -20.09 27.87 -5.49
CA CYS B 565 -20.00 29.35 -5.69
C CYS B 565 -19.31 29.62 -7.04
N ALA B 566 -18.20 28.94 -7.31
CA ALA B 566 -17.38 29.14 -8.53
C ALA B 566 -18.17 28.69 -9.79
N TYR B 567 -19.04 27.68 -9.69
CA TYR B 567 -19.85 27.23 -10.85
C TYR B 567 -20.91 28.29 -11.17
N LYS B 568 -21.63 28.76 -10.16
CA LYS B 568 -22.66 29.83 -10.29
C LYS B 568 -22.06 31.02 -11.06
N GLN B 569 -20.81 31.45 -10.75
CA GLN B 569 -20.14 32.57 -11.47
C GLN B 569 -20.21 32.32 -12.98
N ILE B 570 -19.79 31.13 -13.42
CA ILE B 570 -19.78 30.73 -14.87
C ILE B 570 -21.19 30.83 -15.44
N GLU B 571 -22.20 30.35 -14.70
CA GLU B 571 -23.56 30.12 -15.25
C GLU B 571 -24.28 31.46 -15.46
N TYR B 572 -24.31 32.34 -14.45
CA TYR B 572 -25.00 33.65 -14.56
C TYR B 572 -24.36 34.71 -13.65
N GLY B 573 -23.03 34.66 -13.50
CA GLY B 573 -22.23 35.72 -12.85
C GLY B 573 -22.51 37.10 -13.45
N ASN B 574 -22.29 38.14 -12.65
CA ASN B 574 -22.50 39.57 -13.02
C ASN B 574 -21.36 40.00 -13.96
N GLY B 575 -21.66 40.29 -15.22
CA GLY B 575 -20.66 40.78 -16.20
C GLY B 575 -19.45 39.87 -16.28
N ALA B 576 -18.26 40.40 -15.98
CA ALA B 576 -16.94 39.72 -16.15
C ALA B 576 -16.81 38.49 -15.24
N LEU B 577 -17.65 38.38 -14.21
CA LEU B 577 -17.60 37.22 -13.28
C LEU B 577 -18.00 35.91 -13.99
N LYS B 578 -18.53 35.96 -15.21
CA LYS B 578 -18.87 34.74 -16.00
C LYS B 578 -17.63 34.16 -16.70
N THR B 579 -16.66 35.00 -17.06
CA THR B 579 -15.65 34.67 -18.10
C THR B 579 -14.22 35.07 -17.70
N ASN B 580 -14.06 35.94 -16.69
CA ASN B 580 -12.73 36.46 -16.29
C ASN B 580 -12.26 35.71 -15.04
N LEU B 581 -11.34 34.75 -15.18
CA LEU B 581 -10.85 33.90 -14.05
C LEU B 581 -10.15 34.79 -13.01
N SER B 582 -9.32 35.75 -13.43
CA SER B 582 -8.64 36.71 -12.53
C SER B 582 -9.67 37.37 -11.60
N GLU B 583 -10.74 37.94 -12.17
CA GLU B 583 -11.79 38.68 -11.43
C GLU B 583 -12.61 37.72 -10.56
N ARG B 584 -12.92 36.52 -11.06
CA ARG B 584 -13.64 35.47 -10.30
C ARG B 584 -12.85 35.14 -9.01
N LEU B 585 -11.54 34.94 -9.11
CA LEU B 585 -10.68 34.55 -7.96
C LEU B 585 -10.61 35.70 -6.94
N LYS B 586 -10.51 36.94 -7.41
CA LYS B 586 -10.64 38.15 -6.55
C LYS B 586 -11.96 38.07 -5.75
N GLN B 587 -13.07 37.83 -6.45
CA GLN B 587 -14.41 37.81 -5.80
C GLN B 587 -14.49 36.68 -4.77
N LEU B 588 -13.92 35.50 -5.08
CA LEU B 588 -13.95 34.33 -4.15
C LEU B 588 -13.01 34.62 -2.97
N SER B 589 -11.91 35.36 -3.20
CA SER B 589 -10.99 35.85 -2.14
C SER B 589 -11.77 36.74 -1.16
N SER B 590 -12.60 37.64 -1.68
CA SER B 590 -13.37 38.62 -0.87
C SER B 590 -14.47 37.88 -0.10
N ASN B 591 -15.08 36.83 -0.67
CA ASN B 591 -15.96 35.92 0.11
C ASN B 591 -15.19 35.41 1.32
N ALA B 592 -13.99 34.86 1.10
CA ALA B 592 -13.18 34.17 2.12
C ALA B 592 -12.77 35.17 3.22
N ALA B 593 -12.51 36.42 2.81
CA ALA B 593 -12.15 37.56 3.70
C ALA B 593 -13.37 37.97 4.53
N PHE B 594 -14.59 37.49 4.20
CA PHE B 594 -15.81 37.70 5.01
C PHE B 594 -16.35 36.38 5.57
N PHE B 595 -15.48 35.38 5.76
CA PHE B 595 -15.83 34.01 6.21
C PHE B 595 -14.87 33.53 7.30
N PHE B 596 -13.57 33.38 7.00
CA PHE B 596 -12.54 32.86 7.94
C PHE B 596 -12.16 33.92 8.98
N THR B 597 -12.60 35.16 8.76
CA THR B 597 -12.33 36.32 9.65
C THR B 597 -13.45 36.44 10.69
N VAL B 598 -14.43 35.53 10.67
CA VAL B 598 -15.62 35.59 11.56
C VAL B 598 -15.44 34.56 12.69
N PRO B 599 -15.66 34.95 13.96
CA PRO B 599 -15.68 34.01 15.08
C PRO B 599 -16.57 32.77 14.85
N GLY B 600 -16.24 31.68 15.55
CA GLY B 600 -17.00 30.41 15.54
C GLY B 600 -16.45 29.46 14.49
N PRO B 601 -16.77 28.15 14.57
CA PRO B 601 -16.25 27.15 13.64
C PRO B 601 -16.66 27.48 12.20
N LYS B 602 -15.86 27.01 11.24
CA LYS B 602 -16.13 27.17 9.79
C LYS B 602 -15.90 25.80 9.13
N MET B 603 -16.69 25.50 8.09
CA MET B 603 -16.44 24.33 7.20
C MET B 603 -16.22 24.82 5.76
N LEU B 604 -15.28 24.18 5.05
CA LEU B 604 -15.14 24.31 3.58
C LEU B 604 -15.23 22.90 2.96
N TRP B 605 -15.98 22.80 1.87
CA TRP B 605 -16.16 21.58 1.04
C TRP B 605 -14.94 21.44 0.12
N GLN B 606 -14.36 20.24 0.02
CA GLN B 606 -13.10 19.97 -0.74
C GLN B 606 -13.04 20.77 -2.04
N PHE B 607 -11.92 21.48 -2.25
CA PHE B 607 -11.49 22.17 -3.49
C PHE B 607 -12.20 23.53 -3.65
N GLY B 608 -13.02 23.95 -2.68
CA GLY B 608 -13.50 25.33 -2.60
C GLY B 608 -12.35 26.33 -2.62
N GLU B 609 -11.23 25.98 -1.97
CA GLU B 609 -10.02 26.85 -1.84
C GLU B 609 -9.34 27.05 -3.20
N MET B 610 -9.66 26.23 -4.22
CA MET B 610 -9.09 26.40 -5.58
C MET B 610 -10.21 26.67 -6.60
N GLY B 611 -11.37 27.17 -6.14
CA GLY B 611 -12.45 27.68 -7.00
C GLY B 611 -13.08 26.56 -7.83
N TYR B 612 -13.16 25.35 -7.29
CA TYR B 612 -13.78 24.18 -7.95
C TYR B 612 -15.13 24.59 -8.55
N ASP B 613 -15.31 24.40 -9.86
CA ASP B 613 -16.39 25.07 -10.61
C ASP B 613 -17.11 24.06 -11.53
N ILE B 614 -17.07 22.78 -11.18
CA ILE B 614 -17.95 21.77 -11.83
C ILE B 614 -19.28 21.82 -11.08
N SER B 615 -20.40 21.99 -11.79
CA SER B 615 -21.77 21.92 -11.24
C SER B 615 -21.97 20.64 -10.41
N ILE B 616 -22.72 20.73 -9.31
CA ILE B 616 -23.11 19.56 -8.47
C ILE B 616 -23.89 18.57 -9.36
N ASP B 617 -24.54 19.06 -10.41
CA ASP B 617 -25.44 18.25 -11.29
C ASP B 617 -24.66 17.52 -12.39
N GLU B 618 -23.38 17.86 -12.60
CA GLU B 618 -22.55 17.20 -13.64
C GLU B 618 -22.38 15.72 -13.28
N ASN B 619 -22.80 14.81 -14.19
CA ASN B 619 -22.76 13.35 -13.99
C ASN B 619 -23.78 12.94 -12.92
N GLY B 620 -24.80 13.77 -12.68
CA GLY B 620 -25.81 13.58 -11.62
C GLY B 620 -25.33 14.11 -10.28
N ARG B 621 -26.27 14.62 -9.47
CA ARG B 621 -26.01 15.27 -8.16
C ARG B 621 -24.98 14.44 -7.35
N THR B 622 -25.23 13.14 -7.17
CA THR B 622 -24.42 12.23 -6.31
C THR B 622 -23.39 11.45 -7.13
N GLY B 623 -23.30 11.68 -8.45
CA GLY B 623 -22.35 11.00 -9.35
C GLY B 623 -20.92 11.45 -9.14
N LYS B 624 -19.96 10.57 -9.45
CA LYS B 624 -18.50 10.85 -9.39
C LYS B 624 -18.20 12.19 -10.08
N LYS B 625 -17.40 13.04 -9.43
CA LYS B 625 -17.05 14.40 -9.92
C LYS B 625 -15.62 14.38 -10.46
N PRO B 626 -15.26 15.27 -11.42
CA PRO B 626 -13.88 15.34 -11.91
C PRO B 626 -12.91 15.70 -10.77
N VAL B 627 -11.80 14.98 -10.73
CA VAL B 627 -10.64 15.23 -9.83
C VAL B 627 -9.70 16.18 -10.58
N LEU B 628 -9.55 17.42 -10.09
CA LEU B 628 -8.83 18.52 -10.80
C LEU B 628 -7.76 19.15 -9.89
N TRP B 629 -6.78 18.36 -9.44
CA TRP B 629 -5.66 18.83 -8.58
C TRP B 629 -4.85 19.92 -9.30
N GLU B 630 -4.90 19.96 -10.63
CA GLU B 630 -4.30 21.05 -11.46
C GLU B 630 -4.79 22.43 -11.02
N TYR B 631 -6.02 22.55 -10.49
CA TYR B 631 -6.59 23.83 -9.95
C TYR B 631 -5.72 24.39 -8.82
N GLN B 632 -4.97 23.55 -8.12
CA GLN B 632 -4.09 23.96 -6.98
C GLN B 632 -3.02 24.93 -7.51
N THR B 633 -2.51 24.67 -8.71
CA THR B 633 -1.53 25.52 -9.44
C THR B 633 -2.25 26.69 -10.08
N GLU B 634 -3.27 26.39 -10.90
CA GLU B 634 -3.95 27.37 -11.79
C GLU B 634 -4.64 28.44 -10.94
N ARG B 635 -5.15 28.08 -9.77
CA ARG B 635 -5.87 29.00 -8.84
C ARG B 635 -5.08 29.12 -7.53
N LYS B 636 -3.74 29.02 -7.58
CA LYS B 636 -2.83 29.11 -6.41
C LYS B 636 -3.10 30.39 -5.61
N SER B 637 -3.48 31.48 -6.28
CA SER B 637 -3.67 32.81 -5.65
C SER B 637 -4.82 32.73 -4.62
N LEU B 638 -5.87 31.98 -4.93
CA LEU B 638 -7.04 31.77 -4.03
C LEU B 638 -6.66 30.78 -2.92
N VAL B 639 -5.93 29.71 -3.25
CA VAL B 639 -5.42 28.71 -2.24
C VAL B 639 -4.56 29.49 -1.23
N ASP B 640 -3.75 30.45 -1.71
CA ASP B 640 -2.82 31.27 -0.90
C ASP B 640 -3.63 32.16 0.06
N ILE B 641 -4.70 32.82 -0.42
CA ILE B 641 -5.60 33.65 0.44
C ILE B 641 -6.28 32.75 1.47
N TYR B 642 -6.87 31.61 1.08
CA TYR B 642 -7.49 30.65 2.02
C TYR B 642 -6.46 30.29 3.10
N THR B 643 -5.24 29.93 2.66
CA THR B 643 -4.12 29.53 3.53
C THR B 643 -3.84 30.63 4.56
N LYS B 644 -3.64 31.86 4.11
CA LYS B 644 -3.26 33.00 4.99
C LYS B 644 -4.40 33.30 5.98
N LEU B 645 -5.65 33.31 5.50
CA LEU B 645 -6.83 33.61 6.34
C LEU B 645 -7.04 32.51 7.39
N ILE B 646 -6.90 31.22 7.02
CA ILE B 646 -7.08 30.10 7.99
C ILE B 646 -5.97 30.18 9.05
N THR B 647 -4.71 30.32 8.62
CA THR B 647 -3.51 30.36 9.50
C THR B 647 -3.62 31.55 10.48
N LEU B 648 -4.24 32.66 10.08
CA LEU B 648 -4.40 33.88 10.92
C LEU B 648 -5.15 33.50 12.21
N ARG B 649 -6.08 32.54 12.12
CA ARG B 649 -6.91 32.04 13.25
C ARG B 649 -6.04 31.34 14.31
N THR B 650 -4.90 30.77 13.92
CA THR B 650 -3.92 30.16 14.87
C THR B 650 -2.94 31.24 15.36
N THR B 651 -2.21 31.88 14.45
CA THR B 651 -1.18 32.91 14.76
C THR B 651 -1.74 33.95 15.75
N HIS B 652 -3.02 34.31 15.61
CA HIS B 652 -3.70 35.35 16.44
C HIS B 652 -5.04 34.82 16.94
N SER B 653 -5.02 33.63 17.54
CA SER B 653 -6.22 32.91 18.05
C SER B 653 -6.95 33.75 19.09
N ASP B 654 -6.23 34.55 19.89
CA ASP B 654 -6.82 35.44 20.92
C ASP B 654 -7.88 36.37 20.28
N LEU B 655 -7.67 36.80 19.03
CA LEU B 655 -8.61 37.68 18.26
C LEU B 655 -9.97 36.99 18.13
N PHE B 656 -9.97 35.71 17.77
CA PHE B 656 -11.15 34.95 17.30
C PHE B 656 -11.89 34.32 18.48
N ASN B 657 -11.45 34.55 19.72
CA ASN B 657 -12.17 34.10 20.93
C ASN B 657 -13.59 34.68 20.88
N ALA B 658 -14.62 33.88 21.22
CA ALA B 658 -16.05 34.28 21.17
C ALA B 658 -16.28 35.53 22.04
N SER B 659 -15.34 35.83 22.95
CA SER B 659 -15.38 36.96 23.91
C SER B 659 -15.09 38.30 23.20
N SER B 660 -14.52 38.25 21.99
CA SER B 660 -14.20 39.42 21.13
C SER B 660 -15.47 40.12 20.66
N GLN B 661 -15.42 41.45 20.53
CA GLN B 661 -16.50 42.29 19.94
C GLN B 661 -16.48 42.13 18.41
N PHE B 662 -17.55 41.60 17.84
CA PHE B 662 -17.71 41.38 16.38
C PHE B 662 -18.89 42.21 15.87
N THR B 663 -18.61 43.12 14.93
CA THR B 663 -19.62 43.93 14.22
C THR B 663 -19.31 43.87 12.73
N TRP B 664 -20.34 43.82 11.90
CA TRP B 664 -20.16 43.86 10.42
C TRP B 664 -21.44 44.38 9.77
N LYS B 665 -21.26 44.94 8.58
CA LYS B 665 -22.33 45.54 7.75
C LYS B 665 -22.34 44.73 6.46
N VAL B 666 -23.26 43.78 6.36
CA VAL B 666 -23.26 42.74 5.28
C VAL B 666 -24.71 42.45 4.86
N SER B 667 -25.60 43.42 4.96
CA SER B 667 -27.03 43.30 4.55
C SER B 667 -27.17 43.64 3.06
N TYR B 668 -28.36 43.43 2.49
CA TYR B 668 -28.73 43.86 1.10
C TYR B 668 -28.32 45.32 0.86
N ASN B 669 -28.45 46.16 1.89
CA ASN B 669 -28.22 47.63 1.84
C ASN B 669 -26.73 47.96 1.93
N ASP B 670 -25.90 47.01 2.37
CA ASP B 670 -24.43 47.13 2.42
C ASP B 670 -23.85 46.48 1.15
N TRP B 671 -23.74 47.25 0.07
CA TRP B 671 -23.31 46.70 -1.25
C TRP B 671 -22.62 47.77 -2.11
N ASP B 672 -23.37 48.80 -2.50
CA ASP B 672 -22.92 49.88 -3.43
C ASP B 672 -21.73 50.62 -2.84
N ASN B 673 -21.62 50.70 -1.51
CA ASN B 673 -20.51 51.39 -0.81
C ASN B 673 -19.50 50.39 -0.26
N GLY B 674 -19.79 49.09 -0.37
CA GLY B 674 -18.94 48.00 0.12
C GLY B 674 -19.48 47.39 1.40
N ARG B 675 -18.79 46.36 1.92
CA ARG B 675 -19.11 45.67 3.19
C ARG B 675 -17.90 45.76 4.12
N THR B 676 -18.15 45.83 5.42
CA THR B 676 -17.11 46.02 6.46
C THR B 676 -17.33 45.02 7.59
N LEU B 677 -16.21 44.68 8.23
CA LEU B 677 -16.08 43.71 9.35
C LEU B 677 -15.09 44.31 10.36
N THR B 678 -15.44 44.39 11.65
CA THR B 678 -14.48 44.74 12.73
C THR B 678 -14.54 43.68 13.84
N LEU B 679 -13.38 43.10 14.19
CA LEU B 679 -13.19 42.16 15.32
C LEU B 679 -12.22 42.77 16.34
N LYS B 680 -12.67 42.97 17.58
CA LYS B 680 -11.88 43.63 18.64
C LYS B 680 -11.77 42.67 19.84
N ALA B 681 -10.56 42.21 20.15
CA ALA B 681 -10.28 41.31 21.29
C ALA B 681 -10.32 42.12 22.61
N VAL B 682 -10.51 41.42 23.72
CA VAL B 682 -10.47 41.98 25.11
C VAL B 682 -9.13 42.70 25.31
N ASN B 683 -8.07 42.21 24.67
CA ASN B 683 -6.67 42.66 24.89
C ASN B 683 -6.29 43.78 23.90
N GLY B 684 -7.21 44.24 23.07
CA GLY B 684 -7.06 45.48 22.28
C GLY B 684 -6.69 45.24 20.83
N LYS B 685 -6.20 44.05 20.46
CA LYS B 685 -5.95 43.68 19.04
C LYS B 685 -7.23 43.90 18.23
N GLN B 686 -7.10 44.43 17.01
CA GLN B 686 -8.25 44.69 16.11
C GLN B 686 -7.95 44.18 14.69
N LEU B 687 -8.96 43.55 14.08
CA LEU B 687 -8.97 43.16 12.65
C LEU B 687 -10.09 43.96 11.98
N HIS B 688 -9.81 44.61 10.86
CA HIS B 688 -10.85 45.33 10.06
C HIS B 688 -10.77 44.87 8.62
N VAL B 689 -11.90 44.43 8.04
CA VAL B 689 -11.96 44.00 6.61
C VAL B 689 -12.96 44.90 5.88
N TYR B 690 -12.57 45.33 4.68
CA TYR B 690 -13.44 46.02 3.70
C TYR B 690 -13.45 45.18 2.43
N ALA B 691 -14.61 44.99 1.80
CA ALA B 691 -14.74 44.29 0.50
C ALA B 691 -15.70 45.06 -0.42
N ASN B 692 -15.34 45.10 -1.70
CA ASN B 692 -16.13 45.64 -2.83
C ASN B 692 -16.54 44.46 -3.70
N PHE B 693 -17.77 43.98 -3.57
CA PHE B 693 -18.33 42.85 -4.36
C PHE B 693 -19.03 43.37 -5.63
N THR B 694 -18.89 44.66 -5.94
CA THR B 694 -19.55 45.31 -7.11
C THR B 694 -18.61 45.24 -8.32
N ASN B 695 -19.08 45.66 -9.50
CA ASN B 695 -18.31 45.61 -10.78
C ASN B 695 -17.66 46.98 -11.07
N ALA B 696 -17.53 47.87 -10.10
CA ALA B 696 -16.83 49.18 -10.29
C ALA B 696 -16.08 49.59 -9.02
N SER B 697 -15.10 50.47 -9.17
CA SER B 697 -14.25 50.95 -8.04
C SER B 697 -15.12 51.76 -7.08
N ILE B 698 -14.83 51.64 -5.78
CA ILE B 698 -15.56 52.36 -4.70
C ILE B 698 -14.52 53.09 -3.86
N ASP B 699 -14.88 54.30 -3.41
CA ASP B 699 -14.08 55.10 -2.46
C ASP B 699 -14.47 54.71 -1.03
N TYR B 700 -13.47 54.49 -0.18
CA TYR B 700 -13.65 54.08 1.23
C TYR B 700 -12.64 54.82 2.10
N THR B 701 -13.12 55.40 3.21
CA THR B 701 -12.26 56.05 4.24
C THR B 701 -11.94 55.01 5.32
N ILE B 702 -10.66 54.70 5.51
CA ILE B 702 -10.15 53.74 6.53
C ILE B 702 -10.50 54.29 7.92
N PRO B 703 -11.00 53.45 8.86
CA PRO B 703 -11.35 53.93 10.20
C PRO B 703 -10.13 54.53 10.93
N GLU B 704 -10.38 55.35 11.95
CA GLU B 704 -9.34 55.94 12.84
C GLU B 704 -8.34 54.85 13.29
N GLY B 705 -7.04 55.17 13.28
CA GLY B 705 -6.01 54.35 13.95
C GLY B 705 -4.78 54.12 13.10
N THR B 706 -3.88 53.29 13.63
CA THR B 706 -2.58 52.87 13.02
C THR B 706 -2.74 51.44 12.53
N TRP B 707 -2.99 51.28 11.24
CA TRP B 707 -3.34 49.99 10.58
C TRP B 707 -2.12 49.41 9.86
N TYR B 708 -2.17 48.09 9.65
CA TYR B 708 -1.16 47.25 8.94
C TYR B 708 -1.90 46.31 7.99
N LEU B 709 -1.41 46.18 6.75
CA LEU B 709 -1.94 45.23 5.74
C LEU B 709 -1.33 43.85 6.01
N TYR B 710 -1.89 43.14 7.00
CA TYR B 710 -1.33 41.89 7.59
C TYR B 710 -0.96 40.89 6.49
N LEU B 711 -1.70 40.85 5.37
CA LEU B 711 -1.47 39.88 4.26
C LEU B 711 -0.40 40.40 3.28
N GLU B 712 0.05 41.66 3.42
CA GLU B 712 1.10 42.26 2.55
C GLU B 712 2.48 41.76 2.98
N GLY B 714 3.86 43.12 6.22
CA GLY B 714 2.70 43.92 6.70
C GLY B 714 3.00 45.42 6.67
N ASN B 715 2.80 46.06 5.52
CA ASN B 715 2.98 47.52 5.32
C ASN B 715 2.10 48.27 6.32
N PRO B 716 2.57 49.41 6.91
CA PRO B 716 1.70 50.29 7.70
C PRO B 716 0.80 51.20 6.84
N VAL B 717 -0.38 51.56 7.37
CA VAL B 717 -1.37 52.46 6.70
C VAL B 717 -1.98 53.39 7.76
N GLU B 718 -2.16 54.66 7.40
CA GLU B 718 -2.74 55.71 8.28
C GLU B 718 -4.27 55.63 8.23
N GLY B 719 -4.92 55.64 9.38
CA GLY B 719 -6.39 55.73 9.52
C GLY B 719 -6.90 57.06 9.00
N GLU B 720 -8.23 57.17 8.81
CA GLU B 720 -8.88 58.38 8.24
C GLU B 720 -8.20 58.69 6.90
N LYS B 721 -7.87 57.66 6.13
CA LYS B 721 -7.23 57.80 4.80
C LYS B 721 -8.26 57.32 3.76
N LYS B 722 -8.52 58.12 2.72
CA LYS B 722 -9.45 57.74 1.62
C LYS B 722 -8.67 56.93 0.58
N ILE B 723 -9.16 55.74 0.25
CA ILE B 723 -8.56 54.82 -0.77
C ILE B 723 -9.63 54.52 -1.83
N SER B 724 -9.20 54.12 -3.01
CA SER B 724 -10.05 53.50 -4.06
C SER B 724 -9.85 51.98 -3.96
N VAL B 725 -10.94 51.21 -3.93
CA VAL B 725 -10.89 49.73 -3.89
C VAL B 725 -11.45 49.18 -5.19
N PRO B 726 -10.61 48.52 -6.03
CA PRO B 726 -11.08 47.95 -7.30
C PRO B 726 -12.25 46.97 -7.13
N ALA B 727 -13.04 46.79 -8.18
CA ALA B 727 -14.11 45.76 -8.23
C ALA B 727 -13.57 44.42 -7.74
N HIS B 728 -14.32 43.76 -6.85
CA HIS B 728 -14.14 42.34 -6.45
C HIS B 728 -13.03 42.17 -5.42
N GLU B 729 -12.41 43.26 -4.97
CA GLU B 729 -11.22 43.23 -4.10
C GLU B 729 -11.63 43.52 -2.65
N PHE B 730 -10.80 43.07 -1.71
CA PHE B 730 -10.93 43.33 -0.26
C PHE B 730 -9.64 43.97 0.22
N ARG B 731 -9.72 44.58 1.41
CA ARG B 731 -8.60 45.19 2.16
C ARG B 731 -8.71 44.72 3.60
N LEU B 732 -7.66 44.06 4.13
CA LEU B 732 -7.64 43.49 5.50
C LEU B 732 -6.59 44.25 6.33
N TYR B 733 -7.02 44.82 7.45
CA TYR B 733 -6.18 45.67 8.34
C TYR B 733 -6.11 45.06 9.74
N THR B 734 -4.91 45.02 10.31
CA THR B 734 -4.65 44.69 11.73
C THR B 734 -3.98 45.91 12.36
N ASN B 735 -4.15 46.10 13.67
CA ASN B 735 -3.53 47.20 14.44
C ASN B 735 -2.25 46.65 15.11
N PHE B 736 -1.80 45.48 14.66
CA PHE B 736 -0.48 44.86 14.97
C PHE B 736 0.19 44.46 13.65
N ALA B 737 1.53 44.56 13.58
CA ALA B 737 2.34 44.38 12.35
C ALA B 737 2.42 42.90 11.95
N GLU B 738 2.76 42.02 12.91
CA GLU B 738 2.91 40.55 12.66
C GLU B 738 2.37 39.77 13.86
N VAL C 25 2.81 50.92 -42.21
CA VAL C 25 2.22 49.78 -42.97
C VAL C 25 1.77 48.69 -41.98
N LEU C 26 0.48 48.67 -41.63
CA LEU C 26 -0.12 47.61 -40.79
C LEU C 26 -0.86 46.60 -41.68
N HIS C 27 -0.52 45.31 -41.53
CA HIS C 27 -1.30 44.15 -42.01
C HIS C 27 -2.41 43.88 -41.00
N ASP C 28 -3.51 43.25 -41.43
CA ASP C 28 -4.55 42.71 -40.52
C ASP C 28 -3.91 41.67 -39.60
N GLY C 29 -4.35 41.62 -38.35
CA GLY C 29 -3.80 40.73 -37.32
C GLY C 29 -2.63 41.37 -36.62
N PHE C 30 -1.62 40.59 -36.27
CA PHE C 30 -0.48 41.03 -35.41
C PHE C 30 0.65 41.61 -36.28
N ASN C 31 1.23 42.71 -35.79
CA ASN C 31 2.39 43.42 -36.39
C ASN C 31 3.47 43.55 -35.31
N PHE C 32 4.74 43.62 -35.70
CA PHE C 32 5.91 43.49 -34.79
C PHE C 32 6.98 44.51 -35.12
N ASP C 33 7.43 45.22 -34.09
CA ASP C 33 8.56 46.18 -34.10
C ASP C 33 9.51 45.78 -32.97
N PRO C 34 10.70 45.19 -33.26
CA PRO C 34 11.19 45.03 -34.62
C PRO C 34 10.49 43.89 -35.38
N ALA C 35 10.61 43.90 -36.71
CA ALA C 35 9.96 42.95 -37.65
C ALA C 35 10.40 41.52 -37.35
N ILE C 36 11.66 41.32 -36.95
CA ILE C 36 12.17 40.04 -36.38
C ILE C 36 12.28 40.25 -34.87
N PRO C 37 11.35 39.69 -34.08
CA PRO C 37 11.41 39.82 -32.62
C PRO C 37 12.70 39.22 -32.05
N LYS C 38 13.38 39.97 -31.18
CA LYS C 38 14.63 39.55 -30.49
C LYS C 38 14.31 39.31 -29.02
N ALA C 39 14.65 38.11 -28.51
CA ALA C 39 14.38 37.66 -27.12
C ALA C 39 14.88 38.68 -26.09
N ASP C 40 16.01 39.33 -26.33
CA ASP C 40 16.69 40.19 -25.31
C ASP C 40 16.54 41.67 -25.67
N GLU C 41 15.45 42.02 -26.37
CA GLU C 41 15.11 43.41 -26.75
C GLU C 41 13.63 43.65 -26.53
N PRO C 42 13.20 44.90 -26.33
CA PRO C 42 11.78 45.20 -26.22
C PRO C 42 11.08 44.85 -27.54
N LEU C 43 9.76 44.68 -27.49
CA LEU C 43 8.91 44.34 -28.65
C LEU C 43 7.63 45.18 -28.59
N THR C 44 7.33 45.94 -29.63
CA THR C 44 6.00 46.59 -29.79
C THR C 44 5.14 45.67 -30.66
N ILE C 45 4.02 45.22 -30.11
CA ILE C 45 3.01 44.40 -30.81
C ILE C 45 1.82 45.32 -31.14
N THR C 46 1.49 45.44 -32.41
CA THR C 46 0.30 46.19 -32.91
C THR C 46 -0.70 45.20 -33.52
N PHE C 47 -1.92 45.19 -32.99
CA PHE C 47 -3.06 44.39 -33.49
C PHE C 47 -4.03 45.31 -34.25
N LYS C 48 -4.38 44.93 -35.47
CA LYS C 48 -5.37 45.64 -36.34
C LYS C 48 -6.53 44.69 -36.65
N ALA C 49 -7.75 45.04 -36.21
CA ALA C 49 -8.98 44.25 -36.40
C ALA C 49 -9.45 44.37 -37.84
N PRO C 50 -9.49 43.25 -38.60
CA PRO C 50 -9.96 43.30 -39.98
C PRO C 50 -11.49 43.49 -40.07
N GLU C 51 -11.96 44.00 -41.22
CA GLU C 51 -13.40 44.09 -41.58
C GLU C 51 -14.08 42.75 -41.28
N GLY C 52 -15.18 42.77 -40.52
CA GLY C 52 -16.05 41.61 -40.28
C GLY C 52 -15.68 40.82 -39.05
N SER C 53 -14.52 41.10 -38.43
CA SER C 53 -14.05 40.46 -37.18
C SER C 53 -14.73 41.13 -35.97
N ASN C 54 -14.61 40.53 -34.79
CA ASN C 54 -15.42 40.90 -33.59
C ASN C 54 -14.96 42.25 -33.01
N PHE C 55 -13.67 42.59 -33.10
CA PHE C 55 -13.11 43.84 -32.51
C PHE C 55 -13.12 44.98 -33.53
N TYR C 56 -13.54 44.72 -34.76
CA TYR C 56 -13.77 45.79 -35.78
C TYR C 56 -14.87 46.71 -35.23
N GLY C 57 -14.56 47.99 -35.06
CA GLY C 57 -15.47 49.01 -34.52
C GLY C 57 -15.55 48.96 -33.01
N TYR C 58 -14.70 48.15 -32.36
CA TYR C 58 -14.65 48.04 -30.88
C TYR C 58 -14.06 49.34 -30.32
N ALA C 59 -14.76 49.94 -29.35
CA ALA C 59 -14.52 51.31 -28.85
C ALA C 59 -13.39 51.32 -27.80
N ASP C 60 -13.25 50.23 -27.06
CA ASP C 60 -12.45 50.16 -25.80
C ASP C 60 -11.08 49.52 -26.07
N ASP C 61 -10.19 49.65 -25.09
CA ASP C 61 -8.85 48.99 -25.05
C ASP C 61 -9.04 47.46 -24.96
N LEU C 62 -8.03 46.70 -25.40
CA LEU C 62 -8.02 45.21 -25.38
C LEU C 62 -6.86 44.73 -24.50
N TYR C 63 -6.72 43.42 -24.30
CA TYR C 63 -5.70 42.86 -23.36
C TYR C 63 -5.00 41.66 -23.98
N LEU C 64 -3.70 41.56 -23.70
CA LEU C 64 -2.84 40.47 -24.21
C LEU C 64 -2.86 39.29 -23.21
N HIS C 65 -3.24 38.11 -23.70
CA HIS C 65 -2.98 36.80 -23.03
C HIS C 65 -1.87 36.10 -23.84
N SER C 66 -0.66 36.03 -23.30
CA SER C 66 0.51 35.52 -24.06
C SER C 66 1.46 34.71 -23.16
N GLY C 67 2.25 33.84 -23.80
CA GLY C 67 3.30 33.02 -23.19
C GLY C 67 4.28 32.54 -24.25
N THR C 68 5.44 32.03 -23.85
CA THR C 68 6.54 31.64 -24.77
C THR C 68 6.57 30.12 -24.92
N GLY C 69 7.11 29.63 -26.04
CA GLY C 69 7.31 28.20 -26.33
C GLY C 69 5.99 27.45 -26.48
N ALA C 70 6.06 26.11 -26.48
CA ALA C 70 4.93 25.19 -26.77
C ALA C 70 3.85 25.31 -25.70
N ASN C 71 4.20 25.63 -24.45
CA ASN C 71 3.28 25.52 -23.29
C ASN C 71 3.06 26.87 -22.62
N TRP C 72 3.23 27.98 -23.36
CA TRP C 72 2.81 29.34 -22.94
C TRP C 72 3.48 29.72 -21.60
N THR C 73 4.80 29.59 -21.51
CA THR C 73 5.58 30.04 -20.31
C THR C 73 5.31 31.53 -20.06
N GLY C 74 5.03 31.90 -18.80
CA GLY C 74 4.86 33.30 -18.36
C GLY C 74 3.44 33.81 -18.57
N ALA C 75 2.54 32.94 -19.04
CA ALA C 75 1.13 33.28 -19.31
C ALA C 75 0.46 33.64 -17.99
N PRO C 76 -0.35 34.72 -17.92
CA PRO C 76 -1.05 35.09 -16.69
C PRO C 76 -2.31 34.22 -16.48
N THR C 77 -3.01 34.41 -15.36
CA THR C 77 -4.40 33.93 -15.18
C THR C 77 -5.27 34.59 -16.24
N TRP C 78 -6.02 33.82 -17.01
CA TRP C 78 -6.98 34.36 -18.02
C TRP C 78 -7.75 35.53 -17.39
N GLY C 79 -7.69 36.71 -18.01
CA GLY C 79 -8.47 37.89 -17.58
C GLY C 79 -7.67 38.88 -16.77
N ASP C 80 -6.39 38.59 -16.47
CA ASP C 80 -5.51 39.47 -15.66
C ASP C 80 -5.37 40.82 -16.39
N ASN C 81 -5.90 41.90 -15.80
CA ASN C 81 -6.06 43.22 -16.46
C ASN C 81 -5.04 44.22 -15.91
N GLN C 82 -3.92 43.72 -15.37
CA GLN C 82 -2.73 44.57 -15.07
C GLN C 82 -2.41 45.42 -16.31
N ASN C 83 -1.89 46.63 -16.12
CA ASN C 83 -1.62 47.60 -17.22
C ASN C 83 -0.59 47.02 -18.20
N LYS C 84 0.35 46.22 -17.71
CA LYS C 84 1.43 45.59 -18.54
C LYS C 84 0.84 44.69 -19.62
N TYR C 85 -0.42 44.28 -19.50
CA TYR C 85 -1.14 43.40 -20.49
C TYR C 85 -2.10 44.21 -21.35
N ARG C 86 -2.24 45.53 -21.15
CA ARG C 86 -3.25 46.33 -21.88
C ARG C 86 -2.68 46.73 -23.25
N LEU C 87 -3.41 46.40 -24.32
CA LEU C 87 -3.20 46.95 -25.69
C LEU C 87 -4.01 48.25 -25.78
N LYS C 88 -3.34 49.40 -25.68
CA LYS C 88 -3.98 50.74 -25.71
C LYS C 88 -4.36 51.05 -27.16
N LYS C 89 -5.61 51.43 -27.40
CA LYS C 89 -6.14 51.78 -28.75
C LYS C 89 -5.42 53.04 -29.23
N THR C 90 -4.71 52.96 -30.36
CA THR C 90 -3.92 54.09 -30.93
C THR C 90 -4.72 54.77 -32.04
N LYS C 91 -5.76 54.12 -32.57
CA LYS C 91 -6.65 54.65 -33.65
C LYS C 91 -7.79 53.67 -33.95
N ASP C 92 -8.64 54.02 -34.91
CA ASP C 92 -9.74 53.16 -35.44
C ASP C 92 -9.16 51.77 -35.73
N ASN C 93 -9.54 50.78 -34.93
CA ASN C 93 -9.25 49.33 -35.17
C ASN C 93 -7.75 49.04 -35.05
N VAL C 94 -6.99 49.81 -34.26
CA VAL C 94 -5.54 49.55 -34.03
C VAL C 94 -5.22 49.69 -32.54
N TRP C 95 -4.64 48.65 -31.95
CA TRP C 95 -4.21 48.59 -30.53
C TRP C 95 -2.72 48.23 -30.48
N SER C 96 -1.97 48.85 -29.57
CA SER C 96 -0.51 48.70 -29.46
C SER C 96 -0.13 48.35 -28.01
N ILE C 97 0.82 47.43 -27.84
CA ILE C 97 1.39 47.03 -26.52
C ILE C 97 2.90 46.90 -26.68
N THR C 98 3.65 47.32 -25.67
CA THR C 98 5.13 47.21 -25.61
C THR C 98 5.51 46.24 -24.49
N LEU C 99 6.28 45.20 -24.85
CA LEU C 99 6.88 44.24 -23.90
C LEU C 99 8.22 44.86 -23.43
N SER C 100 8.26 45.31 -22.16
CA SER C 100 9.25 46.25 -21.60
C SER C 100 10.50 45.51 -21.12
N SER C 101 11.61 46.26 -20.99
CA SER C 101 13.02 45.77 -20.92
C SER C 101 13.28 44.81 -22.09
N SER C 102 12.76 43.58 -22.03
CA SER C 102 12.92 42.56 -23.10
C SER C 102 11.70 41.64 -23.14
N ILE C 103 11.53 40.92 -24.25
CA ILE C 103 10.60 39.77 -24.34
C ILE C 103 10.90 38.84 -23.17
N ARG C 104 12.20 38.57 -22.95
CA ARG C 104 12.69 37.61 -21.92
C ARG C 104 12.26 38.09 -20.52
N HIS C 105 12.54 39.34 -20.16
CA HIS C 105 12.18 39.93 -18.84
C HIS C 105 10.65 39.94 -18.68
N PHE C 106 9.92 40.30 -19.73
CA PHE C 106 8.43 40.35 -19.72
C PHE C 106 7.83 39.01 -19.25
N TYR C 107 8.36 37.87 -19.72
CA TYR C 107 7.81 36.51 -19.42
C TYR C 107 8.62 35.83 -18.30
N SER C 108 9.61 36.53 -17.72
CA SER C 108 10.51 36.06 -16.63
C SER C 108 11.13 34.71 -17.02
N VAL C 109 11.64 34.62 -18.25
CA VAL C 109 12.33 33.41 -18.81
C VAL C 109 13.81 33.51 -18.44
N ALA C 110 14.41 32.41 -17.99
CA ALA C 110 15.85 32.30 -17.64
C ALA C 110 16.68 32.68 -18.87
N PRO C 111 17.76 33.47 -18.70
CA PRO C 111 18.68 33.79 -19.80
C PRO C 111 19.16 32.63 -20.69
N SER C 112 19.33 31.43 -20.12
CA SER C 112 19.91 30.24 -20.81
C SER C 112 18.82 29.41 -21.48
N THR C 113 17.52 29.68 -21.24
CA THR C 113 16.38 28.97 -21.88
C THR C 113 16.10 29.60 -23.24
N PRO C 114 16.27 28.86 -24.36
CA PRO C 114 15.87 29.36 -25.69
C PRO C 114 14.45 29.94 -25.68
N LEU C 115 14.31 31.21 -26.12
CA LEU C 115 13.01 31.90 -26.28
C LEU C 115 12.76 32.07 -27.78
N GLN C 116 11.92 31.22 -28.36
CA GLN C 116 11.86 31.01 -29.83
C GLN C 116 10.46 31.32 -30.40
N THR C 117 9.41 31.31 -29.57
CA THR C 117 8.03 31.60 -30.01
C THR C 117 7.31 32.38 -28.92
N ILE C 118 6.41 33.28 -29.33
CA ILE C 118 5.36 33.87 -28.45
C ILE C 118 4.01 33.46 -29.01
N ASN C 119 3.14 32.98 -28.12
CA ASN C 119 1.72 32.70 -28.39
C ASN C 119 0.94 33.97 -28.01
N LEU C 120 0.02 34.41 -28.87
CA LEU C 120 -0.68 35.72 -28.74
C LEU C 120 -2.19 35.52 -28.91
N ILE C 121 -2.96 35.88 -27.88
CA ILE C 121 -4.44 36.05 -27.91
C ILE C 121 -4.74 37.47 -27.43
N VAL C 122 -5.59 38.18 -28.17
CA VAL C 122 -6.20 39.48 -27.77
C VAL C 122 -7.60 39.17 -27.22
N ARG C 123 -7.99 39.84 -26.14
CA ARG C 123 -9.34 39.67 -25.52
C ARG C 123 -9.85 41.03 -25.04
N ASP C 124 -11.17 41.14 -24.85
CA ASP C 124 -11.80 42.27 -24.12
C ASP C 124 -11.46 42.12 -22.64
N ALA C 125 -11.70 43.17 -21.84
CA ALA C 125 -11.40 43.22 -20.40
C ALA C 125 -12.19 42.11 -19.67
N GLU C 126 -13.36 41.75 -20.19
CA GLU C 126 -14.28 40.71 -19.62
C GLU C 126 -13.71 39.29 -19.83
N GLY C 127 -12.79 39.13 -20.79
CA GLY C 127 -12.27 37.81 -21.19
C GLY C 127 -13.35 36.96 -21.83
N SER C 128 -14.27 37.60 -22.56
CA SER C 128 -15.44 36.95 -23.21
C SER C 128 -15.13 36.80 -24.69
N GLN C 129 -14.96 37.93 -25.39
CA GLN C 129 -14.55 38.01 -26.82
C GLN C 129 -13.02 37.86 -26.87
N GLN C 130 -12.51 37.13 -27.86
CA GLN C 130 -11.05 36.91 -28.05
C GLN C 130 -10.77 36.51 -29.50
N THR C 131 -9.51 36.63 -29.90
CA THR C 131 -8.89 35.85 -31.00
C THR C 131 -8.50 34.48 -30.42
N TYR C 132 -7.95 33.59 -31.25
CA TYR C 132 -7.64 32.19 -30.88
C TYR C 132 -6.15 31.93 -31.15
N ASP C 133 -5.65 30.80 -30.64
CA ASP C 133 -4.20 30.45 -30.51
C ASP C 133 -3.46 30.91 -31.77
N TYR C 134 -2.51 31.84 -31.60
CA TYR C 134 -1.58 32.34 -32.65
C TYR C 134 -0.17 32.32 -32.05
N ALA C 135 0.86 32.06 -32.87
CA ALA C 135 2.27 32.12 -32.43
C ALA C 135 3.09 32.88 -33.46
N THR C 136 4.12 33.60 -32.99
CA THR C 136 5.13 34.27 -33.84
C THR C 136 6.50 33.68 -33.50
N LEU C 137 7.44 33.74 -34.46
CA LEU C 137 8.84 33.31 -34.25
C LEU C 137 9.59 34.44 -33.52
N VAL C 138 10.51 34.06 -32.63
CA VAL C 138 11.45 34.99 -31.94
C VAL C 138 12.87 34.53 -32.28
N GLU C 139 13.75 35.46 -32.65
CA GLU C 139 15.20 35.20 -32.77
C GLU C 139 15.83 35.31 -31.39
N ASP C 140 16.62 34.30 -31.00
CA ASP C 140 17.33 34.27 -29.69
C ASP C 140 18.83 34.10 -29.95
N SER C 141 19.54 35.21 -30.22
CA SER C 141 20.98 35.25 -30.53
C SER C 141 21.81 34.72 -29.35
N GLN C 142 21.45 35.10 -28.12
CA GLN C 142 22.20 34.74 -26.88
C GLN C 142 22.29 33.21 -26.74
N ASN C 143 21.26 32.48 -27.20
CA ASN C 143 21.16 30.99 -27.06
C ASN C 143 21.39 30.35 -28.44
N GLY C 144 22.00 31.08 -29.38
CA GLY C 144 22.49 30.57 -30.68
C GLY C 144 21.37 30.22 -31.63
N PHE C 145 20.15 30.74 -31.45
CA PHE C 145 19.03 30.51 -32.40
CA PHE C 145 19.01 30.53 -32.38
C PHE C 145 18.91 31.73 -33.32
N ILE C 146 19.73 31.71 -34.37
CA ILE C 146 19.81 32.74 -35.45
C ILE C 146 19.02 32.24 -36.65
N TRP C 147 18.00 33.01 -37.07
CA TRP C 147 17.16 32.71 -38.26
C TRP C 147 18.08 32.51 -39.47
N GLU C 148 17.92 31.38 -40.16
CA GLU C 148 18.58 31.08 -41.45
C GLU C 148 17.48 31.02 -42.53
N GLU C 149 17.84 31.25 -43.78
CA GLU C 149 16.88 31.24 -44.92
C GLU C 149 16.51 29.78 -45.20
N PRO C 150 15.21 29.46 -45.41
CA PRO C 150 14.81 28.13 -45.83
C PRO C 150 15.35 27.83 -47.24
N GLN C 151 15.59 26.54 -47.51
CA GLN C 151 16.26 26.06 -48.75
C GLN C 151 15.21 25.38 -49.64
N LYS C 152 15.34 25.53 -50.96
CA LYS C 152 14.56 24.74 -51.96
C LYS C 152 15.38 23.51 -52.36
N ALA C 153 14.76 22.33 -52.42
CA ALA C 153 15.39 21.08 -52.90
C ALA C 153 14.30 20.12 -53.39
N PRO C 154 14.57 19.32 -54.45
CA PRO C 154 13.60 18.34 -54.95
C PRO C 154 13.47 17.12 -54.02
N LEU C 155 12.24 16.61 -53.87
CA LEU C 155 11.96 15.31 -53.19
C LEU C 155 12.78 14.22 -53.86
N PRO C 156 13.63 13.47 -53.11
CA PRO C 156 14.32 12.33 -53.67
C PRO C 156 13.56 11.00 -53.54
N ILE C 157 12.22 11.02 -53.71
CA ILE C 157 11.39 9.80 -53.93
C ILE C 157 10.44 10.03 -55.12
N SER C 158 9.68 11.13 -55.12
CA SER C 158 8.77 11.57 -56.22
C SER C 158 8.09 10.35 -56.88
N GLY C 159 7.49 9.45 -56.10
CA GLY C 159 6.71 8.30 -56.58
C GLY C 159 5.24 8.41 -56.16
N GLU C 160 4.60 7.28 -55.86
CA GLU C 160 3.25 7.23 -55.22
C GLU C 160 3.42 7.26 -53.70
N GLU C 161 2.46 7.88 -52.99
CA GLU C 161 2.36 7.99 -51.52
C GLU C 161 3.68 8.55 -50.94
N LYS C 162 4.10 9.72 -51.40
CA LYS C 162 5.39 10.34 -50.98
C LYS C 162 5.20 11.07 -49.64
N GLU C 163 3.99 11.57 -49.32
CA GLU C 163 3.73 12.30 -48.04
C GLU C 163 3.83 11.33 -46.86
N GLY C 164 4.33 11.80 -45.71
CA GLY C 164 4.38 11.06 -44.45
C GLY C 164 5.80 10.63 -44.07
N ILE C 165 5.90 9.46 -43.44
CA ILE C 165 7.10 8.95 -42.72
C ILE C 165 7.70 7.78 -43.53
N HIS C 166 8.97 7.90 -43.91
CA HIS C 166 9.73 6.86 -44.65
C HIS C 166 10.90 6.39 -43.80
N ILE C 167 10.87 5.14 -43.35
CA ILE C 167 11.95 4.54 -42.51
C ILE C 167 13.06 4.03 -43.43
N HIS C 168 14.22 4.67 -43.37
CA HIS C 168 15.41 4.38 -44.22
C HIS C 168 16.35 3.41 -43.48
N SER C 169 16.30 3.38 -42.15
CA SER C 169 17.10 2.49 -41.27
C SER C 169 16.70 2.73 -39.80
N ALA C 170 17.30 1.96 -38.89
CA ALA C 170 17.16 2.08 -37.42
C ALA C 170 17.49 3.49 -36.93
N THR C 171 18.28 4.27 -37.68
CA THR C 171 18.83 5.59 -37.20
C THR C 171 18.37 6.76 -38.09
N SER C 172 17.51 6.53 -39.09
CA SER C 172 17.13 7.60 -40.06
C SER C 172 15.70 7.42 -40.59
N ILE C 173 14.97 8.55 -40.66
CA ILE C 173 13.58 8.68 -41.18
C ILE C 173 13.55 9.88 -42.13
N MET C 174 12.91 9.75 -43.30
CA MET C 174 12.55 10.91 -44.15
C MET C 174 11.10 11.30 -43.82
N LEU C 175 10.89 12.59 -43.51
CA LEU C 175 9.56 13.20 -43.27
C LEU C 175 9.20 14.09 -44.48
N VAL C 176 7.96 13.94 -44.97
CA VAL C 176 7.42 14.67 -46.16
C VAL C 176 6.06 15.26 -45.78
N LEU C 177 5.93 16.59 -45.80
CA LEU C 177 4.71 17.31 -45.36
C LEU C 177 4.18 18.12 -46.54
N TYR C 178 2.98 17.79 -47.02
CA TYR C 178 2.30 18.53 -48.13
C TYR C 178 1.97 19.95 -47.66
N ASP C 179 2.27 20.94 -48.50
CA ASP C 179 1.94 22.36 -48.21
C ASP C 179 1.63 23.07 -49.52
N LYS C 180 0.34 23.18 -49.85
CA LYS C 180 -0.20 24.15 -50.82
C LYS C 180 -1.64 24.47 -50.42
N ASP C 181 -1.98 25.75 -50.25
CA ASP C 181 -3.35 26.18 -49.91
C ASP C 181 -4.18 26.24 -51.20
N SER C 182 -5.49 26.45 -51.06
CA SER C 182 -6.46 26.50 -52.18
C SER C 182 -6.12 27.64 -53.15
N GLN C 183 -5.30 28.62 -52.76
CA GLN C 183 -4.89 29.75 -53.64
C GLN C 183 -3.52 29.48 -54.26
N GLY C 184 -2.88 28.35 -53.96
CA GLY C 184 -1.54 28.01 -54.46
C GLY C 184 -0.43 28.63 -53.61
N GLY C 185 -0.76 29.15 -52.43
CA GLY C 185 0.20 29.72 -51.47
C GLY C 185 0.77 28.64 -50.56
N HIS C 186 1.88 28.93 -49.89
CA HIS C 186 2.53 27.98 -48.95
C HIS C 186 3.21 28.73 -47.81
N LYS C 187 3.71 27.99 -46.83
CA LYS C 187 4.34 28.50 -45.58
C LYS C 187 5.74 29.05 -45.91
N ASP C 188 6.31 29.82 -44.98
CA ASP C 188 7.66 30.41 -45.14
C ASP C 188 8.72 29.38 -44.71
N CYS C 189 8.47 28.62 -43.65
CA CYS C 189 9.41 27.57 -43.16
C CYS C 189 8.71 26.55 -42.27
N VAL C 190 9.34 25.38 -42.07
CA VAL C 190 8.86 24.32 -41.13
C VAL C 190 10.08 23.77 -40.38
N PHE C 191 10.00 23.75 -39.05
CA PHE C 191 10.93 23.05 -38.14
C PHE C 191 10.35 21.70 -37.74
N VAL C 192 11.19 20.67 -37.69
CA VAL C 192 10.88 19.37 -37.04
C VAL C 192 11.45 19.40 -35.62
N THR C 193 10.57 19.24 -34.63
CA THR C 193 10.89 19.24 -33.18
C THR C 193 10.60 17.84 -32.67
N GLY C 194 11.40 17.33 -31.73
CA GLY C 194 11.24 15.95 -31.22
C GLY C 194 12.12 15.64 -30.03
N ASN C 195 12.09 14.39 -29.59
CA ASN C 195 12.95 13.90 -28.48
C ASN C 195 14.42 13.99 -28.91
N PHE C 196 14.70 14.06 -30.21
CA PHE C 196 16.08 14.11 -30.79
C PHE C 196 16.70 15.50 -30.63
N ASN C 197 15.92 16.56 -30.36
CA ASN C 197 16.47 17.94 -30.20
C ASN C 197 15.81 18.65 -29.01
N ASN C 198 15.38 17.90 -28.00
CA ASN C 198 14.66 18.39 -26.79
C ASN C 198 13.61 19.44 -27.18
N TRP C 199 12.86 19.18 -28.25
CA TRP C 199 11.66 19.96 -28.67
C TRP C 199 12.00 21.44 -28.84
N LYS C 200 13.18 21.73 -29.40
CA LYS C 200 13.61 23.12 -29.69
C LYS C 200 13.55 23.33 -31.20
N LEU C 201 13.23 24.55 -31.62
CA LEU C 201 13.44 25.01 -33.01
C LEU C 201 14.96 25.09 -33.22
N ASP C 202 15.44 24.47 -34.30
CA ASP C 202 16.89 24.32 -34.57
C ASP C 202 17.06 24.37 -36.08
N SER C 203 17.93 25.24 -36.58
CA SER C 203 18.15 25.46 -38.04
C SER C 203 18.61 24.17 -38.73
N ARG C 204 19.20 23.21 -37.99
CA ARG C 204 19.64 21.92 -38.57
C ARG C 204 18.42 21.01 -38.82
N TYR C 205 17.26 21.35 -38.23
CA TYR C 205 16.00 20.58 -38.38
C TYR C 205 14.98 21.39 -39.20
N MET C 206 15.47 22.34 -40.00
CA MET C 206 14.63 23.11 -40.97
C MET C 206 14.41 22.26 -42.22
N MET C 207 13.16 22.01 -42.59
CA MET C 207 12.81 21.22 -43.80
C MET C 207 13.12 22.04 -45.06
N LYS C 208 13.41 21.35 -46.16
CA LYS C 208 13.58 21.95 -47.50
C LYS C 208 12.25 21.80 -48.26
N TYR C 209 11.97 22.75 -49.15
CA TYR C 209 10.70 22.79 -49.93
C TYR C 209 10.99 22.41 -51.38
N ASP C 210 10.13 21.55 -51.91
CA ASP C 210 10.03 21.15 -53.33
C ASP C 210 8.77 21.80 -53.91
N GLU C 211 8.93 22.78 -54.81
CA GLU C 211 7.80 23.59 -55.37
C GLU C 211 7.01 22.79 -56.40
N THR C 212 7.59 21.69 -56.92
CA THR C 212 6.97 20.81 -57.95
C THR C 212 5.96 19.87 -57.29
N ASN C 213 6.35 19.22 -56.20
CA ASN C 213 5.51 18.27 -55.43
C ASN C 213 4.75 19.02 -54.33
N HIS C 214 5.09 20.30 -54.09
CA HIS C 214 4.55 21.15 -52.99
C HIS C 214 4.67 20.41 -51.65
N CYS C 215 5.86 19.87 -51.37
CA CYS C 215 6.17 19.12 -50.13
C CYS C 215 7.41 19.73 -49.45
N TRP C 216 7.31 20.00 -48.15
CA TRP C 216 8.49 20.13 -47.25
C TRP C 216 9.05 18.73 -46.99
N TRP C 217 10.37 18.58 -46.91
CA TRP C 217 10.99 17.26 -46.61
C TRP C 217 12.33 17.42 -45.93
N ILE C 218 12.69 16.43 -45.11
CA ILE C 218 13.99 16.36 -44.40
C ILE C 218 14.26 14.89 -44.09
N THR C 219 15.53 14.49 -44.13
CA THR C 219 16.02 13.17 -43.65
C THR C 219 16.63 13.39 -42.26
N LEU C 220 15.96 12.89 -41.23
CA LEU C 220 16.49 12.83 -39.86
C LEU C 220 17.53 11.72 -39.81
N GLU C 221 18.72 12.02 -39.31
CA GLU C 221 19.86 11.08 -39.16
C GLU C 221 20.26 11.04 -37.68
N GLU C 222 21.03 10.02 -37.30
CA GLU C 222 21.61 9.86 -35.94
C GLU C 222 20.48 9.78 -34.91
N LEU C 223 19.37 9.13 -35.25
CA LEU C 223 18.28 8.80 -34.30
C LEU C 223 18.71 7.56 -33.51
N THR C 224 18.88 7.68 -32.19
CA THR C 224 19.41 6.62 -31.31
C THR C 224 18.33 6.14 -30.33
N ALA C 225 17.27 6.93 -30.11
CA ALA C 225 16.13 6.60 -29.21
C ALA C 225 15.35 5.41 -29.79
N GLY C 226 14.83 4.53 -28.91
CA GLY C 226 13.99 3.37 -29.25
C GLY C 226 12.71 3.78 -29.98
N GLU C 227 12.09 4.88 -29.57
CA GLU C 227 10.92 5.50 -30.25
C GLU C 227 11.26 6.95 -30.58
N THR C 228 11.09 7.34 -31.85
CA THR C 228 11.23 8.74 -32.31
C THR C 228 9.88 9.43 -32.13
N GLN C 229 9.84 10.48 -31.33
CA GLN C 229 8.63 11.32 -31.11
C GLN C 229 8.88 12.68 -31.77
N PHE C 230 7.92 13.21 -32.51
CA PHE C 230 8.10 14.51 -33.21
C PHE C 230 6.76 15.18 -33.49
N GLN C 231 6.86 16.50 -33.69
CA GLN C 231 5.83 17.39 -34.29
C GLN C 231 6.54 18.30 -35.29
N TYR C 232 5.74 19.04 -36.06
CA TYR C 232 6.19 20.13 -36.95
C TYR C 232 5.80 21.47 -36.31
N PHE C 233 6.68 22.46 -36.40
CA PHE C 233 6.34 23.90 -36.27
C PHE C 233 6.36 24.51 -37.67
N VAL C 234 5.18 24.80 -38.23
CA VAL C 234 5.00 25.44 -39.57
C VAL C 234 4.78 26.94 -39.33
N TYR C 235 5.36 27.79 -40.17
CA TYR C 235 5.33 29.26 -40.01
C TYR C 235 5.15 29.97 -41.36
N SER C 236 4.28 30.99 -41.37
CA SER C 236 4.24 32.06 -42.41
C SER C 236 3.94 33.41 -41.74
N ALA C 237 4.44 34.49 -42.36
CA ALA C 237 4.10 35.89 -42.07
C ALA C 237 2.56 36.07 -41.95
N SER C 238 1.79 35.42 -42.83
CA SER C 238 0.31 35.54 -42.93
C SER C 238 -0.40 34.77 -41.80
N ASP C 239 0.08 33.57 -41.46
CA ASP C 239 -0.64 32.63 -40.55
C ASP C 239 -0.01 32.63 -39.16
N GLY C 240 1.21 33.17 -39.02
CA GLY C 240 2.06 32.92 -37.86
C GLY C 240 2.46 31.45 -37.80
N GLY C 241 2.76 30.95 -36.60
CA GLY C 241 3.35 29.61 -36.39
C GLY C 241 2.33 28.67 -35.80
N THR C 242 2.40 27.39 -36.17
CA THR C 242 1.48 26.33 -35.67
C THR C 242 2.29 25.05 -35.40
N TYR C 243 2.05 24.43 -34.25
CA TYR C 243 2.50 23.06 -33.90
C TYR C 243 1.43 22.08 -34.43
N LEU C 244 1.82 21.10 -35.24
CA LEU C 244 0.93 19.97 -35.65
C LEU C 244 1.78 18.73 -35.85
N CYS C 245 1.18 17.53 -35.75
CA CYS C 245 1.88 16.24 -35.94
C CYS C 245 1.76 15.85 -37.41
N ASP C 246 2.29 14.69 -37.79
CA ASP C 246 2.25 14.21 -39.20
C ASP C 246 0.93 13.48 -39.43
N PRO C 247 0.15 13.89 -40.45
CA PRO C 247 -1.17 13.28 -40.67
C PRO C 247 -1.12 11.81 -41.12
N TYR C 248 0.05 11.30 -41.50
CA TYR C 248 0.22 9.90 -42.00
C TYR C 248 0.85 9.02 -40.91
N CYS C 249 0.99 9.51 -39.68
CA CYS C 249 1.66 8.75 -38.59
C CYS C 249 0.75 7.56 -38.19
N GLU C 250 1.39 6.42 -37.88
CA GLU C 250 0.69 5.14 -37.57
C GLU C 250 0.51 5.01 -36.06
N GLN C 251 1.13 5.89 -35.28
CA GLN C 251 1.02 5.89 -33.80
CA GLN C 251 1.01 5.89 -33.81
C GLN C 251 1.19 7.33 -33.32
N ALA C 252 0.36 7.76 -32.38
CA ALA C 252 0.41 9.14 -31.82
C ALA C 252 0.22 9.06 -30.31
N LEU C 253 0.81 10.02 -29.60
CA LEU C 253 0.47 10.32 -28.19
C LEU C 253 -0.41 11.56 -28.16
N GLU C 254 -1.42 11.55 -27.29
CA GLU C 254 -2.43 12.62 -27.18
C GLU C 254 -2.36 13.18 -25.76
N LYS C 255 -2.10 14.48 -25.64
CA LYS C 255 -2.07 15.19 -24.33
C LYS C 255 -3.47 15.11 -23.71
N GLY C 256 -3.54 14.69 -22.45
CA GLY C 256 -4.79 14.48 -21.69
C GLY C 256 -5.22 13.03 -21.69
N VAL C 257 -4.53 12.16 -22.43
CA VAL C 257 -4.79 10.69 -22.48
C VAL C 257 -3.51 9.97 -22.06
N ASP C 258 -2.46 10.09 -22.86
CA ASP C 258 -1.17 9.37 -22.65
C ASP C 258 -0.36 10.12 -21.59
N THR C 259 -0.12 9.47 -20.44
CA THR C 259 0.61 10.05 -19.28
C THR C 259 2.09 10.28 -19.63
N ASN C 260 2.58 9.69 -20.73
CA ASN C 260 3.99 9.84 -21.19
C ASN C 260 4.07 10.86 -22.34
N PHE C 261 3.04 11.70 -22.53
CA PHE C 261 3.08 12.80 -23.52
C PHE C 261 4.27 13.69 -23.20
N PRO C 262 5.19 13.92 -24.16
CA PRO C 262 6.43 14.64 -23.90
C PRO C 262 6.20 16.08 -23.40
N THR C 263 6.97 16.52 -22.40
CA THR C 263 6.71 17.73 -21.58
C THR C 263 6.90 19.00 -22.44
N GLY C 264 7.79 18.95 -23.43
CA GLY C 264 8.12 20.09 -24.31
C GLY C 264 7.31 20.11 -25.60
N ALA C 265 6.44 19.12 -25.82
CA ALA C 265 5.53 19.05 -27.00
C ALA C 265 4.27 19.85 -26.72
N GLN C 266 3.65 20.41 -27.76
CA GLN C 266 2.32 21.06 -27.64
C GLN C 266 1.22 20.02 -27.91
N ALA C 267 0.14 20.06 -27.12
CA ALA C 267 -1.16 19.42 -27.41
C ALA C 267 -1.58 19.82 -28.83
N PRO C 268 -2.38 18.99 -29.55
CA PRO C 268 -2.86 17.69 -29.05
C PRO C 268 -1.97 16.45 -29.22
N TYR C 269 -1.19 16.36 -30.30
CA TYR C 269 -0.59 15.10 -30.80
C TYR C 269 0.91 15.24 -31.08
N VAL C 270 1.65 14.19 -30.73
CA VAL C 270 3.03 13.93 -31.24
C VAL C 270 2.97 12.62 -32.03
N SER C 271 3.63 12.58 -33.18
CA SER C 271 3.77 11.35 -34.01
C SER C 271 4.89 10.49 -33.41
N VAL C 272 4.67 9.19 -33.37
CA VAL C 272 5.64 8.20 -32.81
C VAL C 272 6.05 7.28 -33.96
N VAL C 273 7.35 7.08 -34.13
CA VAL C 273 7.92 6.14 -35.15
C VAL C 273 8.83 5.16 -34.41
N SER C 274 8.45 3.88 -34.40
CA SER C 274 9.38 2.77 -34.05
C SER C 274 10.27 2.53 -35.27
N THR C 275 11.52 2.98 -35.18
CA THR C 275 12.59 2.82 -36.19
C THR C 275 13.06 1.36 -36.22
N ASN C 276 12.79 0.59 -35.14
CA ASN C 276 13.19 -0.84 -34.99
C ASN C 276 12.00 -1.67 -34.51
N PRO C 277 10.93 -1.82 -35.34
CA PRO C 277 9.69 -2.45 -34.89
C PRO C 277 9.72 -3.98 -34.92
N GLN C 278 8.84 -4.60 -34.12
CA GLN C 278 8.59 -6.07 -34.12
C GLN C 278 7.27 -6.33 -34.83
N PRO C 279 7.26 -6.37 -36.19
CA PRO C 279 6.02 -6.46 -36.95
C PRO C 279 5.28 -7.77 -36.68
N TYR C 280 3.95 -7.71 -36.70
CA TYR C 280 3.05 -8.84 -36.39
C TYR C 280 3.19 -9.92 -37.47
N GLN C 281 3.26 -11.18 -37.05
CA GLN C 281 3.34 -12.36 -37.96
C GLN C 281 1.93 -12.93 -38.14
N TRP C 282 1.30 -12.61 -39.27
CA TRP C 282 -0.06 -13.09 -39.68
C TRP C 282 -0.05 -14.60 -39.84
N SER C 283 -1.13 -15.27 -39.38
CA SER C 283 -1.36 -16.73 -39.57
C SER C 283 -1.37 -17.05 -41.07
N ALA C 284 -0.99 -18.28 -41.43
CA ALA C 284 -0.76 -18.75 -42.81
C ALA C 284 -2.05 -19.37 -43.37
N GLU C 286 -4.65 -16.78 -46.62
CA GLU C 286 -5.79 -16.28 -47.45
C GLU C 286 -7.10 -16.42 -46.67
N PHE C 287 -7.77 -15.32 -46.36
CA PHE C 287 -9.11 -15.32 -45.69
C PHE C 287 -10.17 -14.72 -46.62
N GLU C 288 -11.33 -15.39 -46.69
CA GLU C 288 -12.51 -14.98 -47.46
C GLU C 288 -13.74 -15.00 -46.54
N MET C 289 -14.52 -13.91 -46.53
CA MET C 289 -15.79 -13.80 -45.74
C MET C 289 -16.77 -14.86 -46.27
N LYS C 290 -17.31 -15.72 -45.38
CA LYS C 290 -18.38 -16.68 -45.72
C LYS C 290 -19.70 -15.92 -45.93
N ASN C 291 -20.57 -16.42 -46.81
CA ASN C 291 -21.86 -15.80 -47.18
C ASN C 291 -21.60 -14.35 -47.63
N LYS C 292 -20.66 -14.19 -48.57
CA LYS C 292 -20.12 -12.90 -49.09
C LYS C 292 -21.23 -11.96 -49.54
N GLU C 293 -22.25 -12.46 -50.25
CA GLU C 293 -23.25 -11.61 -50.95
C GLU C 293 -24.41 -11.26 -50.00
N ASN C 294 -24.50 -11.92 -48.84
CA ASN C 294 -25.61 -11.71 -47.86
C ASN C 294 -25.11 -12.03 -46.46
N PRO C 295 -24.02 -11.38 -46.00
CA PRO C 295 -23.48 -11.66 -44.67
C PRO C 295 -24.36 -11.15 -43.52
N VAL C 296 -24.26 -11.83 -42.38
CA VAL C 296 -24.77 -11.33 -41.07
C VAL C 296 -23.60 -10.61 -40.39
N ILE C 297 -23.76 -9.29 -40.24
CA ILE C 297 -22.76 -8.35 -39.63
C ILE C 297 -23.16 -8.06 -38.18
N TYR C 298 -22.21 -8.21 -37.25
CA TYR C 298 -22.37 -7.88 -35.80
C TYR C 298 -21.68 -6.55 -35.53
N GLU C 299 -22.46 -5.48 -35.29
CA GLU C 299 -21.93 -4.13 -34.99
C GLU C 299 -21.51 -4.09 -33.52
N LEU C 300 -20.27 -3.65 -33.30
CA LEU C 300 -19.55 -3.77 -32.01
C LEU C 300 -18.85 -2.44 -31.72
N LEU C 301 -19.08 -1.88 -30.53
CA LEU C 301 -18.30 -0.72 -29.99
C LEU C 301 -17.33 -1.28 -28.96
N LEU C 302 -16.03 -1.24 -29.23
CA LEU C 302 -14.99 -1.87 -28.35
C LEU C 302 -15.11 -1.30 -26.93
N ARG C 303 -15.47 -0.02 -26.81
CA ARG C 303 -15.59 0.67 -25.50
C ARG C 303 -16.58 -0.05 -24.56
N ASP C 304 -17.70 -0.58 -25.07
CA ASP C 304 -18.85 -1.07 -24.26
C ASP C 304 -19.15 -2.56 -24.53
N PHE C 305 -18.35 -3.23 -25.38
CA PHE C 305 -18.52 -4.68 -25.68
C PHE C 305 -18.10 -5.53 -24.48
N THR C 306 -17.12 -5.07 -23.69
CA THR C 306 -16.57 -5.78 -22.50
C THR C 306 -16.24 -4.78 -21.39
N SER C 307 -15.99 -5.26 -20.16
CA SER C 307 -15.59 -4.44 -18.99
C SER C 307 -14.21 -3.79 -19.23
N SER C 308 -13.32 -4.46 -19.96
CA SER C 308 -11.97 -3.93 -20.32
C SER C 308 -12.10 -2.85 -21.40
N GLY C 309 -13.20 -2.86 -22.16
CA GLY C 309 -13.54 -1.85 -23.18
C GLY C 309 -12.45 -1.67 -24.21
N ASN C 310 -11.72 -2.75 -24.53
CA ASN C 310 -10.51 -2.73 -25.40
C ASN C 310 -10.47 -4.02 -26.23
N LEU C 311 -9.46 -4.19 -27.08
CA LEU C 311 -9.31 -5.36 -27.99
C LEU C 311 -9.12 -6.64 -27.16
N ALA C 312 -8.37 -6.55 -26.04
CA ALA C 312 -8.05 -7.67 -25.13
C ALA C 312 -9.34 -8.32 -24.60
N GLY C 313 -10.29 -7.49 -24.13
CA GLY C 313 -11.61 -7.94 -23.68
C GLY C 313 -12.39 -8.62 -24.80
N ALA C 314 -12.44 -7.99 -25.98
CA ALA C 314 -13.23 -8.45 -27.15
C ALA C 314 -12.68 -9.77 -27.70
N MET C 315 -11.34 -9.95 -27.66
CA MET C 315 -10.61 -11.20 -28.00
C MET C 315 -11.27 -12.41 -27.32
N GLU C 316 -11.62 -12.26 -26.04
CA GLU C 316 -12.12 -13.36 -25.18
C GLU C 316 -13.52 -13.80 -25.63
N LYS C 317 -14.24 -12.96 -26.40
CA LYS C 317 -15.66 -13.20 -26.79
C LYS C 317 -15.78 -13.71 -28.23
N LEU C 318 -14.67 -13.95 -28.93
CA LEU C 318 -14.70 -14.38 -30.35
C LEU C 318 -15.29 -15.79 -30.47
N PRO C 319 -15.04 -16.73 -29.53
CA PRO C 319 -15.69 -18.04 -29.60
C PRO C 319 -17.22 -17.92 -29.46
N TYR C 320 -17.69 -16.99 -28.63
CA TYR C 320 -19.14 -16.65 -28.47
C TYR C 320 -19.70 -16.19 -29.82
N LEU C 321 -19.05 -15.23 -30.49
CA LEU C 321 -19.54 -14.63 -31.76
C LEU C 321 -19.49 -15.67 -32.88
N LYS C 322 -18.47 -16.53 -32.88
CA LYS C 322 -18.38 -17.69 -33.83
C LYS C 322 -19.61 -18.59 -33.67
N GLU C 323 -19.89 -19.07 -32.45
CA GLU C 323 -21.04 -19.97 -32.16
C GLU C 323 -22.38 -19.28 -32.48
N LEU C 324 -22.46 -17.95 -32.34
CA LEU C 324 -23.67 -17.17 -32.72
C LEU C 324 -23.89 -17.31 -34.24
N GLY C 325 -22.80 -17.47 -35.01
CA GLY C 325 -22.80 -17.87 -36.43
C GLY C 325 -22.67 -16.68 -37.38
N ILE C 326 -22.23 -15.52 -36.88
CA ILE C 326 -22.12 -14.25 -37.65
C ILE C 326 -21.05 -14.43 -38.73
N ASP C 327 -21.12 -13.63 -39.81
CA ASP C 327 -20.14 -13.68 -40.94
C ASP C 327 -19.08 -12.58 -40.78
N ALA C 328 -19.39 -11.53 -40.03
CA ALA C 328 -18.52 -10.35 -39.89
C ALA C 328 -18.84 -9.58 -38.61
N ILE C 329 -17.81 -8.95 -38.03
CA ILE C 329 -17.92 -7.91 -36.96
C ILE C 329 -17.73 -6.55 -37.64
N GLU C 330 -18.62 -5.61 -37.36
CA GLU C 330 -18.40 -4.19 -37.76
C GLU C 330 -17.96 -3.40 -36.52
N LEU C 331 -16.70 -2.98 -36.52
CA LEU C 331 -16.11 -2.15 -35.44
C LEU C 331 -16.52 -0.70 -35.66
N MET C 332 -17.16 -0.10 -34.66
CA MET C 332 -17.40 1.36 -34.67
C MET C 332 -16.03 2.03 -34.66
N PRO C 333 -15.91 3.30 -35.10
CA PRO C 333 -14.62 3.82 -35.57
C PRO C 333 -13.44 3.59 -34.61
N VAL C 334 -12.32 3.10 -35.12
CA VAL C 334 -11.08 2.79 -34.32
C VAL C 334 -9.97 3.79 -34.68
N GLN C 335 -10.17 4.66 -35.66
CA GLN C 335 -9.13 5.66 -36.04
C GLN C 335 -9.05 6.67 -34.91
N GLU C 336 -7.83 7.12 -34.61
CA GLU C 336 -7.51 8.08 -33.50
C GLU C 336 -8.64 9.10 -33.38
N PHE C 337 -9.41 9.06 -32.29
CA PHE C 337 -10.55 9.97 -32.01
C PHE C 337 -10.20 10.84 -30.79
N ALA C 338 -10.80 12.03 -30.70
CA ALA C 338 -10.59 12.99 -29.58
C ALA C 338 -10.85 12.28 -28.25
N GLY C 339 -9.85 12.29 -27.36
CA GLY C 339 -9.91 11.67 -26.01
C GLY C 339 -9.86 10.15 -26.08
N ASN C 340 -10.41 9.48 -25.07
CA ASN C 340 -10.39 7.99 -24.97
C ASN C 340 -11.74 7.48 -24.47
N ASP C 341 -12.84 8.21 -24.72
CA ASP C 341 -14.21 7.82 -24.29
C ASP C 341 -15.23 8.33 -25.31
N SER C 342 -15.49 7.54 -26.35
CA SER C 342 -16.17 8.00 -27.58
C SER C 342 -16.79 6.82 -28.33
N TRP C 343 -17.90 7.08 -29.03
CA TRP C 343 -18.38 6.26 -30.15
C TRP C 343 -17.31 6.18 -31.25
N GLY C 344 -16.59 7.29 -31.50
CA GLY C 344 -15.45 7.36 -32.44
C GLY C 344 -15.70 8.25 -33.65
N TYR C 345 -16.84 8.94 -33.74
CA TYR C 345 -17.22 9.77 -34.92
C TYR C 345 -16.62 11.17 -34.77
N ASN C 346 -15.34 11.21 -34.38
CA ASN C 346 -14.60 12.44 -34.02
C ASN C 346 -13.11 12.18 -34.27
N THR C 347 -12.79 11.77 -35.51
CA THR C 347 -11.45 11.31 -35.96
C THR C 347 -10.47 12.49 -35.98
N GLY C 348 -9.33 12.36 -35.29
CA GLY C 348 -8.22 13.31 -35.32
C GLY C 348 -7.17 12.92 -36.34
N LEU C 349 -6.81 11.63 -36.39
CA LEU C 349 -5.80 11.07 -37.32
C LEU C 349 -6.40 9.80 -37.94
N TYR C 350 -6.14 9.57 -39.23
CA TYR C 350 -6.82 8.51 -40.04
C TYR C 350 -5.92 7.31 -40.29
N PHE C 351 -4.60 7.46 -40.13
CA PHE C 351 -3.58 6.40 -40.33
C PHE C 351 -3.07 5.88 -38.98
N ALA C 352 -3.49 6.48 -37.85
CA ALA C 352 -3.21 6.00 -36.48
C ALA C 352 -4.51 5.51 -35.86
N LEU C 353 -4.52 4.29 -35.33
CA LEU C 353 -5.70 3.74 -34.61
C LEU C 353 -5.60 4.17 -33.15
N ASP C 354 -6.75 4.26 -32.47
CA ASP C 354 -6.80 4.76 -31.07
C ASP C 354 -6.14 3.71 -30.17
N ALA C 355 -5.07 4.13 -29.47
CA ALA C 355 -4.26 3.31 -28.55
C ALA C 355 -5.07 2.93 -27.31
N SER C 356 -6.21 3.59 -27.04
CA SER C 356 -7.10 3.31 -25.88
C SER C 356 -7.72 1.92 -26.03
N TYR C 357 -7.83 1.42 -27.25
CA TYR C 357 -8.33 0.05 -27.55
C TYR C 357 -7.16 -0.94 -27.64
N GLY C 358 -5.97 -0.48 -28.07
CA GLY C 358 -4.74 -1.29 -28.06
C GLY C 358 -3.67 -0.74 -28.99
N THR C 359 -2.51 -1.40 -29.03
CA THR C 359 -1.39 -1.08 -29.95
C THR C 359 -1.76 -1.51 -31.37
N GLN C 360 -0.96 -1.12 -32.36
CA GLN C 360 -1.14 -1.50 -33.78
C GLN C 360 -1.14 -3.03 -33.90
N ASN C 361 -0.29 -3.72 -33.13
CA ASN C 361 -0.13 -5.19 -33.21
C ASN C 361 -1.28 -5.89 -32.49
N GLU C 362 -1.87 -5.26 -31.48
CA GLU C 362 -3.09 -5.77 -30.79
C GLU C 362 -4.29 -5.68 -31.76
N TYR C 363 -4.35 -4.65 -32.60
CA TYR C 363 -5.36 -4.56 -33.68
C TYR C 363 -5.15 -5.71 -34.68
N LYS C 364 -3.92 -5.91 -35.15
CA LYS C 364 -3.60 -6.95 -36.17
C LYS C 364 -3.99 -8.32 -35.61
N ALA C 365 -3.56 -8.63 -34.38
CA ALA C 365 -3.88 -9.88 -33.64
C ALA C 365 -5.40 -10.10 -33.61
N PHE C 366 -6.18 -9.08 -33.28
CA PHE C 366 -7.66 -9.18 -33.18
C PHE C 366 -8.27 -9.58 -34.53
N ILE C 367 -7.84 -8.90 -35.59
CA ILE C 367 -8.32 -9.14 -36.98
C ILE C 367 -7.92 -10.56 -37.40
N ASP C 368 -6.70 -10.98 -37.05
CA ASP C 368 -6.16 -12.35 -37.32
C ASP C 368 -6.99 -13.40 -36.59
N ALA C 369 -7.32 -13.16 -35.31
CA ALA C 369 -8.14 -14.06 -34.46
C ALA C 369 -9.55 -14.16 -35.05
N CYS C 370 -10.13 -13.03 -35.46
CA CYS C 370 -11.45 -12.99 -36.14
C CYS C 370 -11.42 -13.94 -37.34
N HIS C 371 -10.45 -13.73 -38.24
CA HIS C 371 -10.25 -14.53 -39.48
C HIS C 371 -10.15 -16.03 -39.15
N GLN C 372 -9.33 -16.40 -38.16
CA GLN C 372 -9.08 -17.82 -37.76
C GLN C 372 -10.38 -18.44 -37.23
N ASN C 373 -11.27 -17.61 -36.69
CA ASN C 373 -12.62 -17.99 -36.19
C ASN C 373 -13.65 -17.98 -37.33
N GLY C 374 -13.22 -17.64 -38.55
CA GLY C 374 -14.08 -17.60 -39.76
C GLY C 374 -14.92 -16.35 -39.83
N ILE C 375 -14.48 -15.27 -39.16
CA ILE C 375 -15.23 -13.98 -39.05
C ILE C 375 -14.42 -12.87 -39.72
N ALA C 376 -15.05 -12.16 -40.67
CA ALA C 376 -14.48 -10.98 -41.37
C ALA C 376 -14.57 -9.75 -40.46
N VAL C 377 -13.78 -8.73 -40.77
CA VAL C 377 -13.78 -7.44 -40.01
C VAL C 377 -14.05 -6.29 -40.99
N ILE C 378 -15.06 -5.50 -40.67
CA ILE C 378 -15.42 -4.23 -41.37
C ILE C 378 -15.04 -3.09 -40.42
N PHE C 379 -14.40 -2.04 -40.94
CA PHE C 379 -14.11 -0.79 -40.20
C PHE C 379 -15.16 0.26 -40.57
N ASP C 380 -15.80 0.80 -39.55
CA ASP C 380 -16.62 2.05 -39.64
C ASP C 380 -15.65 3.22 -39.85
N VAL C 381 -15.78 3.97 -40.94
CA VAL C 381 -14.85 5.08 -41.30
C VAL C 381 -15.66 6.38 -41.50
N VAL C 382 -15.08 7.49 -41.05
CA VAL C 382 -15.77 8.80 -40.83
C VAL C 382 -15.02 9.89 -41.60
N TYR C 383 -15.42 10.11 -42.87
CA TYR C 383 -14.76 11.04 -43.82
C TYR C 383 -15.66 12.24 -44.12
N ASN C 384 -16.82 12.38 -43.49
CA ASN C 384 -17.63 13.62 -43.64
C ASN C 384 -16.90 14.79 -42.95
N HIS C 385 -16.31 14.53 -41.78
CA HIS C 385 -15.66 15.58 -40.93
C HIS C 385 -14.50 14.96 -40.16
N THR C 386 -13.56 15.82 -39.74
CA THR C 386 -12.48 15.47 -38.78
C THR C 386 -12.70 16.36 -37.56
N ASN C 387 -11.63 16.82 -36.91
CA ASN C 387 -11.72 17.66 -35.68
C ASN C 387 -10.55 18.63 -35.67
N ASN C 388 -10.54 19.55 -34.70
CA ASN C 388 -9.55 20.66 -34.64
C ASN C 388 -8.13 20.12 -34.47
N ASP C 389 -7.99 18.85 -34.03
CA ASP C 389 -6.67 18.20 -33.77
C ASP C 389 -5.97 17.80 -35.08
N ASN C 390 -6.73 17.56 -36.15
CA ASN C 390 -6.20 17.06 -37.45
C ASN C 390 -5.17 18.03 -38.00
N PRO C 391 -3.93 17.59 -38.32
CA PRO C 391 -2.95 18.46 -38.98
C PRO C 391 -3.49 19.22 -40.21
N PHE C 392 -4.38 18.61 -40.99
CA PHE C 392 -5.08 19.26 -42.14
C PHE C 392 -5.82 20.52 -41.67
N ALA C 393 -6.47 20.44 -40.51
CA ALA C 393 -7.17 21.59 -39.88
C ALA C 393 -6.13 22.62 -39.45
N ARG C 394 -5.15 22.21 -38.64
CA ARG C 394 -4.18 23.11 -37.97
C ARG C 394 -3.32 23.81 -39.03
N MET C 395 -3.08 23.17 -40.18
CA MET C 395 -2.15 23.66 -41.23
C MET C 395 -2.65 24.98 -41.84
N TYR C 396 -3.96 25.13 -42.08
CA TYR C 396 -4.56 26.39 -42.58
C TYR C 396 -5.80 26.71 -41.74
N TRP C 397 -5.59 27.57 -40.74
CA TRP C 397 -6.52 27.83 -39.61
C TRP C 397 -6.82 29.32 -39.53
N ASP C 398 -8.08 29.63 -39.22
CA ASP C 398 -8.62 31.01 -39.08
C ASP C 398 -8.65 31.32 -37.58
N THR C 399 -7.72 32.16 -37.12
CA THR C 399 -7.50 32.48 -35.68
C THR C 399 -8.50 33.54 -35.18
N PHE C 400 -9.31 34.11 -36.07
CA PHE C 400 -10.38 35.08 -35.72
C PHE C 400 -11.70 34.36 -35.48
N ASN C 401 -12.04 33.37 -36.33
CA ASN C 401 -13.36 32.69 -36.34
C ASN C 401 -13.24 31.29 -35.71
N ASN C 402 -12.00 30.84 -35.48
CA ASN C 402 -11.63 29.54 -34.86
C ASN C 402 -12.29 28.40 -35.65
N ARG C 403 -11.96 28.34 -36.94
CA ARG C 403 -12.41 27.29 -37.89
C ARG C 403 -11.38 27.20 -39.01
N PRO C 404 -11.47 26.21 -39.92
CA PRO C 404 -10.56 26.14 -41.07
C PRO C 404 -10.54 27.42 -41.90
N SER C 405 -9.36 27.79 -42.39
CA SER C 405 -9.13 28.94 -43.29
C SER C 405 -9.97 28.73 -44.56
N THR C 406 -10.44 29.82 -45.18
CA THR C 406 -11.00 29.84 -46.55
C THR C 406 -9.97 29.28 -47.55
N LYS C 407 -8.69 29.23 -47.17
CA LYS C 407 -7.56 28.77 -48.04
C LYS C 407 -7.27 27.28 -47.84
N ASN C 408 -7.93 26.62 -46.88
CA ASN C 408 -7.69 25.19 -46.54
C ASN C 408 -8.05 24.34 -47.75
N PRO C 409 -7.12 23.51 -48.29
CA PRO C 409 -7.39 22.72 -49.48
C PRO C 409 -8.18 21.42 -49.26
N TRP C 410 -8.27 20.92 -48.02
CA TRP C 410 -9.03 19.69 -47.69
C TRP C 410 -10.41 20.03 -47.13
N LEU C 411 -10.51 21.10 -46.33
CA LEU C 411 -11.69 21.36 -45.45
C LEU C 411 -12.40 22.65 -45.85
N ASN C 412 -13.71 22.68 -45.61
CA ASN C 412 -14.57 23.88 -45.75
C ASN C 412 -14.32 24.78 -44.54
N ALA C 413 -14.32 26.11 -44.73
CA ALA C 413 -14.36 27.11 -43.65
C ALA C 413 -15.67 26.95 -42.88
N VAL C 414 -16.78 26.77 -43.60
CA VAL C 414 -18.15 26.63 -43.04
C VAL C 414 -18.84 25.43 -43.71
N THR C 415 -19.44 24.56 -42.89
CA THR C 415 -20.19 23.34 -43.32
C THR C 415 -21.29 23.77 -44.30
N PRO C 416 -21.28 23.30 -45.55
CA PRO C 416 -22.34 23.62 -46.50
C PRO C 416 -23.73 23.12 -46.10
N HIS C 417 -23.82 21.95 -45.45
CA HIS C 417 -25.08 21.29 -45.00
C HIS C 417 -25.35 21.67 -43.53
N GLN C 418 -26.02 22.80 -43.33
CA GLN C 418 -26.11 23.50 -42.01
C GLN C 418 -26.97 22.69 -41.04
N LYS C 419 -27.83 21.80 -41.53
CA LYS C 419 -28.64 20.87 -40.68
C LYS C 419 -27.72 19.96 -39.86
N TYR C 420 -26.61 19.49 -40.42
CA TYR C 420 -25.70 18.52 -39.74
C TYR C 420 -24.28 19.05 -39.69
N VAL C 421 -23.92 19.60 -38.53
CA VAL C 421 -22.57 20.18 -38.24
C VAL C 421 -21.97 19.40 -37.07
N PHE C 422 -21.24 18.32 -37.37
CA PHE C 422 -20.72 17.36 -36.35
C PHE C 422 -19.41 17.87 -35.74
N SER C 423 -18.71 18.76 -36.46
CA SER C 423 -17.44 19.39 -36.00
C SER C 423 -17.23 20.67 -36.78
N PRO C 424 -16.26 21.54 -36.39
CA PRO C 424 -15.93 22.71 -37.20
C PRO C 424 -15.21 22.37 -38.53
N ASP C 425 -14.95 21.10 -38.80
CA ASP C 425 -13.94 20.61 -39.78
C ASP C 425 -14.60 19.65 -40.78
N ASP C 426 -15.46 20.21 -41.64
CA ASP C 426 -16.19 19.48 -42.72
C ASP C 426 -15.25 19.31 -43.91
N PHE C 427 -15.03 18.07 -44.36
CA PHE C 427 -14.22 17.73 -45.56
C PHE C 427 -14.91 18.22 -46.83
N ASN C 428 -14.13 18.78 -47.77
CA ASN C 428 -14.54 19.17 -49.13
C ASN C 428 -14.22 17.98 -50.05
N HIS C 429 -15.24 17.19 -50.40
CA HIS C 429 -15.13 15.98 -51.26
C HIS C 429 -15.13 16.33 -52.75
N THR C 430 -15.06 17.62 -53.12
CA THR C 430 -14.71 18.08 -54.49
C THR C 430 -13.22 18.50 -54.54
N SER C 431 -12.51 18.54 -53.42
CA SER C 431 -11.03 18.75 -53.39
C SER C 431 -10.32 17.50 -53.91
N GLU C 432 -9.45 17.66 -54.91
CA GLU C 432 -8.60 16.55 -55.43
C GLU C 432 -7.70 16.07 -54.30
N GLN C 433 -7.27 16.97 -53.41
CA GLN C 433 -6.43 16.64 -52.23
C GLN C 433 -7.24 15.75 -51.27
N THR C 434 -8.50 16.09 -51.00
CA THR C 434 -9.36 15.32 -50.07
C THR C 434 -9.60 13.93 -50.67
N LYS C 435 -9.95 13.87 -51.96
CA LYS C 435 -10.25 12.58 -52.66
C LYS C 435 -9.04 11.65 -52.60
N ALA C 436 -7.84 12.19 -52.84
CA ALA C 436 -6.56 11.43 -52.88
C ALA C 436 -6.24 10.89 -51.48
N PHE C 437 -6.48 11.70 -50.43
CA PHE C 437 -6.28 11.32 -49.01
C PHE C 437 -7.18 10.14 -48.63
N VAL C 438 -8.49 10.27 -48.88
CA VAL C 438 -9.50 9.22 -48.59
C VAL C 438 -9.07 7.91 -49.26
N LYS C 439 -8.75 7.94 -50.56
CA LYS C 439 -8.39 6.74 -51.37
C LYS C 439 -7.11 6.10 -50.82
N ARG C 440 -6.10 6.89 -50.47
CA ARG C 440 -4.84 6.39 -49.87
C ARG C 440 -5.14 5.71 -48.53
N ASN C 441 -5.99 6.33 -47.71
CA ASN C 441 -6.38 5.82 -46.36
C ASN C 441 -7.14 4.49 -46.49
N LEU C 442 -8.07 4.38 -47.45
CA LEU C 442 -8.81 3.11 -47.70
C LEU C 442 -7.81 2.01 -48.06
N LYS C 443 -6.91 2.27 -49.00
CA LYS C 443 -5.84 1.32 -49.42
C LYS C 443 -4.98 0.95 -48.19
N TYR C 444 -4.56 1.94 -47.39
CA TYR C 444 -3.71 1.73 -46.18
C TYR C 444 -4.38 0.74 -45.22
N LEU C 445 -5.65 0.96 -44.88
CA LEU C 445 -6.38 0.14 -43.87
C LEU C 445 -6.51 -1.30 -44.39
N LEU C 446 -6.81 -1.47 -45.69
CA LEU C 446 -6.89 -2.81 -46.34
C LEU C 446 -5.51 -3.49 -46.30
N ASP C 447 -4.46 -2.75 -46.67
CA ASP C 447 -3.09 -3.32 -46.84
C ASP C 447 -2.49 -3.65 -45.47
N THR C 448 -2.65 -2.77 -44.47
CA THR C 448 -1.95 -2.89 -43.17
C THR C 448 -2.73 -3.78 -42.20
N TYR C 449 -4.07 -3.67 -42.20
CA TYR C 449 -4.93 -4.31 -41.17
C TYR C 449 -5.69 -5.52 -41.73
N HIS C 450 -5.59 -5.80 -43.03
CA HIS C 450 -6.09 -7.04 -43.68
C HIS C 450 -7.61 -7.14 -43.51
N ILE C 451 -8.31 -6.01 -43.40
CA ILE C 451 -9.79 -5.96 -43.19
C ILE C 451 -10.52 -6.34 -44.48
N ASP C 452 -11.82 -6.57 -44.37
CA ASP C 452 -12.63 -7.24 -45.42
C ASP C 452 -13.65 -6.28 -46.01
N GLY C 453 -13.77 -5.06 -45.47
CA GLY C 453 -14.73 -4.06 -45.96
C GLY C 453 -14.77 -2.81 -45.12
N PHE C 454 -15.62 -1.86 -45.54
CA PHE C 454 -15.82 -0.52 -44.93
C PHE C 454 -17.31 -0.26 -44.75
N ARG C 455 -17.63 0.40 -43.64
CA ARG C 455 -18.91 1.10 -43.47
C ARG C 455 -18.60 2.60 -43.43
N PHE C 456 -19.04 3.33 -44.46
CA PHE C 456 -18.84 4.79 -44.62
C PHE C 456 -19.96 5.51 -43.85
N ASP C 457 -19.57 6.23 -42.81
CA ASP C 457 -20.46 7.06 -41.97
C ASP C 457 -20.93 8.28 -42.78
N PHE C 458 -22.22 8.64 -42.63
CA PHE C 458 -22.84 9.94 -43.06
C PHE C 458 -22.33 10.34 -44.46
N THR C 459 -22.57 9.48 -45.46
CA THR C 459 -22.18 9.72 -46.87
C THR C 459 -23.06 10.82 -47.49
N LYS C 460 -24.23 11.09 -46.89
CA LYS C 460 -25.11 12.24 -47.22
C LYS C 460 -24.30 13.53 -47.06
N GLY C 461 -23.34 13.54 -46.14
CA GLY C 461 -22.47 14.68 -45.83
C GLY C 461 -21.47 15.02 -46.92
N PHE C 462 -21.27 14.15 -47.93
CA PHE C 462 -20.19 14.30 -48.93
C PHE C 462 -20.69 15.23 -50.06
N THR C 463 -21.04 16.47 -49.70
CA THR C 463 -21.72 17.45 -50.59
C THR C 463 -21.25 18.86 -50.26
N GLN C 464 -21.04 19.67 -51.30
CA GLN C 464 -20.65 21.11 -51.23
C GLN C 464 -21.87 22.02 -51.42
N LYS C 465 -23.05 21.45 -51.69
CA LYS C 465 -24.31 22.23 -51.87
C LYS C 465 -24.67 22.91 -50.56
N GLN C 466 -25.06 24.19 -50.62
CA GLN C 466 -25.55 24.99 -49.46
C GLN C 466 -27.00 24.56 -49.17
N THR C 467 -27.22 23.92 -48.03
CA THR C 467 -28.56 23.45 -47.56
C THR C 467 -28.69 23.77 -46.07
N THR C 468 -29.93 23.86 -45.59
CA THR C 468 -30.23 24.19 -44.17
C THR C 468 -31.18 23.16 -43.54
N GLY C 469 -31.68 22.19 -44.31
CA GLY C 469 -32.72 21.24 -43.86
C GLY C 469 -32.40 19.80 -44.23
N ASP C 470 -33.43 18.94 -44.23
CA ASP C 470 -33.34 17.51 -44.56
C ASP C 470 -33.71 17.28 -46.04
N ASP C 471 -34.74 17.99 -46.54
CA ASP C 471 -35.24 17.84 -47.94
C ASP C 471 -34.16 18.27 -48.94
N ASP C 472 -33.56 19.45 -48.72
CA ASP C 472 -32.61 20.07 -49.69
C ASP C 472 -31.30 19.26 -49.67
N LEU C 473 -30.95 18.67 -48.53
CA LEU C 473 -29.76 17.80 -48.37
C LEU C 473 -29.98 16.48 -49.09
N ALA C 474 -31.16 15.87 -48.91
CA ALA C 474 -31.52 14.52 -49.43
C ALA C 474 -31.71 14.58 -50.96
N ALA C 475 -32.07 15.74 -51.51
CA ALA C 475 -32.23 15.95 -52.98
C ALA C 475 -30.95 15.51 -53.69
N THR C 476 -31.09 14.90 -54.87
CA THR C 476 -29.97 14.30 -55.63
C THR C 476 -28.90 15.38 -55.87
N ASP C 477 -27.64 15.02 -55.61
CA ASP C 477 -26.43 15.84 -55.91
C ASP C 477 -25.51 14.99 -56.77
N PRO C 478 -25.49 15.17 -58.11
CA PRO C 478 -24.65 14.37 -58.99
C PRO C 478 -23.18 14.22 -58.53
N ALA C 479 -22.59 15.29 -57.98
CA ALA C 479 -21.20 15.31 -57.50
C ALA C 479 -21.05 14.37 -56.29
N ARG C 480 -22.09 14.24 -55.46
CA ARG C 480 -22.06 13.32 -54.29
C ARG C 480 -22.13 11.88 -54.81
N VAL C 481 -23.02 11.60 -55.77
CA VAL C 481 -23.13 10.27 -56.42
C VAL C 481 -21.76 9.90 -57.00
N SER C 482 -21.13 10.85 -57.72
CA SER C 482 -19.84 10.69 -58.45
C SER C 482 -18.73 10.24 -57.50
N VAL C 483 -18.54 10.96 -56.39
CA VAL C 483 -17.39 10.75 -55.48
C VAL C 483 -17.57 9.44 -54.70
N LEU C 484 -18.81 9.07 -54.36
CA LEU C 484 -19.09 7.81 -53.63
C LEU C 484 -18.73 6.63 -54.54
N LYS C 485 -19.06 6.78 -55.83
CA LYS C 485 -18.65 5.84 -56.91
C LYS C 485 -17.11 5.77 -56.95
N GLU C 486 -16.43 6.91 -56.86
CA GLU C 486 -14.94 7.01 -56.90
C GLU C 486 -14.33 6.20 -55.74
N TYR C 487 -14.84 6.39 -54.52
CA TYR C 487 -14.32 5.70 -53.30
C TYR C 487 -14.58 4.19 -53.40
N TYR C 488 -15.78 3.81 -53.85
CA TYR C 488 -16.16 2.40 -54.09
C TYR C 488 -15.12 1.74 -55.02
N GLU C 489 -14.83 2.36 -56.16
CA GLU C 489 -13.89 1.84 -57.19
C GLU C 489 -12.46 1.83 -56.64
N ALA C 490 -12.08 2.79 -55.79
CA ALA C 490 -10.76 2.81 -55.12
C ALA C 490 -10.62 1.57 -54.21
N VAL C 491 -11.67 1.20 -53.47
CA VAL C 491 -11.63 0.00 -52.57
C VAL C 491 -11.49 -1.27 -53.41
N LYS C 492 -12.36 -1.42 -54.43
CA LYS C 492 -12.41 -2.61 -55.30
C LYS C 492 -11.06 -2.80 -56.01
N ALA C 493 -10.38 -1.70 -56.36
CA ALA C 493 -9.08 -1.72 -57.06
C ALA C 493 -8.00 -2.37 -56.18
N VAL C 494 -8.12 -2.24 -54.85
CA VAL C 494 -7.14 -2.82 -53.88
C VAL C 494 -7.55 -4.26 -53.54
N LYS C 495 -8.84 -4.51 -53.32
CA LYS C 495 -9.39 -5.83 -52.90
C LYS C 495 -10.76 -6.04 -53.56
N GLU C 496 -10.82 -6.86 -54.61
CA GLU C 496 -12.00 -7.04 -55.50
C GLU C 496 -13.23 -7.46 -54.69
N ASP C 497 -13.04 -8.20 -53.60
CA ASP C 497 -14.17 -8.84 -52.85
C ASP C 497 -14.45 -8.07 -51.55
N ALA C 498 -13.82 -6.91 -51.36
CA ALA C 498 -14.04 -5.99 -50.21
C ALA C 498 -15.50 -5.53 -50.18
N MET C 499 -16.18 -5.69 -49.04
CA MET C 499 -17.57 -5.20 -48.87
C MET C 499 -17.54 -3.68 -48.61
N VAL C 500 -18.27 -2.92 -49.42
CA VAL C 500 -18.43 -1.45 -49.27
C VAL C 500 -19.88 -1.18 -48.85
N THR C 501 -20.08 -0.72 -47.62
CA THR C 501 -21.42 -0.31 -47.12
C THR C 501 -21.36 1.19 -46.84
N MET C 502 -22.43 1.91 -47.19
CA MET C 502 -22.57 3.36 -46.95
C MET C 502 -23.84 3.63 -46.15
N GLU C 503 -23.73 4.48 -45.12
CA GLU C 503 -24.90 4.98 -44.36
C GLU C 503 -25.32 6.27 -45.03
N HIS C 504 -26.27 6.18 -45.96
CA HIS C 504 -26.57 7.27 -46.95
C HIS C 504 -27.93 7.90 -46.63
N PHE C 505 -29.03 7.21 -46.92
CA PHE C 505 -30.42 7.67 -46.68
C PHE C 505 -30.77 8.87 -47.59
N CYS C 506 -30.24 8.87 -48.83
CA CYS C 506 -30.72 9.69 -49.98
C CYS C 506 -31.33 8.71 -51.00
N ALA C 507 -32.66 8.58 -51.01
CA ALA C 507 -33.39 7.44 -51.65
C ALA C 507 -32.98 7.24 -53.11
N ASN C 508 -33.05 8.26 -53.96
CA ASN C 508 -32.81 8.14 -55.42
C ASN C 508 -31.32 7.85 -55.71
N GLU C 509 -30.41 8.37 -54.89
CA GLU C 509 -28.95 8.12 -55.01
C GLU C 509 -28.66 6.65 -54.69
N GLU C 510 -29.34 6.08 -53.68
CA GLU C 510 -29.17 4.66 -53.28
C GLU C 510 -29.54 3.72 -54.44
N THR C 511 -30.62 4.03 -55.17
CA THR C 511 -31.07 3.20 -56.33
C THR C 511 -29.95 3.19 -57.37
N THR C 512 -29.41 4.37 -57.69
CA THR C 512 -28.33 4.57 -58.70
C THR C 512 -27.08 3.82 -58.24
N LEU C 513 -26.67 4.01 -56.99
CA LEU C 513 -25.37 3.50 -56.46
C LEU C 513 -25.45 2.00 -56.17
N ALA C 514 -26.63 1.48 -55.79
CA ALA C 514 -26.86 0.05 -55.53
C ALA C 514 -26.48 -0.77 -56.79
N THR C 515 -26.84 -0.26 -57.98
CA THR C 515 -26.54 -0.85 -59.32
C THR C 515 -25.04 -0.99 -59.56
N GLU C 516 -24.23 -0.08 -58.99
CA GLU C 516 -22.75 -0.10 -59.11
C GLU C 516 -22.18 -1.18 -58.18
N GLY C 517 -22.95 -1.59 -57.17
CA GLY C 517 -22.61 -2.69 -56.24
C GLY C 517 -22.31 -2.21 -54.83
N ILE C 518 -22.61 -0.94 -54.52
CA ILE C 518 -22.52 -0.39 -53.14
C ILE C 518 -23.69 -0.95 -52.32
N HIS C 519 -23.43 -1.38 -51.08
CA HIS C 519 -24.45 -1.76 -50.08
C HIS C 519 -24.87 -0.53 -49.27
N PHE C 520 -26.12 -0.50 -48.80
CA PHE C 520 -26.69 0.65 -48.04
C PHE C 520 -27.41 0.14 -46.80
N TRP C 521 -27.15 0.82 -45.69
CA TRP C 521 -27.94 0.68 -44.44
C TRP C 521 -29.43 0.83 -44.78
N ARG C 522 -30.22 -0.18 -44.40
CA ARG C 522 -31.69 -0.19 -44.55
C ARG C 522 -32.29 -0.22 -43.14
N ASN C 523 -32.74 0.92 -42.66
CA ASN C 523 -33.14 1.15 -41.24
C ASN C 523 -34.58 0.68 -41.04
N MET C 524 -34.77 -0.48 -40.40
CA MET C 524 -36.12 -1.04 -40.06
C MET C 524 -36.36 -0.98 -38.55
N ASN C 525 -35.65 -0.10 -37.84
CA ASN C 525 -35.73 0.03 -36.37
C ASN C 525 -37.17 0.40 -35.96
N HIS C 526 -37.82 1.34 -36.65
CA HIS C 526 -39.17 1.84 -36.27
C HIS C 526 -40.18 0.68 -36.35
N SER C 527 -40.19 -0.07 -37.46
CA SER C 527 -41.15 -1.19 -37.70
C SER C 527 -40.99 -2.27 -36.63
N TYR C 528 -39.74 -2.70 -36.36
CA TYR C 528 -39.44 -3.82 -35.42
C TYR C 528 -39.57 -3.36 -33.96
N CYS C 529 -39.42 -2.06 -33.68
CA CYS C 529 -39.78 -1.47 -32.36
C CYS C 529 -41.30 -1.57 -32.13
N GLN C 530 -42.11 -1.24 -33.14
CA GLN C 530 -43.60 -1.28 -33.04
C GLN C 530 -44.03 -2.73 -32.81
N SER C 531 -43.47 -3.66 -33.58
CA SER C 531 -43.79 -5.11 -33.49
C SER C 531 -43.30 -5.65 -32.14
N ALA C 532 -42.12 -5.26 -31.66
CA ALA C 532 -41.59 -5.69 -30.33
C ALA C 532 -42.55 -5.24 -29.21
N MET C 533 -43.15 -4.05 -29.36
CA MET C 533 -44.06 -3.44 -28.35
C MET C 533 -45.46 -4.03 -28.49
N GLY C 534 -45.77 -4.68 -29.61
CA GLY C 534 -47.09 -5.26 -29.89
C GLY C 534 -48.06 -4.23 -30.43
N TRP C 535 -47.55 -3.18 -31.07
CA TRP C 535 -48.36 -2.16 -31.79
C TRP C 535 -48.38 -2.47 -33.28
N LYS C 536 -49.58 -2.61 -33.85
CA LYS C 536 -49.80 -2.91 -35.29
C LYS C 536 -49.39 -1.71 -36.15
N ASP C 537 -49.71 -0.50 -35.71
CA ASP C 537 -49.43 0.76 -36.46
CA ASP C 537 -49.42 0.77 -36.45
C ASP C 537 -47.92 0.86 -36.76
N ASN C 538 -47.56 1.10 -38.01
CA ASN C 538 -46.17 1.36 -38.49
C ASN C 538 -45.23 0.20 -38.14
N SER C 539 -45.71 -1.05 -38.26
CA SER C 539 -44.95 -2.28 -37.95
C SER C 539 -44.59 -3.03 -39.24
N ASP C 540 -44.84 -2.41 -40.41
CA ASP C 540 -44.66 -3.02 -41.75
C ASP C 540 -43.18 -3.34 -41.97
N PHE C 541 -42.85 -4.63 -42.09
CA PHE C 541 -41.45 -5.13 -42.23
C PHE C 541 -40.96 -5.06 -43.69
N SER C 542 -41.83 -4.72 -44.64
CA SER C 542 -41.57 -4.96 -46.09
C SER C 542 -40.29 -4.26 -46.57
N GLY C 543 -39.90 -3.15 -45.92
CA GLY C 543 -38.68 -2.39 -46.25
C GLY C 543 -37.39 -3.17 -46.07
N LEU C 544 -37.38 -4.24 -45.27
CA LEU C 544 -36.18 -5.10 -45.06
C LEU C 544 -35.72 -5.73 -46.38
N TYR C 545 -36.66 -6.06 -47.27
CA TYR C 545 -36.43 -6.83 -48.53
C TYR C 545 -36.65 -5.88 -49.72
N ASP C 546 -35.56 -5.49 -50.37
CA ASP C 546 -35.62 -4.70 -51.63
C ASP C 546 -35.90 -5.70 -52.76
N THR C 547 -36.99 -5.52 -53.52
CA THR C 547 -37.41 -6.47 -54.57
C THR C 547 -36.47 -6.35 -55.79
N THR C 548 -35.92 -5.15 -56.06
CA THR C 548 -34.99 -4.89 -57.20
C THR C 548 -33.62 -5.54 -56.92
N ARG C 549 -32.97 -5.16 -55.81
CA ARG C 549 -31.61 -5.67 -55.47
C ARG C 549 -31.55 -6.01 -53.98
N PRO C 550 -32.18 -7.13 -53.52
CA PRO C 550 -32.21 -7.43 -52.10
C PRO C 550 -30.82 -7.54 -51.45
N ASN C 551 -29.80 -7.95 -52.21
CA ASN C 551 -28.44 -8.21 -51.67
C ASN C 551 -27.71 -6.89 -51.42
N GLN C 552 -28.21 -5.76 -51.95
CA GLN C 552 -27.52 -4.45 -51.82
C GLN C 552 -27.99 -3.68 -50.57
N PHE C 553 -28.93 -4.20 -49.78
CA PHE C 553 -29.47 -3.48 -48.60
C PHE C 553 -29.26 -4.28 -47.32
N VAL C 554 -28.43 -3.72 -46.43
CA VAL C 554 -28.09 -4.26 -45.09
C VAL C 554 -29.21 -3.82 -44.14
N GLY C 555 -30.21 -4.68 -43.98
CA GLY C 555 -31.36 -4.46 -43.10
C GLY C 555 -30.98 -4.68 -41.65
N TYR C 556 -31.48 -3.82 -40.76
CA TYR C 556 -31.26 -3.95 -39.30
C TYR C 556 -32.53 -3.53 -38.56
N MET C 557 -32.79 -4.25 -37.46
CA MET C 557 -33.81 -3.90 -36.43
C MET C 557 -33.18 -2.90 -35.45
N GLU C 558 -31.87 -2.98 -35.24
CA GLU C 558 -31.12 -2.12 -34.28
C GLU C 558 -29.78 -1.69 -34.87
N SER C 559 -29.32 -0.50 -34.46
CA SER C 559 -27.96 0.02 -34.70
C SER C 559 -27.56 0.88 -33.50
N HIS C 560 -26.29 1.28 -33.43
CA HIS C 560 -25.76 2.12 -32.31
C HIS C 560 -26.51 3.46 -32.26
N ASP C 561 -27.16 3.86 -33.36
CA ASP C 561 -27.85 5.17 -33.51
C ASP C 561 -29.30 5.11 -33.01
N GLU C 562 -29.84 3.92 -32.75
CA GLU C 562 -31.29 3.74 -32.52
C GLU C 562 -31.57 3.18 -31.13
N GLU C 563 -32.75 3.47 -30.61
CA GLU C 563 -33.28 2.90 -29.35
C GLU C 563 -33.40 1.38 -29.53
N ARG C 564 -33.25 0.63 -28.43
CA ARG C 564 -33.36 -0.84 -28.35
C ARG C 564 -34.84 -1.23 -28.44
N CYS C 565 -35.14 -2.27 -29.23
CA CYS C 565 -36.50 -2.86 -29.32
C CYS C 565 -36.92 -3.34 -27.93
N ALA C 566 -36.02 -3.95 -27.16
CA ALA C 566 -36.31 -4.51 -25.81
C ALA C 566 -36.52 -3.37 -24.79
N TYR C 567 -35.98 -2.17 -25.00
CA TYR C 567 -36.28 -1.01 -24.10
C TYR C 567 -37.67 -0.47 -24.40
N LYS C 568 -38.02 -0.34 -25.68
CA LYS C 568 -39.34 0.20 -26.12
C LYS C 568 -40.44 -0.66 -25.49
N GLN C 569 -40.22 -1.97 -25.36
CA GLN C 569 -41.14 -2.89 -24.63
C GLN C 569 -41.40 -2.31 -23.23
N ILE C 570 -40.33 -2.12 -22.43
CA ILE C 570 -40.36 -1.58 -21.03
C ILE C 570 -41.11 -0.23 -21.00
N GLU C 571 -40.84 0.63 -21.97
CA GLU C 571 -41.28 2.05 -21.97
C GLU C 571 -42.78 2.15 -22.25
N TYR C 572 -43.24 1.58 -23.37
CA TYR C 572 -44.62 1.73 -23.87
C TYR C 572 -45.10 0.43 -24.54
N GLY C 573 -44.75 -0.72 -23.97
CA GLY C 573 -45.23 -2.04 -24.44
C GLY C 573 -46.73 -2.17 -24.30
N ASN C 574 -47.34 -3.00 -25.17
CA ASN C 574 -48.78 -3.36 -25.14
C ASN C 574 -48.99 -4.47 -24.09
N GLY C 575 -49.74 -4.17 -23.02
CA GLY C 575 -50.14 -5.14 -21.98
C GLY C 575 -48.94 -5.89 -21.40
N ALA C 576 -48.92 -7.22 -21.53
CA ALA C 576 -47.92 -8.15 -20.95
C ALA C 576 -46.51 -7.79 -21.42
N LEU C 577 -46.36 -7.22 -22.62
CA LEU C 577 -45.04 -6.95 -23.26
C LEU C 577 -44.27 -5.85 -22.51
N LYS C 578 -44.91 -5.14 -21.58
CA LYS C 578 -44.25 -4.07 -20.77
C LYS C 578 -43.49 -4.72 -19.59
N THR C 579 -44.06 -5.77 -18.97
CA THR C 579 -43.65 -6.26 -17.62
C THR C 579 -43.27 -7.75 -17.62
N ASN C 580 -43.75 -8.53 -18.60
CA ASN C 580 -43.57 -10.01 -18.63
C ASN C 580 -42.35 -10.34 -19.51
N LEU C 581 -41.23 -10.73 -18.90
CA LEU C 581 -39.96 -10.99 -19.64
C LEU C 581 -40.14 -12.20 -20.56
N SER C 582 -40.84 -13.24 -20.08
CA SER C 582 -41.14 -14.46 -20.87
C SER C 582 -41.80 -14.08 -22.21
N GLU C 583 -42.86 -13.27 -22.13
CA GLU C 583 -43.64 -12.81 -23.32
C GLU C 583 -42.80 -11.82 -24.16
N ARG C 584 -41.98 -10.97 -23.53
CA ARG C 584 -41.03 -10.08 -24.24
C ARG C 584 -40.07 -10.90 -25.12
N LEU C 585 -39.48 -11.97 -24.59
CA LEU C 585 -38.45 -12.77 -25.33
C LEU C 585 -39.11 -13.55 -26.47
N LYS C 586 -40.36 -14.00 -26.28
CA LYS C 586 -41.18 -14.60 -27.36
C LYS C 586 -41.34 -13.58 -28.49
N GLN C 587 -41.74 -12.35 -28.17
CA GLN C 587 -42.02 -11.30 -29.20
C GLN C 587 -40.72 -11.00 -29.95
N LEU C 588 -39.59 -10.91 -29.24
CA LEU C 588 -38.28 -10.60 -29.87
C LEU C 588 -37.83 -11.78 -30.74
N SER C 589 -38.11 -13.03 -30.33
CA SER C 589 -37.85 -14.25 -31.15
C SER C 589 -38.60 -14.14 -32.49
N SER C 590 -39.88 -13.79 -32.44
CA SER C 590 -40.78 -13.67 -33.63
C SER C 590 -40.23 -12.60 -34.58
N ASN C 591 -39.74 -11.49 -34.02
CA ASN C 591 -39.04 -10.41 -34.78
C ASN C 591 -37.84 -11.00 -35.52
N ALA C 592 -36.98 -11.73 -34.80
CA ALA C 592 -35.81 -12.45 -35.32
C ALA C 592 -36.24 -13.40 -36.44
N ALA C 593 -37.34 -14.12 -36.25
CA ALA C 593 -37.90 -15.12 -37.20
C ALA C 593 -38.37 -14.42 -38.48
N PHE C 594 -38.60 -13.11 -38.44
CA PHE C 594 -39.03 -12.28 -39.58
C PHE C 594 -37.90 -11.33 -40.02
N PHE C 595 -36.65 -11.68 -39.69
CA PHE C 595 -35.46 -10.83 -39.95
C PHE C 595 -34.31 -11.65 -40.58
N PHE C 596 -33.80 -12.67 -39.88
CA PHE C 596 -32.67 -13.51 -40.34
C PHE C 596 -33.13 -14.52 -41.40
N THR C 597 -34.44 -14.67 -41.59
CA THR C 597 -35.09 -15.57 -42.57
C THR C 597 -35.27 -14.88 -43.93
N VAL C 598 -34.83 -13.62 -44.05
CA VAL C 598 -35.06 -12.76 -45.25
C VAL C 598 -33.75 -12.62 -46.03
N PRO C 599 -33.77 -12.89 -47.36
CA PRO C 599 -32.61 -12.64 -48.23
C PRO C 599 -32.00 -11.24 -48.09
N GLY C 600 -30.73 -11.13 -48.45
CA GLY C 600 -29.93 -9.89 -48.35
C GLY C 600 -29.15 -9.84 -47.04
N PRO C 601 -28.09 -9.02 -46.98
CA PRO C 601 -27.28 -8.88 -45.78
C PRO C 601 -28.15 -8.34 -44.64
N LYS C 602 -27.72 -8.64 -43.42
CA LYS C 602 -28.38 -8.27 -42.15
C LYS C 602 -27.31 -7.76 -41.20
N MET C 603 -27.67 -6.81 -40.34
CA MET C 603 -26.80 -6.35 -39.23
C MET C 603 -27.57 -6.44 -37.91
N LEU C 604 -26.89 -6.87 -36.85
CA LEU C 604 -27.37 -6.77 -35.45
C LEU C 604 -26.38 -5.94 -34.64
N TRP C 605 -26.93 -5.07 -33.79
CA TRP C 605 -26.17 -4.19 -32.86
C TRP C 605 -25.93 -4.98 -31.58
N GLN C 606 -24.71 -4.91 -31.04
CA GLN C 606 -24.21 -5.84 -29.99
C GLN C 606 -25.26 -6.02 -28.89
N PHE C 607 -25.52 -7.27 -28.50
CA PHE C 607 -26.38 -7.70 -27.36
C PHE C 607 -27.88 -7.66 -27.68
N GLY C 608 -28.28 -7.29 -28.89
CA GLY C 608 -29.66 -7.49 -29.37
C GLY C 608 -30.09 -8.94 -29.19
N GLU C 609 -29.16 -9.88 -29.41
CA GLU C 609 -29.39 -11.35 -29.34
C GLU C 609 -29.79 -11.77 -27.93
N MET C 610 -29.49 -10.97 -26.89
CA MET C 610 -29.88 -11.28 -25.49
C MET C 610 -30.86 -10.22 -24.93
N GLY C 611 -31.60 -9.54 -25.82
CA GLY C 611 -32.68 -8.61 -25.44
C GLY C 611 -32.16 -7.39 -24.68
N TYR C 612 -31.00 -6.84 -25.07
CA TYR C 612 -30.39 -5.67 -24.39
C TYR C 612 -31.43 -4.55 -24.33
N ASP C 613 -31.77 -4.09 -23.12
CA ASP C 613 -32.96 -3.24 -22.85
C ASP C 613 -32.59 -2.00 -22.03
N ILE C 614 -31.33 -1.58 -22.05
CA ILE C 614 -30.94 -0.23 -21.51
C ILE C 614 -31.21 0.79 -22.61
N SER C 615 -31.94 1.85 -22.28
CA SER C 615 -32.24 2.98 -23.21
C SER C 615 -30.93 3.56 -23.73
N ILE C 616 -30.92 3.92 -25.01
CA ILE C 616 -29.78 4.64 -25.65
C ILE C 616 -29.49 5.93 -24.86
N ASP C 617 -30.48 6.54 -24.19
CA ASP C 617 -30.29 7.83 -23.46
C ASP C 617 -29.71 7.61 -22.05
N GLU C 618 -29.61 6.37 -21.56
CA GLU C 618 -28.96 6.05 -20.26
C GLU C 618 -27.51 6.56 -20.28
N ASN C 619 -27.17 7.44 -19.33
CA ASN C 619 -25.82 8.05 -19.21
C ASN C 619 -25.51 8.90 -20.43
N GLY C 620 -26.54 9.41 -21.11
CA GLY C 620 -26.40 10.19 -22.35
C GLY C 620 -26.28 9.28 -23.57
N ARG C 621 -26.78 9.74 -24.72
CA ARG C 621 -26.87 8.97 -25.99
C ARG C 621 -25.53 8.30 -26.30
N THR C 622 -24.42 9.02 -26.26
CA THR C 622 -23.07 8.50 -26.61
C THR C 622 -22.28 8.07 -25.36
N GLY C 623 -22.87 8.14 -24.17
CA GLY C 623 -22.17 7.79 -22.92
C GLY C 623 -21.99 6.29 -22.76
N LYS C 624 -21.03 5.89 -21.94
CA LYS C 624 -20.71 4.47 -21.62
C LYS C 624 -21.99 3.76 -21.14
N LYS C 625 -22.31 2.61 -21.74
CA LYS C 625 -23.50 1.80 -21.40
C LYS C 625 -23.09 0.66 -20.49
N PRO C 626 -24.00 0.20 -19.62
CA PRO C 626 -23.74 -0.95 -18.76
C PRO C 626 -23.35 -2.19 -19.58
N VAL C 627 -22.40 -2.96 -19.06
CA VAL C 627 -21.96 -4.25 -19.65
C VAL C 627 -22.70 -5.36 -18.89
N LEU C 628 -23.61 -6.06 -19.56
CA LEU C 628 -24.55 -7.02 -18.92
C LEU C 628 -24.42 -8.38 -19.62
N TRP C 629 -23.24 -9.00 -19.52
CA TRP C 629 -22.99 -10.35 -20.08
C TRP C 629 -23.86 -11.40 -19.37
N GLU C 630 -24.32 -11.13 -18.15
CA GLU C 630 -25.25 -12.02 -17.40
C GLU C 630 -26.54 -12.24 -18.20
N TYR C 631 -26.91 -11.31 -19.08
CA TYR C 631 -28.09 -11.41 -19.98
C TYR C 631 -27.97 -12.65 -20.87
N GLN C 632 -26.74 -13.10 -21.16
CA GLN C 632 -26.50 -14.28 -22.05
C GLN C 632 -27.09 -15.52 -21.39
N THR C 633 -27.18 -15.55 -20.05
CA THR C 633 -27.78 -16.67 -19.27
C THR C 633 -29.27 -16.40 -19.03
N GLU C 634 -29.62 -15.19 -18.58
CA GLU C 634 -31.01 -14.81 -18.20
C GLU C 634 -31.92 -14.87 -19.43
N ARG C 635 -31.40 -14.51 -20.61
CA ARG C 635 -32.17 -14.49 -21.89
C ARG C 635 -31.56 -15.50 -22.88
N LYS C 636 -31.03 -16.63 -22.39
CA LYS C 636 -30.41 -17.68 -23.24
C LYS C 636 -31.40 -18.17 -24.33
N SER C 637 -32.69 -18.27 -24.03
CA SER C 637 -33.73 -18.72 -24.99
C SER C 637 -33.67 -17.87 -26.26
N LEU C 638 -33.53 -16.55 -26.12
CA LEU C 638 -33.46 -15.59 -27.24
C LEU C 638 -32.11 -15.73 -27.97
N VAL C 639 -31.01 -15.90 -27.23
CA VAL C 639 -29.65 -16.12 -27.83
C VAL C 639 -29.67 -17.43 -28.64
N ASP C 640 -30.35 -18.46 -28.15
CA ASP C 640 -30.46 -19.78 -28.83
C ASP C 640 -31.24 -19.60 -30.15
N ILE C 641 -32.30 -18.81 -30.17
CA ILE C 641 -33.12 -18.52 -31.39
C ILE C 641 -32.27 -17.71 -32.38
N TYR C 642 -31.65 -16.62 -31.95
CA TYR C 642 -30.72 -15.82 -32.78
C TYR C 642 -29.70 -16.77 -33.44
N THR C 643 -29.06 -17.62 -32.62
CA THR C 643 -28.02 -18.59 -33.03
C THR C 643 -28.56 -19.51 -34.14
N LYS C 644 -29.70 -20.15 -33.90
CA LYS C 644 -30.30 -21.14 -34.84
C LYS C 644 -30.70 -20.45 -36.16
N LEU C 645 -31.31 -19.27 -36.09
CA LEU C 645 -31.75 -18.52 -37.31
C LEU C 645 -30.51 -18.05 -38.09
N ILE C 646 -29.46 -17.57 -37.41
CA ILE C 646 -28.22 -17.10 -38.10
C ILE C 646 -27.53 -18.32 -38.72
N THR C 647 -27.41 -19.42 -37.95
CA THR C 647 -26.66 -20.64 -38.35
C THR C 647 -27.37 -21.34 -39.52
N LEU C 648 -28.70 -21.28 -39.58
CA LEU C 648 -29.50 -21.80 -40.73
C LEU C 648 -28.99 -21.17 -42.04
N ARG C 649 -28.58 -19.90 -42.02
CA ARG C 649 -28.17 -19.17 -43.26
C ARG C 649 -26.86 -19.73 -43.81
N THR C 650 -26.06 -20.44 -42.99
CA THR C 650 -24.82 -21.14 -43.43
C THR C 650 -25.16 -22.59 -43.80
N THR C 651 -25.82 -23.33 -42.90
CA THR C 651 -26.17 -24.76 -43.05
C THR C 651 -26.98 -24.97 -44.34
N HIS C 652 -27.79 -23.98 -44.72
CA HIS C 652 -28.67 -24.01 -45.91
C HIS C 652 -28.58 -22.67 -46.65
N SER C 653 -27.36 -22.26 -47.03
CA SER C 653 -27.09 -20.99 -47.74
C SER C 653 -27.85 -20.97 -49.08
N ASP C 654 -28.02 -22.13 -49.73
CA ASP C 654 -28.67 -22.23 -51.07
C ASP C 654 -30.10 -21.68 -51.00
N LEU C 655 -30.77 -21.77 -49.84
CA LEU C 655 -32.07 -21.10 -49.58
C LEU C 655 -31.95 -19.60 -49.88
N PHE C 656 -30.89 -18.95 -49.40
CA PHE C 656 -30.79 -17.48 -49.21
C PHE C 656 -30.11 -16.81 -50.42
N ASN C 657 -29.66 -17.62 -51.38
CA ASN C 657 -29.32 -17.17 -52.77
C ASN C 657 -30.44 -16.24 -53.24
N ALA C 658 -30.13 -14.99 -53.60
CA ALA C 658 -31.11 -13.98 -54.04
C ALA C 658 -31.99 -14.55 -55.18
N SER C 659 -31.54 -15.60 -55.88
CA SER C 659 -32.30 -16.31 -56.96
C SER C 659 -33.51 -17.07 -56.40
N SER C 660 -33.59 -17.28 -55.08
CA SER C 660 -34.76 -17.92 -54.43
C SER C 660 -35.98 -16.99 -54.52
N GLN C 661 -37.16 -17.55 -54.77
CA GLN C 661 -38.43 -16.77 -54.75
C GLN C 661 -38.73 -16.41 -53.29
N PHE C 662 -38.95 -15.13 -52.99
CA PHE C 662 -39.29 -14.64 -51.64
C PHE C 662 -40.60 -13.86 -51.71
N THR C 663 -41.56 -14.25 -50.88
CA THR C 663 -42.89 -13.63 -50.76
C THR C 663 -43.22 -13.56 -49.26
N TRP C 664 -43.83 -12.48 -48.79
CA TRP C 664 -44.28 -12.38 -47.38
C TRP C 664 -45.44 -11.39 -47.26
N LYS C 665 -46.17 -11.55 -46.16
CA LYS C 665 -47.37 -10.77 -45.79
C LYS C 665 -47.08 -10.15 -44.41
N VAL C 666 -46.62 -8.90 -44.42
CA VAL C 666 -46.07 -8.22 -43.21
C VAL C 666 -46.53 -6.76 -43.18
N SER C 667 -47.71 -6.48 -43.75
CA SER C 667 -48.33 -5.12 -43.79
C SER C 667 -49.20 -4.91 -42.54
N TYR C 668 -49.76 -3.71 -42.42
CA TYR C 668 -50.79 -3.31 -41.42
C TYR C 668 -51.94 -4.33 -41.40
N ASN C 669 -52.33 -4.79 -42.60
CA ASN C 669 -53.47 -5.72 -42.84
C ASN C 669 -53.11 -7.16 -42.43
N ASP C 670 -51.83 -7.44 -42.15
CA ASP C 670 -51.32 -8.78 -41.75
C ASP C 670 -50.95 -8.73 -40.26
N TRP C 671 -51.91 -9.02 -39.39
CA TRP C 671 -51.71 -8.86 -37.92
C TRP C 671 -52.63 -9.81 -37.16
N ASP C 672 -53.94 -9.53 -37.16
CA ASP C 672 -54.98 -10.30 -36.41
C ASP C 672 -55.00 -11.75 -36.94
N ASN C 673 -54.60 -11.94 -38.19
CA ASN C 673 -54.58 -13.26 -38.87
C ASN C 673 -53.14 -13.78 -38.95
N GLY C 674 -52.17 -13.05 -38.41
CA GLY C 674 -50.75 -13.40 -38.40
C GLY C 674 -50.01 -12.88 -39.61
N ARG C 675 -48.69 -13.02 -39.61
CA ARG C 675 -47.78 -12.69 -40.72
C ARG C 675 -47.11 -13.99 -41.18
N THR C 676 -46.79 -14.06 -42.47
CA THR C 676 -46.27 -15.26 -43.14
C THR C 676 -45.09 -14.85 -44.02
N LEU C 677 -44.13 -15.75 -44.20
CA LEU C 677 -43.12 -15.64 -45.29
C LEU C 677 -42.81 -17.02 -45.87
N THR C 678 -42.54 -17.04 -47.17
CA THR C 678 -42.12 -18.24 -47.92
C THR C 678 -40.88 -17.85 -48.72
N LEU C 679 -39.80 -18.61 -48.53
CA LEU C 679 -38.55 -18.57 -49.34
C LEU C 679 -38.41 -19.92 -50.07
N LYS C 680 -38.40 -19.92 -51.41
CA LYS C 680 -38.35 -21.13 -52.25
C LYS C 680 -37.09 -21.10 -53.10
N ALA C 681 -36.18 -22.05 -52.91
CA ALA C 681 -34.92 -22.19 -53.66
C ALA C 681 -35.20 -22.91 -54.99
N VAL C 682 -34.39 -22.60 -56.01
CA VAL C 682 -34.46 -23.23 -57.36
C VAL C 682 -34.33 -24.76 -57.21
N ASN C 683 -33.61 -25.24 -56.20
CA ASN C 683 -33.31 -26.69 -55.97
C ASN C 683 -34.47 -27.39 -55.27
N GLY C 684 -35.55 -26.66 -54.91
CA GLY C 684 -36.77 -27.22 -54.31
C GLY C 684 -36.92 -26.86 -52.84
N LYS C 685 -35.80 -26.61 -52.15
CA LYS C 685 -35.79 -26.31 -50.69
C LYS C 685 -36.78 -25.17 -50.41
N GLN C 686 -37.58 -25.31 -49.35
CA GLN C 686 -38.60 -24.31 -48.95
C GLN C 686 -38.50 -24.04 -47.46
N LEU C 687 -38.60 -22.76 -47.11
CA LEU C 687 -38.69 -22.25 -45.71
C LEU C 687 -39.97 -21.42 -45.58
N HIS C 688 -40.82 -21.75 -44.60
CA HIS C 688 -42.07 -21.01 -44.29
C HIS C 688 -42.11 -20.61 -42.81
N VAL C 689 -42.39 -19.34 -42.53
CA VAL C 689 -42.52 -18.83 -41.13
C VAL C 689 -43.89 -18.16 -41.01
N TYR C 690 -44.58 -18.43 -39.91
CA TYR C 690 -45.80 -17.71 -39.48
C TYR C 690 -45.54 -17.17 -38.08
N ALA C 691 -46.05 -15.97 -37.77
CA ALA C 691 -45.82 -15.32 -36.47
C ALA C 691 -47.09 -14.59 -36.04
N ASN C 692 -47.40 -14.71 -34.75
CA ASN C 692 -48.56 -14.09 -34.07
C ASN C 692 -47.99 -13.01 -33.13
N PHE C 693 -48.07 -11.74 -33.55
CA PHE C 693 -47.51 -10.58 -32.80
C PHE C 693 -48.60 -9.97 -31.89
N THR C 694 -49.78 -10.59 -31.84
CA THR C 694 -50.97 -10.08 -31.12
C THR C 694 -50.93 -10.60 -29.68
N ASN C 695 -51.90 -10.19 -28.87
CA ASN C 695 -51.98 -10.54 -27.42
C ASN C 695 -52.94 -11.72 -27.22
N ALA C 696 -53.34 -12.41 -28.30
CA ALA C 696 -54.30 -13.54 -28.26
C ALA C 696 -53.87 -14.60 -29.28
N SER C 697 -54.17 -15.86 -28.97
CA SER C 697 -53.95 -17.02 -29.87
C SER C 697 -54.67 -16.78 -31.20
N ILE C 698 -54.11 -17.29 -32.29
CA ILE C 698 -54.70 -17.24 -33.65
C ILE C 698 -54.62 -18.65 -34.25
N ASP C 699 -55.70 -19.06 -34.92
CA ASP C 699 -55.80 -20.32 -35.70
C ASP C 699 -55.13 -20.10 -37.05
N TYR C 700 -54.32 -21.07 -37.50
CA TYR C 700 -53.58 -20.99 -38.80
C TYR C 700 -53.53 -22.38 -39.44
N THR C 701 -53.85 -22.47 -40.73
CA THR C 701 -53.74 -23.74 -41.49
C THR C 701 -52.36 -23.77 -42.15
N ILE C 702 -51.48 -24.70 -41.72
CA ILE C 702 -50.13 -24.94 -42.31
C ILE C 702 -50.31 -25.14 -43.82
N PRO C 703 -49.44 -24.59 -44.68
CA PRO C 703 -49.48 -24.89 -46.10
C PRO C 703 -49.46 -26.40 -46.39
N GLU C 704 -50.02 -26.81 -47.53
CA GLU C 704 -49.95 -28.21 -48.03
C GLU C 704 -48.48 -28.63 -48.07
N GLY C 705 -48.19 -29.91 -47.79
CA GLY C 705 -46.84 -30.48 -47.95
C GLY C 705 -46.37 -31.17 -46.68
N THR C 706 -45.14 -31.71 -46.72
CA THR C 706 -44.46 -32.36 -45.57
C THR C 706 -43.40 -31.40 -45.02
N TRP C 707 -43.57 -31.00 -43.77
CA TRP C 707 -42.81 -29.89 -43.12
C TRP C 707 -42.09 -30.43 -41.88
N TYR C 708 -41.01 -29.75 -41.47
CA TYR C 708 -40.23 -30.07 -40.25
C TYR C 708 -40.06 -28.80 -39.40
N LEU C 709 -40.27 -28.91 -38.09
CA LEU C 709 -39.97 -27.82 -37.12
C LEU C 709 -38.45 -27.75 -36.97
N TYR C 710 -37.79 -27.07 -37.90
CA TYR C 710 -36.30 -27.05 -38.03
C TYR C 710 -35.62 -26.62 -36.73
N LEU C 711 -36.17 -25.66 -35.96
CA LEU C 711 -35.53 -25.16 -34.72
C LEU C 711 -35.63 -26.19 -33.58
N GLU C 712 -36.37 -27.29 -33.77
CA GLU C 712 -36.57 -28.33 -32.72
C GLU C 712 -36.10 -29.68 -33.25
N GLY C 714 -39.62 -31.90 -32.63
CA GLY C 714 -38.42 -32.29 -33.41
C GLY C 714 -38.79 -32.75 -34.81
N ASN C 715 -38.59 -31.88 -35.82
CA ASN C 715 -38.80 -32.17 -37.26
C ASN C 715 -40.27 -32.55 -37.51
N PRO C 716 -40.60 -33.77 -38.01
CA PRO C 716 -41.83 -34.03 -38.78
C PRO C 716 -43.16 -33.40 -38.33
N VAL C 717 -43.84 -32.72 -39.27
CA VAL C 717 -45.19 -32.07 -39.15
C VAL C 717 -45.97 -32.28 -40.45
N GLU C 718 -47.29 -32.44 -40.38
CA GLU C 718 -48.17 -32.61 -41.57
C GLU C 718 -48.76 -31.26 -41.98
N GLY C 719 -48.63 -30.92 -43.26
CA GLY C 719 -49.20 -29.70 -43.87
C GLY C 719 -50.69 -29.84 -44.12
N GLU C 720 -51.36 -28.71 -44.32
CA GLU C 720 -52.85 -28.61 -44.42
C GLU C 720 -53.45 -29.08 -43.09
N LYS C 721 -52.83 -28.67 -41.98
CA LYS C 721 -53.31 -28.92 -40.60
C LYS C 721 -53.60 -27.58 -39.94
N LYS C 722 -54.76 -27.45 -39.27
CA LYS C 722 -55.09 -26.25 -38.46
C LYS C 722 -54.30 -26.33 -37.14
N ILE C 723 -53.65 -25.24 -36.74
CA ILE C 723 -52.94 -25.16 -35.43
C ILE C 723 -53.38 -23.86 -34.75
N SER C 724 -53.21 -23.79 -33.44
CA SER C 724 -53.42 -22.58 -32.61
C SER C 724 -52.06 -22.03 -32.16
N VAL C 725 -51.63 -20.89 -32.71
CA VAL C 725 -50.35 -20.23 -32.37
C VAL C 725 -50.62 -19.26 -31.21
N PRO C 726 -50.01 -19.49 -30.01
CA PRO C 726 -50.17 -18.56 -28.89
C PRO C 726 -49.68 -17.15 -29.22
N ALA C 727 -50.19 -16.16 -28.48
CA ALA C 727 -49.71 -14.76 -28.49
C ALA C 727 -48.17 -14.71 -28.47
N HIS C 728 -47.58 -13.94 -29.39
CA HIS C 728 -46.14 -13.55 -29.43
C HIS C 728 -45.26 -14.69 -29.95
N GLU C 729 -45.83 -15.81 -30.41
CA GLU C 729 -45.03 -16.98 -30.86
C GLU C 729 -44.95 -17.01 -32.40
N PHE C 730 -43.99 -17.76 -32.92
CA PHE C 730 -43.86 -18.07 -34.37
C PHE C 730 -43.71 -19.57 -34.55
N ARG C 731 -44.00 -20.05 -35.76
CA ARG C 731 -43.67 -21.41 -36.23
C ARG C 731 -42.77 -21.28 -37.46
N LEU C 732 -41.68 -22.05 -37.49
CA LEU C 732 -40.73 -22.15 -38.64
C LEU C 732 -40.80 -23.58 -39.20
N TYR C 733 -40.98 -23.69 -40.51
CA TYR C 733 -41.09 -24.96 -41.25
C TYR C 733 -40.10 -24.99 -42.42
N THR C 734 -39.33 -26.08 -42.52
CA THR C 734 -38.49 -26.45 -43.69
C THR C 734 -39.10 -27.72 -44.28
N ASN C 735 -38.92 -27.94 -45.58
CA ASN C 735 -39.38 -29.18 -46.28
C ASN C 735 -38.24 -30.20 -46.28
N PHE C 736 -37.21 -29.98 -45.46
CA PHE C 736 -36.07 -30.90 -45.18
C PHE C 736 -35.92 -31.04 -43.67
N ALA C 737 -35.63 -32.24 -43.20
CA ALA C 737 -35.42 -32.57 -41.76
C ALA C 737 -34.03 -32.13 -41.31
N GLU C 738 -33.05 -32.18 -42.21
CA GLU C 738 -31.60 -31.96 -41.96
C GLU C 738 -31.30 -32.05 -40.47
N GLN D 24 39.94 3.21 33.52
CA GLN D 24 40.32 1.78 33.34
C GLN D 24 39.66 1.22 32.08
N VAL D 25 40.11 0.05 31.62
CA VAL D 25 39.55 -0.65 30.42
C VAL D 25 38.21 -1.27 30.83
N LEU D 26 37.11 -0.85 30.19
CA LEU D 26 35.73 -1.34 30.46
C LEU D 26 35.45 -2.59 29.63
N HIS D 27 35.01 -3.67 30.28
CA HIS D 27 34.35 -4.84 29.63
C HIS D 27 32.84 -4.61 29.61
N ASP D 28 32.12 -5.49 28.92
CA ASP D 28 30.64 -5.44 28.76
C ASP D 28 29.98 -5.83 30.09
N GLY D 29 28.85 -5.19 30.41
CA GLY D 29 28.12 -5.38 31.68
C GLY D 29 28.73 -4.52 32.76
N PHE D 30 28.71 -5.01 34.01
CA PHE D 30 29.09 -4.24 35.21
C PHE D 30 30.61 -4.27 35.36
N ASN D 31 31.18 -3.09 35.64
CA ASN D 31 32.62 -2.83 35.93
C ASN D 31 32.70 -2.15 37.31
N PHE D 32 33.60 -2.61 38.17
CA PHE D 32 33.67 -2.19 39.61
C PHE D 32 34.99 -1.49 39.90
N ASP D 33 34.90 -0.35 40.58
CA ASP D 33 36.03 0.41 41.17
C ASP D 33 35.64 0.68 42.62
N PRO D 34 36.27 0.01 43.63
CA PRO D 34 37.42 -0.86 43.43
C PRO D 34 37.02 -2.18 42.75
N ALA D 35 38.00 -2.87 42.17
CA ALA D 35 37.84 -4.15 41.43
C ALA D 35 37.18 -5.18 42.34
N ILE D 36 37.63 -5.30 43.59
CA ILE D 36 36.97 -6.11 44.65
C ILE D 36 36.15 -5.14 45.48
N PRO D 37 34.80 -5.12 45.34
CA PRO D 37 33.95 -4.24 46.13
C PRO D 37 34.17 -4.48 47.63
N LYS D 38 34.31 -3.40 48.41
CA LYS D 38 34.53 -3.44 49.87
C LYS D 38 33.28 -2.87 50.56
N ALA D 39 32.69 -3.64 51.48
CA ALA D 39 31.38 -3.36 52.13
C ALA D 39 31.39 -1.97 52.75
N ASP D 40 32.51 -1.58 53.39
CA ASP D 40 32.65 -0.34 54.20
C ASP D 40 33.50 0.69 53.43
N GLU D 41 33.50 0.61 52.10
CA GLU D 41 34.06 1.64 51.19
C GLU D 41 33.03 2.00 50.12
N PRO D 42 33.13 3.22 49.54
CA PRO D 42 32.26 3.60 48.42
C PRO D 42 32.63 2.78 47.18
N LEU D 43 31.68 2.66 46.26
CA LEU D 43 31.83 1.81 45.04
C LEU D 43 31.31 2.60 43.85
N THR D 44 32.11 2.69 42.78
CA THR D 44 31.65 3.19 41.46
C THR D 44 31.32 1.96 40.61
N ILE D 45 30.07 1.88 40.16
CA ILE D 45 29.59 0.84 39.20
C ILE D 45 29.45 1.52 37.85
N THR D 46 30.22 1.06 36.86
CA THR D 46 30.10 1.47 35.44
C THR D 46 29.50 0.30 34.65
N PHE D 47 28.40 0.57 33.93
CA PHE D 47 27.68 -0.40 33.08
C PHE D 47 27.93 -0.05 31.61
N LYS D 48 28.45 -1.01 30.83
CA LYS D 48 28.67 -0.88 29.37
C LYS D 48 27.71 -1.80 28.63
N ALA D 49 26.90 -1.24 27.73
CA ALA D 49 25.90 -1.95 26.90
C ALA D 49 26.60 -2.61 25.70
N PRO D 50 26.61 -3.95 25.61
CA PRO D 50 27.13 -4.64 24.42
C PRO D 50 26.18 -4.49 23.22
N GLU D 51 26.71 -4.71 22.01
CA GLU D 51 25.94 -4.67 20.74
C GLU D 51 24.84 -5.74 20.82
N GLY D 52 23.61 -5.40 20.40
CA GLY D 52 22.48 -6.33 20.33
C GLY D 52 21.75 -6.47 21.66
N SER D 53 22.17 -5.72 22.68
CA SER D 53 21.45 -5.57 23.97
C SER D 53 20.56 -4.32 23.91
N ASN D 54 19.56 -4.25 24.78
CA ASN D 54 18.40 -3.32 24.65
C ASN D 54 18.82 -1.86 24.89
N PHE D 55 19.93 -1.63 25.59
CA PHE D 55 20.42 -0.26 25.93
C PHE D 55 21.59 0.15 25.03
N TYR D 56 21.99 -0.69 24.07
CA TYR D 56 22.96 -0.32 23.01
C TYR D 56 22.38 0.83 22.18
N GLY D 57 23.08 1.96 22.16
CA GLY D 57 22.65 3.19 21.43
C GLY D 57 21.61 3.99 22.20
N TYR D 58 21.38 3.67 23.47
CA TYR D 58 20.40 4.39 24.34
C TYR D 58 20.98 5.77 24.68
N ALA D 59 20.17 6.82 24.48
CA ALA D 59 20.60 8.25 24.45
C ALA D 59 20.46 8.91 25.82
N ASP D 60 19.72 8.30 26.75
CA ASP D 60 19.38 8.92 28.06
C ASP D 60 20.07 8.16 29.19
N ASP D 61 20.04 8.72 30.40
CA ASP D 61 20.54 8.07 31.64
C ASP D 61 19.67 6.86 31.97
N LEU D 62 20.22 5.92 32.74
CA LEU D 62 19.52 4.71 33.20
C LEU D 62 19.46 4.76 34.72
N TYR D 63 18.78 3.79 35.32
CA TYR D 63 18.54 3.73 36.79
C TYR D 63 18.91 2.34 37.32
N LEU D 64 19.38 2.33 38.57
CA LEU D 64 19.84 1.12 39.28
C LEU D 64 18.72 0.62 40.19
N HIS D 65 18.28 -0.62 39.99
CA HIS D 65 17.45 -1.40 40.95
C HIS D 65 18.38 -2.42 41.59
N SER D 66 18.73 -2.26 42.87
CA SER D 66 19.77 -3.05 43.57
C SER D 66 19.43 -3.30 45.04
N GLY D 67 20.10 -4.29 45.63
CA GLY D 67 19.99 -4.64 47.05
C GLY D 67 21.01 -5.69 47.41
N THR D 68 21.26 -5.93 48.70
CA THR D 68 22.35 -6.83 49.16
C THR D 68 21.76 -8.20 49.55
N GLY D 69 22.60 -9.24 49.52
CA GLY D 69 22.28 -10.58 50.03
C GLY D 69 21.28 -11.31 49.13
N ALA D 70 20.81 -12.48 49.55
CA ALA D 70 19.93 -13.38 48.78
C ALA D 70 18.58 -12.73 48.47
N ASN D 71 18.12 -11.81 49.34
CA ASN D 71 16.75 -11.24 49.30
C ASN D 71 16.78 -9.72 49.04
N TRP D 72 17.81 -9.21 48.38
CA TRP D 72 17.82 -7.83 47.84
C TRP D 72 17.52 -6.83 48.97
N THR D 73 18.25 -6.89 50.08
CA THR D 73 18.09 -5.96 51.24
C THR D 73 18.36 -4.53 50.75
N GLY D 74 17.47 -3.60 51.09
CA GLY D 74 17.62 -2.17 50.77
C GLY D 74 17.18 -1.84 49.35
N ALA D 75 16.51 -2.78 48.66
CA ALA D 75 15.96 -2.56 47.29
C ALA D 75 14.89 -1.49 47.38
N PRO D 76 14.80 -0.56 46.40
CA PRO D 76 13.73 0.44 46.39
C PRO D 76 12.46 -0.16 45.78
N THR D 77 11.38 0.61 45.75
CA THR D 77 10.17 0.30 44.93
C THR D 77 10.60 0.36 43.45
N TRP D 78 10.27 -0.66 42.66
CA TRP D 78 10.59 -0.73 41.22
C TRP D 78 10.20 0.60 40.55
N GLY D 79 11.18 1.35 40.06
CA GLY D 79 10.96 2.58 39.27
C GLY D 79 11.24 3.84 40.06
N ASP D 80 11.81 3.73 41.26
CA ASP D 80 12.19 4.88 42.12
C ASP D 80 13.31 5.66 41.42
N ASN D 81 13.03 6.87 40.93
CA ASN D 81 13.94 7.67 40.08
C ASN D 81 14.61 8.79 40.91
N GLN D 82 14.71 8.62 42.23
CA GLN D 82 15.69 9.38 43.07
C GLN D 82 17.03 9.44 42.32
N ASN D 83 17.64 10.63 42.23
CA ASN D 83 18.91 10.81 41.47
C ASN D 83 19.98 9.88 42.07
N LYS D 84 19.85 9.51 43.36
CA LYS D 84 20.67 8.50 44.09
C LYS D 84 20.79 7.18 43.30
N TYR D 85 19.80 6.87 42.47
CA TYR D 85 19.73 5.60 41.70
C TYR D 85 20.10 5.84 40.23
N ARG D 86 20.27 7.10 39.81
CA ARG D 86 20.55 7.47 38.40
C ARG D 86 21.99 7.09 38.06
N LEU D 87 22.17 6.21 37.07
CA LEU D 87 23.44 5.98 36.36
C LEU D 87 23.58 7.08 35.30
N LYS D 88 24.51 8.02 35.51
CA LYS D 88 24.82 9.10 34.54
C LYS D 88 25.55 8.47 33.34
N LYS D 89 25.04 8.72 32.12
CA LYS D 89 25.75 8.39 30.87
C LYS D 89 26.99 9.27 30.80
N THR D 90 28.17 8.68 30.60
CA THR D 90 29.49 9.36 30.61
C THR D 90 30.16 9.24 29.23
N LYS D 91 29.94 8.13 28.52
CA LYS D 91 30.41 7.89 27.13
C LYS D 91 29.30 7.15 26.38
N ASP D 92 29.46 6.93 25.07
CA ASP D 92 28.53 6.12 24.27
C ASP D 92 28.47 4.71 24.88
N ASN D 93 27.27 4.24 25.24
CA ASN D 93 26.98 2.89 25.79
C ASN D 93 27.72 2.68 27.13
N VAL D 94 28.00 3.78 27.85
CA VAL D 94 28.70 3.77 29.17
C VAL D 94 27.91 4.64 30.15
N TRP D 95 27.50 4.06 31.28
CA TRP D 95 26.77 4.72 32.40
C TRP D 95 27.50 4.44 33.72
N SER D 96 27.52 5.40 34.65
CA SER D 96 28.28 5.32 35.92
CA SER D 96 28.25 5.28 35.93
C SER D 96 27.41 5.79 37.10
N ILE D 97 27.49 5.09 38.22
CA ILE D 97 26.88 5.49 39.52
C ILE D 97 27.93 5.23 40.60
N THR D 98 27.99 6.11 41.61
CA THR D 98 28.82 5.95 42.83
C THR D 98 27.90 5.75 44.04
N LEU D 99 28.08 4.64 44.75
CA LEU D 99 27.43 4.36 46.06
C LEU D 99 28.26 5.10 47.13
N SER D 100 27.81 6.30 47.51
CA SER D 100 28.58 7.32 48.28
C SER D 100 28.64 6.95 49.76
N SER D 101 29.71 7.38 50.44
CA SER D 101 30.08 7.02 51.83
C SER D 101 30.61 5.58 51.84
N SER D 102 29.73 4.57 51.77
CA SER D 102 30.10 3.15 51.56
C SER D 102 28.94 2.38 50.92
N ILE D 103 29.20 1.18 50.43
CA ILE D 103 28.16 0.21 49.97
C ILE D 103 27.14 0.05 51.11
N ARG D 104 27.64 -0.19 52.32
CA ARG D 104 26.82 -0.46 53.53
C ARG D 104 25.93 0.76 53.83
N HIS D 105 26.50 1.98 53.84
CA HIS D 105 25.73 3.23 54.09
C HIS D 105 24.58 3.33 53.07
N PHE D 106 24.90 3.15 51.77
CA PHE D 106 23.96 3.28 50.62
C PHE D 106 22.70 2.40 50.83
N TYR D 107 22.87 1.17 51.34
CA TYR D 107 21.77 0.17 51.50
C TYR D 107 21.24 0.16 52.94
N SER D 108 21.74 1.04 53.81
CA SER D 108 21.38 1.18 55.25
C SER D 108 21.40 -0.20 55.91
N VAL D 109 22.43 -1.00 55.62
CA VAL D 109 22.70 -2.32 56.27
C VAL D 109 23.45 -2.03 57.57
N ALA D 110 23.02 -2.66 58.68
CA ALA D 110 23.64 -2.55 60.01
C ALA D 110 25.13 -2.90 59.89
N PRO D 111 26.03 -2.23 60.65
CA PRO D 111 27.46 -2.49 60.55
C PRO D 111 27.89 -3.96 60.71
N SER D 112 27.22 -4.72 61.59
CA SER D 112 27.63 -6.09 61.97
C SER D 112 26.93 -7.15 61.10
N THR D 113 25.99 -6.75 60.24
CA THR D 113 25.35 -7.65 59.23
C THR D 113 26.35 -7.90 58.10
N PRO D 114 26.80 -9.15 57.86
CA PRO D 114 27.70 -9.43 56.73
C PRO D 114 27.08 -8.95 55.41
N LEU D 115 27.82 -8.12 54.66
CA LEU D 115 27.40 -7.56 53.35
C LEU D 115 28.30 -8.19 52.29
N GLN D 116 27.80 -9.22 51.62
CA GLN D 116 28.64 -10.17 50.85
C GLN D 116 28.28 -10.17 49.36
N THR D 117 27.08 -9.70 48.99
CA THR D 117 26.63 -9.63 47.57
C THR D 117 25.84 -8.33 47.35
N ILE D 118 25.91 -7.79 46.13
CA ILE D 118 24.93 -6.79 45.64
C ILE D 118 24.28 -7.35 44.37
N ASN D 119 22.96 -7.35 44.35
CA ASN D 119 22.15 -7.70 43.16
C ASN D 119 21.94 -6.41 42.38
N LEU D 120 22.17 -6.42 41.07
CA LEU D 120 22.21 -5.23 40.19
C LEU D 120 21.32 -5.45 38.97
N ILE D 121 20.33 -4.58 38.78
CA ILE D 121 19.56 -4.45 37.51
C ILE D 121 19.65 -2.99 37.06
N VAL D 122 19.93 -2.79 35.76
CA VAL D 122 19.79 -1.48 35.07
C VAL D 122 18.44 -1.44 34.36
N ARG D 123 17.75 -0.29 34.40
CA ARG D 123 16.45 -0.06 33.74
C ARG D 123 16.38 1.37 33.19
N ASP D 124 15.51 1.59 32.21
CA ASP D 124 15.14 2.95 31.74
C ASP D 124 14.28 3.62 32.81
N ALA D 125 14.09 4.94 32.69
CA ALA D 125 13.27 5.78 33.60
C ALA D 125 11.90 5.14 33.83
N GLU D 126 11.27 4.65 32.75
CA GLU D 126 9.88 4.12 32.76
C GLU D 126 9.78 2.78 33.51
N GLY D 127 10.91 2.09 33.74
CA GLY D 127 10.94 0.71 34.27
C GLY D 127 10.36 -0.29 33.28
N SER D 128 10.57 -0.06 31.99
CA SER D 128 9.96 -0.79 30.84
C SER D 128 10.98 -1.74 30.21
N GLN D 129 12.19 -1.24 29.93
CA GLN D 129 13.36 -2.04 29.47
C GLN D 129 14.24 -2.32 30.69
N GLN D 130 14.90 -3.47 30.74
CA GLN D 130 15.81 -3.81 31.87
C GLN D 130 16.82 -4.89 31.47
N THR D 131 17.87 -5.02 32.29
CA THR D 131 18.72 -6.23 32.43
C THR D 131 18.09 -7.10 33.52
N TYR D 132 18.58 -8.31 33.72
CA TYR D 132 17.93 -9.31 34.60
C TYR D 132 18.85 -9.64 35.77
N ASP D 133 18.32 -10.35 36.76
CA ASP D 133 18.99 -10.64 38.06
C ASP D 133 20.45 -10.97 37.79
N TYR D 134 21.33 -10.19 38.42
CA TYR D 134 22.80 -10.33 38.40
C TYR D 134 23.27 -10.03 39.82
N ALA D 135 24.29 -10.74 40.30
CA ALA D 135 24.90 -10.51 41.63
C ALA D 135 26.43 -10.46 41.50
N THR D 136 27.08 -9.59 42.25
CA THR D 136 28.56 -9.58 42.40
C THR D 136 28.90 -9.79 43.88
N LEU D 137 30.09 -10.34 44.14
CA LEU D 137 30.61 -10.54 45.52
C LEU D 137 31.04 -9.19 46.09
N VAL D 138 30.93 -9.03 47.41
CA VAL D 138 31.50 -7.89 48.18
C VAL D 138 32.37 -8.48 49.30
N GLU D 139 33.59 -8.00 49.44
CA GLU D 139 34.44 -8.31 50.62
C GLU D 139 33.95 -7.48 51.80
N ASP D 140 33.87 -8.10 52.98
CA ASP D 140 33.44 -7.43 54.24
C ASP D 140 34.40 -7.89 55.35
N SER D 141 35.64 -7.40 55.30
CA SER D 141 36.73 -7.69 56.26
C SER D 141 36.26 -7.38 57.69
N GLN D 142 35.63 -6.22 57.90
CA GLN D 142 35.12 -5.77 59.22
C GLN D 142 34.26 -6.88 59.86
N ASN D 143 33.64 -7.77 59.07
CA ASN D 143 32.82 -8.91 59.57
C ASN D 143 33.48 -10.25 59.19
N GLY D 144 34.79 -10.24 58.95
CA GLY D 144 35.64 -11.44 58.79
C GLY D 144 35.38 -12.22 57.51
N PHE D 145 34.77 -11.61 56.49
CA PHE D 145 34.62 -12.21 55.13
C PHE D 145 35.70 -11.61 54.22
N ILE D 146 36.80 -12.35 54.03
CA ILE D 146 37.95 -11.92 53.16
C ILE D 146 38.07 -12.90 51.98
N TRP D 147 38.30 -12.35 50.78
CA TRP D 147 38.37 -13.10 49.49
C TRP D 147 39.56 -14.05 49.54
N GLU D 148 39.42 -15.21 48.90
CA GLU D 148 40.44 -16.27 48.88
C GLU D 148 40.21 -17.14 47.63
N GLU D 149 41.27 -17.39 46.86
CA GLU D 149 41.21 -18.29 45.70
C GLU D 149 40.89 -19.69 46.21
N PRO D 150 39.89 -20.38 45.65
CA PRO D 150 39.55 -21.72 46.13
C PRO D 150 40.71 -22.69 45.90
N GLN D 151 40.75 -23.75 46.70
CA GLN D 151 41.78 -24.82 46.63
C GLN D 151 41.46 -25.72 45.44
N LYS D 152 42.47 -26.19 44.72
CA LYS D 152 42.32 -27.26 43.71
C LYS D 152 42.74 -28.59 44.36
N ALA D 153 41.84 -29.58 44.38
CA ALA D 153 42.06 -30.88 45.05
C ALA D 153 41.25 -31.98 44.37
N PRO D 154 41.78 -33.22 44.32
CA PRO D 154 41.12 -34.32 43.63
C PRO D 154 39.90 -34.85 44.42
N LEU D 155 38.81 -35.15 43.73
CA LEU D 155 37.61 -35.83 44.31
C LEU D 155 38.07 -37.12 45.00
N PRO D 156 37.71 -37.35 46.27
CA PRO D 156 38.05 -38.61 46.95
C PRO D 156 37.08 -39.77 46.65
N ILE D 157 36.18 -39.59 45.67
CA ILE D 157 35.31 -40.68 45.10
C ILE D 157 35.45 -40.69 43.58
N SER D 158 34.87 -41.69 42.91
CA SER D 158 34.95 -41.87 41.43
C SER D 158 33.81 -42.76 40.96
N GLY D 159 33.68 -42.94 39.64
CA GLY D 159 32.63 -43.76 39.00
C GLY D 159 31.43 -42.91 38.64
N GLU D 160 30.39 -43.52 38.06
CA GLU D 160 29.16 -42.80 37.67
C GLU D 160 28.44 -42.39 38.96
N GLU D 161 27.62 -41.34 38.85
CA GLU D 161 26.74 -40.83 39.94
C GLU D 161 27.57 -40.20 41.06
N LYS D 162 28.81 -39.80 40.79
CA LYS D 162 29.64 -39.06 41.78
C LYS D 162 29.04 -37.67 42.00
N GLU D 163 28.41 -37.08 40.98
CA GLU D 163 27.75 -35.75 41.08
C GLU D 163 26.53 -35.88 42.01
N GLY D 164 26.37 -34.95 42.96
CA GLY D 164 25.19 -34.89 43.84
C GLY D 164 25.56 -35.08 45.31
N ILE D 165 24.65 -35.69 46.08
CA ILE D 165 24.68 -35.68 47.58
C ILE D 165 25.11 -37.05 48.08
N HIS D 166 26.14 -37.10 48.93
CA HIS D 166 26.65 -38.36 49.55
C HIS D 166 26.64 -38.25 51.07
N ILE D 167 25.81 -39.06 51.74
CA ILE D 167 25.85 -39.21 53.21
C ILE D 167 27.16 -39.92 53.56
N HIS D 168 28.06 -39.19 54.26
CA HIS D 168 29.40 -39.68 54.69
C HIS D 168 29.28 -40.32 56.07
N SER D 169 28.52 -39.68 56.98
CA SER D 169 28.25 -40.15 58.36
C SER D 169 26.92 -39.55 58.86
N ALA D 170 26.57 -39.78 60.12
CA ALA D 170 25.36 -39.22 60.77
C ALA D 170 25.49 -37.69 60.90
N THR D 171 26.71 -37.15 60.77
CA THR D 171 26.98 -35.69 60.91
C THR D 171 27.80 -35.15 59.75
N SER D 172 27.95 -35.87 58.63
CA SER D 172 28.73 -35.39 57.47
C SER D 172 28.09 -35.81 56.14
N ILE D 173 28.15 -34.89 55.18
CA ILE D 173 27.59 -35.00 53.80
C ILE D 173 28.68 -34.49 52.86
N MET D 174 28.96 -35.24 51.79
CA MET D 174 29.82 -34.80 50.68
C MET D 174 28.93 -34.33 49.54
N LEU D 175 29.21 -33.13 49.03
CA LEU D 175 28.52 -32.53 47.85
C LEU D 175 29.50 -32.50 46.70
N VAL D 176 29.06 -32.88 45.50
CA VAL D 176 29.87 -32.88 44.24
C VAL D 176 29.05 -32.15 43.18
N LEU D 177 29.57 -31.01 42.70
CA LEU D 177 28.87 -30.12 41.75
C LEU D 177 29.69 -30.05 40.47
N TYR D 178 29.15 -30.61 39.39
CA TYR D 178 29.78 -30.57 38.04
C TYR D 178 29.81 -29.12 37.54
N ASP D 179 30.93 -28.72 36.95
CA ASP D 179 31.11 -27.37 36.37
C ASP D 179 32.13 -27.45 35.23
N LYS D 180 31.62 -27.45 34.01
CA LYS D 180 32.37 -27.23 32.75
C LYS D 180 31.38 -26.76 31.68
N ASP D 181 31.54 -25.52 31.19
CA ASP D 181 30.67 -24.96 30.12
C ASP D 181 31.06 -25.62 28.79
N SER D 182 30.31 -25.37 27.72
CA SER D 182 30.51 -26.02 26.39
C SER D 182 31.87 -25.63 25.80
N GLN D 183 32.49 -24.54 26.28
CA GLN D 183 33.79 -24.03 25.77
C GLN D 183 34.93 -24.47 26.71
N GLY D 184 34.65 -25.27 27.74
CA GLY D 184 35.66 -25.84 28.65
C GLY D 184 36.02 -24.94 29.82
N GLY D 185 35.34 -23.81 30.00
CA GLY D 185 35.53 -22.91 31.16
C GLY D 185 34.75 -23.36 32.38
N HIS D 186 35.02 -22.78 33.56
CA HIS D 186 34.35 -23.09 34.85
C HIS D 186 34.28 -21.83 35.71
N LYS D 187 33.57 -21.93 36.84
CA LYS D 187 33.30 -20.80 37.78
C LYS D 187 34.59 -20.46 38.53
N ASP D 188 34.65 -19.25 39.09
CA ASP D 188 35.84 -18.77 39.86
C ASP D 188 35.78 -19.37 41.27
N CYS D 189 34.59 -19.50 41.85
CA CYS D 189 34.39 -20.11 43.20
C CYS D 189 32.94 -20.57 43.37
N VAL D 190 32.73 -21.46 44.35
CA VAL D 190 31.39 -21.94 44.77
C VAL D 190 31.37 -22.03 46.30
N PHE D 191 30.34 -21.44 46.92
CA PHE D 191 30.03 -21.58 48.36
C PHE D 191 28.81 -22.51 48.52
N VAL D 192 28.81 -23.34 49.57
CA VAL D 192 27.59 -24.03 50.06
C VAL D 192 27.04 -23.16 51.20
N THR D 193 25.79 -22.73 51.05
CA THR D 193 25.02 -21.95 52.05
C THR D 193 23.95 -22.87 52.62
N GLY D 194 23.60 -22.74 53.90
CA GLY D 194 22.53 -23.57 54.46
C GLY D 194 22.19 -23.25 55.90
N ASN D 195 21.32 -24.07 56.47
CA ASN D 195 20.88 -23.95 57.89
C ASN D 195 22.08 -24.21 58.80
N PHE D 196 23.11 -24.91 58.33
CA PHE D 196 24.38 -25.16 59.08
C PHE D 196 25.19 -23.87 59.29
N ASN D 197 25.01 -22.81 58.48
CA ASN D 197 25.79 -21.55 58.65
C ASN D 197 24.89 -20.31 58.51
N ASN D 198 23.58 -20.48 58.73
CA ASN D 198 22.56 -19.40 58.64
C ASN D 198 22.72 -18.64 57.31
N TRP D 199 23.02 -19.35 56.22
CA TRP D 199 22.90 -18.89 54.80
C TRP D 199 23.88 -17.75 54.51
N LYS D 200 25.08 -17.81 55.08
CA LYS D 200 26.16 -16.83 54.83
C LYS D 200 27.15 -17.43 53.85
N LEU D 201 27.93 -16.59 53.17
CA LEU D 201 29.14 -16.99 52.43
C LEU D 201 30.27 -17.06 53.47
N ASP D 202 30.86 -18.23 53.64
CA ASP D 202 31.99 -18.47 54.58
C ASP D 202 33.06 -19.27 53.85
N SER D 203 34.31 -18.82 53.94
CA SER D 203 35.50 -19.46 53.29
C SER D 203 35.63 -20.93 53.74
N ARG D 204 35.16 -21.29 54.94
CA ARG D 204 35.20 -22.70 55.41
C ARG D 204 34.20 -23.55 54.62
N TYR D 205 33.27 -22.91 53.89
CA TYR D 205 32.26 -23.60 53.03
C TYR D 205 32.52 -23.32 51.55
N MET D 206 33.71 -22.85 51.21
CA MET D 206 34.11 -22.66 49.80
C MET D 206 34.58 -24.01 49.27
N MET D 207 33.98 -24.49 48.17
CA MET D 207 34.25 -25.84 47.64
C MET D 207 35.63 -25.85 46.98
N LYS D 208 36.25 -27.03 46.94
CA LYS D 208 37.52 -27.30 46.21
C LYS D 208 37.17 -27.68 44.77
N TYR D 209 38.05 -27.41 43.82
CA TYR D 209 37.82 -27.80 42.39
C TYR D 209 38.77 -28.95 42.03
N ASP D 210 38.18 -30.00 41.45
CA ASP D 210 38.89 -31.08 40.73
C ASP D 210 38.82 -30.77 39.22
N GLU D 211 39.91 -30.21 38.65
CA GLU D 211 39.98 -29.81 37.22
C GLU D 211 39.82 -31.04 36.31
N THR D 212 40.23 -32.22 36.79
CA THR D 212 40.25 -33.50 36.02
C THR D 212 38.84 -34.08 35.87
N ASN D 213 38.04 -34.08 36.95
CA ASN D 213 36.63 -34.54 36.96
C ASN D 213 35.70 -33.35 36.68
N HIS D 214 36.27 -32.14 36.61
CA HIS D 214 35.54 -30.85 36.42
C HIS D 214 34.42 -30.75 37.45
N CYS D 215 34.73 -31.02 38.72
CA CYS D 215 33.76 -31.03 39.84
C CYS D 215 34.27 -30.20 41.02
N TRP D 216 33.39 -29.33 41.54
CA TRP D 216 33.48 -28.72 42.89
C TRP D 216 33.10 -29.79 43.92
N TRP D 217 33.80 -29.83 45.05
CA TRP D 217 33.47 -30.77 46.14
C TRP D 217 33.81 -30.19 47.51
N ILE D 218 33.08 -30.69 48.52
CA ILE D 218 33.25 -30.35 49.96
C ILE D 218 32.62 -31.48 50.80
N THR D 219 33.14 -31.70 52.00
CA THR D 219 32.49 -32.50 53.07
C THR D 219 31.99 -31.54 54.15
N LEU D 220 30.66 -31.40 54.30
CA LEU D 220 30.03 -30.66 55.40
C LEU D 220 30.19 -31.50 56.67
N GLU D 221 30.91 -30.95 57.66
CA GLU D 221 31.25 -31.62 58.95
C GLU D 221 30.36 -31.05 60.06
N GLU D 222 30.25 -31.80 61.15
CA GLU D 222 29.64 -31.34 62.42
C GLU D 222 28.21 -30.86 62.17
N LEU D 223 27.48 -31.56 61.29
CA LEU D 223 26.03 -31.33 61.08
C LEU D 223 25.28 -31.82 62.33
N THR D 224 24.39 -30.99 62.87
CA THR D 224 23.66 -31.25 64.15
C THR D 224 22.15 -31.20 63.90
N ALA D 225 21.70 -30.32 63.02
CA ALA D 225 20.27 -30.22 62.62
C ALA D 225 19.75 -31.61 62.24
N GLY D 226 18.47 -31.87 62.51
CA GLY D 226 17.75 -33.09 62.12
C GLY D 226 17.75 -33.28 60.60
N GLU D 227 17.43 -32.23 59.84
CA GLU D 227 17.55 -32.20 58.37
C GLU D 227 18.45 -31.03 57.96
N THR D 228 19.35 -31.26 57.00
CA THR D 228 20.23 -30.22 56.40
C THR D 228 19.51 -29.60 55.20
N GLN D 229 19.48 -28.28 55.16
CA GLN D 229 18.94 -27.46 54.03
C GLN D 229 20.09 -26.67 53.43
N PHE D 230 20.25 -26.67 52.11
CA PHE D 230 21.35 -25.92 51.46
C PHE D 230 20.99 -25.49 50.05
N GLN D 231 21.76 -24.51 49.54
CA GLN D 231 21.86 -24.20 48.10
C GLN D 231 23.30 -23.72 47.84
N TYR D 232 23.70 -23.71 46.58
CA TYR D 232 25.03 -23.22 46.16
C TYR D 232 24.93 -21.76 45.76
N PHE D 233 25.98 -21.01 46.07
CA PHE D 233 26.30 -19.72 45.43
C PHE D 233 27.53 -19.95 44.54
N VAL D 234 27.30 -20.01 43.24
CA VAL D 234 28.35 -20.14 42.19
C VAL D 234 28.66 -18.73 41.70
N TYR D 235 29.91 -18.50 41.30
CA TYR D 235 30.42 -17.16 40.97
C TYR D 235 31.57 -17.25 39.98
N SER D 236 31.53 -16.39 38.97
CA SER D 236 32.66 -16.08 38.05
C SER D 236 32.64 -14.58 37.76
N ALA D 237 33.79 -14.02 37.38
CA ALA D 237 33.93 -12.59 37.03
C ALA D 237 32.99 -12.24 35.87
N SER D 238 32.80 -13.16 34.91
CA SER D 238 32.03 -12.96 33.65
C SER D 238 30.51 -13.15 33.83
N ASP D 239 30.08 -14.03 34.76
CA ASP D 239 28.66 -14.43 34.92
C ASP D 239 28.04 -13.74 36.14
N GLY D 240 28.86 -13.14 37.00
CA GLY D 240 28.46 -12.76 38.37
C GLY D 240 28.12 -13.98 39.21
N GLY D 241 27.30 -13.78 40.24
CA GLY D 241 26.86 -14.83 41.19
C GLY D 241 25.46 -15.32 40.93
N THR D 242 25.21 -16.60 41.21
CA THR D 242 23.90 -17.27 41.03
C THR D 242 23.67 -18.21 42.22
N TYR D 243 22.46 -18.19 42.79
CA TYR D 243 22.01 -19.19 43.80
C TYR D 243 21.29 -20.31 43.06
N LEU D 244 21.58 -21.56 43.43
CA LEU D 244 20.87 -22.74 42.84
C LEU D 244 21.01 -23.92 43.80
N CYS D 245 20.08 -24.87 43.75
CA CYS D 245 20.14 -26.07 44.62
C CYS D 245 20.91 -27.17 43.89
N ASP D 246 21.01 -28.35 44.49
CA ASP D 246 21.70 -29.50 43.85
C ASP D 246 20.73 -30.15 42.89
N PRO D 247 21.09 -30.27 41.58
CA PRO D 247 20.19 -30.87 40.59
C PRO D 247 19.81 -32.32 40.90
N TYR D 248 20.53 -32.98 41.81
CA TYR D 248 20.37 -34.42 42.13
C TYR D 248 19.69 -34.59 43.50
N CYS D 249 19.22 -33.53 44.14
CA CYS D 249 18.50 -33.66 45.44
C CYS D 249 17.19 -34.44 45.21
N GLU D 250 16.82 -35.25 46.20
CA GLU D 250 15.60 -36.09 46.20
C GLU D 250 14.50 -35.39 47.00
N GLN D 251 14.83 -34.30 47.69
CA GLN D 251 13.85 -33.54 48.50
C GLN D 251 14.22 -32.05 48.36
N ALA D 252 13.23 -31.18 48.15
CA ALA D 252 13.43 -29.73 47.99
C ALA D 252 12.27 -28.97 48.65
N LEU D 253 12.54 -27.77 49.17
CA LEU D 253 11.52 -26.75 49.54
C LEU D 253 11.46 -25.70 48.43
N GLU D 254 10.25 -25.28 48.04
CA GLU D 254 10.04 -24.30 46.95
C GLU D 254 9.41 -23.03 47.53
N LYS D 255 10.06 -21.88 47.36
CA LYS D 255 9.52 -20.60 47.86
C LYS D 255 8.23 -20.28 47.09
N GLY D 256 7.18 -19.85 47.81
CA GLY D 256 5.84 -19.60 47.25
C GLY D 256 4.94 -20.83 47.37
N VAL D 257 5.48 -21.95 47.86
CA VAL D 257 4.71 -23.21 48.14
C VAL D 257 4.90 -23.57 49.61
N ASP D 258 6.15 -23.78 50.02
CA ASP D 258 6.49 -24.26 51.39
C ASP D 258 6.58 -23.05 52.34
N THR D 259 5.71 -23.02 53.36
CA THR D 259 5.66 -21.91 54.37
C THR D 259 6.97 -21.90 55.16
N ASN D 260 7.64 -23.05 55.27
CA ASN D 260 8.92 -23.22 56.01
C ASN D 260 10.13 -23.03 55.08
N PHE D 261 9.98 -22.45 53.88
CA PHE D 261 11.13 -22.07 53.02
C PHE D 261 12.01 -21.09 53.79
N PRO D 262 13.32 -21.37 53.96
CA PRO D 262 14.17 -20.57 54.85
C PRO D 262 14.29 -19.11 54.37
N THR D 263 14.14 -18.18 55.32
CA THR D 263 14.21 -16.71 55.09
C THR D 263 15.58 -16.34 54.54
N GLY D 264 16.65 -17.02 54.97
CA GLY D 264 18.03 -16.78 54.52
C GLY D 264 18.29 -17.20 53.07
N ALA D 265 17.53 -18.16 52.53
CA ALA D 265 17.76 -18.74 51.18
C ALA D 265 17.13 -17.87 50.09
N GLN D 266 17.67 -17.92 48.87
CA GLN D 266 17.04 -17.29 47.69
C GLN D 266 16.10 -18.30 47.00
N ALA D 267 14.96 -17.80 46.50
CA ALA D 267 14.05 -18.50 45.55
C ALA D 267 14.88 -19.01 44.36
N PRO D 268 14.49 -20.10 43.66
CA PRO D 268 13.29 -20.89 43.99
C PRO D 268 13.42 -22.04 44.99
N TYR D 269 14.55 -22.76 45.00
CA TYR D 269 14.68 -24.10 45.65
C TYR D 269 15.82 -24.13 46.68
N VAL D 270 15.59 -24.87 47.77
CA VAL D 270 16.68 -25.41 48.63
C VAL D 270 16.53 -26.94 48.68
N SER D 271 17.65 -27.64 48.58
CA SER D 271 17.79 -29.11 48.73
C SER D 271 17.69 -29.46 50.21
N VAL D 272 17.02 -30.57 50.51
CA VAL D 272 16.84 -31.08 51.90
C VAL D 272 17.39 -32.51 51.97
N VAL D 273 18.20 -32.79 53.00
CA VAL D 273 18.93 -34.07 53.23
C VAL D 273 18.87 -34.38 54.73
N SER D 274 18.57 -35.63 55.11
CA SER D 274 18.77 -36.16 56.48
C SER D 274 20.11 -36.89 56.55
N ASN D 276 19.57 -39.44 58.44
CA ASN D 276 18.83 -40.53 59.16
C ASN D 276 17.45 -40.72 58.54
N PRO D 277 17.34 -41.08 57.23
CA PRO D 277 16.03 -41.21 56.59
C PRO D 277 15.39 -42.57 56.91
N GLN D 278 14.07 -42.58 57.14
CA GLN D 278 13.28 -43.82 57.37
C GLN D 278 13.11 -44.50 56.02
N PRO D 279 13.72 -45.69 55.81
CA PRO D 279 13.64 -46.36 54.51
C PRO D 279 12.28 -47.07 54.39
N TYR D 280 11.59 -46.91 53.27
CA TYR D 280 10.29 -47.58 52.99
C TYR D 280 10.56 -49.07 52.77
N GLN D 281 9.74 -49.92 53.39
CA GLN D 281 9.81 -51.40 53.27
C GLN D 281 8.84 -51.82 52.16
N TRP D 282 9.36 -52.22 50.99
CA TRP D 282 8.57 -52.73 49.84
C TRP D 282 8.04 -54.13 50.18
N SER D 283 6.86 -54.47 49.69
CA SER D 283 6.31 -55.84 49.73
C SER D 283 7.18 -56.77 48.88
N ALA D 284 7.23 -58.06 49.22
CA ALA D 284 8.11 -59.07 48.57
C ALA D 284 7.60 -59.39 47.16
N GLY D 285 8.52 -59.73 46.25
CA GLY D 285 8.22 -60.29 44.91
C GLY D 285 8.91 -59.53 43.80
N GLU D 286 8.70 -59.97 42.55
CA GLU D 286 9.16 -59.29 41.31
C GLU D 286 7.91 -58.95 40.47
N PHE D 287 7.45 -57.69 40.52
CA PHE D 287 6.15 -57.26 39.93
C PHE D 287 6.26 -57.21 38.40
N GLU D 288 5.24 -57.75 37.72
CA GLU D 288 5.16 -57.86 36.24
C GLU D 288 3.81 -57.32 35.77
N MET D 289 3.79 -56.40 34.81
CA MET D 289 2.53 -55.83 34.26
C MET D 289 1.76 -56.98 33.62
N LYS D 290 0.48 -57.14 33.95
CA LYS D 290 -0.42 -58.12 33.29
C LYS D 290 -0.78 -57.57 31.92
N ASN D 291 -1.13 -58.44 30.97
CA ASN D 291 -1.37 -58.11 29.53
C ASN D 291 -0.29 -57.15 29.03
N LYS D 292 0.99 -57.48 29.25
CA LYS D 292 2.15 -56.56 29.04
C LYS D 292 2.24 -56.09 27.58
N GLU D 293 1.79 -56.91 26.62
CA GLU D 293 1.94 -56.64 25.15
C GLU D 293 0.85 -55.66 24.68
N ASN D 294 -0.31 -55.61 25.34
CA ASN D 294 -1.48 -54.82 24.87
C ASN D 294 -2.26 -54.28 26.07
N PRO D 295 -1.60 -53.56 27.00
CA PRO D 295 -2.27 -53.11 28.22
C PRO D 295 -3.34 -52.02 28.01
N VAL D 296 -4.33 -52.03 28.91
CA VAL D 296 -5.27 -50.91 29.13
C VAL D 296 -4.67 -50.01 30.21
N ILE D 297 -4.30 -48.79 29.81
CA ILE D 297 -3.63 -47.76 30.64
C ILE D 297 -4.67 -46.70 31.03
N TYR D 298 -4.76 -46.37 32.31
CA TYR D 298 -5.62 -45.29 32.87
C TYR D 298 -4.76 -44.06 33.13
N GLU D 299 -4.91 -43.00 32.33
CA GLU D 299 -4.17 -41.73 32.53
C GLU D 299 -4.85 -40.98 33.68
N LEU D 300 -4.05 -40.55 34.65
CA LEU D 300 -4.49 -40.05 35.97
C LEU D 300 -3.70 -38.77 36.30
N LEU D 301 -4.39 -37.68 36.62
CA LEU D 301 -3.81 -36.44 37.20
C LEU D 301 -4.16 -36.41 38.69
N LEU D 302 -3.15 -36.60 39.55
CA LEU D 302 -3.35 -36.71 41.02
C LEU D 302 -4.06 -35.45 41.54
N ARG D 303 -3.77 -34.29 40.94
CA ARG D 303 -4.40 -33.00 41.31
C ARG D 303 -5.93 -33.10 41.25
N ASP D 304 -6.51 -33.71 40.20
CA ASP D 304 -7.96 -33.61 39.88
C ASP D 304 -8.67 -34.98 40.01
N PHE D 305 -7.94 -36.04 40.33
CA PHE D 305 -8.49 -37.42 40.43
C PHE D 305 -9.35 -37.55 41.69
N THR D 306 -8.93 -36.91 42.79
CA THR D 306 -9.67 -36.91 44.09
C THR D 306 -9.68 -35.49 44.65
N SER D 307 -10.61 -35.22 45.57
CA SER D 307 -10.80 -33.92 46.27
C SER D 307 -9.54 -33.56 47.08
N SER D 308 -8.77 -34.54 47.55
CA SER D 308 -7.52 -34.33 48.32
C SER D 308 -6.38 -33.89 47.39
N GLY D 309 -6.46 -34.25 46.10
CA GLY D 309 -5.53 -33.83 45.04
C GLY D 309 -4.14 -34.43 45.23
N ASN D 310 -4.04 -35.59 45.85
CA ASN D 310 -2.75 -36.14 46.34
C ASN D 310 -2.75 -37.67 46.28
N LEU D 311 -1.63 -38.29 46.67
CA LEU D 311 -1.48 -39.77 46.68
C LEU D 311 -2.43 -40.37 47.72
N ALA D 312 -2.59 -39.73 48.88
CA ALA D 312 -3.48 -40.18 49.99
C ALA D 312 -4.90 -40.38 49.46
N GLY D 313 -5.43 -39.39 48.74
CA GLY D 313 -6.74 -39.46 48.09
C GLY D 313 -6.83 -40.60 47.07
N ALA D 314 -5.85 -40.68 46.17
CA ALA D 314 -5.81 -41.66 45.06
C ALA D 314 -5.76 -43.10 45.61
N MET D 315 -5.01 -43.31 46.69
CA MET D 315 -4.83 -44.64 47.33
C MET D 315 -6.20 -45.31 47.51
N GLU D 316 -7.17 -44.52 48.00
CA GLU D 316 -8.55 -44.95 48.38
C GLU D 316 -9.31 -45.49 47.16
N LYS D 317 -8.91 -45.07 45.94
CA LYS D 317 -9.64 -45.40 44.69
C LYS D 317 -8.96 -46.55 43.96
N LEU D 318 -7.96 -47.21 44.55
CA LEU D 318 -7.26 -48.34 43.90
C LEU D 318 -8.21 -49.53 43.75
N PRO D 319 -9.05 -49.92 44.75
CA PRO D 319 -10.02 -51.00 44.56
C PRO D 319 -10.96 -50.75 43.36
N TYR D 320 -11.44 -49.51 43.19
CA TYR D 320 -12.28 -49.09 42.04
C TYR D 320 -11.54 -49.38 40.71
N LEU D 321 -10.28 -48.95 40.60
CA LEU D 321 -9.48 -49.11 39.36
C LEU D 321 -9.16 -50.59 39.11
N LYS D 322 -8.88 -51.37 40.16
CA LYS D 322 -8.63 -52.83 40.07
C LYS D 322 -9.86 -53.51 39.44
N GLU D 323 -11.06 -53.17 39.92
CA GLU D 323 -12.35 -53.76 39.46
C GLU D 323 -12.67 -53.28 38.03
N LEU D 324 -12.31 -52.05 37.67
CA LEU D 324 -12.46 -51.51 36.28
C LEU D 324 -11.65 -52.40 35.31
N GLY D 325 -10.57 -53.02 35.80
CA GLY D 325 -9.83 -54.10 35.11
C GLY D 325 -8.59 -53.60 34.40
N ILE D 326 -8.15 -52.37 34.68
CA ILE D 326 -6.98 -51.73 34.01
C ILE D 326 -5.70 -52.50 34.35
N ASP D 327 -4.71 -52.45 33.46
CA ASP D 327 -3.38 -53.10 33.62
C ASP D 327 -2.36 -52.10 34.22
N ALA D 328 -2.53 -50.79 33.97
CA ALA D 328 -1.55 -49.77 34.39
C ALA D 328 -2.24 -48.43 34.68
N ILE D 329 -1.70 -47.67 35.63
CA ILE D 329 -1.97 -46.21 35.80
C ILE D 329 -0.80 -45.47 35.19
N GLU D 330 -1.07 -44.49 34.35
CA GLU D 330 -0.06 -43.51 33.88
C GLU D 330 -0.29 -42.21 34.65
N LEU D 331 0.65 -41.86 35.52
CA LEU D 331 0.62 -40.60 36.32
C LEU D 331 1.12 -39.46 35.44
N MET D 332 0.33 -38.40 35.32
CA MET D 332 0.83 -37.15 34.70
C MET D 332 1.95 -36.63 35.58
N PRO D 333 2.89 -35.79 35.05
CA PRO D 333 4.20 -35.61 35.68
C PRO D 333 4.19 -35.40 37.21
N VAL D 334 5.07 -36.11 37.94
CA VAL D 334 5.18 -36.07 39.43
C VAL D 334 6.56 -35.52 39.84
N GLN D 335 7.44 -35.23 38.88
CA GLN D 335 8.75 -34.61 39.16
C GLN D 335 8.52 -33.15 39.57
N GLU D 336 9.33 -32.65 40.50
CA GLU D 336 9.19 -31.30 41.08
C GLU D 336 8.87 -30.34 39.94
N PHE D 337 7.65 -29.78 39.95
CA PHE D 337 7.16 -28.81 38.94
C PHE D 337 6.98 -27.43 39.60
N ALA D 338 6.97 -26.36 38.80
CA ALA D 338 6.84 -24.96 39.27
C ALA D 338 5.50 -24.77 40.00
N GLY D 339 5.55 -24.32 41.25
CA GLY D 339 4.36 -24.13 42.11
C GLY D 339 3.78 -25.46 42.57
N ASN D 340 2.48 -25.50 42.85
CA ASN D 340 1.80 -26.70 43.42
C ASN D 340 0.41 -26.91 42.80
N ASP D 341 0.12 -26.28 41.65
CA ASP D 341 -1.17 -26.34 40.93
C ASP D 341 -0.86 -26.38 39.42
N SER D 342 -0.69 -27.58 38.86
CA SER D 342 -0.15 -27.77 37.49
C SER D 342 -0.54 -29.14 36.93
N TRP D 343 -0.59 -29.25 35.59
CA TRP D 343 -0.54 -30.56 34.89
C TRP D 343 0.80 -31.25 35.21
N GLY D 344 1.87 -30.46 35.36
CA GLY D 344 3.21 -30.94 35.76
C GLY D 344 4.26 -30.78 34.66
N TYR D 345 3.87 -30.32 33.47
CA TYR D 345 4.76 -30.24 32.27
C TYR D 345 5.64 -28.99 32.36
N ASN D 346 6.25 -28.79 33.52
CA ASN D 346 7.01 -27.57 33.89
C ASN D 346 7.97 -27.97 35.02
N THR D 347 8.84 -28.93 34.72
CA THR D 347 9.74 -29.62 35.69
C THR D 347 10.95 -28.72 36.02
N GLY D 348 11.16 -28.46 37.31
CA GLY D 348 12.30 -27.70 37.84
C GLY D 348 13.39 -28.63 38.35
N LEU D 349 13.01 -29.77 38.94
CA LEU D 349 13.94 -30.79 39.48
C LEU D 349 13.46 -32.19 39.07
N TYR D 350 14.39 -33.04 38.64
CA TYR D 350 14.11 -34.37 38.02
C TYR D 350 14.36 -35.51 39.00
N PHE D 351 15.07 -35.28 40.11
CA PHE D 351 15.42 -36.33 41.10
C PHE D 351 14.57 -36.18 42.36
N ALA D 352 13.85 -35.05 42.49
CA ALA D 352 12.87 -34.80 43.58
C ALA D 352 11.46 -34.88 42.97
N LEU D 353 10.56 -35.61 43.64
CA LEU D 353 9.13 -35.65 43.26
C LEU D 353 8.39 -34.54 44.00
N ASP D 354 7.39 -33.94 43.36
CA ASP D 354 6.68 -32.75 43.91
C ASP D 354 6.01 -33.12 45.24
N ALA D 355 6.35 -32.38 46.31
CA ALA D 355 5.88 -32.63 47.69
C ALA D 355 4.37 -32.39 47.80
N SER D 356 3.77 -31.64 46.86
CA SER D 356 2.32 -31.28 46.91
C SER D 356 1.44 -32.54 46.80
N TYR D 357 1.96 -33.63 46.22
CA TYR D 357 1.23 -34.93 46.08
C TYR D 357 1.55 -35.86 47.27
N GLY D 358 2.69 -35.66 47.92
CA GLY D 358 3.11 -36.44 49.09
C GLY D 358 4.62 -36.58 49.21
N THR D 359 5.08 -37.29 50.25
CA THR D 359 6.51 -37.53 50.56
C THR D 359 7.04 -38.61 49.63
N GLN D 360 8.37 -38.74 49.57
CA GLN D 360 9.07 -39.84 48.83
C GLN D 360 8.45 -41.19 49.21
N ASN D 361 8.25 -41.43 50.51
CA ASN D 361 7.73 -42.71 51.06
C ASN D 361 6.23 -42.85 50.72
N GLU D 362 5.51 -41.75 50.53
CA GLU D 362 4.08 -41.81 50.11
C GLU D 362 4.01 -42.24 48.65
N TYR D 363 4.94 -41.77 47.81
CA TYR D 363 5.04 -42.19 46.38
C TYR D 363 5.29 -43.70 46.33
N LYS D 364 6.27 -44.19 47.09
CA LYS D 364 6.65 -45.62 47.10
C LYS D 364 5.46 -46.44 47.61
N ALA D 365 4.79 -45.99 48.68
CA ALA D 365 3.59 -46.62 49.27
C ALA D 365 2.49 -46.76 48.21
N PHE D 366 2.26 -45.70 47.42
CA PHE D 366 1.21 -45.68 46.38
C PHE D 366 1.54 -46.73 45.30
N ILE D 367 2.78 -46.74 44.83
CA ILE D 367 3.23 -47.65 43.73
C ILE D 367 3.16 -49.10 44.23
N ASP D 368 3.58 -49.33 45.47
CA ASP D 368 3.55 -50.68 46.11
C ASP D 368 2.09 -51.17 46.14
N ALA D 369 1.17 -50.28 46.54
CA ALA D 369 -0.27 -50.56 46.69
C ALA D 369 -0.88 -50.88 45.32
N CYS D 370 -0.48 -50.13 44.30
CA CYS D 370 -0.83 -50.40 42.88
C CYS D 370 -0.42 -51.84 42.55
N HIS D 371 0.85 -52.18 42.79
CA HIS D 371 1.43 -53.52 42.51
C HIS D 371 0.62 -54.60 43.24
N GLN D 372 0.24 -54.37 44.50
CA GLN D 372 -0.52 -55.34 45.34
C GLN D 372 -1.92 -55.56 44.72
N ASN D 373 -2.44 -54.57 44.00
CA ASN D 373 -3.76 -54.58 43.32
C ASN D 373 -3.60 -55.10 41.89
N GLY D 374 -2.39 -55.53 41.49
CA GLY D 374 -2.09 -56.10 40.18
C GLY D 374 -1.97 -55.04 39.10
N ILE D 375 -1.74 -53.77 39.47
CA ILE D 375 -1.69 -52.61 38.52
C ILE D 375 -0.27 -52.04 38.47
N ALA D 376 0.22 -51.76 37.26
CA ALA D 376 1.55 -51.19 36.97
C ALA D 376 1.46 -49.67 37.00
N VAL D 377 2.58 -48.98 37.22
CA VAL D 377 2.63 -47.49 37.32
C VAL D 377 3.65 -46.99 36.29
N ILE D 378 3.19 -46.15 35.37
CA ILE D 378 4.01 -45.47 34.32
C ILE D 378 4.10 -43.98 34.72
N PHE D 379 5.32 -43.41 34.69
CA PHE D 379 5.53 -41.96 34.95
C PHE D 379 5.61 -41.19 33.62
N ASP D 380 4.83 -40.12 33.53
CA ASP D 380 4.95 -39.09 32.47
C ASP D 380 6.23 -38.30 32.77
N VAL D 381 7.19 -38.31 31.85
CA VAL D 381 8.52 -37.64 31.99
C VAL D 381 8.69 -36.62 30.85
N VAL D 382 9.26 -35.47 31.19
CA VAL D 382 9.27 -34.24 30.35
C VAL D 382 10.73 -33.77 30.18
N TYR D 383 11.41 -34.28 29.15
CA TYR D 383 12.85 -34.00 28.91
C TYR D 383 13.03 -33.07 27.71
N ASN D 384 11.95 -32.62 27.07
CA ASN D 384 12.12 -31.63 25.98
C ASN D 384 12.72 -30.35 26.57
N HIS D 385 12.16 -29.89 27.68
CA HIS D 385 12.46 -28.58 28.28
C HIS D 385 12.39 -28.71 29.80
N THR D 386 13.02 -27.78 30.51
CA THR D 386 12.83 -27.59 31.96
C THR D 386 12.33 -26.15 32.16
N ASN D 387 12.76 -25.48 33.23
CA ASN D 387 12.32 -24.10 33.54
C ASN D 387 13.48 -23.33 34.18
N ASN D 388 13.27 -22.05 34.51
CA ASN D 388 14.33 -21.13 35.01
C ASN D 388 14.82 -21.56 36.40
N ASP D 389 14.10 -22.45 37.09
CA ASP D 389 14.41 -22.90 38.48
C ASP D 389 15.46 -24.02 38.48
N ASN D 390 15.63 -24.73 37.36
CA ASN D 390 16.54 -25.91 37.24
C ASN D 390 17.99 -25.44 37.40
N PRO D 391 18.78 -25.99 38.36
CA PRO D 391 20.19 -25.66 38.51
C PRO D 391 20.98 -25.66 37.19
N PHE D 392 20.63 -26.54 36.25
CA PHE D 392 21.32 -26.64 34.93
C PHE D 392 21.16 -25.31 34.18
N ALA D 393 19.99 -24.68 34.26
CA ALA D 393 19.69 -23.40 33.58
C ALA D 393 20.43 -22.27 34.31
N ARG D 394 20.39 -22.29 35.64
CA ARG D 394 20.91 -21.19 36.50
C ARG D 394 22.44 -21.19 36.49
N MET D 395 23.05 -22.37 36.30
CA MET D 395 24.52 -22.59 36.34
C MET D 395 25.23 -21.80 35.24
N TYR D 396 24.65 -21.71 34.03
CA TYR D 396 25.20 -20.92 32.90
C TYR D 396 24.07 -20.13 32.25
N TRP D 397 23.83 -18.92 32.77
CA TRP D 397 22.63 -18.09 32.46
C TRP D 397 23.06 -16.77 31.84
N ASP D 398 22.22 -16.25 30.93
CA ASP D 398 22.44 -14.99 30.17
C ASP D 398 21.57 -13.92 30.83
N THR D 399 22.18 -12.96 31.56
CA THR D 399 21.46 -11.99 32.41
C THR D 399 20.96 -10.81 31.57
N PHE D 400 21.40 -10.69 30.31
CA PHE D 400 20.90 -9.66 29.36
C PHE D 400 19.63 -10.17 28.66
N ASN D 401 19.63 -11.45 28.25
CA ASN D 401 18.56 -12.04 27.39
C ASN D 401 17.60 -12.90 28.24
N ASN D 402 17.96 -13.19 29.49
CA ASN D 402 17.12 -13.89 30.49
C ASN D 402 16.82 -15.29 29.96
N ARG D 403 17.87 -16.02 29.59
CA ARG D 403 17.80 -17.39 29.02
C ARG D 403 19.13 -18.07 29.26
N PRO D 404 19.26 -19.38 28.97
CA PRO D 404 20.55 -20.07 29.09
C PRO D 404 21.62 -19.36 28.24
N SER D 405 22.86 -19.31 28.72
CA SER D 405 23.99 -18.76 27.95
C SER D 405 24.38 -19.73 26.83
N THR D 406 25.07 -19.21 25.81
CA THR D 406 25.59 -19.97 24.65
C THR D 406 26.63 -20.99 25.14
N LYS D 407 27.07 -20.87 26.39
CA LYS D 407 28.08 -21.74 27.04
C LYS D 407 27.39 -22.92 27.78
N ASN D 408 26.06 -22.94 27.87
CA ASN D 408 25.34 -23.94 28.70
C ASN D 408 25.54 -25.34 28.11
N PRO D 409 26.09 -26.32 28.87
CA PRO D 409 26.41 -27.63 28.31
C PRO D 409 25.22 -28.61 28.17
N TRP D 410 24.08 -28.30 28.79
CA TRP D 410 22.82 -29.07 28.71
C TRP D 410 21.79 -28.38 27.81
N LEU D 411 21.63 -27.06 27.93
CA LEU D 411 20.48 -26.34 27.33
C LEU D 411 20.93 -25.50 26.14
N ASN D 412 20.03 -25.36 25.16
CA ASN D 412 20.16 -24.37 24.05
C ASN D 412 19.89 -22.98 24.62
N ALA D 413 20.61 -21.96 24.13
CA ALA D 413 20.30 -20.53 24.38
C ALA D 413 18.92 -20.23 23.79
N VAL D 414 18.65 -20.70 22.56
CA VAL D 414 17.42 -20.41 21.78
C VAL D 414 16.83 -21.73 21.30
N THR D 415 15.52 -21.93 21.48
CA THR D 415 14.78 -23.16 21.10
C THR D 415 14.86 -23.34 19.58
N PRO D 416 15.52 -24.42 19.08
CA PRO D 416 15.71 -24.61 17.65
C PRO D 416 14.37 -24.80 16.90
N HIS D 417 13.40 -25.45 17.54
CA HIS D 417 12.02 -25.68 17.02
C HIS D 417 11.10 -24.54 17.45
N GLN D 418 11.04 -23.46 16.65
CA GLN D 418 10.48 -22.14 17.06
C GLN D 418 8.94 -22.18 17.04
N LYS D 419 8.33 -23.21 16.44
CA LYS D 419 6.86 -23.45 16.51
C LYS D 419 6.44 -23.78 17.94
N TYR D 420 7.28 -24.45 18.74
CA TYR D 420 6.93 -24.97 20.10
C TYR D 420 7.98 -24.55 21.13
N VAL D 421 7.70 -23.44 21.82
CA VAL D 421 8.61 -22.84 22.83
C VAL D 421 7.86 -22.82 24.18
N PHE D 422 7.93 -23.94 24.90
CA PHE D 422 7.19 -24.20 26.15
C PHE D 422 7.89 -23.54 27.35
N SER D 423 9.18 -23.22 27.21
CA SER D 423 9.96 -22.48 28.24
C SER D 423 11.19 -21.89 27.59
N PRO D 424 11.93 -20.97 28.24
CA PRO D 424 13.22 -20.53 27.71
C PRO D 424 14.32 -21.61 27.74
N ASP D 425 14.05 -22.79 28.31
CA ASP D 425 15.07 -23.79 28.73
C ASP D 425 14.86 -25.12 27.99
N ASP D 426 15.19 -25.13 26.69
CA ASP D 426 15.08 -26.29 25.78
C ASP D 426 16.35 -27.14 25.90
N PHE D 427 16.22 -28.44 26.20
CA PHE D 427 17.36 -29.37 26.34
C PHE D 427 18.00 -29.61 24.98
N ASN D 428 19.33 -29.66 24.96
CA ASN D 428 20.15 -30.04 23.79
C ASN D 428 20.42 -31.55 23.87
N HIS D 429 19.69 -32.36 23.11
CA HIS D 429 19.75 -33.84 23.14
C HIS D 429 20.90 -34.37 22.27
N THR D 430 21.74 -33.51 21.71
CA THR D 430 23.02 -33.92 21.08
C THR D 430 24.16 -33.75 22.08
N SER D 431 23.92 -33.14 23.24
CA SER D 431 24.94 -32.95 24.31
C SER D 431 25.16 -34.28 25.05
N GLU D 432 26.43 -34.67 25.25
CA GLU D 432 26.83 -35.85 26.05
C GLU D 432 26.34 -35.67 27.50
N GLN D 433 26.38 -34.43 28.01
CA GLN D 433 26.02 -34.12 29.42
C GLN D 433 24.51 -34.29 29.55
N THR D 434 23.73 -33.84 28.56
CA THR D 434 22.25 -33.97 28.57
C THR D 434 21.89 -35.47 28.46
N LYS D 435 22.55 -36.22 27.58
CA LYS D 435 22.21 -37.65 27.38
C LYS D 435 22.54 -38.44 28.65
N ALA D 436 23.69 -38.17 29.27
CA ALA D 436 24.14 -38.80 30.54
C ALA D 436 23.12 -38.51 31.65
N PHE D 437 22.57 -37.29 31.67
CA PHE D 437 21.61 -36.80 32.68
C PHE D 437 20.29 -37.58 32.57
N VAL D 438 19.72 -37.64 31.37
CA VAL D 438 18.43 -38.34 31.10
C VAL D 438 18.57 -39.81 31.50
N LYS D 439 19.63 -40.48 31.07
CA LYS D 439 19.88 -41.93 31.33
C LYS D 439 19.99 -42.18 32.83
N ARG D 440 20.72 -41.33 33.55
CA ARG D 440 20.87 -41.42 35.03
C ARG D 440 19.51 -41.25 35.70
N ASN D 441 18.69 -40.32 35.20
CA ASN D 441 17.35 -40.00 35.77
C ASN D 441 16.39 -41.18 35.56
N LEU D 442 16.36 -41.76 34.36
CA LEU D 442 15.46 -42.90 34.03
C LEU D 442 15.82 -44.09 34.93
N LYS D 443 17.12 -44.38 35.09
CA LYS D 443 17.63 -45.43 36.01
C LYS D 443 17.17 -45.12 37.45
N TYR D 444 17.35 -43.88 37.91
CA TYR D 444 16.98 -43.45 39.29
C TYR D 444 15.48 -43.68 39.55
N LEU D 445 14.61 -43.27 38.62
CA LEU D 445 13.13 -43.42 38.75
C LEU D 445 12.78 -44.92 38.81
N LEU D 446 13.38 -45.74 37.97
CA LEU D 446 13.16 -47.22 37.98
C LEU D 446 13.66 -47.82 39.30
N ASP D 447 14.90 -47.52 39.70
CA ASP D 447 15.58 -48.12 40.89
C ASP D 447 14.88 -47.67 42.18
N THR D 448 14.48 -46.40 42.29
CA THR D 448 14.00 -45.79 43.57
C THR D 448 12.50 -46.04 43.76
N TYR D 449 11.70 -45.88 42.72
CA TYR D 449 10.21 -45.88 42.80
C TYR D 449 9.62 -47.16 42.18
N HIS D 450 10.45 -48.11 41.71
CA HIS D 450 10.03 -49.48 41.29
C HIS D 450 8.96 -49.39 40.19
N ILE D 451 8.98 -48.32 39.37
CA ILE D 451 7.92 -48.06 38.35
C ILE D 451 8.12 -49.03 37.17
N ASP D 452 7.10 -49.14 36.32
CA ASP D 452 6.97 -50.23 35.31
C ASP D 452 7.12 -49.66 33.89
N GLY D 453 7.43 -48.36 33.76
CA GLY D 453 7.66 -47.75 32.44
C GLY D 453 7.50 -46.25 32.43
N PHE D 454 7.64 -45.66 31.24
CA PHE D 454 7.72 -44.20 31.01
C PHE D 454 6.83 -43.83 29.83
N ARG D 455 6.18 -42.67 29.92
CA ARG D 455 5.55 -41.96 28.79
C ARG D 455 6.38 -40.70 28.56
N PHE D 456 7.16 -40.65 27.49
CA PHE D 456 8.00 -39.47 27.15
C PHE D 456 7.13 -38.41 26.48
N ASP D 457 7.02 -37.25 27.13
CA ASP D 457 6.34 -36.03 26.61
C ASP D 457 7.17 -35.44 25.46
N PHE D 458 6.48 -35.02 24.39
CA PHE D 458 6.97 -34.15 23.30
C PHE D 458 8.36 -34.63 22.84
N THR D 459 8.44 -35.87 22.38
CA THR D 459 9.71 -36.46 21.86
C THR D 459 10.04 -35.85 20.50
N LYS D 460 9.04 -35.26 19.82
CA LYS D 460 9.23 -34.41 18.62
C LYS D 460 10.21 -33.26 18.95
N GLY D 461 10.20 -32.79 20.19
CA GLY D 461 11.12 -31.72 20.66
C GLY D 461 12.58 -32.11 20.75
N PHE D 462 12.96 -33.40 20.61
CA PHE D 462 14.35 -33.88 20.91
C PHE D 462 15.24 -33.71 19.67
N THR D 463 15.38 -32.45 19.21
CA THR D 463 15.95 -32.08 17.89
C THR D 463 16.67 -30.73 17.97
N GLN D 464 17.83 -30.64 17.31
CA GLN D 464 18.66 -29.40 17.22
C GLN D 464 18.41 -28.69 15.89
N LYS D 465 17.54 -29.20 15.03
CA LYS D 465 17.26 -28.62 13.69
C LYS D 465 16.51 -27.30 13.89
N GLN D 466 16.96 -26.26 13.19
CA GLN D 466 16.29 -24.93 13.13
C GLN D 466 15.05 -25.10 12.25
N THR D 467 13.87 -24.99 12.86
CA THR D 467 12.54 -25.09 12.21
C THR D 467 11.66 -23.95 12.74
N THR D 468 10.55 -23.66 12.06
CA THR D 468 9.59 -22.59 12.46
C THR D 468 8.13 -23.06 12.28
N GLY D 469 7.91 -24.25 11.72
CA GLY D 469 6.55 -24.77 11.42
C GLY D 469 6.38 -26.21 11.91
N ASP D 470 5.31 -26.86 11.46
CA ASP D 470 4.95 -28.26 11.84
C ASP D 470 5.62 -29.25 10.87
N ASP D 471 5.57 -28.97 9.56
CA ASP D 471 6.05 -29.91 8.51
C ASP D 471 7.58 -30.06 8.60
N ASP D 472 8.31 -28.95 8.79
CA ASP D 472 9.79 -28.98 8.83
C ASP D 472 10.25 -29.63 10.14
N LEU D 473 9.47 -29.52 11.21
CA LEU D 473 9.76 -30.16 12.52
C LEU D 473 9.47 -31.67 12.48
N ALA D 474 8.38 -32.09 11.84
CA ALA D 474 7.93 -33.50 11.74
C ALA D 474 8.79 -34.30 10.78
N ALA D 475 9.52 -33.61 9.87
CA ALA D 475 10.47 -34.21 8.91
C ALA D 475 11.49 -35.05 9.68
N THR D 476 11.93 -36.16 9.10
CA THR D 476 12.88 -37.10 9.75
C THR D 476 14.15 -36.33 10.13
N ASP D 477 14.52 -36.43 11.40
CA ASP D 477 15.84 -36.01 11.93
C ASP D 477 16.53 -37.29 12.41
N PRO D 478 17.49 -37.84 11.63
CA PRO D 478 18.19 -39.05 12.02
C PRO D 478 18.77 -39.01 13.45
N ALA D 479 19.26 -37.85 13.92
CA ALA D 479 19.81 -37.69 15.29
C ALA D 479 18.69 -37.85 16.34
N ARG D 480 17.49 -37.30 16.05
CA ARG D 480 16.31 -37.43 16.97
C ARG D 480 15.96 -38.91 17.10
N VAL D 481 15.93 -39.63 15.97
CA VAL D 481 15.62 -41.09 15.92
C VAL D 481 16.66 -41.83 16.78
N SER D 482 17.94 -41.54 16.57
CA SER D 482 19.08 -42.16 17.27
C SER D 482 18.94 -41.98 18.79
N VAL D 483 18.63 -40.78 19.29
CA VAL D 483 18.66 -40.47 20.75
C VAL D 483 17.40 -41.06 21.41
N LEU D 484 16.28 -41.11 20.70
CA LEU D 484 15.04 -41.75 21.23
C LEU D 484 15.30 -43.27 21.34
N LYS D 485 15.97 -43.86 20.34
CA LYS D 485 16.41 -45.27 20.39
C LYS D 485 17.33 -45.45 21.60
N GLU D 486 18.23 -44.49 21.83
CA GLU D 486 19.25 -44.55 22.91
C GLU D 486 18.55 -44.57 24.29
N TYR D 487 17.63 -43.65 24.54
CA TYR D 487 16.89 -43.55 25.82
C TYR D 487 16.06 -44.82 26.04
N TYR D 488 15.43 -45.33 24.99
CA TYR D 488 14.69 -46.63 25.02
C TYR D 488 15.60 -47.76 25.53
N GLU D 489 16.78 -47.88 24.91
CA GLU D 489 17.76 -48.95 25.21
C GLU D 489 18.28 -48.80 26.66
N ALA D 490 18.42 -47.56 27.15
CA ALA D 490 18.85 -47.24 28.53
C ALA D 490 17.82 -47.73 29.55
N VAL D 491 16.51 -47.54 29.27
CA VAL D 491 15.38 -48.02 30.13
C VAL D 491 15.46 -49.56 30.19
N LYS D 492 15.58 -50.21 29.03
CA LYS D 492 15.58 -51.68 28.88
C LYS D 492 16.78 -52.31 29.59
N ALA D 493 17.94 -51.63 29.54
CA ALA D 493 19.21 -52.03 30.21
C ALA D 493 19.00 -52.13 31.73
N VAL D 494 18.10 -51.33 32.29
CA VAL D 494 17.80 -51.27 33.75
C VAL D 494 16.62 -52.19 34.07
N LYS D 495 15.53 -52.09 33.31
CA LYS D 495 14.31 -52.92 33.48
C LYS D 495 13.83 -53.44 32.12
N GLU D 496 14.13 -54.70 31.83
CA GLU D 496 13.96 -55.33 30.50
C GLU D 496 12.49 -55.25 30.07
N ASP D 497 11.55 -55.36 31.00
CA ASP D 497 10.10 -55.48 30.70
C ASP D 497 9.38 -54.14 30.96
N ALA D 498 10.12 -53.06 31.21
CA ALA D 498 9.54 -51.69 31.38
C ALA D 498 8.94 -51.25 30.05
N MET D 499 7.73 -50.68 30.10
CA MET D 499 7.02 -50.19 28.88
C MET D 499 7.50 -48.78 28.58
N VAL D 500 7.98 -48.55 27.35
CA VAL D 500 8.43 -47.21 26.90
C VAL D 500 7.47 -46.71 25.83
N THR D 501 6.76 -45.63 26.15
CA THR D 501 5.77 -44.96 25.29
C THR D 501 6.26 -43.54 25.02
N MET D 502 6.09 -43.05 23.79
CA MET D 502 6.53 -41.69 23.42
C MET D 502 5.37 -40.97 22.75
N GLU D 503 5.12 -39.72 23.14
CA GLU D 503 4.18 -38.81 22.44
C GLU D 503 5.01 -38.06 21.40
N HIS D 504 4.94 -38.51 20.16
CA HIS D 504 5.91 -38.17 19.08
C HIS D 504 5.17 -37.45 17.94
N PHE D 505 4.37 -38.20 17.16
CA PHE D 505 3.59 -37.69 16.01
C PHE D 505 4.51 -37.23 14.87
N CYS D 506 5.70 -37.85 14.74
CA CYS D 506 6.55 -37.82 13.52
C CYS D 506 6.38 -39.18 12.82
N ALA D 507 5.59 -39.24 11.74
CA ALA D 507 4.98 -40.49 11.23
C ALA D 507 6.07 -41.47 10.78
N ASN D 508 7.02 -41.03 9.95
CA ASN D 508 8.07 -41.95 9.41
C ASN D 508 9.01 -42.41 10.52
N GLU D 509 9.31 -41.56 11.51
CA GLU D 509 10.15 -41.90 12.69
C GLU D 509 9.45 -42.96 13.57
N GLU D 510 8.14 -42.84 13.77
CA GLU D 510 7.33 -43.85 14.53
C GLU D 510 7.40 -45.22 13.84
N THR D 511 7.24 -45.29 12.52
CA THR D 511 7.35 -46.56 11.75
C THR D 511 8.70 -47.20 12.07
N THR D 512 9.78 -46.44 11.92
CA THR D 512 11.17 -46.91 12.19
C THR D 512 11.27 -47.37 13.66
N LEU D 513 10.88 -46.51 14.61
CA LEU D 513 11.13 -46.73 16.06
C LEU D 513 10.19 -47.80 16.63
N ALA D 514 8.97 -47.95 16.10
CA ALA D 514 8.02 -49.01 16.53
C ALA D 514 8.68 -50.38 16.32
N THR D 515 9.46 -50.53 15.24
CA THR D 515 10.24 -51.75 14.90
C THR D 515 11.25 -52.07 16.01
N GLU D 516 11.85 -51.05 16.65
CA GLU D 516 12.81 -51.22 17.76
C GLU D 516 12.08 -51.70 19.02
N GLY D 517 10.78 -51.41 19.16
CA GLY D 517 9.95 -51.82 20.30
C GLY D 517 9.43 -50.64 21.12
N ILE D 518 9.62 -49.40 20.64
CA ILE D 518 9.00 -48.19 21.25
C ILE D 518 7.50 -48.23 20.93
N HIS D 519 6.67 -47.84 21.90
CA HIS D 519 5.20 -47.64 21.77
C HIS D 519 4.91 -46.16 21.53
N PHE D 520 3.91 -45.85 20.70
CA PHE D 520 3.57 -44.46 20.33
C PHE D 520 2.09 -44.18 20.67
N TRP D 521 1.85 -42.97 21.19
CA TRP D 521 0.49 -42.38 21.29
C TRP D 521 -0.13 -42.36 19.90
N ARG D 522 -1.35 -42.91 19.79
CA ARG D 522 -2.16 -42.90 18.55
C ARG D 522 -3.46 -42.16 18.87
N ASN D 523 -3.58 -40.93 18.39
CA ASN D 523 -4.63 -39.96 18.78
C ASN D 523 -5.90 -40.18 17.95
N MET D 524 -6.90 -40.84 18.51
CA MET D 524 -8.18 -41.06 17.79
C MET D 524 -9.30 -40.22 18.42
N ASN D 525 -8.94 -39.16 19.16
CA ASN D 525 -9.92 -38.30 19.88
C ASN D 525 -10.91 -37.69 18.88
N HIS D 526 -10.47 -37.16 17.74
CA HIS D 526 -11.38 -36.44 16.80
C HIS D 526 -12.46 -37.39 16.30
N SER D 527 -12.07 -38.60 15.89
CA SER D 527 -12.98 -39.60 15.30
C SER D 527 -14.03 -40.01 16.33
N TYR D 528 -13.62 -40.34 17.57
CA TYR D 528 -14.54 -40.88 18.60
C TYR D 528 -15.37 -39.74 19.21
N CYS D 529 -14.90 -38.50 19.12
CA CYS D 529 -15.75 -37.30 19.40
C CYS D 529 -16.87 -37.22 18.37
N GLN D 530 -16.51 -37.30 17.08
CA GLN D 530 -17.47 -37.24 15.94
C GLN D 530 -18.52 -38.36 16.11
N SER D 531 -18.10 -39.59 16.39
CA SER D 531 -19.01 -40.75 16.55
C SER D 531 -19.87 -40.56 17.81
N ALA D 532 -19.30 -40.04 18.90
CA ALA D 532 -20.03 -39.80 20.17
C ALA D 532 -21.11 -38.73 19.94
N MET D 533 -20.87 -37.79 19.03
CA MET D 533 -21.85 -36.73 18.66
C MET D 533 -22.84 -37.21 17.60
N GLY D 534 -22.53 -38.30 16.90
CA GLY D 534 -23.38 -38.85 15.81
C GLY D 534 -23.24 -38.03 14.53
N TRP D 535 -22.05 -37.48 14.28
CA TRP D 535 -21.65 -36.86 13.00
C TRP D 535 -20.66 -37.80 12.29
N LYS D 536 -20.94 -38.17 11.04
CA LYS D 536 -20.11 -39.17 10.32
C LYS D 536 -18.85 -38.52 9.71
N ASP D 537 -18.84 -37.20 9.48
CA ASP D 537 -17.64 -36.50 8.93
C ASP D 537 -16.47 -36.68 9.90
N ASN D 538 -15.32 -37.12 9.38
CA ASN D 538 -14.03 -37.30 10.10
C ASN D 538 -14.24 -38.20 11.33
N SER D 539 -14.96 -39.31 11.14
CA SER D 539 -15.34 -40.25 12.23
C SER D 539 -14.66 -41.61 12.02
N ASP D 540 -13.67 -41.67 11.11
CA ASP D 540 -13.04 -42.94 10.67
C ASP D 540 -12.17 -43.47 11.82
N PHE D 541 -12.49 -44.67 12.32
CA PHE D 541 -11.84 -45.28 13.50
C PHE D 541 -10.52 -45.97 13.13
N SER D 542 -10.19 -46.11 11.83
CA SER D 542 -9.19 -47.09 11.33
C SER D 542 -7.80 -46.85 11.94
N GLY D 543 -7.47 -45.60 12.25
CA GLY D 543 -6.17 -45.20 12.85
C GLY D 543 -5.88 -45.91 14.16
N LEU D 544 -6.90 -46.44 14.85
CA LEU D 544 -6.74 -47.13 16.16
C LEU D 544 -5.91 -48.41 15.97
N TYR D 545 -6.00 -49.05 14.82
CA TYR D 545 -5.36 -50.37 14.53
C TYR D 545 -4.29 -50.16 13.46
N ASP D 546 -3.02 -50.21 13.87
CA ASP D 546 -1.87 -50.23 12.94
C ASP D 546 -1.74 -51.65 12.39
N THR D 547 -1.84 -51.82 11.06
CA THR D 547 -1.80 -53.17 10.42
C THR D 547 -0.38 -53.76 10.55
N THR D 548 0.68 -52.94 10.45
CA THR D 548 2.10 -53.39 10.48
C THR D 548 2.47 -53.87 11.89
N ARG D 549 2.17 -53.07 12.92
CA ARG D 549 2.64 -53.28 14.32
C ARG D 549 1.57 -52.83 15.31
N PRO D 550 0.41 -53.53 15.36
CA PRO D 550 -0.72 -53.07 16.16
C PRO D 550 -0.38 -52.92 17.66
N ASN D 551 0.54 -53.72 18.19
CA ASN D 551 0.91 -53.70 19.63
C ASN D 551 1.78 -52.48 19.95
N GLN D 552 2.30 -51.77 18.95
CA GLN D 552 3.25 -50.64 19.18
C GLN D 552 2.50 -49.30 19.26
N PHE D 553 1.17 -49.28 19.11
CA PHE D 553 0.39 -48.02 19.03
C PHE D 553 -0.67 -47.97 20.13
N VAL D 554 -0.48 -47.05 21.08
CA VAL D 554 -1.38 -46.82 22.25
C VAL D 554 -2.52 -45.90 21.79
N GLY D 555 -3.64 -46.50 21.39
CA GLY D 555 -4.81 -45.77 20.88
C GLY D 555 -5.63 -45.18 22.01
N TYR D 556 -6.24 -44.01 21.80
CA TYR D 556 -7.11 -43.38 22.82
C TYR D 556 -8.18 -42.55 22.13
N MET D 557 -9.37 -42.54 22.75
CA MET D 557 -10.52 -41.68 22.41
C MET D 557 -10.38 -40.34 23.16
N GLU D 558 -9.67 -40.34 24.29
CA GLU D 558 -9.45 -39.13 25.14
C GLU D 558 -8.06 -39.16 25.78
N SER D 559 -7.43 -38.00 25.91
CA SER D 559 -6.22 -37.79 26.76
C SER D 559 -6.40 -36.45 27.48
N HIS D 560 -5.51 -36.15 28.42
CA HIS D 560 -5.52 -34.87 29.20
C HIS D 560 -5.49 -33.66 28.27
N ASP D 561 -4.95 -33.83 27.05
CA ASP D 561 -4.69 -32.75 26.05
C ASP D 561 -5.91 -32.52 25.15
N GLU D 562 -6.97 -33.32 25.27
CA GLU D 562 -8.11 -33.30 24.31
C GLU D 562 -9.42 -33.00 25.03
N GLU D 563 -10.36 -32.43 24.26
CA GLU D 563 -11.76 -32.22 24.69
C GLU D 563 -12.41 -33.59 24.95
N ARG D 564 -13.38 -33.61 25.87
CA ARG D 564 -14.14 -34.81 26.30
C ARG D 564 -15.18 -35.17 25.25
N CYS D 565 -15.26 -36.44 24.87
CA CYS D 565 -16.31 -36.95 23.96
C CYS D 565 -17.70 -36.61 24.51
N ALA D 566 -17.92 -36.81 25.81
CA ALA D 566 -19.25 -36.60 26.43
C ALA D 566 -19.58 -35.10 26.49
N TYR D 567 -18.59 -34.20 26.53
CA TYR D 567 -18.86 -32.73 26.49
C TYR D 567 -19.33 -32.33 25.09
N LYS D 568 -18.65 -32.80 24.04
CA LYS D 568 -18.99 -32.51 22.61
C LYS D 568 -20.46 -32.87 22.38
N GLN D 569 -20.90 -34.00 22.94
CA GLN D 569 -22.32 -34.43 22.91
C GLN D 569 -23.23 -33.27 23.36
N ILE D 570 -23.00 -32.75 24.56
CA ILE D 570 -23.85 -31.67 25.14
C ILE D 570 -23.79 -30.44 24.23
N GLU D 571 -22.62 -30.12 23.65
CA GLU D 571 -22.38 -28.83 22.95
C GLU D 571 -23.07 -28.81 21.58
N TYR D 572 -22.79 -29.77 20.69
CA TYR D 572 -23.44 -29.81 19.35
C TYR D 572 -23.68 -31.24 18.87
N GLY D 573 -24.01 -32.17 19.78
CA GLY D 573 -24.43 -33.54 19.44
C GLY D 573 -25.61 -33.54 18.49
N ASN D 574 -25.77 -34.65 17.75
CA ASN D 574 -26.89 -34.89 16.81
C ASN D 574 -28.16 -35.13 17.63
N GLY D 575 -29.12 -34.19 17.60
CA GLY D 575 -30.46 -34.32 18.18
C GLY D 575 -30.44 -34.71 19.64
N ALA D 576 -31.01 -35.88 19.96
CA ALA D 576 -31.15 -36.43 21.33
C ALA D 576 -29.81 -36.48 22.07
N LEU D 577 -28.67 -36.61 21.36
CA LEU D 577 -27.33 -36.77 21.99
C LEU D 577 -26.90 -35.47 22.72
N LYS D 578 -27.62 -34.36 22.55
CA LYS D 578 -27.36 -33.09 23.29
C LYS D 578 -27.98 -33.14 24.70
N THR D 579 -29.10 -33.85 24.88
CA THR D 579 -30.00 -33.64 26.06
C THR D 579 -30.43 -34.95 26.73
N ASN D 580 -30.42 -36.06 26.00
CA ASN D 580 -30.94 -37.36 26.50
C ASN D 580 -29.76 -38.19 27.02
N LEU D 581 -29.64 -38.35 28.35
CA LEU D 581 -28.48 -39.03 28.99
C LEU D 581 -28.49 -40.53 28.63
N SER D 582 -29.65 -41.18 28.65
CA SER D 582 -29.78 -42.61 28.25
C SER D 582 -29.16 -42.81 26.86
N GLU D 583 -29.55 -41.98 25.89
CA GLU D 583 -29.05 -42.08 24.49
C GLU D 583 -27.55 -41.74 24.47
N ARG D 584 -27.09 -40.72 25.21
CA ARG D 584 -25.65 -40.37 25.25
C ARG D 584 -24.84 -41.58 25.74
N LEU D 585 -25.28 -42.21 26.83
CA LEU D 585 -24.55 -43.35 27.45
C LEU D 585 -24.52 -44.55 26.48
N LYS D 586 -25.60 -44.82 25.75
CA LYS D 586 -25.61 -45.89 24.70
C LYS D 586 -24.53 -45.59 23.67
N GLN D 587 -24.47 -44.34 23.18
CA GLN D 587 -23.52 -43.96 22.11
C GLN D 587 -22.09 -44.14 22.64
N LEU D 588 -21.80 -43.69 23.87
CA LEU D 588 -20.45 -43.84 24.48
C LEU D 588 -20.14 -45.33 24.66
N SER D 589 -21.14 -46.16 25.02
CA SER D 589 -21.02 -47.64 25.10
C SER D 589 -20.60 -48.21 23.73
N SER D 590 -21.24 -47.77 22.66
CA SER D 590 -20.93 -48.17 21.26
C SER D 590 -19.50 -47.75 20.89
N ASN D 591 -19.06 -46.53 21.26
CA ASN D 591 -17.65 -46.10 21.10
C ASN D 591 -16.74 -47.13 21.77
N ALA D 592 -17.01 -47.43 23.04
CA ALA D 592 -16.24 -48.39 23.87
C ALA D 592 -16.17 -49.76 23.17
N ALA D 593 -17.27 -50.22 22.58
CA ALA D 593 -17.38 -51.54 21.91
C ALA D 593 -16.51 -51.56 20.66
N PHE D 594 -16.13 -50.38 20.15
CA PHE D 594 -15.26 -50.18 18.97
C PHE D 594 -13.88 -49.65 19.39
N PHE D 595 -13.52 -49.83 20.67
CA PHE D 595 -12.23 -49.37 21.23
C PHE D 595 -11.53 -50.54 21.96
N PHE D 596 -12.13 -51.05 23.03
CA PHE D 596 -11.52 -52.08 23.91
C PHE D 596 -11.52 -53.44 23.22
N THR D 597 -12.22 -53.56 22.08
CA THR D 597 -12.37 -54.80 21.27
C THR D 597 -11.26 -54.91 20.22
N VAL D 598 -10.38 -53.91 20.14
CA VAL D 598 -9.38 -53.77 19.06
C VAL D 598 -8.00 -54.11 19.61
N PRO D 599 -7.23 -54.98 18.91
CA PRO D 599 -5.91 -55.38 19.39
C PRO D 599 -4.96 -54.19 19.61
N GLY D 600 -3.96 -54.41 20.44
CA GLY D 600 -2.92 -53.42 20.77
C GLY D 600 -3.28 -52.64 22.03
N PRO D 601 -2.31 -51.92 22.62
CA PRO D 601 -2.53 -51.19 23.86
C PRO D 601 -3.56 -50.07 23.65
N LYS D 602 -4.22 -49.69 24.74
CA LYS D 602 -5.33 -48.71 24.78
C LYS D 602 -5.15 -47.84 26.00
N MET D 603 -5.46 -46.55 25.90
CA MET D 603 -5.43 -45.63 27.05
C MET D 603 -6.82 -44.99 27.21
N LEU D 604 -7.26 -44.80 28.45
CA LEU D 604 -8.38 -43.89 28.79
C LEU D 604 -7.89 -42.84 29.80
N TRP D 605 -8.47 -41.67 29.67
CA TRP D 605 -8.27 -40.48 30.54
C TRP D 605 -9.31 -40.54 31.66
N GLN D 606 -8.87 -40.36 32.90
CA GLN D 606 -9.68 -40.48 34.14
C GLN D 606 -11.12 -39.99 33.88
N PHE D 607 -12.10 -40.84 34.22
CA PHE D 607 -13.55 -40.53 34.30
C PHE D 607 -14.24 -40.62 32.93
N GLY D 608 -13.52 -40.91 31.83
CA GLY D 608 -14.17 -41.23 30.55
C GLY D 608 -15.15 -42.38 30.69
N GLU D 609 -14.83 -43.32 31.59
CA GLU D 609 -15.66 -44.52 31.87
C GLU D 609 -16.97 -44.10 32.55
N MET D 610 -17.09 -42.86 33.05
CA MET D 610 -18.39 -42.40 33.63
C MET D 610 -18.90 -41.16 32.87
N GLY D 611 -18.54 -41.02 31.59
CA GLY D 611 -19.06 -39.96 30.71
C GLY D 611 -18.69 -38.56 31.18
N TYR D 612 -17.49 -38.40 31.74
CA TYR D 612 -17.02 -37.07 32.23
C TYR D 612 -17.22 -36.07 31.09
N ASP D 613 -18.01 -35.02 31.34
CA ASP D 613 -18.56 -34.11 30.31
C ASP D 613 -18.36 -32.64 30.71
N ILE D 614 -17.35 -32.33 31.53
CA ILE D 614 -16.91 -30.92 31.77
C ILE D 614 -15.87 -30.57 30.69
N SER D 615 -16.08 -29.49 29.94
CA SER D 615 -15.16 -29.04 28.87
C SER D 615 -13.76 -28.90 29.47
N ILE D 616 -12.73 -29.27 28.70
CA ILE D 616 -11.29 -29.04 29.04
C ILE D 616 -11.07 -27.55 29.33
N ASP D 617 -11.86 -26.65 28.74
CA ASP D 617 -11.69 -25.17 28.85
C ASP D 617 -12.33 -24.63 30.14
N GLU D 618 -13.16 -25.42 30.84
CA GLU D 618 -13.74 -25.01 32.15
C GLU D 618 -12.61 -24.71 33.14
N ASN D 619 -12.55 -23.47 33.64
CA ASN D 619 -11.52 -22.98 34.61
C ASN D 619 -10.17 -22.85 33.89
N GLY D 620 -10.18 -22.74 32.56
CA GLY D 620 -8.97 -22.76 31.72
C GLY D 620 -8.52 -24.17 31.42
N ARG D 621 -7.87 -24.35 30.26
CA ARG D 621 -7.38 -25.66 29.74
C ARG D 621 -6.68 -26.47 30.83
N THR D 622 -5.73 -25.85 31.55
CA THR D 622 -4.88 -26.53 32.57
C THR D 622 -5.44 -26.34 33.99
N GLY D 623 -6.54 -25.61 34.16
CA GLY D 623 -7.14 -25.31 35.47
C GLY D 623 -7.67 -26.57 36.14
N LYS D 624 -7.69 -26.58 37.48
CA LYS D 624 -8.32 -27.67 38.29
C LYS D 624 -9.75 -27.90 37.82
N LYS D 625 -10.10 -29.15 37.57
CA LYS D 625 -11.44 -29.55 37.06
C LYS D 625 -12.30 -30.01 38.23
N PRO D 626 -13.63 -29.87 38.13
CA PRO D 626 -14.53 -30.45 39.13
C PRO D 626 -14.24 -31.95 39.31
N VAL D 627 -14.35 -32.43 40.54
CA VAL D 627 -14.26 -33.88 40.92
C VAL D 627 -15.68 -34.41 41.11
N LEU D 628 -16.10 -35.39 40.30
CA LEU D 628 -17.52 -35.78 40.17
C LEU D 628 -17.65 -37.31 40.28
N TRP D 629 -17.27 -37.86 41.43
CA TRP D 629 -17.34 -39.33 41.68
C TRP D 629 -18.80 -39.78 41.71
N GLU D 630 -19.76 -38.88 41.89
CA GLU D 630 -21.23 -39.20 41.85
C GLU D 630 -21.60 -39.77 40.47
N TYR D 631 -20.85 -39.42 39.42
CA TYR D 631 -21.02 -39.96 38.04
C TYR D 631 -20.85 -41.48 38.02
N GLN D 632 -20.10 -42.09 38.94
CA GLN D 632 -19.87 -43.56 38.95
C GLN D 632 -21.21 -44.26 39.25
N THR D 633 -22.09 -43.58 39.97
CA THR D 633 -23.47 -44.03 40.29
C THR D 633 -24.39 -43.59 39.14
N GLU D 634 -24.40 -42.30 38.82
CA GLU D 634 -25.35 -41.69 37.85
C GLU D 634 -25.12 -42.29 36.45
N ARG D 635 -23.89 -42.68 36.11
CA ARG D 635 -23.50 -43.23 34.78
C ARG D 635 -23.04 -44.69 34.95
N LYS D 636 -23.62 -45.45 35.89
CA LYS D 636 -23.11 -46.81 36.25
C LYS D 636 -23.17 -47.72 35.03
N SER D 637 -24.15 -47.52 34.14
CA SER D 637 -24.36 -48.36 32.94
C SER D 637 -23.12 -48.31 32.06
N LEU D 638 -22.48 -47.13 31.93
CA LEU D 638 -21.27 -46.93 31.08
C LEU D 638 -20.06 -47.53 31.80
N VAL D 639 -19.92 -47.29 33.10
CA VAL D 639 -18.82 -47.87 33.91
C VAL D 639 -18.86 -49.40 33.78
N ASP D 640 -20.06 -49.98 33.77
CA ASP D 640 -20.27 -51.45 33.68
C ASP D 640 -19.81 -51.96 32.31
N ILE D 641 -20.18 -51.26 31.23
CA ILE D 641 -19.75 -51.63 29.85
C ILE D 641 -18.23 -51.55 29.76
N TYR D 642 -17.62 -50.45 30.19
CA TYR D 642 -16.14 -50.28 30.16
C TYR D 642 -15.52 -51.48 30.88
N THR D 643 -16.00 -51.79 32.07
CA THR D 643 -15.47 -52.88 32.96
C THR D 643 -15.53 -54.22 32.22
N LYS D 644 -16.69 -54.53 31.63
CA LYS D 644 -16.93 -55.81 30.93
C LYS D 644 -16.00 -55.95 29.71
N LEU D 645 -15.84 -54.89 28.91
CA LEU D 645 -14.99 -54.92 27.68
C LEU D 645 -13.52 -55.01 28.11
N ILE D 646 -13.09 -54.21 29.08
CA ILE D 646 -11.69 -54.25 29.59
C ILE D 646 -11.41 -55.66 30.12
N THR D 647 -12.32 -56.21 30.92
CA THR D 647 -12.15 -57.51 31.62
C THR D 647 -12.05 -58.64 30.60
N LEU D 648 -12.79 -58.57 29.50
CA LEU D 648 -12.80 -59.56 28.38
C LEU D 648 -11.39 -59.73 27.80
N ARG D 649 -10.60 -58.66 27.80
CA ARG D 649 -9.20 -58.65 27.26
C ARG D 649 -8.29 -59.51 28.17
N THR D 650 -8.71 -59.76 29.42
CA THR D 650 -8.05 -60.71 30.35
C THR D 650 -8.67 -62.10 30.14
N THR D 651 -9.99 -62.22 30.32
CA THR D 651 -10.75 -63.50 30.28
C THR D 651 -10.45 -64.26 28.98
N HIS D 652 -10.38 -63.57 27.84
CA HIS D 652 -10.11 -64.16 26.50
C HIS D 652 -8.94 -63.45 25.83
N SER D 653 -7.78 -63.40 26.50
CA SER D 653 -6.55 -62.69 26.04
C SER D 653 -6.04 -63.29 24.72
N ASP D 654 -6.36 -64.55 24.40
CA ASP D 654 -5.92 -65.24 23.17
C ASP D 654 -6.63 -64.65 21.94
N LEU D 655 -7.86 -64.12 22.11
CA LEU D 655 -8.55 -63.33 21.05
C LEU D 655 -7.68 -62.13 20.66
N PHE D 656 -7.12 -61.44 21.65
CA PHE D 656 -6.52 -60.08 21.51
C PHE D 656 -5.03 -60.17 21.24
N ASN D 657 -4.48 -61.37 21.05
CA ASN D 657 -3.11 -61.55 20.54
C ASN D 657 -3.00 -60.85 19.19
N ALA D 658 -1.95 -60.04 18.97
CA ALA D 658 -1.68 -59.35 17.69
C ALA D 658 -1.77 -60.36 16.53
N SER D 659 -1.52 -61.65 16.77
CA SER D 659 -1.54 -62.75 15.76
C SER D 659 -2.93 -62.93 15.16
N SER D 660 -3.99 -62.50 15.86
CA SER D 660 -5.40 -62.68 15.45
C SER D 660 -5.71 -61.82 14.24
N GLN D 661 -6.44 -62.36 13.25
CA GLN D 661 -6.97 -61.57 12.10
C GLN D 661 -7.99 -60.56 12.63
N PHE D 662 -7.79 -59.29 12.31
CA PHE D 662 -8.70 -58.16 12.66
C PHE D 662 -9.07 -57.43 11.37
N THR D 663 -10.38 -57.31 11.13
CA THR D 663 -10.96 -56.51 10.02
C THR D 663 -12.12 -55.70 10.61
N TRP D 664 -12.38 -54.52 10.05
CA TRP D 664 -13.56 -53.70 10.41
C TRP D 664 -13.95 -52.77 9.26
N LYS D 665 -15.22 -52.36 9.27
CA LYS D 665 -15.84 -51.38 8.34
C LYS D 665 -16.22 -50.16 9.20
N VAL D 666 -15.34 -49.14 9.22
CA VAL D 666 -15.43 -47.98 10.15
C VAL D 666 -15.06 -46.68 9.43
N SER D 667 -15.25 -46.63 8.10
CA SER D 667 -15.00 -45.43 7.26
C SER D 667 -16.21 -44.49 7.32
N TYR D 668 -16.07 -43.29 6.76
CA TYR D 668 -17.16 -42.32 6.45
C TYR D 668 -18.32 -43.08 5.79
N ASN D 669 -18.02 -43.98 4.85
CA ASN D 669 -19.03 -44.71 4.04
C ASN D 669 -19.68 -45.82 4.87
N ASP D 670 -19.16 -46.11 6.06
CA ASP D 670 -19.71 -47.10 7.02
C ASP D 670 -20.41 -46.33 8.14
N TRP D 671 -21.71 -46.08 7.98
CA TRP D 671 -22.51 -45.24 8.90
C TRP D 671 -24.00 -45.59 8.78
N ASP D 672 -24.62 -45.21 7.66
CA ASP D 672 -26.08 -45.33 7.43
C ASP D 672 -26.56 -46.76 7.72
N ASN D 673 -25.73 -47.77 7.47
CA ASN D 673 -26.07 -49.21 7.68
C ASN D 673 -25.36 -49.76 8.91
N GLY D 674 -24.45 -48.99 9.50
CA GLY D 674 -23.73 -49.37 10.74
C GLY D 674 -22.27 -49.69 10.47
N ARG D 675 -21.54 -49.98 11.54
CA ARG D 675 -20.10 -50.35 11.51
C ARG D 675 -19.98 -51.75 12.12
N THR D 676 -18.98 -52.49 11.67
CA THR D 676 -18.71 -53.89 12.07
C THR D 676 -17.21 -54.06 12.30
N LEU D 677 -16.86 -55.00 13.19
CA LEU D 677 -15.50 -55.55 13.30
C LEU D 677 -15.62 -57.03 13.60
N THR D 678 -14.62 -57.80 13.15
CA THR D 678 -14.46 -59.24 13.44
C THR D 678 -12.99 -59.44 13.83
N LEU D 679 -12.76 -60.08 14.98
CA LEU D 679 -11.44 -60.52 15.47
C LEU D 679 -11.43 -62.05 15.50
N LYS D 680 -10.52 -62.68 14.76
CA LYS D 680 -10.50 -64.16 14.58
C LYS D 680 -9.14 -64.67 15.08
N ALA D 681 -9.16 -65.36 16.23
CA ALA D 681 -7.97 -65.96 16.89
C ALA D 681 -7.50 -67.18 16.09
N VAL D 682 -6.23 -67.55 16.24
CA VAL D 682 -5.61 -68.71 15.56
C VAL D 682 -6.33 -70.00 16.03
N ASN D 683 -6.75 -70.05 17.30
CA ASN D 683 -7.38 -71.26 17.91
C ASN D 683 -8.86 -71.39 17.52
N GLY D 684 -9.41 -70.46 16.73
CA GLY D 684 -10.78 -70.55 16.19
C GLY D 684 -11.79 -69.64 16.87
N LYS D 685 -11.47 -69.09 18.05
CA LYS D 685 -12.38 -68.17 18.79
C LYS D 685 -12.56 -66.89 17.98
N GLN D 686 -13.73 -66.27 18.06
CA GLN D 686 -14.13 -65.10 17.23
C GLN D 686 -14.98 -64.14 18.04
N LEU D 687 -14.75 -62.86 17.83
CA LEU D 687 -15.52 -61.74 18.41
C LEU D 687 -16.01 -60.87 17.25
N HIS D 688 -17.31 -60.56 17.23
CA HIS D 688 -17.95 -59.71 16.19
C HIS D 688 -18.79 -58.63 16.88
N VAL D 689 -18.60 -57.37 16.48
CA VAL D 689 -19.40 -56.22 17.01
C VAL D 689 -20.02 -55.46 15.83
N TYR D 690 -21.30 -55.14 15.98
CA TYR D 690 -22.08 -54.24 15.11
C TYR D 690 -22.52 -53.07 15.98
N ALA D 691 -22.48 -51.85 15.45
CA ALA D 691 -22.91 -50.63 16.16
C ALA D 691 -23.62 -49.69 15.19
N ASN D 692 -24.71 -49.13 15.66
CA ASN D 692 -25.59 -48.15 14.97
C ASN D 692 -25.34 -46.79 15.63
N PHE D 693 -24.48 -45.96 15.04
CA PHE D 693 -24.13 -44.60 15.55
C PHE D 693 -25.17 -43.57 15.08
N THR D 694 -26.19 -43.99 14.32
CA THR D 694 -27.19 -43.09 13.68
C THR D 694 -28.33 -42.82 14.65
N ASN D 695 -29.29 -41.97 14.27
CA ASN D 695 -30.45 -41.60 15.14
C ASN D 695 -31.69 -42.45 14.78
N ALA D 696 -31.58 -43.45 13.89
CA ALA D 696 -32.69 -44.36 13.49
C ALA D 696 -32.28 -45.82 13.67
N SER D 697 -33.25 -46.71 13.90
CA SER D 697 -33.08 -48.18 13.85
C SER D 697 -32.50 -48.57 12.49
N ILE D 698 -31.67 -49.63 12.46
CA ILE D 698 -31.09 -50.20 11.20
C ILE D 698 -31.31 -51.72 11.22
N ASP D 699 -31.75 -52.28 10.10
CA ASP D 699 -31.80 -53.74 9.87
C ASP D 699 -30.38 -54.24 9.58
N TYR D 700 -29.94 -55.28 10.31
CA TYR D 700 -28.63 -55.94 10.12
C TYR D 700 -28.81 -57.47 10.15
N THR D 701 -28.10 -58.18 9.27
CA THR D 701 -28.10 -59.68 9.23
C THR D 701 -26.86 -60.18 9.99
N ILE D 702 -27.07 -60.94 11.05
CA ILE D 702 -25.99 -61.52 11.91
C ILE D 702 -25.13 -62.40 11.01
N PRO D 703 -23.77 -62.35 11.11
CA PRO D 703 -22.93 -63.26 10.34
C PRO D 703 -23.39 -64.72 10.48
N GLU D 704 -22.96 -65.58 9.55
CA GLU D 704 -23.24 -67.04 9.58
C GLU D 704 -22.48 -67.69 10.75
N GLY D 705 -22.96 -68.84 11.22
CA GLY D 705 -22.40 -69.59 12.37
C GLY D 705 -23.23 -69.37 13.62
N THR D 706 -22.85 -70.00 14.73
CA THR D 706 -23.55 -69.87 16.04
C THR D 706 -22.78 -68.84 16.89
N TRP D 707 -23.52 -67.91 17.49
CA TRP D 707 -22.97 -66.77 18.27
C TRP D 707 -23.67 -66.67 19.63
N TYR D 708 -23.06 -65.95 20.57
CA TYR D 708 -23.58 -65.67 21.93
C TYR D 708 -23.41 -64.18 22.24
N LEU D 709 -24.39 -63.58 22.92
CA LEU D 709 -24.35 -62.19 23.43
C LEU D 709 -23.56 -62.16 24.75
N TYR D 710 -22.23 -62.12 24.65
CA TYR D 710 -21.29 -62.39 25.76
C TYR D 710 -21.61 -61.49 26.98
N LEU D 711 -21.98 -60.23 26.74
CA LEU D 711 -22.29 -59.22 27.80
C LEU D 711 -23.68 -59.47 28.39
N GLU D 712 -24.56 -60.17 27.66
CA GLU D 712 -25.95 -60.50 28.09
C GLU D 712 -26.05 -62.01 28.36
N GLY D 714 -24.70 -65.46 28.88
CA GLY D 714 -24.21 -65.65 27.51
C GLY D 714 -25.28 -66.27 26.63
N ASN D 715 -26.26 -65.47 26.20
CA ASN D 715 -27.48 -65.94 25.50
C ASN D 715 -27.12 -66.31 24.06
N PRO D 716 -27.41 -67.55 23.59
CA PRO D 716 -27.13 -67.94 22.20
C PRO D 716 -28.00 -67.16 21.21
N VAL D 717 -27.52 -67.04 19.96
CA VAL D 717 -28.17 -66.26 18.86
C VAL D 717 -28.03 -67.04 17.55
N GLU D 718 -29.10 -67.11 16.76
CA GLU D 718 -29.10 -67.73 15.41
C GLU D 718 -28.38 -66.81 14.42
N GLY D 719 -27.31 -67.31 13.76
CA GLY D 719 -26.60 -66.63 12.67
C GLY D 719 -27.44 -66.54 11.41
N GLU D 720 -27.17 -65.53 10.58
CA GLU D 720 -27.89 -65.20 9.32
C GLU D 720 -29.35 -64.83 9.62
N LYS D 721 -29.62 -64.32 10.83
CA LYS D 721 -30.96 -63.84 11.27
C LYS D 721 -30.99 -62.31 11.14
N LYS D 722 -32.14 -61.76 10.73
CA LYS D 722 -32.33 -60.32 10.47
C LYS D 722 -32.93 -59.67 11.73
N ILE D 723 -32.20 -58.72 12.33
CA ILE D 723 -32.61 -57.97 13.54
C ILE D 723 -32.63 -56.47 13.22
N SER D 724 -33.48 -55.71 13.92
CA SER D 724 -33.48 -54.23 13.97
C SER D 724 -32.68 -53.77 15.19
N VAL D 725 -31.57 -53.04 14.95
CA VAL D 725 -30.67 -52.46 15.99
C VAL D 725 -31.05 -51.00 16.17
N PRO D 726 -31.58 -50.60 17.35
CA PRO D 726 -31.96 -49.20 17.58
C PRO D 726 -30.80 -48.21 17.46
N ALA D 727 -31.14 -46.93 17.28
CA ALA D 727 -30.23 -45.77 17.35
C ALA D 727 -29.27 -45.95 18.52
N HIS D 728 -27.97 -45.76 18.28
CA HIS D 728 -26.93 -45.57 19.32
C HIS D 728 -26.55 -46.92 19.98
N GLU D 729 -27.14 -48.05 19.57
CA GLU D 729 -26.87 -49.35 20.24
C GLU D 729 -25.81 -50.16 19.46
N PHE D 730 -25.21 -51.13 20.14
CA PHE D 730 -24.26 -52.12 19.58
C PHE D 730 -24.74 -53.53 20.00
N ARG D 731 -24.27 -54.54 19.26
CA ARG D 731 -24.43 -55.98 19.57
C ARG D 731 -23.02 -56.60 19.57
N LEU D 732 -22.61 -57.22 20.67
CA LEU D 732 -21.31 -57.92 20.80
C LEU D 732 -21.56 -59.42 20.79
N TYR D 733 -20.95 -60.14 19.84
CA TYR D 733 -21.11 -61.59 19.62
C TYR D 733 -19.77 -62.30 19.76
N THR D 734 -19.78 -63.41 20.50
CA THR D 734 -18.65 -64.36 20.63
C THR D 734 -19.16 -65.75 20.18
N ASN D 735 -18.29 -66.54 19.53
CA ASN D 735 -18.61 -67.89 19.02
C ASN D 735 -18.35 -68.92 20.13
N PHE D 736 -18.07 -68.45 21.35
CA PHE D 736 -17.91 -69.27 22.58
C PHE D 736 -18.90 -68.75 23.64
N ALA D 737 -19.45 -69.67 24.41
CA ALA D 737 -20.39 -69.44 25.54
C ALA D 737 -19.60 -68.99 26.78
#